data_7C2L
#
_entry.id   7C2L
#
_cell.length_a   1.00
_cell.length_b   1.00
_cell.length_c   1.00
_cell.angle_alpha   90.00
_cell.angle_beta   90.00
_cell.angle_gamma   90.00
#
_symmetry.space_group_name_H-M   'P 1'
#
loop_
_entity.id
_entity.type
_entity.pdbx_description
1 polymer 'Spike glycoprotein'
2 polymer 'heavy chain of 4A8'
3 polymer 'light chain of 4A8'
4 branched 2-acetamido-2-deoxy-beta-D-glucopyranose-(1-4)-2-acetamido-2-deoxy-beta-D-glucopyranose-(1-4)-2-acetamido-2-deoxy-beta-D-glucopyranose
5 branched 2-acetamido-2-deoxy-beta-D-glucopyranose-(1-4)-2-acetamido-2-deoxy-beta-D-glucopyranose
6 non-polymer 2-acetamido-2-deoxy-beta-D-glucopyranose
#
loop_
_entity_poly.entity_id
_entity_poly.type
_entity_poly.pdbx_seq_one_letter_code
_entity_poly.pdbx_strand_id
1 'polypeptide(L)'
;MFVFLVLLPLVSSQCVNLTTRTQLPPAYTNSFTRGVYYPDKVFRSSVLHSTQDLFLPFFSNVTWFHAIHVSGTNGTKRFD
NPVLPFNDGVYFASTEKSNIIRGWIFGTTLDSKTQSLLIVNNATNVVIKVCEFQFCNDPFLGVYYHKNNKSWMESEFRVY
SSANNCTFEYVSQPFLMDLEGKQGNFKNLREFVFKNIDGYFKIYSKHTPINLVRDLPQGFSALEPLVDLPIGINITRFQT
LLALHRSYLTPGDSSSGWTAGAAAYYVGYLQPRTFLLKYNENGTITDAVDCALDPLSETKCTLKSFTVEKGIYQTSNFRV
QPTESIVRFPNITNLCPFGEVFNATRFASVYAWNRKRISNCVADYSVLYNSASFSTFKCYGVSPTKLNDLCFTNVYADSF
VIRGDEVRQIAPGQTGKIADYNYKLPDDFTGCVIAWNSNNLDSKVGGNYNYLYRLFRKSNLKPFERDISTEIYQAGSTPC
NGVEGFNCYFPLQSYGFQPTNGVGYQPYRVVVLSFELLHAPATVCGPKKSTNLVKNKCVNFNFNGLTGTGVLTESNKKFL
PFQQFGRDIADTTDAVRDPQTLEILDITPCSFGGVSVITPGTNTSNQVAVLYQDVNCTEVPVAIHADQLTPTWRVYSTGS
NVFQTRAGCLIGAEHVNNSYECDIPIGAGICASYQTQTNSPRRARSVASQSIIAYTMSLGAENSVAYSNNSIAIPTNFTI
SVTTEILPVSMTKTSVDCTMYICGDSTECSNLLLQYGSFCTQLNRALTGIAVEQDKNTQEVFAQVKQIYKTPPIKDFGGF
NFSQILPDPSKPSKRSFIEDLLFNKVTLADAGFIKQYGDCLGDIAARDLICAQKFNGLTVLPPLLTDEMIAQYTSALLAG
TITSGWTFGAGAALQIPFAMQMAYRFNGIGVTQNVLYENQKLIANQFNSAIGKIQDSLSSTASALGKLQDVVNQNAQALN
TLVKQLSSNFGAISSVLNDILSRLDPPEAEVQIDRLITGRLQSLQTYVTQQLIRAAEIRASANLAATKMSECVLGQSKRV
DFCGKGYHLMSFPQSAPHGVVFLHVTYVPAQEKNFTTAPAICHDGKAHFPREGVFVSNGTHWFVTQRNFYEPQIITTDNT
FVSGNCDVVIGIVNNTVYDPLQPELDSFKEELDKYFKNHTSPDVDLGDISGINASVVNIQKEIDRLNEVAKNLNESLIDL
QELGKYEQYIKWPWYIWLGFIAGLIAIVMVTIMLCCMTSCCSCLKGCCSCGSCCKFDEDDSEPVLKGVKLHYTLEDYKDD
DDK
;
A,B,C
2 'polypeptide(L)'
;EVQLVESGAEVKKPGASVKVSCKVSGYTLTELSMHWVRQAPGKGLEWMGGFDPEDGETMYAQKFQGRVTMTEDTSTDTAY
MELSSLRSEDTAVYYCATSTAVAGTPDLFDYYYGMDVWGQGTTVTVSSASTKGPSVFPLAPSSKSTSGGTAALGCLVKDY
FPEPVTVSWNSGALTSGVHTFPAVLQSSGLYSLSSVVTVPSSSLGTQTYICNVNHKPSNTKVDKKVEPKSCDKTHTCPPC
PAPELLGGPSVFLFPPKPKDTLMISRTPEVTCVVVDVSHEDPEVKFNWYVDGVEVHNAKTKPREEQYNSTYRVVSVLTVL
HQDWLNGKEYKCKVSNKALPAPIEKTISKAKGQPREPQVYTLPPSRDELTKNQVSLTCLVKGFYPSDIAVEWESNGQPEN
NYKTTPPVLDSDGSFFLYSKLTVDKSRWQQGNVFSCSVMHEALHNHYTQKSLSLSPGK
;
H,I,J
3 'polypeptide(L)'
;EIVMTQSPLSSPVTLGQPASISCRSSQSLVHSDGNTYLSWLQQRPGQPPRLLIYKISNRFSGVPDRFSGSGAGTDFTLKI
SRVEAEDVGVYYCTQATQFPYTFGQGTKVDIKRTVAAPSVFIFPPSDEQLKSGTASVVCLLNNFYPREAKVQWKVDNALQ
SGNSQESVTEQDSKDSTYSLSSTLTLSKADYEKHKVYACEVTHQGLSSPVTKSFNRGEC
;
L,M,N
#
# COMPACT_ATOMS: atom_id res chain seq x y z
N GLN A 14 -63.00 26.77 7.20
CA GLN A 14 -62.26 25.64 6.64
C GLN A 14 -62.03 24.59 7.69
N CYS A 15 -61.19 23.62 7.32
CA CYS A 15 -60.83 22.47 8.16
C CYS A 15 -62.06 21.72 8.65
N VAL A 16 -62.94 21.39 7.72
CA VAL A 16 -64.17 20.67 8.06
C VAL A 16 -63.89 19.19 8.26
N ASN A 17 -63.59 18.80 9.50
CA ASN A 17 -63.31 17.40 9.81
C ASN A 17 -64.39 16.45 9.31
N LEU A 18 -64.00 15.19 9.08
CA LEU A 18 -64.92 14.17 8.61
C LEU A 18 -64.18 12.84 8.53
N THR A 19 -64.89 11.74 8.79
CA THR A 19 -64.27 10.42 8.73
C THR A 19 -65.22 9.32 9.16
N THR A 20 -66.06 9.60 10.14
CA THR A 20 -67.02 8.62 10.66
C THR A 20 -66.35 7.64 11.62
N ARG A 21 -66.08 6.43 11.14
CA ARG A 21 -65.44 5.41 11.98
C ARG A 21 -65.18 4.12 11.23
N THR A 22 -66.14 3.72 10.41
CA THR A 22 -66.02 2.49 9.62
C THR A 22 -64.60 2.35 9.09
N GLN A 23 -64.28 1.16 8.60
CA GLN A 23 -62.95 0.88 8.07
C GLN A 23 -62.75 -0.62 7.88
N LEU A 24 -63.36 -1.39 8.77
CA LEU A 24 -63.25 -2.84 8.70
C LEU A 24 -61.79 -3.22 8.52
N PRO A 25 -61.49 -4.40 7.98
CA PRO A 25 -60.07 -4.78 7.81
C PRO A 25 -59.57 -4.31 6.45
N PRO A 26 -58.51 -3.53 6.37
CA PRO A 26 -58.03 -3.10 5.04
C PRO A 26 -57.89 -4.28 4.07
N ALA A 27 -58.74 -4.35 3.05
CA ALA A 27 -58.67 -5.44 2.09
C ALA A 27 -57.26 -5.59 1.54
N TYR A 28 -56.72 -6.81 1.67
CA TYR A 28 -55.37 -7.09 1.20
C TYR A 28 -55.45 -7.60 -0.22
N THR A 29 -54.34 -7.61 -0.93
CA THR A 29 -54.27 -8.27 -2.23
C THR A 29 -52.83 -8.62 -2.52
N ASN A 30 -52.59 -9.10 -3.74
CA ASN A 30 -51.31 -9.69 -4.08
C ASN A 30 -50.94 -9.29 -5.50
N SER A 31 -50.11 -8.26 -5.62
CA SER A 31 -49.57 -7.84 -6.89
C SER A 31 -48.57 -8.86 -7.34
N PHE A 32 -48.62 -9.25 -8.60
CA PHE A 32 -47.75 -10.35 -8.97
C PHE A 32 -46.34 -9.87 -9.28
N THR A 33 -46.29 -9.07 -10.32
CA THR A 33 -44.97 -8.55 -10.68
C THR A 33 -45.22 -7.12 -11.09
N ARG A 34 -44.99 -6.21 -10.17
CA ARG A 34 -45.30 -4.82 -10.43
C ARG A 34 -44.20 -3.96 -9.85
N GLY A 35 -44.05 -2.77 -10.40
CA GLY A 35 -43.18 -1.81 -9.78
C GLY A 35 -41.72 -2.04 -10.06
N VAL A 36 -41.34 -2.03 -11.32
CA VAL A 36 -39.95 -2.12 -11.72
C VAL A 36 -39.59 -0.83 -12.42
N TYR A 37 -38.95 0.07 -11.69
CA TYR A 37 -38.57 1.37 -12.21
C TYR A 37 -37.15 1.31 -12.71
N TYR A 38 -36.83 2.17 -13.66
CA TYR A 38 -35.47 2.23 -14.19
C TYR A 38 -34.53 2.71 -13.11
N PRO A 39 -33.66 1.87 -12.60
CA PRO A 39 -32.89 2.31 -11.44
C PRO A 39 -31.64 3.08 -11.80
N ASP A 40 -31.68 3.87 -12.87
CA ASP A 40 -30.59 4.74 -13.31
C ASP A 40 -31.05 5.57 -14.50
N LYS A 41 -30.12 6.31 -15.10
CA LYS A 41 -30.41 7.14 -16.27
C LYS A 41 -29.56 6.69 -17.44
N VAL A 42 -29.30 5.39 -17.54
CA VAL A 42 -28.45 4.84 -18.58
C VAL A 42 -29.33 4.29 -19.69
N PHE A 43 -28.98 4.61 -20.94
CA PHE A 43 -29.52 3.90 -22.09
C PHE A 43 -28.72 2.62 -22.32
N ARG A 44 -29.44 1.52 -22.55
CA ARG A 44 -28.79 0.22 -22.66
C ARG A 44 -29.44 -0.60 -23.77
N SER A 45 -28.69 -1.57 -24.27
CA SER A 45 -29.15 -2.48 -25.31
C SER A 45 -29.75 -3.74 -24.70
N SER A 46 -29.92 -4.77 -25.52
CA SER A 46 -30.51 -6.03 -25.07
C SER A 46 -29.47 -6.84 -24.29
N VAL A 47 -29.36 -6.56 -22.99
CA VAL A 47 -28.48 -7.29 -22.09
C VAL A 47 -29.32 -7.75 -20.90
N LEU A 48 -28.62 -8.29 -19.91
CA LEU A 48 -29.21 -8.72 -18.65
C LEU A 48 -28.51 -7.89 -17.57
N HIS A 49 -29.27 -7.11 -16.81
CA HIS A 49 -28.67 -6.25 -15.79
C HIS A 49 -29.20 -6.64 -14.42
N SER A 50 -28.28 -6.74 -13.47
CA SER A 50 -28.61 -6.96 -12.07
C SER A 50 -28.40 -5.66 -11.29
N THR A 51 -29.16 -5.49 -10.21
CA THR A 51 -29.10 -4.26 -9.45
C THR A 51 -29.55 -4.53 -8.03
N GLN A 52 -28.74 -4.13 -7.05
CA GLN A 52 -29.15 -4.05 -5.66
C GLN A 52 -29.70 -2.65 -5.44
N ASP A 53 -30.96 -2.58 -5.04
CA ASP A 53 -31.63 -1.32 -4.77
C ASP A 53 -32.85 -1.61 -3.91
N LEU A 54 -33.74 -0.64 -3.78
CA LEU A 54 -35.05 -0.87 -3.19
C LEU A 54 -36.00 -1.25 -4.31
N PHE A 55 -36.85 -2.24 -4.05
CA PHE A 55 -37.89 -2.62 -4.99
C PHE A 55 -39.06 -3.17 -4.21
N LEU A 56 -40.18 -3.30 -4.89
CA LEU A 56 -41.28 -4.02 -4.27
C LEU A 56 -41.03 -5.49 -4.55
N PRO A 57 -40.91 -6.34 -3.54
CA PRO A 57 -40.71 -7.76 -3.80
C PRO A 57 -41.95 -8.36 -4.45
N PHE A 58 -41.73 -9.30 -5.36
CA PHE A 58 -42.84 -9.87 -6.10
C PHE A 58 -43.70 -10.71 -5.18
N PHE A 59 -44.98 -10.83 -5.57
CA PHE A 59 -46.01 -11.56 -4.83
C PHE A 59 -46.14 -11.05 -3.41
N SER A 60 -46.04 -9.74 -3.26
CA SER A 60 -46.15 -9.11 -1.94
C SER A 60 -47.61 -8.95 -1.53
N ASN A 61 -47.83 -8.36 -0.36
CA ASN A 61 -49.18 -8.15 0.16
C ASN A 61 -49.57 -6.68 0.14
N VAL A 62 -49.75 -6.14 -1.06
CA VAL A 62 -50.13 -4.74 -1.22
C VAL A 62 -51.52 -4.47 -0.62
N THR A 63 -51.59 -3.51 0.28
CA THR A 63 -52.84 -3.16 0.93
C THR A 63 -53.72 -2.42 -0.05
N TRP A 64 -55.01 -2.68 0.01
CA TRP A 64 -55.96 -2.07 -0.92
C TRP A 64 -56.87 -1.15 -0.12
N PHE A 65 -56.52 0.11 -0.06
CA PHE A 65 -57.26 1.08 0.72
C PHE A 65 -58.47 1.56 -0.04
N HIS A 66 -59.52 1.83 0.70
CA HIS A 66 -60.75 2.34 0.13
C HIS A 66 -60.87 3.78 0.58
N ALA A 67 -61.01 4.66 -0.39
CA ALA A 67 -61.33 6.07 -0.20
C ALA A 67 -62.82 6.17 0.07
N ILE A 68 -63.42 7.24 -0.44
CA ILE A 68 -64.86 7.33 -0.56
C ILE A 68 -65.42 6.02 -1.05
N HIS A 69 -66.30 5.42 -0.25
CA HIS A 69 -66.70 4.03 -0.40
C HIS A 69 -68.21 3.94 -0.37
N VAL A 70 -68.80 3.41 -1.42
CA VAL A 70 -70.25 3.28 -1.50
C VAL A 70 -70.70 1.89 -1.06
N SER A 71 -71.93 1.80 -0.57
CA SER A 71 -72.49 0.53 -0.13
C SER A 71 -73.87 0.31 -0.72
N GLY A 72 -74.10 -0.91 -1.21
CA GLY A 72 -75.38 -1.25 -1.80
C GLY A 72 -76.51 -1.23 -0.78
N THR A 73 -77.29 -0.16 -0.79
CA THR A 73 -78.40 -0.02 0.15
C THR A 73 -79.02 1.37 0.06
N ASN A 74 -78.19 2.39 0.05
CA ASN A 74 -78.65 3.77 -0.04
C ASN A 74 -77.53 4.77 0.22
N GLY A 75 -77.13 5.49 -0.82
CA GLY A 75 -76.07 6.47 -0.70
C GLY A 75 -74.90 5.96 0.11
N THR A 76 -74.79 6.43 1.34
CA THR A 76 -73.71 6.01 2.22
C THR A 76 -72.34 6.08 1.58
N LYS A 77 -71.52 7.01 2.06
CA LYS A 77 -70.16 7.18 1.58
C LYS A 77 -69.29 7.05 2.81
N ARG A 78 -68.24 6.24 2.71
CA ARG A 78 -67.32 6.04 3.82
C ARG A 78 -65.98 6.69 3.49
N PHE A 79 -65.44 7.46 4.43
CA PHE A 79 -64.17 8.14 4.20
C PHE A 79 -63.06 7.52 5.03
N ASP A 80 -61.95 7.12 4.41
CA ASP A 80 -60.90 6.49 5.19
C ASP A 80 -59.46 6.53 4.73
N ASN A 81 -59.01 7.66 4.21
CA ASN A 81 -57.63 7.77 3.75
C ASN A 81 -56.74 8.24 4.89
N PRO A 82 -56.40 7.31 5.78
CA PRO A 82 -55.55 7.62 6.92
C PRO A 82 -54.15 7.98 6.50
N VAL A 83 -53.38 8.61 7.38
CA VAL A 83 -51.96 8.80 7.10
C VAL A 83 -51.30 7.44 7.28
N LEU A 84 -50.24 7.19 6.52
CA LEU A 84 -49.60 5.89 6.50
C LEU A 84 -48.11 6.12 6.65
N PRO A 85 -47.38 5.08 7.02
CA PRO A 85 -45.93 5.17 7.18
C PRO A 85 -45.23 5.20 5.83
N PHE A 86 -44.21 6.03 5.69
CA PHE A 86 -43.47 6.14 4.45
C PHE A 86 -42.32 5.15 4.39
N ASN A 87 -42.04 4.54 5.53
CA ASN A 87 -40.96 3.55 5.63
C ASN A 87 -39.72 3.91 4.82
N ASP A 88 -39.56 3.30 3.65
CA ASP A 88 -38.41 3.56 2.80
C ASP A 88 -38.80 3.86 1.37
N GLY A 89 -40.09 3.72 1.05
CA GLY A 89 -40.55 3.96 -0.30
C GLY A 89 -41.89 3.31 -0.50
N VAL A 90 -42.68 3.92 -1.36
CA VAL A 90 -44.09 3.59 -1.48
C VAL A 90 -44.43 3.33 -2.92
N TYR A 91 -45.06 2.19 -3.21
CA TYR A 91 -45.60 1.92 -4.53
C TYR A 91 -47.07 2.30 -4.50
N PHE A 92 -47.44 3.36 -5.19
CA PHE A 92 -48.79 3.89 -5.17
C PHE A 92 -49.41 3.64 -6.52
N ALA A 93 -50.62 3.08 -6.54
CA ALA A 93 -51.28 2.82 -7.81
C ALA A 93 -52.79 2.92 -7.65
N SER A 94 -53.45 3.43 -8.69
CA SER A 94 -54.90 3.54 -8.68
C SER A 94 -55.43 3.62 -10.10
N THR A 95 -56.70 3.28 -10.28
CA THR A 95 -57.29 3.20 -11.62
C THR A 95 -58.01 4.49 -12.02
N GLU A 96 -59.11 4.82 -11.33
CA GLU A 96 -59.70 6.17 -11.26
C GLU A 96 -59.93 6.93 -12.56
N LYS A 97 -60.92 6.53 -13.37
CA LYS A 97 -61.18 7.18 -14.64
C LYS A 97 -61.56 8.66 -14.47
N SER A 98 -62.20 9.00 -13.35
CA SER A 98 -62.46 10.40 -13.02
C SER A 98 -61.34 10.89 -12.13
N ASN A 99 -60.76 12.05 -12.45
CA ASN A 99 -59.60 12.52 -11.71
C ASN A 99 -60.05 13.04 -10.36
N ILE A 100 -60.13 12.12 -9.40
CA ILE A 100 -60.45 12.46 -8.03
C ILE A 100 -59.26 12.29 -7.10
N ILE A 101 -58.18 11.64 -7.53
CA ILE A 101 -56.91 11.73 -6.83
C ILE A 101 -56.16 12.92 -7.40
N ARG A 102 -55.64 13.76 -6.53
CA ARG A 102 -54.89 14.92 -7.00
C ARG A 102 -53.42 14.88 -6.66
N GLY A 103 -53.07 14.50 -5.45
CA GLY A 103 -51.67 14.42 -5.09
C GLY A 103 -51.50 13.97 -3.67
N TRP A 104 -50.32 14.19 -3.14
CA TRP A 104 -49.91 13.61 -1.88
C TRP A 104 -49.19 14.67 -1.06
N ILE A 105 -49.13 14.46 0.26
CA ILE A 105 -48.60 15.46 1.17
C ILE A 105 -47.50 14.97 2.10
N PHE A 106 -46.52 14.21 1.57
CA PHE A 106 -45.37 13.66 2.32
C PHE A 106 -44.74 14.65 3.30
N GLY A 107 -44.37 14.16 4.47
CA GLY A 107 -43.86 15.03 5.50
C GLY A 107 -43.42 14.26 6.73
N THR A 108 -43.21 15.02 7.81
CA THR A 108 -42.71 14.44 9.06
C THR A 108 -43.76 14.48 10.16
N THR A 109 -44.25 15.67 10.48
CA THR A 109 -45.20 15.87 11.55
C THR A 109 -46.55 16.35 11.03
N LEU A 110 -46.56 16.85 9.78
CA LEU A 110 -47.73 17.43 9.15
C LEU A 110 -48.32 18.55 9.99
N ASP A 111 -47.50 19.56 10.22
CA ASP A 111 -47.81 20.71 11.06
C ASP A 111 -46.79 21.76 10.71
N SER A 112 -46.77 22.85 11.47
CA SER A 112 -45.59 23.68 11.52
C SER A 112 -44.54 23.01 12.40
N LYS A 113 -43.43 23.71 12.59
CA LYS A 113 -42.18 23.36 13.27
C LYS A 113 -41.37 22.36 12.46
N THR A 114 -41.89 21.81 11.38
CA THR A 114 -41.19 20.95 10.46
C THR A 114 -41.69 21.28 9.07
N GLN A 115 -40.88 20.98 8.06
CA GLN A 115 -41.37 21.30 6.74
C GLN A 115 -42.22 20.15 6.21
N SER A 116 -42.86 20.38 5.07
CA SER A 116 -43.75 19.40 4.47
C SER A 116 -43.77 19.60 2.98
N LEU A 117 -43.83 18.51 2.24
CA LEU A 117 -43.90 18.56 0.78
C LEU A 117 -45.34 18.39 0.36
N LEU A 118 -45.76 19.12 -0.67
CA LEU A 118 -47.13 19.08 -1.13
C LEU A 118 -47.17 19.09 -2.64
N ILE A 119 -47.83 18.11 -3.23
CA ILE A 119 -47.93 17.98 -4.67
C ILE A 119 -49.42 18.07 -5.01
N VAL A 120 -49.82 19.07 -5.79
CA VAL A 120 -51.20 19.15 -6.26
C VAL A 120 -51.20 19.15 -7.77
N ASN A 121 -52.29 18.69 -8.35
CA ASN A 121 -52.22 18.45 -9.78
C ASN A 121 -52.83 19.57 -10.60
N ASN A 122 -54.11 19.88 -10.39
CA ASN A 122 -54.73 21.12 -10.89
C ASN A 122 -54.67 21.18 -12.41
N ALA A 123 -55.55 20.43 -13.07
CA ALA A 123 -55.27 19.95 -14.41
C ALA A 123 -55.22 21.03 -15.47
N THR A 124 -54.25 21.94 -15.34
CA THR A 124 -53.63 22.64 -16.43
C THR A 124 -52.13 22.75 -16.20
N ASN A 125 -51.69 22.55 -14.95
CA ASN A 125 -50.30 22.76 -14.53
C ASN A 125 -50.05 22.13 -13.16
N VAL A 126 -49.05 21.25 -13.03
CA VAL A 126 -48.68 20.74 -11.72
C VAL A 126 -47.82 21.77 -10.99
N VAL A 127 -47.92 21.80 -9.67
CA VAL A 127 -47.17 22.77 -8.87
C VAL A 127 -46.85 22.20 -7.50
N ILE A 128 -45.59 22.29 -7.11
CA ILE A 128 -45.08 21.70 -5.88
C ILE A 128 -44.53 22.80 -5.01
N LYS A 129 -44.84 22.77 -3.73
CA LYS A 129 -44.27 23.72 -2.77
C LYS A 129 -43.64 22.97 -1.62
N VAL A 130 -42.71 23.60 -0.92
CA VAL A 130 -42.22 23.09 0.37
C VAL A 130 -42.32 24.23 1.36
N CYS A 131 -43.44 24.35 2.06
CA CYS A 131 -43.59 25.36 3.09
C CYS A 131 -43.72 24.71 4.44
N GLU A 132 -43.76 25.53 5.48
CA GLU A 132 -44.18 25.06 6.79
C GLU A 132 -45.70 25.16 6.85
N PHE A 133 -46.35 24.20 6.21
CA PHE A 133 -47.79 24.23 6.13
C PHE A 133 -48.43 23.91 7.46
N GLN A 134 -49.73 24.12 7.54
CA GLN A 134 -50.50 23.88 8.73
C GLN A 134 -51.79 23.18 8.36
N PHE A 135 -51.63 22.02 7.71
CA PHE A 135 -52.72 21.15 7.24
C PHE A 135 -53.82 20.90 8.24
N CYS A 136 -55.04 20.77 7.75
CA CYS A 136 -56.11 20.26 8.59
C CYS A 136 -55.88 18.77 8.86
N ASN A 137 -56.68 18.22 9.74
CA ASN A 137 -56.54 16.80 10.04
C ASN A 137 -57.14 15.91 8.96
N ASP A 138 -57.87 16.51 8.03
CA ASP A 138 -58.47 15.79 6.90
C ASP A 138 -58.41 16.74 5.73
N PRO A 139 -57.27 16.81 5.04
CA PRO A 139 -57.16 17.74 3.92
C PRO A 139 -57.70 17.17 2.63
N PHE A 140 -58.08 18.09 1.74
CA PHE A 140 -58.69 17.81 0.45
C PHE A 140 -58.79 19.12 -0.30
N LEU A 141 -58.86 19.04 -1.62
CA LEU A 141 -59.13 20.23 -2.41
C LEU A 141 -60.62 20.45 -2.51
N GLY A 142 -61.04 21.69 -2.44
CA GLY A 142 -62.41 22.03 -2.66
C GLY A 142 -62.62 22.62 -4.04
N VAL A 143 -63.72 22.24 -4.67
CA VAL A 143 -64.11 22.77 -5.96
C VAL A 143 -65.43 23.49 -5.78
N TYR A 144 -65.55 24.69 -6.33
CA TYR A 144 -66.80 25.42 -6.23
C TYR A 144 -67.01 26.19 -7.53
N TYR A 145 -67.95 27.12 -7.51
CA TYR A 145 -68.21 28.03 -8.62
C TYR A 145 -67.95 29.44 -8.11
N HIS A 146 -67.50 30.33 -8.99
CA HIS A 146 -66.92 31.56 -8.46
C HIS A 146 -67.78 32.80 -8.65
N LYS A 147 -68.79 32.75 -9.53
CA LYS A 147 -69.81 33.77 -9.86
C LYS A 147 -69.22 34.95 -10.63
N ASN A 148 -67.92 35.07 -10.62
CA ASN A 148 -67.12 35.84 -11.55
C ASN A 148 -66.03 34.92 -12.05
N ASN A 149 -65.61 35.18 -13.30
CA ASN A 149 -64.85 34.32 -14.22
C ASN A 149 -65.71 33.20 -14.78
N LYS A 150 -66.90 33.04 -14.19
CA LYS A 150 -67.86 32.04 -14.61
C LYS A 150 -67.07 30.81 -14.92
N SER A 151 -66.54 30.17 -13.89
CA SER A 151 -65.72 29.00 -14.14
C SER A 151 -65.41 28.32 -12.82
N TRP A 152 -65.55 27.00 -12.77
CA TRP A 152 -65.38 26.29 -11.52
C TRP A 152 -63.93 26.23 -11.06
N MET A 153 -63.57 27.10 -10.12
CA MET A 153 -62.21 27.16 -9.62
C MET A 153 -61.98 26.13 -8.52
N GLU A 154 -60.74 26.00 -8.06
CA GLU A 154 -60.30 24.87 -7.24
C GLU A 154 -59.47 25.32 -6.06
N SER A 155 -60.00 26.22 -5.24
CA SER A 155 -59.23 26.80 -4.14
C SER A 155 -58.79 25.75 -3.13
N GLU A 156 -57.53 25.87 -2.72
CA GLU A 156 -56.83 24.83 -1.97
C GLU A 156 -56.82 25.11 -0.48
N PHE A 157 -57.54 26.12 -0.01
CA PHE A 157 -57.47 26.49 1.38
C PHE A 157 -58.20 25.55 2.31
N ARG A 158 -58.85 24.52 1.79
CA ARG A 158 -59.31 23.45 2.64
C ARG A 158 -58.18 22.55 3.09
N VAL A 159 -57.04 22.58 2.39
CA VAL A 159 -55.90 21.76 2.78
C VAL A 159 -55.21 22.35 4.01
N TYR A 160 -54.65 23.53 3.86
CA TYR A 160 -53.84 24.11 4.92
C TYR A 160 -54.46 25.42 5.38
N SER A 161 -54.06 25.84 6.59
CA SER A 161 -54.44 27.16 7.07
C SER A 161 -53.55 28.23 6.48
N SER A 162 -52.25 28.19 6.77
CA SER A 162 -51.33 29.22 6.31
C SER A 162 -50.10 28.56 5.72
N ALA A 163 -49.42 29.27 4.82
CA ALA A 163 -48.21 28.75 4.19
C ALA A 163 -47.13 29.80 4.19
N ASN A 164 -46.25 29.74 5.19
CA ASN A 164 -45.16 30.71 5.30
C ASN A 164 -43.79 30.06 5.42
N ASN A 165 -42.77 30.77 4.96
CA ASN A 165 -41.40 30.27 5.02
C ASN A 165 -41.08 29.27 3.92
N CYS A 166 -42.00 29.10 2.97
CA CYS A 166 -41.79 28.18 1.87
C CYS A 166 -40.40 28.38 1.28
N THR A 167 -39.69 27.29 1.02
CA THR A 167 -38.35 27.36 0.46
C THR A 167 -38.20 26.56 -0.83
N PHE A 168 -39.16 26.71 -1.75
CA PHE A 168 -39.20 26.01 -3.07
C PHE A 168 -40.59 26.22 -3.77
N GLU A 169 -40.68 26.05 -5.08
CA GLU A 169 -41.93 26.22 -5.85
C GLU A 169 -41.56 25.82 -7.29
N TYR A 170 -41.97 24.62 -7.73
CA TYR A 170 -41.71 24.05 -9.08
C TYR A 170 -43.12 23.97 -9.76
N VAL A 171 -43.27 24.34 -11.05
CA VAL A 171 -44.53 24.30 -11.85
C VAL A 171 -44.19 23.32 -13.04
N SER A 172 -45.14 22.64 -13.69
CA SER A 172 -44.77 21.72 -14.82
C SER A 172 -46.03 21.06 -15.45
N GLN A 173 -46.01 20.56 -16.69
CA GLN A 173 -47.22 19.94 -17.21
C GLN A 173 -47.68 18.85 -16.25
N PRO A 174 -48.99 18.67 -16.07
CA PRO A 174 -49.49 17.81 -15.00
C PRO A 174 -49.20 16.34 -15.21
N PHE A 175 -49.06 15.63 -14.10
CA PHE A 175 -48.73 14.20 -14.09
C PHE A 175 -49.92 13.42 -14.59
N LEU A 176 -51.03 13.54 -13.87
CA LEU A 176 -52.22 12.74 -14.12
C LEU A 176 -52.91 13.18 -15.40
N MET A 177 -52.30 12.87 -16.53
CA MET A 177 -52.86 13.16 -17.85
C MET A 177 -53.68 11.96 -18.27
N ASP A 178 -55.00 12.12 -18.29
CA ASP A 178 -55.90 11.06 -18.67
C ASP A 178 -56.06 10.98 -20.19
N LEU A 179 -56.89 10.06 -20.65
CA LEU A 179 -57.14 9.88 -22.07
C LEU A 179 -58.48 9.19 -22.33
N GLU A 180 -58.59 7.95 -21.91
CA GLU A 180 -59.82 7.18 -22.08
C GLU A 180 -60.37 7.34 -23.49
N GLY A 181 -61.29 8.30 -23.65
CA GLY A 181 -61.90 8.56 -24.93
C GLY A 181 -62.29 7.28 -25.66
N LYS A 182 -62.59 6.23 -24.89
CA LYS A 182 -62.97 4.95 -25.47
C LYS A 182 -64.14 4.34 -24.70
N GLN A 183 -65.03 5.20 -24.20
CA GLN A 183 -66.20 4.73 -23.44
C GLN A 183 -66.00 3.41 -22.69
N GLY A 184 -64.97 3.35 -21.86
CA GLY A 184 -64.72 2.12 -21.16
C GLY A 184 -63.63 1.29 -21.80
N ASN A 185 -63.46 0.08 -21.23
CA ASN A 185 -62.52 -0.96 -21.60
C ASN A 185 -61.05 -0.57 -21.42
N PHE A 186 -60.78 0.59 -20.82
CA PHE A 186 -59.42 1.11 -20.75
C PHE A 186 -58.94 1.23 -19.31
N LYS A 187 -59.62 2.05 -18.50
CA LYS A 187 -59.46 2.21 -17.06
C LYS A 187 -58.11 2.74 -16.57
N ASN A 188 -57.11 2.85 -17.47
CA ASN A 188 -55.89 3.64 -17.34
C ASN A 188 -55.19 3.57 -16.00
N LEU A 189 -54.63 2.42 -15.64
CA LEU A 189 -54.02 2.24 -14.34
C LEU A 189 -52.77 3.11 -14.25
N ARG A 190 -52.79 4.08 -13.33
CA ARG A 190 -51.65 4.92 -13.03
C ARG A 190 -50.85 4.35 -11.88
N GLU A 191 -49.53 4.34 -12.01
CA GLU A 191 -48.69 3.95 -10.91
C GLU A 191 -47.69 5.04 -10.60
N PHE A 192 -47.22 5.04 -9.36
CA PHE A 192 -46.18 5.94 -8.94
C PHE A 192 -45.33 5.23 -7.91
N VAL A 193 -44.04 5.52 -7.90
CA VAL A 193 -43.13 5.02 -6.88
C VAL A 193 -42.32 6.20 -6.39
N PHE A 194 -42.39 6.49 -5.09
CA PHE A 194 -41.61 7.54 -4.48
C PHE A 194 -40.53 6.92 -3.61
N LYS A 195 -39.31 7.41 -3.73
CA LYS A 195 -38.26 7.03 -2.80
C LYS A 195 -37.44 8.26 -2.47
N ASN A 196 -36.92 8.30 -1.26
CA ASN A 196 -36.29 9.50 -0.72
C ASN A 196 -34.97 9.09 -0.09
N ILE A 197 -33.87 9.47 -0.72
CA ILE A 197 -32.54 9.14 -0.25
C ILE A 197 -31.64 10.37 -0.33
N ASP A 198 -30.79 10.51 0.70
CA ASP A 198 -29.65 11.43 0.80
C ASP A 198 -29.96 12.86 0.34
N GLY A 199 -31.16 13.31 0.66
CA GLY A 199 -31.52 14.65 0.27
C GLY A 199 -31.87 14.77 -1.19
N TYR A 200 -32.71 13.86 -1.67
CA TYR A 200 -33.36 14.02 -2.95
C TYR A 200 -34.73 13.39 -2.85
N PHE A 201 -35.51 13.55 -3.90
CA PHE A 201 -36.87 13.04 -3.92
C PHE A 201 -37.21 12.67 -5.35
N LYS A 202 -37.30 11.37 -5.62
CA LYS A 202 -37.44 10.91 -6.99
C LYS A 202 -38.80 10.25 -7.17
N ILE A 203 -39.45 10.56 -8.28
CA ILE A 203 -40.78 10.08 -8.61
C ILE A 203 -40.68 9.32 -9.92
N TYR A 204 -41.33 8.17 -10.01
CA TYR A 204 -41.33 7.38 -11.22
C TYR A 204 -42.76 7.09 -11.61
N SER A 205 -43.08 7.08 -12.90
CA SER A 205 -44.49 6.98 -13.26
C SER A 205 -44.69 6.11 -14.49
N LYS A 206 -45.96 5.91 -14.83
CA LYS A 206 -46.43 5.12 -15.97
C LYS A 206 -47.93 5.27 -16.13
N HIS A 207 -48.46 5.22 -17.35
CA HIS A 207 -49.88 5.11 -17.59
C HIS A 207 -50.13 3.94 -18.53
N THR A 208 -50.98 3.01 -18.11
CA THR A 208 -51.12 1.77 -18.83
C THR A 208 -52.58 1.48 -19.12
N PRO A 209 -52.95 1.12 -20.34
CA PRO A 209 -54.30 0.62 -20.58
C PRO A 209 -54.47 -0.76 -19.96
N ILE A 210 -55.69 -1.07 -19.54
CA ILE A 210 -55.95 -2.31 -18.82
C ILE A 210 -57.31 -2.83 -19.25
N ASN A 211 -57.52 -4.13 -19.03
CA ASN A 211 -58.80 -4.77 -19.27
C ASN A 211 -59.21 -5.77 -18.21
N LEU A 212 -58.44 -5.94 -17.14
CA LEU A 212 -58.84 -6.85 -16.07
C LEU A 212 -59.96 -6.21 -15.27
N VAL A 213 -60.63 -7.03 -14.45
CA VAL A 213 -61.82 -6.59 -13.74
C VAL A 213 -61.46 -5.56 -12.66
N ARG A 214 -60.70 -5.96 -11.64
CA ARG A 214 -60.33 -5.03 -10.57
C ARG A 214 -58.82 -4.88 -10.41
N ASP A 215 -58.12 -5.99 -10.22
CA ASP A 215 -56.81 -5.95 -9.59
C ASP A 215 -55.69 -5.78 -10.61
N LEU A 216 -54.49 -6.04 -10.17
CA LEU A 216 -53.27 -5.79 -10.90
C LEU A 216 -53.10 -6.80 -12.03
N PRO A 217 -52.62 -6.35 -13.17
CA PRO A 217 -52.38 -7.28 -14.28
C PRO A 217 -51.08 -8.04 -14.15
N GLN A 218 -50.71 -8.79 -15.17
CA GLN A 218 -49.59 -9.72 -15.05
C GLN A 218 -48.33 -9.28 -15.79
N GLY A 219 -48.42 -8.28 -16.66
CA GLY A 219 -47.30 -7.92 -17.50
C GLY A 219 -46.21 -7.17 -16.77
N PHE A 220 -45.37 -6.50 -17.56
CA PHE A 220 -44.27 -5.71 -17.02
C PHE A 220 -44.49 -4.22 -17.31
N SER A 221 -44.04 -3.38 -16.39
CA SER A 221 -44.18 -1.94 -16.52
C SER A 221 -42.84 -1.30 -16.26
N ALA A 222 -42.35 -0.55 -17.22
CA ALA A 222 -41.10 0.15 -17.06
C ALA A 222 -41.44 1.53 -16.55
N LEU A 223 -41.42 1.72 -15.24
CA LEU A 223 -41.73 3.03 -14.68
C LEU A 223 -40.55 3.95 -14.93
N GLU A 224 -40.67 4.90 -15.85
CA GLU A 224 -39.56 5.80 -16.11
C GLU A 224 -39.68 7.04 -15.24
N PRO A 225 -38.57 7.67 -14.89
CA PRO A 225 -38.63 8.79 -13.94
C PRO A 225 -39.26 10.03 -14.51
N LEU A 226 -40.01 10.70 -13.66
CA LEU A 226 -40.57 12.00 -13.99
C LEU A 226 -39.62 13.12 -13.61
N VAL A 227 -39.36 13.27 -12.33
CA VAL A 227 -38.62 14.40 -11.81
C VAL A 227 -37.61 13.89 -10.81
N ASP A 228 -36.84 14.83 -10.27
CA ASP A 228 -36.05 14.63 -9.07
C ASP A 228 -35.92 15.99 -8.43
N LEU A 229 -36.17 16.07 -7.14
CA LEU A 229 -36.36 17.36 -6.51
C LEU A 229 -35.29 17.60 -5.47
N PRO A 230 -34.47 18.63 -5.62
CA PRO A 230 -33.39 18.87 -4.66
C PRO A 230 -33.88 19.46 -3.35
N ILE A 231 -34.37 18.63 -2.45
CA ILE A 231 -35.07 19.19 -1.29
C ILE A 231 -34.24 19.06 -0.04
N GLY A 232 -34.02 17.83 0.39
CA GLY A 232 -33.36 17.57 1.64
C GLY A 232 -34.29 17.48 2.83
N ILE A 233 -35.59 17.38 2.61
CA ILE A 233 -36.55 17.32 3.70
C ILE A 233 -36.52 15.91 4.29
N ASN A 234 -36.86 15.77 5.56
CA ASN A 234 -36.84 14.50 6.27
C ASN A 234 -38.27 14.01 6.33
N ILE A 235 -38.56 12.87 5.69
CA ILE A 235 -39.92 12.39 5.45
C ILE A 235 -40.14 11.08 6.17
N THR A 236 -41.25 10.97 6.89
CA THR A 236 -41.54 9.70 7.51
C THR A 236 -43.03 9.34 7.57
N ARG A 237 -43.92 10.13 6.98
CA ARG A 237 -45.34 9.83 7.04
C ARG A 237 -46.03 10.62 5.94
N PHE A 238 -47.06 10.04 5.33
CA PHE A 238 -47.67 10.70 4.17
C PHE A 238 -49.16 10.40 4.09
N GLN A 239 -49.81 11.05 3.12
CA GLN A 239 -51.25 11.01 2.95
C GLN A 239 -51.55 11.37 1.50
N THR A 240 -52.81 11.29 1.11
CA THR A 240 -53.20 11.58 -0.26
C THR A 240 -54.40 12.51 -0.36
N LEU A 241 -54.42 13.32 -1.40
CA LEU A 241 -55.36 14.41 -1.57
C LEU A 241 -56.51 14.02 -2.49
N LEU A 242 -57.72 14.35 -2.09
CA LEU A 242 -58.88 14.07 -2.89
C LEU A 242 -59.51 15.38 -3.33
N ALA A 243 -60.10 15.39 -4.52
CA ALA A 243 -60.76 16.58 -5.03
C ALA A 243 -62.27 16.39 -4.90
N LEU A 244 -62.81 16.83 -3.79
CA LEU A 244 -64.24 16.79 -3.57
C LEU A 244 -64.87 18.10 -4.04
N HIS A 245 -66.05 18.03 -4.65
CA HIS A 245 -66.73 19.23 -5.12
C HIS A 245 -67.95 19.54 -4.26
N ARG A 246 -68.45 20.76 -4.37
CA ARG A 246 -69.69 21.15 -3.71
C ARG A 246 -70.86 20.47 -4.37
N SER A 247 -71.67 19.82 -3.59
CA SER A 247 -73.03 19.58 -4.03
C SER A 247 -73.81 20.88 -3.84
N TYR A 248 -74.96 20.99 -4.49
CA TYR A 248 -75.76 22.19 -4.63
C TYR A 248 -77.18 21.69 -4.54
N LEU A 249 -78.14 22.30 -5.24
CA LEU A 249 -79.54 21.96 -5.03
C LEU A 249 -79.85 20.53 -5.44
N THR A 250 -79.37 19.60 -4.63
CA THR A 250 -79.65 18.17 -4.61
C THR A 250 -79.82 17.79 -3.16
N PRO A 251 -80.99 17.25 -2.78
CA PRO A 251 -81.29 16.96 -1.37
C PRO A 251 -80.46 15.81 -0.80
N SER A 256 -71.19 16.75 5.06
CA SER A 256 -71.46 18.07 4.49
C SER A 256 -71.69 18.00 2.99
N GLY A 257 -71.81 19.15 2.34
CA GLY A 257 -72.05 19.13 0.91
C GLY A 257 -70.74 19.06 0.18
N TRP A 258 -70.34 17.82 -0.11
CA TRP A 258 -69.00 17.48 -0.56
C TRP A 258 -69.05 16.11 -1.23
N THR A 259 -67.92 15.41 -1.23
CA THR A 259 -67.79 13.98 -1.50
C THR A 259 -68.18 13.56 -2.91
N ALA A 260 -67.32 13.83 -3.87
CA ALA A 260 -67.47 13.30 -5.21
C ALA A 260 -67.22 11.80 -5.24
N GLY A 261 -67.75 11.16 -6.29
CA GLY A 261 -67.29 9.90 -6.85
C GLY A 261 -67.06 8.70 -5.94
N ALA A 262 -66.18 7.81 -6.38
CA ALA A 262 -65.75 6.66 -5.60
C ALA A 262 -64.33 6.30 -6.01
N ALA A 263 -63.49 5.98 -5.03
CA ALA A 263 -62.07 5.89 -5.30
C ALA A 263 -61.42 4.84 -4.41
N ALA A 264 -60.26 4.37 -4.84
CA ALA A 264 -59.46 3.38 -4.13
C ALA A 264 -58.06 3.39 -4.70
N TYR A 265 -57.09 3.01 -3.90
CA TYR A 265 -55.72 2.98 -4.37
C TYR A 265 -54.98 1.89 -3.64
N TYR A 266 -53.86 1.44 -4.22
CA TYR A 266 -53.06 0.37 -3.66
C TYR A 266 -51.73 0.91 -3.17
N VAL A 267 -51.32 0.49 -1.98
CA VAL A 267 -50.11 0.98 -1.34
C VAL A 267 -49.27 -0.20 -0.92
N GLY A 268 -47.97 -0.17 -1.20
CA GLY A 268 -47.09 -1.23 -0.75
C GLY A 268 -45.66 -0.77 -0.66
N TYR A 269 -44.91 -1.21 0.34
CA TYR A 269 -43.67 -0.56 0.72
C TYR A 269 -42.45 -1.27 0.19
N LEU A 270 -41.46 -0.48 -0.21
CA LEU A 270 -40.25 -1.04 -0.77
C LEU A 270 -39.37 -1.65 0.30
N GLN A 271 -38.43 -2.46 -0.16
CA GLN A 271 -37.47 -3.15 0.67
C GLN A 271 -36.21 -3.30 -0.15
N PRO A 272 -35.06 -3.33 0.49
CA PRO A 272 -33.83 -3.47 -0.30
C PRO A 272 -33.63 -4.89 -0.81
N ARG A 273 -33.70 -5.07 -2.13
CA ARG A 273 -33.47 -6.37 -2.72
C ARG A 273 -32.58 -6.27 -3.95
N THR A 274 -32.33 -7.42 -4.57
CA THR A 274 -31.48 -7.50 -5.75
C THR A 274 -32.26 -8.09 -6.92
N PHE A 275 -32.26 -7.37 -8.04
CA PHE A 275 -32.97 -7.83 -9.23
C PHE A 275 -32.04 -8.02 -10.42
N LEU A 276 -32.50 -8.81 -11.39
CA LEU A 276 -31.74 -9.08 -12.60
C LEU A 276 -32.60 -8.67 -13.78
N LEU A 277 -32.59 -7.37 -14.09
CA LEU A 277 -33.39 -6.83 -15.18
C LEU A 277 -32.90 -7.23 -16.57
N LYS A 278 -33.85 -7.52 -17.45
CA LYS A 278 -33.56 -7.89 -18.83
C LYS A 278 -33.98 -6.78 -19.77
N TYR A 279 -33.01 -6.27 -20.53
CA TYR A 279 -33.22 -5.11 -21.39
C TYR A 279 -33.63 -5.55 -22.78
N ASN A 280 -34.33 -4.66 -23.50
CA ASN A 280 -34.69 -4.86 -24.88
C ASN A 280 -33.57 -4.41 -25.80
N GLU A 281 -33.75 -4.62 -27.10
CA GLU A 281 -32.85 -4.02 -28.07
C GLU A 281 -33.19 -2.54 -28.25
N ASN A 282 -34.42 -2.17 -27.92
CA ASN A 282 -34.86 -0.79 -28.05
C ASN A 282 -34.33 0.09 -26.91
N GLY A 283 -34.14 -0.50 -25.74
CA GLY A 283 -33.63 0.21 -24.59
C GLY A 283 -34.59 0.16 -23.41
N THR A 284 -35.63 -0.66 -23.54
CA THR A 284 -36.62 -0.82 -22.47
C THR A 284 -36.51 -2.18 -21.80
N ILE A 285 -36.87 -2.24 -20.53
CA ILE A 285 -36.80 -3.48 -19.76
C ILE A 285 -37.74 -4.53 -20.35
N THR A 286 -38.15 -5.48 -19.52
CA THR A 286 -39.04 -6.55 -19.95
C THR A 286 -39.43 -7.45 -18.79
N ASP A 287 -38.56 -8.38 -18.46
CA ASP A 287 -38.81 -9.31 -17.36
C ASP A 287 -37.72 -9.05 -16.32
N ALA A 288 -38.11 -8.93 -15.06
CA ALA A 288 -37.16 -8.68 -13.98
C ALA A 288 -37.11 -9.92 -13.09
N VAL A 289 -35.90 -10.39 -12.77
CA VAL A 289 -35.76 -11.57 -11.92
C VAL A 289 -35.24 -11.14 -10.55
N ASP A 290 -35.91 -11.60 -9.49
CA ASP A 290 -35.54 -11.24 -8.12
C ASP A 290 -34.80 -12.39 -7.42
N CYS A 291 -33.62 -12.08 -6.89
CA CYS A 291 -32.86 -13.07 -6.17
C CYS A 291 -33.35 -12.81 -4.77
N ALA A 292 -34.05 -13.79 -4.22
CA ALA A 292 -34.61 -13.66 -2.88
C ALA A 292 -36.02 -14.23 -2.83
N LEU A 293 -36.72 -14.22 -3.96
CA LEU A 293 -38.07 -14.74 -4.01
C LEU A 293 -38.08 -16.19 -3.53
N ASP A 294 -37.53 -17.08 -4.35
CA ASP A 294 -37.46 -18.50 -4.00
C ASP A 294 -36.09 -19.07 -4.32
N PRO A 295 -35.89 -20.41 -3.99
CA PRO A 295 -34.54 -20.92 -4.30
C PRO A 295 -34.23 -20.93 -5.80
N LEU A 296 -35.25 -21.11 -6.63
CA LEU A 296 -35.04 -21.14 -8.08
C LEU A 296 -34.56 -19.79 -8.59
N SER A 297 -35.06 -18.71 -7.99
CA SER A 297 -34.69 -17.37 -8.39
C SER A 297 -33.24 -17.07 -8.02
N GLU A 298 -32.76 -17.72 -6.96
CA GLU A 298 -31.39 -17.54 -6.53
C GLU A 298 -30.45 -18.11 -7.59
N THR A 299 -30.81 -19.27 -8.11
CA THR A 299 -30.03 -19.95 -9.14
C THR A 299 -29.96 -19.17 -10.43
N LYS A 300 -31.09 -18.62 -10.85
CA LYS A 300 -31.11 -17.86 -12.08
C LYS A 300 -30.21 -16.66 -11.92
N CYS A 301 -30.29 -16.01 -10.77
CA CYS A 301 -29.47 -14.83 -10.50
C CYS A 301 -27.99 -15.20 -10.53
N THR A 302 -27.66 -16.35 -9.96
CA THR A 302 -26.28 -16.82 -9.92
C THR A 302 -25.75 -17.09 -11.33
N LEU A 303 -26.58 -17.67 -12.18
CA LEU A 303 -26.14 -17.97 -13.53
C LEU A 303 -26.32 -16.81 -14.52
N LYS A 304 -26.94 -15.74 -14.06
CA LYS A 304 -27.18 -14.58 -14.91
C LYS A 304 -27.95 -14.98 -16.16
N SER A 305 -28.93 -15.87 -16.01
CA SER A 305 -29.72 -16.32 -17.14
C SER A 305 -31.16 -16.42 -16.68
N PHE A 306 -32.07 -16.50 -17.65
CA PHE A 306 -33.47 -16.70 -17.35
C PHE A 306 -33.88 -18.15 -17.53
N THR A 307 -33.04 -18.96 -18.14
CA THR A 307 -33.27 -20.39 -18.25
C THR A 307 -32.09 -21.14 -17.66
N VAL A 308 -32.39 -22.11 -16.81
CA VAL A 308 -31.37 -23.00 -16.30
C VAL A 308 -31.62 -24.40 -16.85
N GLU A 309 -30.55 -25.15 -17.00
CA GLU A 309 -30.62 -26.51 -17.48
C GLU A 309 -30.55 -27.43 -16.27
N LYS A 310 -30.69 -28.73 -16.49
CA LYS A 310 -30.75 -29.65 -15.37
C LYS A 310 -29.37 -29.80 -14.75
N GLY A 311 -29.34 -30.08 -13.46
CA GLY A 311 -28.08 -30.17 -12.75
C GLY A 311 -28.27 -29.83 -11.29
N ILE A 312 -27.15 -29.64 -10.62
CA ILE A 312 -27.15 -29.22 -9.21
C ILE A 312 -26.13 -28.10 -9.06
N TYR A 313 -26.58 -26.96 -8.57
CA TYR A 313 -25.79 -25.75 -8.54
C TYR A 313 -25.64 -25.27 -7.11
N GLN A 314 -24.41 -24.98 -6.72
CA GLN A 314 -24.09 -24.50 -5.39
C GLN A 314 -24.24 -23.00 -5.40
N THR A 315 -25.21 -22.48 -4.64
CA THR A 315 -25.67 -21.13 -4.88
C THR A 315 -25.40 -20.15 -3.75
N SER A 316 -25.28 -20.61 -2.50
CA SER A 316 -24.95 -19.72 -1.39
C SER A 316 -24.40 -20.50 -0.22
N ASN A 317 -24.31 -19.85 0.94
CA ASN A 317 -23.85 -20.50 2.15
C ASN A 317 -24.88 -20.35 3.24
N PHE A 318 -24.66 -21.06 4.32
CA PHE A 318 -25.59 -21.15 5.43
C PHE A 318 -24.81 -21.08 6.73
N ARG A 319 -25.22 -20.21 7.63
CA ARG A 319 -24.57 -20.18 8.93
C ARG A 319 -25.56 -19.76 10.00
N VAL A 320 -25.36 -20.30 11.19
CA VAL A 320 -26.21 -19.98 12.33
C VAL A 320 -25.69 -18.71 12.98
N GLN A 321 -26.53 -17.70 13.03
CA GLN A 321 -26.06 -16.45 13.62
C GLN A 321 -26.12 -16.53 15.15
N PRO A 322 -25.12 -15.98 15.84
CA PRO A 322 -25.08 -16.11 17.30
C PRO A 322 -25.93 -15.07 18.01
N THR A 323 -26.43 -15.46 19.17
CA THR A 323 -27.26 -14.59 20.00
C THR A 323 -26.63 -14.42 21.38
N GLU A 324 -26.97 -13.30 22.05
CA GLU A 324 -26.67 -12.96 23.44
C GLU A 324 -25.23 -13.21 23.88
N SER A 325 -24.31 -12.40 23.38
CA SER A 325 -22.88 -12.40 23.70
C SER A 325 -22.62 -12.43 25.20
N ILE A 326 -21.55 -13.10 25.61
CA ILE A 326 -21.17 -13.25 27.01
C ILE A 326 -19.72 -12.81 27.17
N VAL A 327 -19.35 -12.39 28.38
CA VAL A 327 -17.98 -12.10 28.77
C VAL A 327 -17.75 -12.74 30.13
N ARG A 328 -16.56 -13.31 30.32
CA ARG A 328 -16.19 -13.96 31.57
C ARG A 328 -14.76 -13.64 31.93
N PHE A 329 -14.59 -12.94 33.05
CA PHE A 329 -13.31 -12.44 33.52
C PHE A 329 -13.08 -13.03 34.92
N PRO A 330 -11.84 -13.01 35.40
CA PRO A 330 -11.52 -13.56 36.73
C PRO A 330 -12.39 -12.95 37.82
N ASN A 331 -11.79 -12.69 38.99
CA ASN A 331 -12.50 -12.11 40.10
C ASN A 331 -11.91 -10.77 40.55
N ILE A 332 -12.68 -10.01 41.30
CA ILE A 332 -12.22 -8.70 41.79
C ILE A 332 -11.81 -8.78 43.26
N THR A 333 -10.60 -9.26 43.51
CA THR A 333 -10.09 -9.39 44.87
C THR A 333 -9.00 -8.35 45.14
N ASN A 334 -9.36 -7.29 45.86
CA ASN A 334 -8.40 -6.24 46.20
C ASN A 334 -9.09 -5.03 46.83
N LEU A 335 -10.22 -4.63 46.26
CA LEU A 335 -10.97 -3.50 46.77
C LEU A 335 -10.20 -2.20 46.57
N CYS A 336 -8.88 -2.31 46.50
CA CYS A 336 -8.02 -1.14 46.32
C CYS A 336 -7.88 -0.34 47.61
N PRO A 337 -6.65 0.09 47.90
CA PRO A 337 -6.37 0.86 49.12
C PRO A 337 -7.21 2.12 49.39
N PHE A 338 -8.29 2.42 48.66
CA PHE A 338 -9.01 3.70 48.79
C PHE A 338 -9.70 3.94 50.14
N GLY A 339 -9.55 3.06 51.13
CA GLY A 339 -10.04 3.40 52.46
C GLY A 339 -9.21 4.45 53.17
N GLU A 340 -7.98 4.67 52.69
CA GLU A 340 -7.00 5.50 53.37
C GLU A 340 -6.86 6.90 52.78
N VAL A 341 -7.86 7.40 52.07
CA VAL A 341 -7.81 8.74 51.48
C VAL A 341 -8.99 9.60 51.92
N PHE A 342 -10.20 9.03 51.98
CA PHE A 342 -11.40 9.80 52.21
C PHE A 342 -11.95 9.70 53.63
N ASN A 343 -11.63 8.64 54.36
CA ASN A 343 -12.12 8.47 55.72
C ASN A 343 -11.03 8.74 56.75
N ALA A 344 -9.97 9.46 56.38
CA ALA A 344 -8.91 9.83 57.30
C ALA A 344 -9.30 11.10 58.04
N THR A 345 -8.77 11.26 59.27
CA THR A 345 -9.25 12.33 60.14
C THR A 345 -8.65 13.68 59.75
N ARG A 346 -7.33 13.82 59.86
CA ARG A 346 -6.67 15.11 59.67
C ARG A 346 -6.22 15.24 58.22
N PHE A 347 -6.65 16.31 57.56
CA PHE A 347 -6.18 16.65 56.23
C PHE A 347 -5.36 17.93 56.32
N ALA A 348 -4.24 17.97 55.59
CA ALA A 348 -3.32 19.09 55.68
C ALA A 348 -3.80 20.29 54.86
N SER A 349 -2.92 21.27 54.65
CA SER A 349 -3.22 22.38 53.77
C SER A 349 -2.18 22.42 52.65
N VAL A 350 -2.28 23.46 51.83
CA VAL A 350 -1.50 23.49 50.59
C VAL A 350 -0.05 23.88 50.88
N TYR A 351 0.22 24.44 52.07
CA TYR A 351 1.60 24.74 52.43
C TYR A 351 2.42 23.50 52.72
N ALA A 352 1.77 22.36 52.96
CA ALA A 352 2.44 21.09 53.16
C ALA A 352 1.73 19.97 52.38
N TRP A 353 1.52 20.17 51.07
CA TRP A 353 0.76 19.22 50.26
C TRP A 353 1.42 17.86 50.17
N ASN A 354 0.82 16.88 50.82
CA ASN A 354 1.33 15.51 50.87
C ASN A 354 0.83 14.72 49.67
N ARG A 355 1.43 13.55 49.47
CA ARG A 355 1.05 12.69 48.37
C ARG A 355 0.90 11.26 48.87
N LYS A 356 -0.07 10.55 48.29
CA LYS A 356 -0.37 9.17 48.66
C LYS A 356 -0.48 8.34 47.40
N ARG A 357 0.49 7.44 47.20
CA ARG A 357 0.54 6.60 46.01
C ARG A 357 -0.36 5.40 46.19
N ILE A 358 -1.18 5.13 45.17
CA ILE A 358 -2.06 3.98 45.14
C ILE A 358 -1.69 3.11 43.95
N SER A 359 -1.44 1.83 44.20
CA SER A 359 -0.97 0.94 43.13
C SER A 359 -1.58 -0.46 43.32
N ASN A 360 -1.53 -1.23 42.23
CA ASN A 360 -1.74 -2.68 42.21
C ASN A 360 -3.14 -3.10 42.69
N CYS A 361 -4.14 -2.33 42.26
CA CYS A 361 -5.53 -2.65 42.62
C CYS A 361 -6.41 -2.53 41.39
N VAL A 362 -7.57 -3.18 41.44
CA VAL A 362 -8.68 -2.86 40.54
C VAL A 362 -9.71 -2.07 41.35
N ALA A 363 -9.70 -0.75 41.21
CA ALA A 363 -10.30 0.05 42.27
C ALA A 363 -11.80 0.22 42.24
N ASP A 364 -12.27 1.29 41.58
CA ASP A 364 -13.62 1.64 41.16
C ASP A 364 -13.54 3.09 40.67
N TYR A 365 -14.49 3.54 39.86
CA TYR A 365 -14.61 4.99 39.66
C TYR A 365 -16.04 5.47 39.59
N SER A 366 -17.04 4.66 39.96
CA SER A 366 -18.44 5.06 39.88
C SER A 366 -19.08 5.23 41.24
N VAL A 367 -18.43 4.79 42.31
CA VAL A 367 -18.97 4.94 43.67
C VAL A 367 -18.52 6.27 44.26
N LEU A 368 -17.93 7.13 43.42
CA LEU A 368 -17.62 8.49 43.80
C LEU A 368 -17.98 9.44 42.67
N TYR A 369 -18.58 8.91 41.61
CA TYR A 369 -19.09 9.77 40.55
C TYR A 369 -20.60 9.67 40.38
N ASN A 370 -21.15 8.45 40.33
CA ASN A 370 -22.61 8.32 40.23
C ASN A 370 -23.28 8.66 41.54
N SER A 371 -22.59 8.47 42.66
CA SER A 371 -23.04 9.01 43.92
C SER A 371 -22.67 10.48 44.00
N ALA A 372 -23.54 11.28 44.59
CA ALA A 372 -23.36 12.72 44.58
C ALA A 372 -23.63 13.35 45.95
N SER A 373 -22.59 13.47 46.76
CA SER A 373 -22.64 14.24 47.99
C SER A 373 -21.37 15.07 48.05
N PHE A 374 -20.40 14.69 47.23
CA PHE A 374 -19.17 15.44 47.05
C PHE A 374 -19.50 16.64 46.18
N SER A 375 -19.37 17.85 46.74
CA SER A 375 -19.79 19.06 46.06
C SER A 375 -18.94 19.35 44.83
N THR A 376 -17.67 19.01 44.89
CA THR A 376 -16.74 19.24 43.80
C THR A 376 -16.37 17.92 43.15
N PHE A 377 -16.97 17.65 41.99
CA PHE A 377 -16.48 16.62 41.08
C PHE A 377 -16.36 17.28 39.71
N LYS A 378 -15.23 17.93 39.46
CA LYS A 378 -14.95 18.51 38.15
C LYS A 378 -13.55 18.13 37.73
N CYS A 379 -13.45 17.54 36.55
CA CYS A 379 -12.19 17.38 35.85
C CYS A 379 -12.42 17.31 34.34
N TYR A 380 -11.33 17.32 33.60
CA TYR A 380 -11.32 17.73 32.20
C TYR A 380 -10.78 16.62 31.31
N GLY A 381 -11.10 16.73 30.02
CA GLY A 381 -10.64 15.75 29.07
C GLY A 381 -11.41 14.44 29.16
N VAL A 382 -10.75 13.42 29.71
CA VAL A 382 -11.39 12.12 29.84
C VAL A 382 -12.48 12.18 30.91
N SER A 383 -13.70 11.84 30.50
CA SER A 383 -14.91 11.78 31.32
C SER A 383 -14.79 10.62 32.31
N PRO A 384 -15.33 10.76 33.53
CA PRO A 384 -15.11 9.73 34.56
C PRO A 384 -15.86 8.42 34.34
N THR A 385 -16.64 8.32 33.27
CA THR A 385 -17.23 7.06 32.87
C THR A 385 -16.25 6.16 32.12
N LYS A 386 -15.14 6.73 31.64
CA LYS A 386 -14.13 5.99 30.90
C LYS A 386 -12.82 5.81 31.67
N LEU A 387 -12.88 5.74 33.00
CA LEU A 387 -11.69 5.38 33.76
C LEU A 387 -11.73 3.92 34.18
N ASN A 388 -12.91 3.30 34.12
CA ASN A 388 -13.04 1.91 34.51
C ASN A 388 -12.58 0.95 33.41
N ASP A 389 -12.54 1.42 32.17
CA ASP A 389 -12.13 0.59 31.04
C ASP A 389 -10.66 0.80 30.71
N LEU A 390 -10.03 1.71 31.44
CA LEU A 390 -8.62 2.02 31.23
C LEU A 390 -7.86 2.09 32.54
N CYS A 391 -6.57 2.38 32.46
CA CYS A 391 -5.72 2.48 33.65
C CYS A 391 -4.26 2.74 33.28
N PHE A 392 -3.58 3.54 34.09
CA PHE A 392 -2.18 3.86 33.85
C PHE A 392 -1.26 2.97 34.68
N THR A 393 -0.27 3.59 35.32
CA THR A 393 0.70 2.87 36.14
C THR A 393 0.56 3.12 37.63
N ASN A 394 0.26 4.37 38.01
CA ASN A 394 0.14 4.68 39.43
C ASN A 394 -0.97 5.70 39.62
N VAL A 395 -1.46 5.79 40.87
CA VAL A 395 -2.46 6.79 41.26
C VAL A 395 -1.91 7.53 42.47
N TYR A 396 -1.94 8.86 42.42
CA TYR A 396 -1.45 9.70 43.50
C TYR A 396 -2.59 10.55 44.04
N ALA A 397 -2.53 10.84 45.34
CA ALA A 397 -3.59 11.58 46.02
C ALA A 397 -2.99 12.71 46.85
N ASP A 398 -3.33 13.94 46.49
CA ASP A 398 -3.04 15.13 47.28
C ASP A 398 -4.22 15.43 48.19
N SER A 399 -3.99 16.24 49.22
CA SER A 399 -5.05 16.67 50.10
C SER A 399 -4.73 18.03 50.72
N PHE A 400 -5.64 18.97 50.56
CA PHE A 400 -5.57 20.26 51.21
C PHE A 400 -6.97 20.82 51.37
N VAL A 401 -7.13 21.73 52.34
CA VAL A 401 -8.44 22.28 52.71
C VAL A 401 -8.40 23.79 52.51
N ILE A 402 -9.13 24.28 51.51
CA ILE A 402 -9.17 25.69 51.16
C ILE A 402 -10.62 26.19 51.31
N ARG A 403 -10.78 27.44 51.70
CA ARG A 403 -12.10 27.99 51.77
C ARG A 403 -12.58 27.87 50.32
N GLY A 404 -13.80 28.29 50.07
CA GLY A 404 -14.40 28.24 48.74
C GLY A 404 -14.09 29.37 47.78
N ASP A 405 -13.60 30.50 48.30
CA ASP A 405 -13.28 31.64 47.46
C ASP A 405 -11.97 31.46 46.69
N GLU A 406 -11.08 30.60 47.17
CA GLU A 406 -9.84 30.28 46.49
C GLU A 406 -9.84 28.88 45.91
N VAL A 407 -10.92 28.12 46.13
CA VAL A 407 -11.09 26.81 45.50
C VAL A 407 -11.29 26.97 43.99
N ARG A 408 -11.91 28.08 43.57
CA ARG A 408 -12.29 28.28 42.17
C ARG A 408 -11.10 28.56 41.26
N GLN A 409 -9.92 28.85 41.81
CA GLN A 409 -8.77 29.12 40.95
C GLN A 409 -8.15 27.85 40.37
N ILE A 410 -8.55 26.65 40.85
CA ILE A 410 -8.07 25.40 40.31
C ILE A 410 -8.89 25.03 39.09
N ALA A 411 -8.36 25.40 37.92
CA ALA A 411 -8.84 25.03 36.60
C ALA A 411 -7.67 25.26 35.67
N PRO A 412 -6.84 24.21 35.38
CA PRO A 412 -5.49 24.40 34.81
C PRO A 412 -5.39 25.24 33.53
N GLY A 413 -4.64 26.32 33.64
CA GLY A 413 -4.66 27.42 32.69
C GLY A 413 -4.65 28.72 33.49
N GLN A 414 -5.00 28.61 34.76
CA GLN A 414 -4.88 29.71 35.72
C GLN A 414 -4.24 29.18 37.00
N THR A 415 -2.96 29.48 37.18
CA THR A 415 -2.24 29.11 38.38
C THR A 415 -2.63 30.06 39.50
N GLY A 416 -2.87 29.51 40.68
CA GLY A 416 -3.35 30.30 41.80
C GLY A 416 -2.24 30.88 42.63
N LYS A 417 -2.65 31.71 43.59
CA LYS A 417 -1.72 32.14 44.64
C LYS A 417 -1.36 30.97 45.55
N ILE A 418 -2.27 30.00 45.69
CA ILE A 418 -1.98 28.77 46.39
C ILE A 418 -1.24 27.80 45.48
N ALA A 419 -1.25 28.07 44.17
CA ALA A 419 -0.67 27.10 43.23
C ALA A 419 0.58 27.63 42.54
N ASP A 420 0.95 28.89 42.75
CA ASP A 420 2.22 29.35 42.21
C ASP A 420 3.36 29.21 43.20
N TYR A 421 3.06 29.28 44.50
CA TYR A 421 4.09 29.26 45.53
C TYR A 421 3.98 28.09 46.50
N ASN A 422 2.94 27.27 46.40
CA ASN A 422 2.86 26.06 47.21
C ASN A 422 2.81 24.79 46.37
N TYR A 423 1.84 24.64 45.48
CA TYR A 423 1.63 23.40 44.73
C TYR A 423 1.71 23.68 43.23
N LYS A 424 2.81 23.24 42.62
CA LYS A 424 3.12 23.50 41.21
C LYS A 424 2.10 22.89 40.25
N LEU A 425 1.39 23.75 39.53
CA LEU A 425 0.41 23.33 38.54
C LEU A 425 0.99 23.50 37.14
N PRO A 426 1.27 22.43 36.41
CA PRO A 426 1.82 22.56 35.06
C PRO A 426 0.77 22.99 34.05
N ASP A 427 1.19 23.07 32.79
CA ASP A 427 0.32 23.45 31.68
C ASP A 427 -0.65 22.34 31.28
N ASP A 428 -0.38 21.10 31.69
CA ASP A 428 -1.29 19.99 31.47
C ASP A 428 -2.23 19.92 32.67
N PHE A 429 -3.42 19.34 32.45
CA PHE A 429 -4.40 19.27 33.52
C PHE A 429 -4.02 18.19 34.52
N THR A 430 -4.00 18.57 35.80
CA THR A 430 -3.85 17.62 36.89
C THR A 430 -5.17 16.86 36.98
N GLY A 431 -5.08 15.54 37.08
CA GLY A 431 -6.13 14.57 36.74
C GLY A 431 -7.56 14.86 37.17
N CYS A 432 -7.83 14.90 38.48
CA CYS A 432 -9.12 15.36 38.99
C CYS A 432 -8.92 16.04 40.33
N VAL A 433 -9.80 16.99 40.64
CA VAL A 433 -9.85 17.64 41.93
C VAL A 433 -11.22 17.36 42.55
N ILE A 434 -11.20 16.80 43.77
CA ILE A 434 -12.40 16.31 44.44
C ILE A 434 -12.49 17.01 45.78
N ALA A 435 -13.64 17.63 46.06
CA ALA A 435 -13.85 18.29 47.34
C ALA A 435 -15.30 18.17 47.76
N TRP A 436 -15.52 18.18 49.06
CA TRP A 436 -16.85 18.10 49.64
C TRP A 436 -16.88 18.94 50.91
N ASN A 437 -18.04 19.49 51.21
CA ASN A 437 -18.19 20.29 52.43
C ASN A 437 -18.10 19.39 53.65
N SER A 438 -17.58 19.96 54.74
CA SER A 438 -17.28 19.17 55.92
C SER A 438 -17.38 20.05 57.16
N ASN A 439 -17.92 19.48 58.22
CA ASN A 439 -18.09 20.21 59.48
C ASN A 439 -17.86 19.31 60.69
N ASN A 440 -17.38 18.10 60.45
CA ASN A 440 -17.12 17.15 61.52
C ASN A 440 -15.81 17.43 62.24
N LEU A 441 -14.70 17.25 61.54
CA LEU A 441 -13.38 17.49 62.12
C LEU A 441 -12.64 18.57 61.35
N ASP A 442 -13.17 19.78 61.37
CA ASP A 442 -12.57 20.91 60.67
C ASP A 442 -13.31 22.22 60.97
N SER A 443 -14.63 22.15 60.97
CA SER A 443 -15.46 23.32 61.24
C SER A 443 -15.62 23.55 62.73
N TYR A 449 -8.11 30.10 62.17
CA TYR A 449 -7.93 28.66 62.15
C TYR A 449 -6.46 28.35 61.83
N ASN A 450 -6.09 27.07 61.86
CA ASN A 450 -4.70 26.65 62.00
C ASN A 450 -4.20 25.89 60.78
N TYR A 451 -4.52 26.38 59.58
CA TYR A 451 -3.94 25.89 58.34
C TYR A 451 -3.54 27.08 57.50
N LEU A 452 -2.25 27.23 57.25
CA LEU A 452 -1.74 28.35 56.46
C LEU A 452 -1.35 27.89 55.05
N TYR A 453 -0.87 28.83 54.25
CA TYR A 453 -0.44 28.56 52.89
C TYR A 453 0.34 29.74 52.33
N ARG A 454 1.19 29.48 51.33
CA ARG A 454 2.00 30.52 50.72
C ARG A 454 3.20 30.89 51.60
N PRO A 491 2.01 36.20 50.74
CA PRO A 491 2.92 35.79 51.83
C PRO A 491 2.19 34.96 52.89
N LEU A 492 2.92 34.58 53.94
CA LEU A 492 2.45 33.66 54.96
C LEU A 492 1.29 34.24 55.77
N GLN A 493 0.11 33.63 55.64
CA GLN A 493 -1.09 34.12 56.29
C GLN A 493 -1.95 32.94 56.71
N SER A 494 -2.76 33.14 57.74
CA SER A 494 -3.64 32.09 58.25
C SER A 494 -5.04 32.21 57.65
N TYR A 495 -5.83 31.15 57.81
CA TYR A 495 -7.19 31.14 57.30
C TYR A 495 -8.21 31.33 58.42
N GLY A 496 -9.37 31.87 58.06
CA GLY A 496 -10.43 32.11 59.02
C GLY A 496 -11.53 31.07 58.96
N PHE A 497 -11.62 30.25 60.00
CA PHE A 497 -12.63 29.21 60.06
C PHE A 497 -13.49 29.33 61.32
N GLN A 498 -14.80 29.20 61.16
CA GLN A 498 -15.72 29.30 62.28
C GLN A 498 -17.00 28.51 62.01
N PRO A 499 -17.96 28.59 62.93
CA PRO A 499 -19.22 27.86 62.79
C PRO A 499 -20.34 28.73 62.21
N THR A 500 -20.13 30.03 62.18
CA THR A 500 -21.10 30.98 61.66
C THR A 500 -20.53 31.79 60.51
N ASN A 501 -19.85 31.10 59.59
CA ASN A 501 -19.25 31.76 58.43
C ASN A 501 -20.07 31.55 57.17
N GLY A 502 -20.52 32.65 56.58
CA GLY A 502 -21.32 32.59 55.36
C GLY A 502 -20.70 31.68 54.32
N VAL A 503 -21.49 31.37 53.28
CA VAL A 503 -21.02 30.50 52.21
C VAL A 503 -19.72 31.03 51.60
N GLY A 504 -19.23 30.32 50.58
CA GLY A 504 -18.01 30.72 49.91
C GLY A 504 -16.78 30.52 50.77
N TYR A 505 -16.98 30.47 52.08
CA TYR A 505 -15.89 30.28 53.03
C TYR A 505 -15.92 28.88 53.63
N GLN A 506 -16.88 28.07 53.18
CA GLN A 506 -17.02 26.70 53.68
C GLN A 506 -15.67 26.00 53.73
N PRO A 507 -15.53 25.03 54.64
CA PRO A 507 -14.27 24.30 54.77
C PRO A 507 -14.29 22.98 53.98
N TYR A 508 -14.25 23.08 52.65
CA TYR A 508 -14.26 21.87 51.83
C TYR A 508 -13.04 21.00 52.12
N ARG A 509 -12.92 19.91 51.37
CA ARG A 509 -11.80 18.99 51.54
C ARG A 509 -11.23 18.58 50.18
N VAL A 510 -10.31 19.39 49.64
CA VAL A 510 -9.86 19.23 48.26
C VAL A 510 -8.86 18.08 48.20
N VAL A 511 -9.28 17.00 47.56
CA VAL A 511 -8.41 15.85 47.28
C VAL A 511 -8.14 15.81 45.78
N VAL A 512 -6.86 15.85 45.41
CA VAL A 512 -6.44 15.89 44.02
C VAL A 512 -5.96 14.50 43.61
N LEU A 513 -6.51 14.01 42.50
CA LEU A 513 -6.14 12.71 41.97
C LEU A 513 -5.33 12.90 40.70
N SER A 514 -4.19 12.22 40.61
CA SER A 514 -3.37 12.28 39.42
C SER A 514 -2.75 10.91 39.19
N PHE A 515 -2.37 10.62 37.95
CA PHE A 515 -1.80 9.32 37.63
C PHE A 515 -0.35 9.38 37.17
N GLU A 516 0.25 8.21 37.00
CA GLU A 516 1.65 8.11 36.57
C GLU A 516 1.76 8.07 35.06
N LEU A 517 2.97 8.30 34.56
CA LEU A 517 3.23 8.29 33.12
C LEU A 517 2.77 6.99 32.48
N LEU A 518 2.34 6.04 33.31
CA LEU A 518 1.87 4.75 32.84
C LEU A 518 2.83 4.15 31.82
N HIS A 519 4.04 4.69 31.76
CA HIS A 519 5.04 4.19 30.81
C HIS A 519 5.13 2.67 30.85
N ALA A 520 5.80 2.14 31.86
CA ALA A 520 5.95 0.70 32.01
C ALA A 520 4.58 0.03 32.12
N PRO A 521 4.59 -1.33 32.40
CA PRO A 521 3.24 -1.93 32.50
C PRO A 521 2.40 -1.24 33.56
N ALA A 522 1.14 -0.95 33.23
CA ALA A 522 0.24 -0.30 34.17
C ALA A 522 0.08 -1.18 35.40
N THR A 523 -0.83 -0.81 36.30
CA THR A 523 -1.05 -1.59 37.51
C THR A 523 -2.45 -1.45 38.08
N VAL A 524 -3.13 -0.33 37.76
CA VAL A 524 -4.36 0.05 38.43
C VAL A 524 -5.46 0.33 37.42
N CYS A 525 -6.32 -0.66 37.18
CA CYS A 525 -7.48 -0.50 36.33
C CYS A 525 -8.75 -0.44 37.17
N GLY A 526 -9.88 -0.31 36.50
CA GLY A 526 -11.14 -0.25 37.20
C GLY A 526 -11.65 -1.65 37.46
N PRO A 527 -12.88 -1.77 37.89
CA PRO A 527 -13.49 -3.10 37.98
C PRO A 527 -13.74 -3.65 36.59
N LYS A 528 -13.31 -4.90 36.38
CA LYS A 528 -13.55 -5.60 35.14
C LYS A 528 -14.99 -6.06 35.08
N LYS A 529 -15.39 -6.71 33.98
CA LYS A 529 -16.81 -7.01 33.84
C LYS A 529 -17.07 -8.45 33.43
N SER A 530 -18.12 -9.05 34.02
CA SER A 530 -18.54 -10.41 33.76
C SER A 530 -20.05 -10.46 33.53
N THR A 531 -20.50 -11.61 33.00
CA THR A 531 -21.92 -11.91 32.82
C THR A 531 -22.23 -13.34 33.25
N ASN A 532 -23.39 -13.84 32.86
CA ASN A 532 -23.81 -15.21 33.14
C ASN A 532 -23.63 -16.03 31.88
N LEU A 533 -22.94 -17.17 31.99
CA LEU A 533 -22.61 -17.93 30.81
C LEU A 533 -23.78 -18.81 30.41
N VAL A 534 -23.89 -19.12 29.12
CA VAL A 534 -24.85 -20.10 28.64
C VAL A 534 -24.05 -21.28 28.13
N LYS A 535 -24.72 -22.35 27.76
CA LYS A 535 -24.04 -23.48 27.15
C LYS A 535 -24.91 -24.01 26.02
N ASN A 536 -24.27 -24.73 25.10
CA ASN A 536 -24.89 -25.52 24.04
C ASN A 536 -25.74 -24.69 23.08
N LYS A 537 -25.33 -23.46 22.80
CA LYS A 537 -25.94 -22.67 21.73
C LYS A 537 -24.89 -21.69 21.22
N CYS A 538 -25.02 -21.27 19.97
CA CYS A 538 -23.97 -20.47 19.35
C CYS A 538 -23.95 -19.07 19.97
N VAL A 539 -22.88 -18.79 20.71
CA VAL A 539 -22.76 -17.61 21.52
C VAL A 539 -21.50 -16.88 21.10
N ASN A 540 -21.43 -15.60 21.44
CA ASN A 540 -20.27 -14.75 21.15
C ASN A 540 -19.51 -14.50 22.45
N PHE A 541 -18.40 -15.20 22.63
CA PHE A 541 -17.79 -15.29 23.95
C PHE A 541 -16.57 -14.38 24.07
N ASN A 542 -16.14 -14.19 25.32
CA ASN A 542 -14.88 -13.52 25.63
C ASN A 542 -14.37 -14.07 26.96
N PHE A 543 -13.46 -15.03 26.88
CA PHE A 543 -12.80 -15.60 28.05
C PHE A 543 -11.46 -14.94 28.34
N ASN A 544 -11.43 -13.94 29.22
CA ASN A 544 -10.35 -13.01 29.58
C ASN A 544 -9.42 -12.65 28.44
N GLY A 545 -9.97 -12.38 27.26
CA GLY A 545 -9.19 -11.95 26.12
C GLY A 545 -9.52 -12.63 24.81
N LEU A 546 -9.99 -13.87 24.86
CA LEU A 546 -10.26 -14.64 23.65
C LEU A 546 -11.64 -14.30 23.10
N THR A 547 -11.68 -13.45 22.07
CA THR A 547 -12.94 -13.03 21.48
C THR A 547 -13.21 -13.83 20.21
N GLY A 548 -14.12 -14.79 20.30
CA GLY A 548 -14.55 -15.56 19.15
C GLY A 548 -16.01 -15.95 19.23
N THR A 549 -16.47 -16.83 18.34
CA THR A 549 -17.83 -17.33 18.36
C THR A 549 -17.81 -18.85 18.27
N GLY A 550 -18.78 -19.47 18.90
CA GLY A 550 -18.88 -20.92 18.92
C GLY A 550 -19.88 -21.34 19.97
N VAL A 551 -20.03 -22.65 20.13
CA VAL A 551 -20.86 -23.22 21.19
C VAL A 551 -19.93 -23.66 22.30
N LEU A 552 -20.43 -23.61 23.53
CA LEU A 552 -19.64 -23.93 24.71
C LEU A 552 -20.24 -25.15 25.38
N THR A 553 -19.59 -26.30 25.23
CA THR A 553 -20.04 -27.50 25.88
C THR A 553 -19.08 -27.87 26.99
N GLU A 554 -19.55 -28.70 27.92
CA GLU A 554 -18.71 -29.11 29.03
C GLU A 554 -17.72 -30.15 28.56
N SER A 555 -16.47 -30.01 28.99
CA SER A 555 -15.39 -30.87 28.52
C SER A 555 -14.98 -31.84 29.61
N ASN A 556 -14.51 -33.00 29.18
CA ASN A 556 -13.84 -33.94 30.08
C ASN A 556 -12.41 -34.05 29.55
N LYS A 557 -11.61 -33.05 29.90
CA LYS A 557 -10.18 -33.02 29.64
C LYS A 557 -9.53 -32.49 30.89
N LYS A 558 -8.20 -32.50 30.92
CA LYS A 558 -7.49 -32.01 32.10
C LYS A 558 -6.32 -31.11 31.74
N PHE A 559 -6.32 -29.90 32.28
CA PHE A 559 -5.22 -28.98 32.00
C PHE A 559 -4.17 -29.22 33.06
N LEU A 560 -3.07 -28.50 33.01
CA LEU A 560 -2.20 -28.34 34.16
C LEU A 560 -2.70 -27.14 34.93
N PRO A 561 -2.49 -27.08 36.24
CA PRO A 561 -3.13 -26.04 37.06
C PRO A 561 -2.69 -24.60 36.77
N PHE A 562 -1.77 -24.36 35.85
CA PHE A 562 -1.39 -23.01 35.48
C PHE A 562 -1.86 -22.62 34.09
N GLN A 563 -2.32 -23.57 33.27
CA GLN A 563 -2.67 -23.30 31.90
C GLN A 563 -4.09 -22.74 31.79
N GLN A 564 -4.31 -21.93 30.76
CA GLN A 564 -5.58 -21.23 30.58
C GLN A 564 -6.42 -21.77 29.43
N PHE A 565 -5.87 -21.89 28.23
CA PHE A 565 -6.66 -22.46 27.14
C PHE A 565 -5.82 -23.47 26.39
N GLY A 566 -6.50 -24.33 25.63
CA GLY A 566 -5.85 -25.31 24.80
C GLY A 566 -5.91 -24.92 23.34
N ARG A 567 -5.11 -25.62 22.54
CA ARG A 567 -5.00 -25.31 21.13
C ARG A 567 -4.82 -26.59 20.35
N ASP A 568 -5.48 -26.69 19.21
CA ASP A 568 -5.38 -27.87 18.38
C ASP A 568 -4.11 -27.80 17.53
N ILE A 569 -3.97 -28.76 16.62
CA ILE A 569 -2.96 -28.64 15.58
C ILE A 569 -3.41 -27.52 14.63
N ALA A 570 -2.43 -26.89 13.99
CA ALA A 570 -2.57 -25.67 13.18
C ALA A 570 -3.14 -24.49 13.95
N ASP A 571 -2.96 -24.48 15.28
CA ASP A 571 -3.21 -23.33 16.17
C ASP A 571 -4.65 -22.84 16.13
N THR A 572 -5.59 -23.68 16.57
CA THR A 572 -6.95 -23.20 16.80
C THR A 572 -7.37 -23.51 18.23
N THR A 573 -7.94 -22.54 18.93
CA THR A 573 -8.35 -22.74 20.32
C THR A 573 -9.59 -23.63 20.39
N ASP A 574 -9.45 -24.81 20.99
CA ASP A 574 -10.56 -25.74 21.13
C ASP A 574 -11.15 -25.75 22.54
N ALA A 575 -10.31 -25.66 23.56
CA ALA A 575 -10.75 -25.73 24.94
C ALA A 575 -10.24 -24.51 25.70
N VAL A 576 -11.10 -23.93 26.53
CA VAL A 576 -10.71 -22.84 27.42
C VAL A 576 -11.10 -23.20 28.84
N ARG A 577 -10.58 -22.43 29.79
CA ARG A 577 -10.93 -22.63 31.19
C ARG A 577 -11.78 -21.45 31.66
N ASP A 578 -12.89 -21.77 32.31
CA ASP A 578 -13.78 -20.76 32.85
C ASP A 578 -13.09 -20.05 34.02
N PRO A 579 -12.81 -18.75 33.92
CA PRO A 579 -11.94 -18.11 34.91
C PRO A 579 -12.57 -17.88 36.28
N GLN A 580 -13.87 -18.12 36.45
CA GLN A 580 -14.51 -18.05 37.75
C GLN A 580 -14.69 -19.42 38.38
N THR A 581 -14.91 -20.44 37.55
CA THR A 581 -15.28 -21.75 38.08
C THR A 581 -14.21 -22.80 37.83
N LEU A 582 -13.13 -22.42 37.14
CA LEU A 582 -11.96 -23.27 36.88
C LEU A 582 -12.36 -24.53 36.10
N GLU A 583 -13.25 -24.36 35.13
CA GLU A 583 -13.86 -25.47 34.44
C GLU A 583 -13.53 -25.41 32.95
N ILE A 584 -13.24 -26.57 32.39
CA ILE A 584 -12.77 -26.71 31.01
C ILE A 584 -13.98 -26.81 30.10
N LEU A 585 -14.04 -25.92 29.11
CA LEU A 585 -15.15 -25.87 28.16
C LEU A 585 -14.63 -25.99 26.74
N ASP A 586 -15.20 -26.93 26.00
CA ASP A 586 -14.83 -27.07 24.60
C ASP A 586 -15.49 -25.98 23.77
N ILE A 587 -14.85 -25.66 22.65
CA ILE A 587 -15.36 -24.68 21.70
C ILE A 587 -15.39 -25.34 20.33
N THR A 588 -16.59 -25.62 19.83
CA THR A 588 -16.71 -26.09 18.47
C THR A 588 -17.51 -25.04 17.70
N PRO A 589 -17.16 -24.79 16.44
CA PRO A 589 -17.86 -23.77 15.67
C PRO A 589 -19.29 -24.19 15.36
N CYS A 590 -20.22 -23.25 15.53
CA CYS A 590 -21.63 -23.50 15.26
C CYS A 590 -21.80 -23.59 13.77
N SER A 591 -22.66 -24.52 13.33
CA SER A 591 -22.63 -25.16 12.01
C SER A 591 -22.68 -24.22 10.82
N PHE A 592 -21.86 -24.51 9.83
CA PHE A 592 -21.87 -23.83 8.54
C PHE A 592 -21.92 -24.87 7.45
N GLY A 593 -22.07 -24.41 6.23
CA GLY A 593 -22.09 -25.29 5.08
C GLY A 593 -22.45 -24.53 3.84
N GLY A 594 -22.67 -25.26 2.75
CA GLY A 594 -23.17 -24.69 1.52
C GLY A 594 -24.58 -25.20 1.28
N VAL A 595 -25.30 -24.52 0.40
CA VAL A 595 -26.61 -24.98 -0.03
C VAL A 595 -26.55 -25.17 -1.54
N SER A 596 -27.35 -26.11 -2.05
CA SER A 596 -27.36 -26.44 -3.47
C SER A 596 -28.78 -26.75 -3.90
N VAL A 597 -29.10 -26.42 -5.14
CA VAL A 597 -30.44 -26.60 -5.66
C VAL A 597 -30.44 -27.61 -6.80
N ILE A 598 -31.45 -28.46 -6.83
CA ILE A 598 -31.54 -29.57 -7.77
C ILE A 598 -32.57 -29.21 -8.81
N THR A 599 -32.14 -28.77 -9.96
CA THR A 599 -33.10 -28.36 -10.97
C THR A 599 -33.28 -29.45 -11.99
N PRO A 600 -34.50 -29.80 -12.37
CA PRO A 600 -34.72 -30.56 -13.60
C PRO A 600 -34.72 -29.73 -14.88
N GLY A 601 -34.32 -28.47 -14.81
CA GLY A 601 -34.29 -27.58 -15.96
C GLY A 601 -35.61 -26.88 -16.16
N THR A 602 -35.53 -25.64 -16.62
CA THR A 602 -36.72 -24.84 -16.85
C THR A 602 -37.07 -24.87 -18.33
N ASN A 603 -37.42 -26.05 -18.81
CA ASN A 603 -38.32 -26.25 -19.94
C ASN A 603 -39.12 -27.47 -19.56
N THR A 604 -38.94 -27.90 -18.31
CA THR A 604 -39.52 -29.13 -17.82
C THR A 604 -40.40 -28.84 -16.61
N SER A 605 -39.92 -28.00 -15.70
CA SER A 605 -40.65 -27.72 -14.47
C SER A 605 -40.08 -26.46 -13.84
N ASN A 606 -40.72 -26.03 -12.76
CA ASN A 606 -40.19 -25.01 -11.87
C ASN A 606 -40.04 -25.56 -10.47
N GLN A 607 -39.97 -26.88 -10.34
CA GLN A 607 -39.79 -27.50 -9.03
C GLN A 607 -38.31 -27.61 -8.72
N VAL A 608 -38.00 -27.58 -7.42
CA VAL A 608 -36.64 -27.48 -6.92
C VAL A 608 -36.57 -28.29 -5.64
N ALA A 609 -35.49 -29.06 -5.48
CA ALA A 609 -35.07 -29.58 -4.19
C ALA A 609 -33.84 -28.82 -3.74
N VAL A 610 -33.59 -28.81 -2.44
CA VAL A 610 -32.48 -28.07 -1.85
C VAL A 610 -31.68 -29.01 -0.98
N LEU A 611 -30.36 -29.00 -1.13
CA LEU A 611 -29.47 -29.81 -0.32
C LEU A 611 -28.62 -28.91 0.56
N TYR A 612 -28.79 -29.05 1.87
CA TYR A 612 -27.98 -28.32 2.84
C TYR A 612 -26.81 -29.20 3.22
N GLN A 613 -25.62 -28.84 2.77
CA GLN A 613 -24.49 -29.74 2.85
C GLN A 613 -23.98 -29.91 4.27
N ASP A 614 -23.68 -31.17 4.60
CA ASP A 614 -23.26 -31.77 5.86
C ASP A 614 -23.81 -31.09 7.12
N VAL A 615 -25.13 -31.05 7.23
CA VAL A 615 -25.78 -30.42 8.37
C VAL A 615 -27.06 -31.16 8.75
N ASN A 616 -27.37 -31.17 10.04
CA ASN A 616 -28.58 -31.84 10.53
C ASN A 616 -29.81 -30.97 10.40
N CYS A 617 -30.81 -31.45 9.67
CA CYS A 617 -32.05 -30.72 9.48
C CYS A 617 -32.67 -30.30 10.81
N THR A 618 -32.18 -30.90 11.89
CA THR A 618 -32.68 -30.59 13.22
C THR A 618 -32.44 -29.12 13.57
N GLU A 619 -31.39 -28.55 13.01
CA GLU A 619 -31.06 -27.15 13.26
C GLU A 619 -30.96 -26.37 11.95
N VAL A 620 -31.94 -25.49 11.73
CA VAL A 620 -31.97 -24.68 10.52
C VAL A 620 -31.00 -23.50 10.62
N SER A 640 -41.24 -30.76 -0.04
CA SER A 640 -41.80 -32.07 0.29
C SER A 640 -41.23 -32.59 1.60
N ASN A 641 -40.73 -33.82 1.56
CA ASN A 641 -40.25 -34.50 2.75
C ASN A 641 -38.87 -34.01 3.15
N VAL A 642 -38.35 -34.55 4.25
CA VAL A 642 -37.01 -34.22 4.72
C VAL A 642 -36.23 -35.52 4.83
N PHE A 643 -35.13 -35.61 4.09
CA PHE A 643 -34.37 -36.85 3.97
C PHE A 643 -32.93 -36.57 4.37
N GLN A 644 -32.41 -37.36 5.29
CA GLN A 644 -31.05 -37.21 5.80
C GLN A 644 -30.10 -38.13 5.05
N THR A 645 -29.01 -37.54 4.57
CA THR A 645 -28.04 -38.21 3.72
C THR A 645 -26.66 -38.00 4.32
N ARG A 646 -25.69 -38.80 3.87
CA ARG A 646 -24.29 -38.55 4.15
C ARG A 646 -23.82 -37.21 3.61
N ALA A 647 -24.41 -36.74 2.52
CA ALA A 647 -24.02 -35.48 1.91
C ALA A 647 -24.71 -34.28 2.53
N GLY A 648 -25.34 -34.42 3.69
CA GLY A 648 -26.17 -33.36 4.24
C GLY A 648 -27.60 -33.64 3.90
N CYS A 649 -28.56 -33.03 4.56
CA CYS A 649 -29.91 -33.51 4.36
C CYS A 649 -30.60 -32.78 3.21
N LEU A 650 -31.56 -33.47 2.61
CA LEU A 650 -32.17 -33.09 1.36
C LEU A 650 -33.64 -32.80 1.60
N ILE A 651 -34.07 -31.60 1.22
CA ILE A 651 -35.40 -31.10 1.55
C ILE A 651 -36.13 -30.80 0.26
N GLY A 652 -37.24 -31.46 0.04
CA GLY A 652 -38.04 -31.28 -1.15
C GLY A 652 -38.05 -32.44 -2.09
N ALA A 653 -37.55 -33.59 -1.68
CA ALA A 653 -37.49 -34.75 -2.54
C ALA A 653 -37.89 -35.97 -1.72
N GLU A 654 -38.67 -36.86 -2.35
CA GLU A 654 -39.21 -38.03 -1.66
C GLU A 654 -38.30 -39.22 -1.87
N HIS A 655 -38.00 -39.92 -0.78
CA HIS A 655 -37.06 -41.03 -0.80
C HIS A 655 -37.80 -42.30 -1.20
N VAL A 656 -37.75 -42.61 -2.49
CA VAL A 656 -38.33 -43.84 -3.02
C VAL A 656 -37.46 -45.01 -2.62
N ASN A 657 -37.96 -46.23 -2.84
CA ASN A 657 -37.20 -47.42 -2.51
C ASN A 657 -36.97 -48.24 -3.77
N ASN A 658 -36.55 -47.58 -4.84
CA ASN A 658 -36.17 -48.28 -6.06
C ASN A 658 -34.71 -48.05 -6.34
N SER A 659 -34.26 -48.45 -7.53
CA SER A 659 -32.91 -48.14 -7.98
C SER A 659 -32.90 -47.95 -9.48
N TYR A 660 -32.49 -46.78 -9.94
CA TYR A 660 -32.34 -46.52 -11.36
C TYR A 660 -30.92 -46.06 -11.61
N GLU A 661 -30.66 -45.65 -12.84
CA GLU A 661 -29.36 -45.09 -13.15
C GLU A 661 -29.26 -43.69 -12.58
N CYS A 662 -28.03 -43.23 -12.34
CA CYS A 662 -27.84 -41.89 -11.83
C CYS A 662 -28.11 -40.85 -12.90
N ASP A 663 -28.85 -39.82 -12.53
CA ASP A 663 -29.13 -38.76 -13.47
C ASP A 663 -28.57 -37.44 -12.96
N ILE A 664 -28.91 -37.06 -11.73
CA ILE A 664 -28.28 -35.91 -11.08
C ILE A 664 -27.64 -36.39 -9.79
N PRO A 665 -26.34 -36.27 -9.63
CA PRO A 665 -25.69 -36.88 -8.47
C PRO A 665 -25.76 -36.02 -7.22
N ILE A 666 -26.07 -36.65 -6.10
CA ILE A 666 -26.00 -36.00 -4.79
C ILE A 666 -24.70 -36.34 -4.08
N GLY A 667 -24.42 -37.61 -3.92
CA GLY A 667 -23.21 -38.04 -3.25
C GLY A 667 -23.48 -39.21 -2.36
N ALA A 668 -22.44 -39.99 -2.10
CA ALA A 668 -22.43 -41.23 -1.33
C ALA A 668 -23.41 -42.27 -1.87
N GLY A 669 -23.66 -42.29 -3.17
CA GLY A 669 -24.53 -43.28 -3.77
C GLY A 669 -25.94 -42.83 -4.05
N ILE A 670 -26.29 -41.58 -3.77
CA ILE A 670 -27.64 -41.08 -3.88
C ILE A 670 -27.75 -40.19 -5.10
N CYS A 671 -28.81 -40.40 -5.89
CA CYS A 671 -29.02 -39.60 -7.10
C CYS A 671 -30.44 -39.04 -7.13
N ALA A 672 -30.77 -38.36 -8.23
CA ALA A 672 -32.09 -37.77 -8.39
C ALA A 672 -32.33 -37.33 -9.83
N SER A 673 -33.61 -37.32 -10.21
CA SER A 673 -34.04 -36.93 -11.54
C SER A 673 -35.54 -36.64 -11.48
N TYR A 674 -36.00 -35.78 -12.37
CA TYR A 674 -37.42 -35.42 -12.41
C TYR A 674 -38.26 -36.52 -13.04
N GLN A 675 -39.06 -37.19 -12.22
CA GLN A 675 -39.92 -38.27 -12.71
C GLN A 675 -41.20 -37.73 -13.32
N GLN A 690 -44.66 -36.61 -11.07
CA GLN A 690 -44.64 -35.17 -11.22
C GLN A 690 -43.94 -34.47 -10.06
N SER A 691 -42.93 -35.13 -9.50
CA SER A 691 -42.26 -34.61 -8.32
C SER A 691 -40.75 -34.76 -8.47
N ILE A 692 -40.00 -34.69 -7.38
CA ILE A 692 -38.58 -34.96 -7.38
C ILE A 692 -38.34 -36.12 -6.43
N ILE A 693 -37.67 -37.16 -6.92
CA ILE A 693 -37.41 -38.35 -6.12
C ILE A 693 -35.91 -38.45 -5.87
N ALA A 694 -35.54 -39.30 -4.91
CA ALA A 694 -34.16 -39.41 -4.45
C ALA A 694 -33.87 -40.84 -4.06
N TYR A 695 -33.15 -41.56 -4.92
CA TYR A 695 -32.94 -42.99 -4.76
C TYR A 695 -31.47 -43.35 -4.53
N THR A 696 -31.18 -44.64 -4.44
CA THR A 696 -29.82 -45.15 -4.42
C THR A 696 -29.55 -45.72 -5.79
N MET A 697 -28.46 -45.31 -6.42
CA MET A 697 -28.23 -45.59 -7.84
C MET A 697 -27.94 -47.07 -8.06
N SER A 698 -28.27 -47.53 -9.26
CA SER A 698 -28.13 -48.92 -9.63
C SER A 698 -26.91 -49.10 -10.51
N LEU A 699 -26.06 -50.05 -10.14
CA LEU A 699 -24.81 -50.27 -10.87
C LEU A 699 -25.04 -51.03 -12.16
N GLY A 700 -26.10 -51.80 -12.24
CA GLY A 700 -26.44 -52.51 -13.46
C GLY A 700 -27.38 -53.64 -13.18
N ALA A 701 -27.70 -54.38 -14.25
CA ALA A 701 -28.59 -55.52 -14.18
C ALA A 701 -27.80 -56.75 -13.75
N GLU A 702 -28.31 -57.48 -12.77
CA GLU A 702 -27.58 -58.63 -12.25
C GLU A 702 -27.68 -59.80 -13.22
N ASN A 703 -26.53 -60.43 -13.46
CA ASN A 703 -26.44 -61.53 -14.41
C ASN A 703 -25.64 -62.65 -13.77
N SER A 704 -25.89 -63.88 -14.24
CA SER A 704 -25.20 -65.04 -13.70
C SER A 704 -24.91 -65.96 -14.87
N VAL A 705 -23.64 -66.10 -15.21
CA VAL A 705 -23.28 -66.87 -16.38
C VAL A 705 -23.35 -68.35 -16.05
N ALA A 706 -23.92 -69.12 -16.97
CA ALA A 706 -24.15 -70.54 -16.77
C ALA A 706 -22.83 -71.27 -16.93
N TYR A 707 -22.09 -71.39 -15.84
CA TYR A 707 -20.78 -72.00 -15.88
C TYR A 707 -20.85 -73.46 -15.47
N SER A 708 -20.15 -74.29 -16.23
CA SER A 708 -19.90 -75.67 -15.87
C SER A 708 -18.62 -76.07 -16.58
N ASN A 709 -18.03 -77.17 -16.13
CA ASN A 709 -16.71 -77.54 -16.61
C ASN A 709 -16.72 -78.21 -17.97
N ASN A 710 -17.88 -78.31 -18.62
CA ASN A 710 -17.84 -78.77 -20.01
C ASN A 710 -18.85 -78.07 -20.92
N SER A 711 -19.41 -76.93 -20.57
CA SER A 711 -20.34 -76.24 -21.45
C SER A 711 -19.61 -75.10 -22.13
N ILE A 712 -20.14 -74.66 -23.28
CA ILE A 712 -19.58 -73.54 -24.01
C ILE A 712 -20.72 -72.86 -24.75
N ALA A 713 -20.50 -71.62 -25.15
CA ALA A 713 -21.44 -70.87 -25.96
C ALA A 713 -20.71 -70.28 -27.15
N ILE A 714 -21.27 -70.47 -28.35
CA ILE A 714 -20.62 -70.05 -29.58
C ILE A 714 -21.61 -69.20 -30.37
N PRO A 715 -21.20 -68.06 -30.91
CA PRO A 715 -22.15 -67.22 -31.65
C PRO A 715 -22.48 -67.81 -33.01
N THR A 716 -23.74 -67.67 -33.40
CA THR A 716 -24.17 -68.18 -34.69
C THR A 716 -24.46 -67.07 -35.69
N ASN A 717 -24.38 -65.81 -35.30
CA ASN A 717 -24.63 -64.69 -36.18
C ASN A 717 -23.77 -63.53 -35.70
N PHE A 718 -23.95 -62.37 -36.29
CA PHE A 718 -23.17 -61.20 -35.90
C PHE A 718 -23.92 -59.94 -36.28
N THR A 719 -23.54 -58.84 -35.64
CA THR A 719 -24.03 -57.52 -36.02
C THR A 719 -22.81 -56.67 -36.33
N ILE A 720 -22.98 -55.69 -37.20
CA ILE A 720 -21.94 -54.72 -37.50
C ILE A 720 -22.41 -53.35 -37.06
N SER A 721 -21.72 -52.78 -36.08
CA SER A 721 -22.10 -51.51 -35.49
C SER A 721 -21.04 -50.46 -35.75
N VAL A 722 -21.48 -49.22 -35.92
CA VAL A 722 -20.57 -48.08 -35.97
C VAL A 722 -20.92 -47.16 -34.80
N THR A 723 -19.90 -46.57 -34.20
CA THR A 723 -20.04 -45.71 -33.04
C THR A 723 -19.08 -44.54 -33.20
N THR A 724 -19.40 -43.42 -32.56
CA THR A 724 -18.61 -42.22 -32.73
C THR A 724 -17.73 -41.95 -31.51
N GLU A 725 -16.71 -41.13 -31.73
CA GLU A 725 -15.83 -40.70 -30.66
C GLU A 725 -15.38 -39.27 -30.95
N ILE A 726 -15.56 -38.38 -30.00
CA ILE A 726 -15.25 -36.96 -30.17
C ILE A 726 -14.06 -36.61 -29.29
N LEU A 727 -13.04 -35.98 -29.88
CA LEU A 727 -11.84 -35.61 -29.17
C LEU A 727 -11.48 -34.18 -29.55
N PRO A 728 -11.17 -33.31 -28.59
CA PRO A 728 -10.76 -31.94 -28.93
C PRO A 728 -9.28 -31.87 -29.27
N VAL A 729 -8.93 -31.16 -30.33
CA VAL A 729 -7.53 -31.07 -30.74
C VAL A 729 -6.93 -29.70 -30.55
N SER A 730 -7.72 -28.63 -30.47
CA SER A 730 -7.12 -27.30 -30.41
C SER A 730 -8.09 -26.34 -29.75
N MET A 731 -7.62 -25.12 -29.56
CA MET A 731 -8.43 -24.06 -28.98
C MET A 731 -8.02 -22.73 -29.58
N THR A 732 -8.70 -21.67 -29.20
CA THR A 732 -8.54 -20.39 -29.88
C THR A 732 -7.23 -19.71 -29.48
N LYS A 733 -6.49 -19.27 -30.49
CA LYS A 733 -5.27 -18.52 -30.27
C LYS A 733 -5.62 -17.10 -29.88
N THR A 734 -5.11 -16.66 -28.74
CA THR A 734 -5.51 -15.43 -28.12
C THR A 734 -4.26 -14.70 -27.66
N SER A 735 -4.16 -13.44 -28.02
CA SER A 735 -3.07 -12.62 -27.55
C SER A 735 -3.65 -11.39 -26.89
N VAL A 736 -2.98 -10.93 -25.83
CA VAL A 736 -3.38 -9.70 -25.15
C VAL A 736 -2.23 -8.73 -25.24
N ASP A 737 -2.54 -7.44 -25.17
CA ASP A 737 -1.52 -6.41 -25.05
C ASP A 737 -1.42 -6.04 -23.58
N CYS A 738 -0.23 -6.21 -23.00
CA CYS A 738 -0.10 -6.05 -21.56
C CYS A 738 -0.16 -4.58 -21.17
N THR A 739 0.27 -3.69 -22.05
CA THR A 739 0.26 -2.28 -21.72
C THR A 739 -1.10 -1.65 -21.98
N MET A 740 -1.78 -2.06 -23.04
CA MET A 740 -3.08 -1.46 -23.34
C MET A 740 -4.17 -1.99 -22.42
N TYR A 741 -4.04 -3.21 -21.92
CA TYR A 741 -5.00 -3.70 -20.94
C TYR A 741 -4.85 -2.97 -19.63
N ILE A 742 -3.62 -2.86 -19.14
CA ILE A 742 -3.39 -2.27 -17.83
C ILE A 742 -3.54 -0.77 -17.87
N CYS A 743 -2.78 -0.11 -18.74
CA CYS A 743 -2.77 1.35 -18.80
C CYS A 743 -3.79 1.86 -19.81
N GLY A 744 -3.67 1.50 -21.07
CA GLY A 744 -4.62 2.00 -22.04
C GLY A 744 -4.28 3.39 -22.48
N ASP A 745 -3.13 3.54 -23.16
CA ASP A 745 -2.52 4.75 -23.71
C ASP A 745 -2.46 5.95 -22.78
N SER A 746 -2.33 5.71 -21.47
CA SER A 746 -1.96 6.78 -20.55
C SER A 746 -0.47 6.72 -20.27
N THR A 747 0.25 7.80 -20.61
CA THR A 747 1.71 7.80 -20.49
C THR A 747 2.13 7.93 -19.03
N GLU A 748 1.30 8.57 -18.20
CA GLU A 748 1.57 8.63 -16.77
C GLU A 748 1.50 7.24 -16.14
N CYS A 749 0.58 6.40 -16.60
CA CYS A 749 0.50 5.03 -16.12
C CYS A 749 1.66 4.20 -16.64
N SER A 750 2.07 4.44 -17.88
CA SER A 750 3.02 3.56 -18.54
C SER A 750 4.42 3.67 -17.95
N ASN A 751 4.79 4.85 -17.45
CA ASN A 751 6.10 5.01 -16.87
C ASN A 751 6.19 4.38 -15.49
N LEU A 752 5.05 4.11 -14.86
CA LEU A 752 5.06 3.38 -13.60
C LEU A 752 5.13 1.88 -13.82
N LEU A 753 4.76 1.42 -15.01
CA LEU A 753 4.78 -0.01 -15.29
C LEU A 753 6.19 -0.51 -15.51
N LEU A 754 7.14 0.38 -15.81
CA LEU A 754 8.51 -0.04 -16.00
C LEU A 754 9.23 -0.32 -14.70
N GLN A 755 8.67 0.08 -13.57
CA GLN A 755 9.24 -0.24 -12.27
C GLN A 755 9.06 -1.70 -11.91
N TYR A 756 8.21 -2.43 -12.63
CA TYR A 756 7.99 -3.85 -12.43
C TYR A 756 8.85 -4.69 -13.35
N GLY A 757 9.60 -4.06 -14.26
CA GLY A 757 10.53 -4.81 -15.06
C GLY A 757 9.85 -5.45 -16.24
N SER A 758 10.10 -6.74 -16.41
CA SER A 758 9.69 -7.47 -17.60
C SER A 758 8.48 -8.35 -17.36
N PHE A 759 7.48 -7.88 -16.62
CA PHE A 759 6.27 -8.66 -16.45
C PHE A 759 5.44 -8.69 -17.73
N CYS A 760 5.52 -7.62 -18.53
CA CYS A 760 4.73 -7.59 -19.75
C CYS A 760 5.36 -8.42 -20.85
N THR A 761 6.65 -8.71 -20.73
CA THR A 761 7.31 -9.54 -21.75
C THR A 761 7.11 -11.02 -21.45
N GLN A 762 7.06 -11.38 -20.17
CA GLN A 762 6.83 -12.77 -19.80
C GLN A 762 5.42 -13.22 -20.14
N LEU A 763 4.46 -12.31 -20.12
CA LEU A 763 3.09 -12.71 -20.43
C LEU A 763 2.88 -12.86 -21.92
N ASN A 764 3.54 -12.04 -22.73
CA ASN A 764 3.35 -12.15 -24.17
C ASN A 764 4.18 -13.29 -24.74
N ARG A 765 5.23 -13.68 -24.03
CA ARG A 765 5.99 -14.85 -24.44
C ARG A 765 5.24 -16.12 -24.11
N ALA A 766 4.54 -16.13 -22.97
CA ALA A 766 3.79 -17.29 -22.55
C ALA A 766 2.60 -17.55 -23.45
N LEU A 767 1.86 -16.50 -23.81
CA LEU A 767 0.67 -16.68 -24.64
C LEU A 767 1.02 -16.95 -26.09
N THR A 768 2.23 -16.58 -26.51
CA THR A 768 2.65 -16.90 -27.87
C THR A 768 3.06 -18.35 -27.98
N GLY A 769 3.62 -18.90 -26.90
CA GLY A 769 4.02 -20.30 -26.92
C GLY A 769 2.85 -21.26 -26.91
N ILE A 770 1.70 -20.84 -26.40
CA ILE A 770 0.53 -21.70 -26.44
C ILE A 770 -0.35 -21.37 -27.62
N ALA A 771 0.02 -20.34 -28.39
CA ALA A 771 -0.67 -20.09 -29.65
C ALA A 771 0.01 -20.86 -30.77
N VAL A 772 1.32 -21.05 -30.67
CA VAL A 772 2.07 -21.74 -31.71
C VAL A 772 1.83 -23.24 -31.61
N GLU A 773 1.66 -23.77 -30.41
CA GLU A 773 1.41 -25.21 -30.34
C GLU A 773 -0.02 -25.60 -30.62
N GLN A 774 -0.95 -24.65 -30.74
CA GLN A 774 -2.28 -25.00 -31.25
C GLN A 774 -2.23 -25.35 -32.73
N ASP A 775 -1.17 -24.95 -33.43
CA ASP A 775 -1.01 -25.32 -34.82
C ASP A 775 -0.19 -26.58 -34.98
N LYS A 776 0.64 -26.91 -33.99
CA LYS A 776 1.31 -28.20 -33.96
C LYS A 776 0.31 -29.30 -33.64
N ASN A 777 -0.74 -28.97 -32.88
CA ASN A 777 -1.77 -29.95 -32.55
C ASN A 777 -2.55 -30.36 -33.78
N THR A 778 -2.94 -29.41 -34.61
CA THR A 778 -3.74 -29.73 -35.79
C THR A 778 -2.90 -30.36 -36.88
N GLN A 779 -1.63 -29.99 -36.96
CA GLN A 779 -0.76 -30.53 -38.00
C GLN A 779 -0.45 -31.99 -37.76
N GLU A 780 -0.34 -32.39 -36.51
CA GLU A 780 0.11 -33.76 -36.27
C GLU A 780 -1.05 -34.75 -36.25
N VAL A 781 -2.27 -34.28 -36.09
CA VAL A 781 -3.42 -35.18 -36.20
C VAL A 781 -3.76 -35.42 -37.65
N PHE A 782 -3.84 -34.35 -38.45
CA PHE A 782 -4.44 -34.41 -39.76
C PHE A 782 -3.42 -34.61 -40.88
N ALA A 783 -2.26 -33.98 -40.80
CA ALA A 783 -1.30 -34.06 -41.90
C ALA A 783 -0.45 -35.32 -41.77
N GLN A 784 -1.11 -36.46 -41.96
CA GLN A 784 -0.46 -37.75 -41.88
C GLN A 784 -0.43 -38.47 -43.22
N VAL A 785 -0.80 -37.79 -44.28
CA VAL A 785 -0.74 -38.35 -45.62
C VAL A 785 0.36 -37.66 -46.39
N LYS A 786 1.06 -38.44 -47.20
CA LYS A 786 2.10 -37.90 -48.05
C LYS A 786 1.54 -37.18 -49.25
N GLN A 787 0.39 -37.61 -49.76
CA GLN A 787 -0.19 -37.01 -50.94
C GLN A 787 -1.70 -37.12 -50.89
N ILE A 788 -2.36 -36.25 -51.63
CA ILE A 788 -3.81 -36.12 -51.56
C ILE A 788 -4.44 -37.14 -52.51
N TYR A 789 -4.90 -38.25 -51.95
CA TYR A 789 -5.53 -39.27 -52.77
C TYR A 789 -6.93 -38.87 -53.14
N LYS A 790 -7.35 -39.22 -54.34
CA LYS A 790 -8.72 -39.06 -54.78
C LYS A 790 -9.36 -40.41 -54.99
N THR A 791 -10.67 -40.41 -55.01
CA THR A 791 -11.50 -41.60 -55.19
C THR A 791 -11.91 -41.72 -56.66
N PRO A 792 -12.19 -42.93 -57.12
CA PRO A 792 -12.64 -43.10 -58.50
C PRO A 792 -14.01 -42.46 -58.73
N PRO A 793 -14.31 -42.06 -59.96
CA PRO A 793 -15.61 -41.43 -60.22
C PRO A 793 -16.75 -42.42 -60.22
N ILE A 794 -16.44 -43.70 -60.41
CA ILE A 794 -17.42 -44.78 -60.32
C ILE A 794 -17.17 -45.51 -59.01
N LYS A 795 -18.21 -45.64 -58.21
CA LYS A 795 -18.10 -46.07 -56.82
C LYS A 795 -18.80 -47.41 -56.65
N ASP A 796 -18.05 -48.49 -56.86
CA ASP A 796 -18.55 -49.86 -56.70
C ASP A 796 -17.69 -50.58 -55.65
N PHE A 797 -18.06 -50.40 -54.38
CA PHE A 797 -17.27 -50.91 -53.28
C PHE A 797 -17.90 -52.15 -52.67
N GLY A 798 -18.42 -53.04 -53.50
CA GLY A 798 -19.00 -54.27 -53.01
C GLY A 798 -20.39 -54.13 -52.44
N GLY A 799 -21.06 -53.01 -52.68
CA GLY A 799 -22.36 -52.78 -52.08
C GLY A 799 -22.34 -51.90 -50.86
N PHE A 800 -21.16 -51.54 -50.37
CA PHE A 800 -21.02 -50.61 -49.26
C PHE A 800 -21.17 -49.20 -49.80
N ASN A 801 -21.91 -48.38 -49.07
CA ASN A 801 -22.18 -47.03 -49.55
C ASN A 801 -21.63 -45.93 -48.67
N PHE A 802 -20.50 -45.39 -49.08
CA PHE A 802 -19.88 -44.30 -48.32
C PHE A 802 -20.29 -42.95 -48.87
N SER A 803 -21.59 -42.69 -49.04
CA SER A 803 -22.00 -41.47 -49.72
C SER A 803 -22.16 -40.30 -48.78
N GLN A 804 -22.31 -40.54 -47.48
CA GLN A 804 -22.48 -39.47 -46.52
C GLN A 804 -21.20 -39.14 -45.78
N ILE A 805 -20.09 -39.77 -46.15
CA ILE A 805 -18.81 -39.46 -45.50
C ILE A 805 -17.81 -39.07 -46.56
N LEU A 806 -18.17 -39.17 -47.75
CA LEU A 806 -17.37 -38.68 -48.86
C LEU A 806 -17.78 -37.25 -49.22
N PRO A 807 -16.89 -36.43 -49.80
CA PRO A 807 -17.21 -35.01 -50.00
C PRO A 807 -18.28 -34.71 -51.02
N ASP A 808 -18.77 -33.47 -50.99
CA ASP A 808 -19.81 -33.03 -51.92
C ASP A 808 -19.34 -31.85 -52.75
N PRO A 809 -19.30 -32.05 -54.13
CA PRO A 809 -18.84 -30.87 -54.88
C PRO A 809 -19.96 -29.86 -55.08
N SER A 810 -20.14 -28.98 -54.12
CA SER A 810 -21.17 -27.96 -54.18
C SER A 810 -21.35 -27.31 -52.81
N LYS A 811 -21.25 -28.13 -51.75
CA LYS A 811 -21.38 -27.68 -50.36
C LYS A 811 -20.30 -26.67 -50.01
N PRO A 812 -20.00 -26.47 -48.73
CA PRO A 812 -18.95 -25.48 -48.45
C PRO A 812 -17.61 -26.17 -48.24
N SER A 813 -16.56 -25.65 -48.89
CA SER A 813 -15.23 -26.24 -48.76
C SER A 813 -15.27 -27.70 -49.17
N LYS A 814 -16.40 -28.14 -49.71
CA LYS A 814 -16.56 -29.51 -50.14
C LYS A 814 -16.54 -30.46 -48.95
N ARG A 815 -17.43 -30.20 -47.99
CA ARG A 815 -17.52 -31.03 -46.80
C ARG A 815 -18.52 -32.13 -47.05
N SER A 816 -18.40 -33.23 -46.31
CA SER A 816 -19.32 -34.33 -46.46
C SER A 816 -20.66 -33.94 -45.88
N PHE A 817 -21.60 -34.88 -45.89
CA PHE A 817 -22.90 -34.61 -45.30
C PHE A 817 -22.83 -34.61 -43.79
N ILE A 818 -22.01 -35.50 -43.22
CA ILE A 818 -21.91 -35.59 -41.77
C ILE A 818 -21.00 -34.49 -41.24
N GLU A 819 -20.06 -34.03 -42.07
CA GLU A 819 -19.23 -32.90 -41.64
C GLU A 819 -20.02 -31.60 -41.60
N ASP A 820 -21.16 -31.54 -42.29
CA ASP A 820 -22.00 -30.36 -42.19
C ASP A 820 -22.84 -30.37 -40.92
N LEU A 821 -23.28 -31.55 -40.49
CA LEU A 821 -24.10 -31.61 -39.28
C LEU A 821 -23.26 -31.29 -38.05
N LEU A 822 -21.95 -31.55 -38.12
CA LEU A 822 -21.10 -31.30 -36.96
C LEU A 822 -20.75 -29.83 -36.86
N PHE A 823 -20.81 -29.11 -37.98
CA PHE A 823 -20.41 -27.71 -37.96
C PHE A 823 -21.58 -26.80 -37.64
N ASN A 824 -22.80 -27.24 -37.94
CA ASN A 824 -23.97 -26.49 -37.55
C ASN A 824 -24.46 -26.84 -36.16
N LYS A 825 -23.73 -27.69 -35.45
CA LYS A 825 -24.11 -28.09 -34.11
C LYS A 825 -23.35 -27.33 -33.03
N VAL A 826 -22.03 -27.29 -33.16
CA VAL A 826 -21.19 -26.59 -32.19
C VAL A 826 -21.35 -25.08 -32.31
N THR A 827 -21.90 -24.64 -33.43
CA THR A 827 -22.12 -23.21 -33.67
C THR A 827 -23.03 -22.59 -32.63
N LEU A 828 -22.87 -23.01 -31.38
CA LEU A 828 -23.67 -22.49 -30.28
C LEU A 828 -22.86 -21.57 -29.39
N GLN A 853 -12.97 -10.93 -31.22
CA GLN A 853 -13.15 -9.49 -31.38
C GLN A 853 -11.87 -8.74 -31.02
N LYS A 854 -12.02 -7.47 -30.68
CA LYS A 854 -10.96 -6.68 -30.07
C LYS A 854 -11.59 -5.52 -29.31
N PHE A 855 -11.22 -5.40 -28.04
CA PHE A 855 -11.75 -4.29 -27.26
C PHE A 855 -10.66 -3.36 -26.77
N ASN A 856 -9.77 -3.91 -25.95
CA ASN A 856 -8.65 -3.22 -25.39
C ASN A 856 -7.59 -4.26 -25.05
N GLY A 857 -6.67 -4.47 -25.99
CA GLY A 857 -5.63 -5.46 -25.81
C GLY A 857 -5.96 -6.83 -26.38
N LEU A 858 -7.18 -7.28 -26.17
CA LEU A 858 -7.51 -8.67 -26.46
C LEU A 858 -7.72 -8.87 -27.95
N THR A 859 -7.19 -9.97 -28.48
CA THR A 859 -7.36 -10.32 -29.89
C THR A 859 -7.65 -11.80 -29.99
N VAL A 860 -7.95 -12.25 -31.20
CA VAL A 860 -8.01 -13.66 -31.58
C VAL A 860 -7.30 -13.80 -32.90
N LEU A 861 -6.30 -14.65 -32.96
CA LEU A 861 -5.53 -14.86 -34.17
C LEU A 861 -6.12 -15.98 -35.00
N PRO A 862 -6.00 -15.94 -36.32
CA PRO A 862 -6.58 -17.00 -37.14
C PRO A 862 -5.69 -18.23 -37.17
N PRO A 863 -6.27 -19.42 -37.25
CA PRO A 863 -5.46 -20.62 -37.40
C PRO A 863 -4.81 -20.69 -38.77
N LEU A 864 -3.72 -21.45 -38.85
CA LEU A 864 -2.95 -21.56 -40.08
C LEU A 864 -3.63 -22.44 -41.11
N LEU A 865 -4.27 -23.52 -40.70
CA LEU A 865 -5.01 -24.39 -41.60
C LEU A 865 -6.47 -24.00 -41.55
N THR A 866 -6.99 -23.48 -42.65
CA THR A 866 -8.41 -23.16 -42.75
C THR A 866 -9.28 -24.40 -42.70
N ASP A 867 -10.58 -24.22 -42.51
CA ASP A 867 -11.48 -25.35 -42.39
C ASP A 867 -11.73 -26.00 -43.74
N GLU A 868 -11.41 -25.30 -44.82
CA GLU A 868 -11.34 -25.93 -46.13
C GLU A 868 -10.13 -26.85 -46.23
N MET A 869 -9.02 -26.47 -45.61
CA MET A 869 -7.79 -27.25 -45.73
C MET A 869 -7.82 -28.50 -44.87
N ILE A 870 -8.50 -28.44 -43.73
CA ILE A 870 -8.62 -29.62 -42.88
C ILE A 870 -9.56 -30.63 -43.52
N ALA A 871 -10.57 -30.15 -44.23
CA ALA A 871 -11.51 -31.05 -44.91
C ALA A 871 -10.89 -31.79 -46.08
N GLN A 872 -9.86 -31.25 -46.71
CA GLN A 872 -9.15 -31.97 -47.76
C GLN A 872 -8.16 -32.96 -47.21
N TYR A 873 -7.79 -32.82 -45.94
CA TYR A 873 -6.97 -33.84 -45.30
C TYR A 873 -7.80 -35.06 -44.93
N THR A 874 -8.98 -34.86 -44.35
CA THR A 874 -9.80 -36.01 -44.02
C THR A 874 -10.46 -36.60 -45.26
N SER A 875 -10.44 -35.89 -46.38
CA SER A 875 -10.91 -36.46 -47.63
C SER A 875 -9.88 -37.41 -48.22
N ALA A 876 -8.59 -37.11 -48.04
CA ALA A 876 -7.55 -37.95 -48.61
C ALA A 876 -7.21 -39.10 -47.69
N LEU A 877 -7.59 -38.99 -46.42
CA LEU A 877 -7.31 -40.07 -45.48
C LEU A 877 -8.36 -41.15 -45.64
N LEU A 878 -9.59 -40.73 -45.87
CA LEU A 878 -10.70 -41.65 -46.04
C LEU A 878 -10.80 -42.17 -47.47
N ALA A 879 -10.00 -41.60 -48.36
CA ALA A 879 -9.99 -42.02 -49.76
C ALA A 879 -8.86 -43.01 -49.99
N GLY A 880 -8.04 -43.20 -48.97
CA GLY A 880 -6.92 -44.12 -49.04
C GLY A 880 -7.30 -45.45 -48.41
N THR A 881 -8.03 -45.39 -47.30
CA THR A 881 -8.46 -46.60 -46.62
C THR A 881 -9.62 -47.28 -47.31
N ILE A 882 -10.30 -46.58 -48.22
CA ILE A 882 -11.34 -47.21 -49.01
C ILE A 882 -10.73 -47.90 -50.21
N THR A 883 -9.79 -47.22 -50.85
CA THR A 883 -9.19 -47.70 -52.08
C THR A 883 -8.03 -48.64 -51.85
N SER A 884 -7.04 -48.26 -51.07
CA SER A 884 -5.86 -49.08 -50.87
C SER A 884 -5.81 -49.82 -49.55
N GLY A 885 -6.57 -49.43 -48.56
CA GLY A 885 -6.66 -50.20 -47.33
C GLY A 885 -5.66 -49.73 -46.30
N TRP A 886 -4.93 -50.67 -45.74
CA TRP A 886 -3.98 -50.41 -44.68
C TRP A 886 -2.57 -50.19 -45.21
N THR A 887 -2.41 -50.04 -46.53
CA THR A 887 -1.08 -50.10 -47.14
C THR A 887 -0.54 -48.72 -47.47
N PHE A 888 -1.41 -47.72 -47.53
CA PHE A 888 -0.98 -46.38 -47.87
C PHE A 888 -0.32 -45.70 -46.69
N GLY A 889 -0.50 -46.23 -45.50
CA GLY A 889 0.13 -45.68 -44.34
C GLY A 889 1.45 -46.33 -44.02
N ALA A 890 1.98 -47.09 -44.99
CA ALA A 890 3.24 -47.78 -44.79
C ALA A 890 4.15 -47.73 -46.02
N GLY A 891 3.88 -46.83 -46.96
CA GLY A 891 4.60 -46.84 -48.22
C GLY A 891 3.78 -46.22 -49.32
N ALA A 892 3.64 -46.92 -50.43
CA ALA A 892 2.81 -46.49 -51.54
C ALA A 892 1.45 -47.14 -51.45
N ALA A 893 0.44 -46.45 -51.95
CA ALA A 893 -0.91 -47.01 -51.93
C ALA A 893 -1.04 -48.07 -53.00
N LEU A 894 -1.43 -49.27 -52.58
CA LEU A 894 -1.63 -50.40 -53.48
C LEU A 894 -3.10 -50.76 -53.49
N GLN A 895 -3.72 -50.75 -54.65
CA GLN A 895 -5.17 -50.91 -54.73
C GLN A 895 -5.57 -52.35 -54.46
N ILE A 896 -6.79 -52.52 -53.95
CA ILE A 896 -7.34 -53.82 -53.64
C ILE A 896 -8.86 -53.66 -53.63
N PRO A 897 -9.62 -54.61 -54.18
CA PRO A 897 -11.08 -54.49 -54.15
C PRO A 897 -11.62 -54.51 -52.73
N PHE A 898 -12.67 -53.72 -52.49
CA PHE A 898 -13.06 -53.41 -51.11
C PHE A 898 -13.65 -54.62 -50.41
N ALA A 899 -14.29 -55.51 -51.14
CA ALA A 899 -14.73 -56.75 -50.52
C ALA A 899 -13.56 -57.65 -50.21
N MET A 900 -12.50 -57.59 -51.01
CA MET A 900 -11.33 -58.42 -50.73
C MET A 900 -10.51 -57.85 -49.60
N GLN A 901 -10.60 -56.55 -49.39
CA GLN A 901 -9.93 -55.92 -48.26
C GLN A 901 -10.65 -56.26 -46.97
N MET A 902 -11.98 -56.27 -47.01
CA MET A 902 -12.78 -56.56 -45.83
C MET A 902 -12.62 -58.02 -45.39
N ALA A 903 -12.31 -58.90 -46.32
CA ALA A 903 -12.08 -60.30 -45.97
C ALA A 903 -10.74 -60.47 -45.28
N TYR A 904 -9.79 -59.59 -45.58
CA TYR A 904 -8.50 -59.62 -44.90
C TYR A 904 -8.62 -59.01 -43.51
N ARG A 905 -9.63 -58.16 -43.30
CA ARG A 905 -9.85 -57.58 -41.99
C ARG A 905 -10.63 -58.51 -41.08
N PHE A 906 -11.45 -59.39 -41.65
CA PHE A 906 -12.12 -60.41 -40.87
C PHE A 906 -11.12 -61.42 -40.35
N ASN A 907 -10.06 -61.66 -41.10
CA ASN A 907 -9.00 -62.56 -40.68
C ASN A 907 -8.29 -62.04 -39.45
N GLY A 908 -8.19 -60.72 -39.29
CA GLY A 908 -7.51 -60.16 -38.15
C GLY A 908 -8.23 -60.35 -36.85
N ILE A 909 -9.55 -60.40 -36.86
CA ILE A 909 -10.31 -60.62 -35.63
C ILE A 909 -10.55 -62.09 -35.39
N GLY A 910 -10.22 -62.96 -36.34
CA GLY A 910 -10.23 -64.38 -36.08
C GLY A 910 -11.33 -65.15 -36.76
N VAL A 911 -11.98 -64.55 -37.73
CA VAL A 911 -13.01 -65.21 -38.51
C VAL A 911 -12.45 -65.45 -39.89
N THR A 912 -12.76 -66.60 -40.48
CA THR A 912 -12.19 -66.96 -41.77
C THR A 912 -12.83 -66.13 -42.88
N GLN A 913 -12.23 -66.25 -44.07
CA GLN A 913 -12.60 -65.39 -45.20
C GLN A 913 -14.00 -65.67 -45.69
N ASN A 914 -14.41 -66.93 -45.68
CA ASN A 914 -15.65 -67.31 -46.32
C ASN A 914 -16.88 -66.88 -45.54
N VAL A 915 -16.72 -66.42 -44.31
CA VAL A 915 -17.86 -65.88 -43.59
C VAL A 915 -18.24 -64.51 -44.15
N LEU A 916 -17.25 -63.79 -44.69
CA LEU A 916 -17.56 -62.55 -45.39
C LEU A 916 -18.23 -62.81 -46.73
N TYR A 917 -17.62 -63.66 -47.55
CA TYR A 917 -18.04 -63.81 -48.94
C TYR A 917 -19.41 -64.47 -49.04
N GLU A 918 -19.73 -65.36 -48.12
CA GLU A 918 -21.04 -66.00 -48.15
C GLU A 918 -22.10 -65.13 -47.52
N ASN A 919 -21.71 -64.06 -46.85
CA ASN A 919 -22.64 -63.13 -46.22
C ASN A 919 -22.40 -61.70 -46.64
N GLN A 920 -22.02 -61.47 -47.90
CA GLN A 920 -21.52 -60.16 -48.28
C GLN A 920 -22.62 -59.12 -48.36
N LYS A 921 -23.80 -59.50 -48.86
CA LYS A 921 -24.82 -58.47 -49.02
C LYS A 921 -25.68 -58.35 -47.77
N LEU A 922 -25.50 -59.23 -46.79
CA LEU A 922 -26.05 -58.97 -45.47
C LEU A 922 -25.15 -58.03 -44.69
N ILE A 923 -23.84 -58.24 -44.81
CA ILE A 923 -22.84 -57.41 -44.15
C ILE A 923 -22.89 -55.99 -44.70
N ALA A 924 -23.08 -55.87 -46.01
CA ALA A 924 -23.08 -54.54 -46.63
C ALA A 924 -24.38 -53.81 -46.33
N ASN A 925 -25.43 -54.52 -45.95
CA ASN A 925 -26.66 -53.86 -45.58
C ASN A 925 -26.62 -53.38 -44.14
N GLN A 926 -25.93 -54.12 -43.28
CA GLN A 926 -25.80 -53.72 -41.88
C GLN A 926 -24.87 -52.53 -41.73
N PHE A 927 -23.93 -52.37 -42.65
CA PHE A 927 -23.09 -51.19 -42.61
C PHE A 927 -23.83 -49.96 -43.09
N ASN A 928 -24.62 -50.10 -44.16
CA ASN A 928 -25.34 -48.96 -44.70
C ASN A 928 -26.46 -48.53 -43.77
N SER A 929 -27.06 -49.48 -43.06
CA SER A 929 -28.08 -49.17 -42.09
C SER A 929 -27.52 -48.57 -40.81
N ALA A 930 -26.22 -48.73 -40.55
CA ALA A 930 -25.65 -48.22 -39.32
C ALA A 930 -25.03 -46.84 -39.51
N ILE A 931 -24.64 -46.51 -40.74
CA ILE A 931 -24.24 -45.14 -41.05
C ILE A 931 -25.47 -44.22 -41.01
N GLY A 932 -26.62 -44.74 -41.42
CA GLY A 932 -27.82 -43.92 -41.40
C GLY A 932 -28.33 -43.61 -40.02
N LYS A 933 -27.95 -44.39 -39.01
CA LYS A 933 -28.36 -44.09 -37.65
C LYS A 933 -27.42 -43.09 -36.98
N ILE A 934 -26.23 -42.90 -37.54
CA ILE A 934 -25.35 -41.84 -37.06
C ILE A 934 -25.93 -40.50 -37.40
N GLN A 935 -26.48 -40.40 -38.61
CA GLN A 935 -26.95 -39.13 -39.13
C GLN A 935 -28.16 -38.63 -38.37
N ASP A 936 -29.05 -39.53 -37.97
CA ASP A 936 -30.23 -39.15 -37.21
C ASP A 936 -29.92 -38.74 -35.80
N SER A 937 -28.95 -39.41 -35.15
CA SER A 937 -28.60 -39.05 -33.79
C SER A 937 -27.87 -37.72 -33.74
N LEU A 938 -27.31 -37.29 -34.87
CA LEU A 938 -26.69 -35.97 -34.91
C LEU A 938 -27.65 -34.91 -35.40
N SER A 939 -28.62 -35.27 -36.24
CA SER A 939 -29.53 -34.28 -36.78
C SER A 939 -30.61 -33.85 -35.79
N SER A 940 -30.82 -34.61 -34.73
CA SER A 940 -31.84 -34.28 -33.75
C SER A 940 -31.26 -34.02 -32.36
N THR A 941 -30.47 -34.96 -31.84
CA THR A 941 -30.10 -34.91 -30.44
C THR A 941 -29.00 -33.89 -30.19
N ALA A 942 -29.34 -32.86 -29.41
CA ALA A 942 -28.39 -31.86 -28.97
C ALA A 942 -27.53 -32.42 -27.86
N SER A 943 -26.43 -31.73 -27.56
CA SER A 943 -25.33 -32.18 -26.69
C SER A 943 -24.77 -33.51 -27.18
N ALA A 944 -24.72 -33.67 -28.50
CA ALA A 944 -23.99 -34.79 -29.08
C ALA A 944 -22.50 -34.46 -29.19
N LEU A 945 -22.17 -33.17 -29.19
CA LEU A 945 -20.80 -32.68 -29.20
C LEU A 945 -20.46 -31.93 -27.93
N GLY A 946 -20.80 -32.51 -26.78
CA GLY A 946 -20.66 -31.78 -25.53
C GLY A 946 -19.23 -31.65 -25.07
N LYS A 947 -18.32 -32.41 -25.67
CA LYS A 947 -16.90 -32.27 -25.31
C LYS A 947 -16.28 -31.07 -26.01
N LEU A 948 -16.76 -30.75 -27.20
CA LEU A 948 -16.22 -29.61 -27.92
C LEU A 948 -16.87 -28.32 -27.49
N GLN A 949 -18.07 -28.38 -26.92
CA GLN A 949 -18.71 -27.17 -26.43
C GLN A 949 -18.11 -26.71 -25.11
N ASP A 950 -17.49 -27.61 -24.36
CA ASP A 950 -16.89 -27.22 -23.09
C ASP A 950 -15.64 -26.40 -23.28
N VAL A 951 -14.85 -26.69 -24.31
CA VAL A 951 -13.60 -25.95 -24.48
C VAL A 951 -13.88 -24.58 -25.08
N VAL A 952 -15.06 -24.40 -25.66
CA VAL A 952 -15.47 -23.07 -26.10
C VAL A 952 -16.02 -22.28 -24.92
N ASN A 953 -16.80 -22.95 -24.07
CA ASN A 953 -17.39 -22.30 -22.91
C ASN A 953 -16.35 -21.96 -21.86
N GLN A 954 -15.32 -22.79 -21.72
CA GLN A 954 -14.27 -22.50 -20.75
C GLN A 954 -13.40 -21.35 -21.20
N ASN A 955 -13.14 -21.26 -22.50
CA ASN A 955 -12.28 -20.22 -23.02
C ASN A 955 -12.98 -18.88 -23.04
N ALA A 956 -14.30 -18.89 -23.15
CA ALA A 956 -15.05 -17.65 -23.21
C ALA A 956 -15.36 -17.12 -21.82
N GLN A 957 -15.54 -18.02 -20.85
CA GLN A 957 -15.79 -17.57 -19.48
C GLN A 957 -14.53 -16.96 -18.87
N ALA A 958 -13.36 -17.31 -19.40
CA ALA A 958 -12.12 -16.75 -18.90
C ALA A 958 -11.85 -15.37 -19.49
N LEU A 959 -12.13 -15.20 -20.78
CA LEU A 959 -12.01 -13.88 -21.38
C LEU A 959 -13.09 -12.95 -20.90
N ASN A 960 -14.22 -13.50 -20.45
CA ASN A 960 -15.29 -12.68 -19.92
C ASN A 960 -14.90 -12.11 -18.57
N THR A 961 -14.21 -12.88 -17.76
CA THR A 961 -13.83 -12.42 -16.44
C THR A 961 -12.64 -11.47 -16.53
N LEU A 962 -11.91 -11.48 -17.63
CA LEU A 962 -10.77 -10.60 -17.77
C LEU A 962 -11.22 -9.17 -18.03
N VAL A 963 -12.27 -9.00 -18.82
CA VAL A 963 -12.78 -7.66 -19.10
C VAL A 963 -13.53 -7.11 -17.91
N LYS A 964 -14.19 -7.98 -17.16
CA LYS A 964 -15.03 -7.53 -16.06
C LYS A 964 -14.19 -7.12 -14.85
N GLN A 965 -12.91 -7.44 -14.85
CA GLN A 965 -12.03 -6.98 -13.79
C GLN A 965 -11.45 -5.61 -14.10
N LEU A 966 -11.82 -5.02 -15.22
CA LEU A 966 -11.40 -3.64 -15.49
C LEU A 966 -12.32 -2.64 -14.84
N SER A 967 -13.39 -3.08 -14.21
CA SER A 967 -14.30 -2.19 -13.52
C SER A 967 -14.18 -2.26 -12.01
N SER A 968 -13.15 -2.89 -11.47
CA SER A 968 -12.92 -2.89 -10.04
C SER A 968 -11.98 -1.75 -9.64
N ASN A 969 -12.12 -1.30 -8.41
CA ASN A 969 -11.30 -0.21 -7.90
C ASN A 969 -9.98 -0.67 -7.33
N PHE A 970 -9.96 -1.84 -6.70
CA PHE A 970 -8.85 -2.43 -5.96
C PHE A 970 -8.35 -1.54 -4.84
N GLY A 971 -9.16 -0.61 -4.35
CA GLY A 971 -8.75 0.27 -3.27
C GLY A 971 -8.80 1.74 -3.63
N ALA A 972 -8.63 2.06 -4.91
CA ALA A 972 -8.56 3.45 -5.33
C ALA A 972 -9.92 4.14 -5.28
N ILE A 973 -9.97 5.41 -5.64
CA ILE A 973 -11.21 6.18 -5.62
C ILE A 973 -12.02 6.02 -6.87
N SER A 974 -11.43 5.45 -7.92
CA SER A 974 -12.16 5.26 -9.16
C SER A 974 -11.57 4.08 -9.90
N SER A 975 -12.40 3.41 -10.68
CA SER A 975 -11.98 2.27 -11.47
C SER A 975 -11.64 2.65 -12.90
N VAL A 976 -11.64 3.94 -13.21
CA VAL A 976 -11.37 4.43 -14.55
C VAL A 976 -10.17 5.35 -14.50
N LEU A 977 -9.20 5.10 -15.38
CA LEU A 977 -7.90 5.73 -15.26
C LEU A 977 -7.93 7.19 -15.71
N ASN A 978 -8.90 7.55 -16.55
CA ASN A 978 -8.95 8.92 -17.04
C ASN A 978 -9.48 9.87 -16.00
N ASP A 979 -10.23 9.38 -15.02
CA ASP A 979 -10.89 10.27 -14.07
C ASP A 979 -9.99 10.66 -12.92
N ILE A 980 -8.99 9.84 -12.60
CA ILE A 980 -8.04 10.26 -11.58
C ILE A 980 -6.91 11.06 -12.20
N LEU A 981 -6.82 11.03 -13.53
CA LEU A 981 -5.88 11.92 -14.20
C LEU A 981 -6.53 13.24 -14.56
N SER A 982 -7.86 13.29 -14.50
CA SER A 982 -8.56 14.53 -14.77
C SER A 982 -8.83 15.33 -13.51
N ARG A 983 -8.50 14.80 -12.34
CA ARG A 983 -8.83 15.56 -11.13
C ARG A 983 -7.75 15.47 -10.05
N LEU A 984 -6.57 14.95 -10.34
CA LEU A 984 -5.55 14.86 -9.30
C LEU A 984 -4.18 15.22 -9.88
N ASP A 985 -3.29 15.67 -8.99
CA ASP A 985 -1.88 16.05 -9.09
C ASP A 985 -1.02 14.80 -9.17
N PRO A 986 0.10 14.86 -9.90
CA PRO A 986 0.93 13.66 -10.13
C PRO A 986 1.56 13.07 -8.87
N PRO A 987 1.80 13.82 -7.77
CA PRO A 987 2.07 13.12 -6.52
C PRO A 987 0.87 12.35 -5.98
N GLU A 988 -0.33 12.90 -6.18
CA GLU A 988 -1.51 12.28 -5.59
C GLU A 988 -2.14 11.26 -6.54
N ALA A 989 -1.86 11.38 -7.83
CA ALA A 989 -2.37 10.40 -8.77
C ALA A 989 -1.56 9.11 -8.73
N GLU A 990 -0.28 9.21 -8.37
CA GLU A 990 0.60 8.05 -8.41
C GLU A 990 0.26 7.04 -7.33
N VAL A 991 -0.25 7.51 -6.19
CA VAL A 991 -0.70 6.59 -5.15
C VAL A 991 -1.96 5.86 -5.60
N GLN A 992 -2.82 6.54 -6.36
CA GLN A 992 -4.07 5.92 -6.79
C GLN A 992 -3.88 5.01 -7.98
N ILE A 993 -2.95 5.35 -8.88
CA ILE A 993 -2.70 4.52 -10.06
C ILE A 993 -2.03 3.22 -9.65
N ASP A 994 -1.15 3.29 -8.65
CA ASP A 994 -0.41 2.12 -8.20
C ASP A 994 -1.33 1.05 -7.61
N ARG A 995 -2.51 1.45 -7.13
CA ARG A 995 -3.48 0.47 -6.68
C ARG A 995 -4.16 -0.21 -7.87
N LEU A 996 -4.25 0.50 -9.00
CA LEU A 996 -4.92 -0.08 -10.16
C LEU A 996 -3.96 -0.97 -10.94
N ILE A 997 -2.68 -0.62 -10.96
CA ILE A 997 -1.68 -1.42 -11.68
C ILE A 997 -1.46 -2.73 -10.95
N THR A 998 -1.48 -2.70 -9.62
CA THR A 998 -1.23 -3.89 -8.83
C THR A 998 -2.40 -4.86 -8.92
N GLY A 999 -3.60 -4.34 -9.16
CA GLY A 999 -4.75 -5.22 -9.27
C GLY A 999 -4.95 -5.76 -10.66
N ARG A 1000 -4.49 -5.02 -11.67
CA ARG A 1000 -4.66 -5.47 -13.04
C ARG A 1000 -3.51 -6.37 -13.47
N LEU A 1001 -2.36 -6.25 -12.83
CA LEU A 1001 -1.28 -7.20 -13.06
C LEU A 1001 -1.63 -8.56 -12.52
N GLN A 1002 -2.28 -8.60 -11.36
CA GLN A 1002 -2.58 -9.88 -10.73
C GLN A 1002 -3.73 -10.57 -11.42
N SER A 1003 -4.67 -9.81 -11.97
CA SER A 1003 -5.80 -10.43 -12.64
C SER A 1003 -5.41 -10.91 -14.03
N LEU A 1004 -4.37 -10.31 -14.62
CA LEU A 1004 -3.87 -10.77 -15.90
C LEU A 1004 -2.91 -11.93 -15.73
N GLN A 1005 -2.28 -12.03 -14.58
CA GLN A 1005 -1.35 -13.11 -14.31
C GLN A 1005 -2.10 -14.38 -13.95
N THR A 1006 -3.26 -14.23 -13.32
CA THR A 1006 -4.10 -15.38 -13.02
C THR A 1006 -4.71 -15.96 -14.28
N TYR A 1007 -4.94 -15.13 -15.29
CA TYR A 1007 -5.51 -15.60 -16.54
C TYR A 1007 -4.51 -16.43 -17.33
N VAL A 1008 -3.25 -16.02 -17.35
CA VAL A 1008 -2.25 -16.70 -18.14
C VAL A 1008 -1.85 -18.02 -17.49
N THR A 1009 -1.86 -18.08 -16.16
CA THR A 1009 -1.53 -19.32 -15.47
C THR A 1009 -2.55 -20.41 -15.75
N GLN A 1010 -3.83 -20.05 -15.81
CA GLN A 1010 -4.85 -21.04 -16.06
C GLN A 1010 -4.97 -21.37 -17.54
N GLN A 1011 -4.35 -20.57 -18.41
CA GLN A 1011 -4.33 -20.94 -19.81
C GLN A 1011 -3.22 -21.92 -20.10
N LEU A 1012 -2.20 -21.97 -19.25
CA LEU A 1012 -1.14 -22.94 -19.42
C LEU A 1012 -1.57 -24.31 -18.95
N ILE A 1013 -2.34 -24.36 -17.87
CA ILE A 1013 -2.83 -25.64 -17.36
C ILE A 1013 -3.94 -26.18 -18.25
N ARG A 1014 -4.62 -25.29 -18.96
CA ARG A 1014 -5.68 -25.74 -19.85
C ARG A 1014 -5.12 -26.17 -21.19
N ALA A 1015 -4.01 -25.56 -21.62
CA ALA A 1015 -3.42 -25.95 -22.89
C ALA A 1015 -2.62 -27.22 -22.77
N ALA A 1016 -2.27 -27.60 -21.54
CA ALA A 1016 -1.60 -28.87 -21.33
C ALA A 1016 -2.58 -30.02 -21.42
N GLU A 1017 -3.86 -29.74 -21.18
CA GLU A 1017 -4.89 -30.76 -21.27
C GLU A 1017 -5.35 -30.95 -22.70
N ILE A 1018 -5.39 -29.88 -23.49
CA ILE A 1018 -5.66 -29.99 -24.92
C ILE A 1018 -4.49 -30.67 -25.63
N ARG A 1019 -3.27 -30.43 -25.14
CA ARG A 1019 -2.09 -31.09 -25.71
C ARG A 1019 -2.12 -32.58 -25.48
N ALA A 1020 -2.64 -33.02 -24.35
CA ALA A 1020 -2.71 -34.44 -24.07
C ALA A 1020 -3.87 -35.09 -24.83
N SER A 1021 -4.89 -34.32 -25.14
CA SER A 1021 -6.04 -34.85 -25.84
C SER A 1021 -5.83 -34.80 -27.35
N ALA A 1022 -4.84 -34.05 -27.81
CA ALA A 1022 -4.52 -34.03 -29.23
C ALA A 1022 -3.45 -35.05 -29.55
N ASN A 1023 -2.66 -35.46 -28.57
CA ASN A 1023 -1.72 -36.55 -28.75
C ASN A 1023 -2.45 -37.88 -28.80
N LEU A 1024 -3.61 -37.97 -28.16
CA LEU A 1024 -4.39 -39.18 -28.22
C LEU A 1024 -5.11 -39.31 -29.55
N ALA A 1025 -5.54 -38.19 -30.11
CA ALA A 1025 -6.25 -38.23 -31.38
C ALA A 1025 -5.30 -38.49 -32.55
N ALA A 1026 -4.01 -38.27 -32.34
CA ALA A 1026 -3.04 -38.62 -33.37
C ALA A 1026 -2.57 -40.05 -33.22
N THR A 1027 -2.90 -40.67 -32.09
CA THR A 1027 -2.62 -42.09 -31.93
C THR A 1027 -3.79 -42.92 -32.43
N LYS A 1028 -5.01 -42.42 -32.29
CA LYS A 1028 -6.15 -43.10 -32.88
C LYS A 1028 -6.17 -42.96 -34.39
N MET A 1029 -5.47 -41.97 -34.92
CA MET A 1029 -5.47 -41.81 -36.37
C MET A 1029 -4.45 -42.74 -37.00
N SER A 1030 -3.34 -42.99 -36.35
CA SER A 1030 -2.35 -43.86 -36.94
C SER A 1030 -2.68 -45.32 -36.68
N GLU A 1031 -3.25 -45.62 -35.53
CA GLU A 1031 -3.44 -47.00 -35.15
C GLU A 1031 -4.79 -47.54 -35.52
N CYS A 1032 -5.75 -46.69 -35.86
CA CYS A 1032 -7.08 -47.19 -36.14
C CYS A 1032 -7.59 -46.81 -37.50
N VAL A 1033 -7.05 -45.77 -38.13
CA VAL A 1033 -7.39 -45.43 -39.50
C VAL A 1033 -6.38 -45.98 -40.49
N LEU A 1034 -5.09 -45.83 -40.20
CA LEU A 1034 -4.07 -46.37 -41.09
C LEU A 1034 -3.75 -47.82 -40.81
N GLY A 1035 -4.39 -48.42 -39.82
CA GLY A 1035 -4.12 -49.80 -39.48
C GLY A 1035 -5.39 -50.51 -39.02
N GLN A 1036 -5.18 -51.59 -38.27
CA GLN A 1036 -6.27 -52.30 -37.61
C GLN A 1036 -5.79 -52.65 -36.22
N SER A 1037 -6.57 -52.32 -35.22
CA SER A 1037 -6.13 -52.34 -33.83
C SER A 1037 -6.53 -53.63 -33.16
N LYS A 1038 -5.61 -54.20 -32.40
CA LYS A 1038 -5.89 -55.35 -31.56
C LYS A 1038 -6.08 -55.00 -30.10
N ARG A 1039 -5.78 -53.77 -29.71
CA ARG A 1039 -6.04 -53.30 -28.36
C ARG A 1039 -7.53 -53.19 -28.15
N VAL A 1040 -8.03 -53.82 -27.11
CA VAL A 1040 -9.47 -53.85 -26.87
C VAL A 1040 -9.90 -52.53 -26.27
N ASP A 1041 -11.09 -52.09 -26.66
CA ASP A 1041 -11.73 -50.83 -26.29
C ASP A 1041 -10.95 -49.58 -26.68
N PHE A 1042 -9.92 -49.71 -27.50
CA PHE A 1042 -9.21 -48.54 -27.96
C PHE A 1042 -9.93 -47.89 -29.14
N CYS A 1043 -10.61 -48.69 -29.95
CA CYS A 1043 -11.39 -48.19 -31.06
C CYS A 1043 -12.75 -48.86 -31.07
N GLY A 1044 -13.67 -48.32 -30.28
CA GLY A 1044 -15.00 -48.85 -30.20
C GLY A 1044 -15.12 -49.95 -29.16
N LYS A 1045 -16.30 -50.55 -29.11
CA LYS A 1045 -16.56 -51.70 -28.25
C LYS A 1045 -16.91 -52.87 -29.15
N GLY A 1046 -16.05 -53.85 -29.19
CA GLY A 1046 -16.19 -54.97 -30.09
C GLY A 1046 -14.85 -55.28 -30.70
N TYR A 1047 -14.87 -55.99 -31.81
CA TYR A 1047 -13.65 -56.31 -32.52
C TYR A 1047 -13.48 -55.32 -33.65
N HIS A 1048 -12.37 -54.60 -33.65
CA HIS A 1048 -12.18 -53.48 -34.56
C HIS A 1048 -12.02 -53.96 -35.99
N LEU A 1049 -12.75 -53.34 -36.91
CA LEU A 1049 -12.58 -53.60 -38.33
C LEU A 1049 -11.93 -52.42 -39.05
N MET A 1050 -12.54 -51.24 -39.00
CA MET A 1050 -11.98 -50.05 -39.64
C MET A 1050 -12.58 -48.82 -39.00
N SER A 1051 -12.00 -47.67 -39.32
CA SER A 1051 -12.44 -46.38 -38.81
C SER A 1051 -12.34 -45.35 -39.91
N PHE A 1052 -13.19 -44.33 -39.80
CA PHE A 1052 -13.23 -43.24 -40.77
C PHE A 1052 -13.21 -41.91 -40.01
N PRO A 1053 -12.33 -40.99 -40.35
CA PRO A 1053 -12.32 -39.71 -39.64
C PRO A 1053 -13.22 -38.67 -40.30
N GLN A 1054 -13.83 -37.85 -39.44
CA GLN A 1054 -14.56 -36.67 -39.90
C GLN A 1054 -14.06 -35.48 -39.10
N SER A 1055 -14.02 -34.33 -39.73
CA SER A 1055 -13.53 -33.16 -39.05
C SER A 1055 -14.66 -32.47 -38.31
N ALA A 1056 -14.29 -31.78 -37.25
CA ALA A 1056 -15.20 -31.03 -36.41
C ALA A 1056 -14.59 -29.65 -36.26
N PRO A 1057 -15.30 -28.68 -35.62
CA PRO A 1057 -14.70 -27.36 -35.42
C PRO A 1057 -13.36 -27.26 -34.71
N HIS A 1058 -13.20 -27.72 -33.47
CA HIS A 1058 -11.88 -27.72 -32.85
C HIS A 1058 -11.52 -29.15 -32.46
N GLY A 1059 -11.88 -30.10 -33.29
CA GLY A 1059 -11.73 -31.47 -32.91
C GLY A 1059 -11.68 -32.41 -34.08
N VAL A 1060 -12.04 -33.66 -33.81
CA VAL A 1060 -12.12 -34.70 -34.83
C VAL A 1060 -13.13 -35.71 -34.34
N VAL A 1061 -13.78 -36.39 -35.28
CA VAL A 1061 -14.75 -37.43 -34.98
C VAL A 1061 -14.30 -38.69 -35.70
N PHE A 1062 -14.16 -39.78 -34.96
CA PHE A 1062 -13.87 -41.09 -35.51
C PHE A 1062 -15.15 -41.92 -35.50
N LEU A 1063 -15.46 -42.55 -36.63
CA LEU A 1063 -16.57 -43.49 -36.73
C LEU A 1063 -15.98 -44.88 -36.77
N HIS A 1064 -16.06 -45.60 -35.67
CA HIS A 1064 -15.41 -46.89 -35.50
C HIS A 1064 -16.37 -48.00 -35.88
N VAL A 1065 -16.02 -48.76 -36.92
CA VAL A 1065 -16.80 -49.90 -37.37
C VAL A 1065 -16.26 -51.15 -36.70
N THR A 1066 -17.11 -51.87 -35.95
CA THR A 1066 -16.69 -53.03 -35.19
C THR A 1066 -17.61 -54.21 -35.46
N TYR A 1067 -17.13 -55.40 -35.10
CA TYR A 1067 -17.86 -56.65 -35.25
C TYR A 1067 -18.32 -57.13 -33.89
N VAL A 1068 -19.63 -57.29 -33.73
CA VAL A 1068 -20.23 -57.71 -32.46
C VAL A 1068 -20.85 -59.08 -32.67
N PRO A 1069 -20.51 -60.08 -31.88
CA PRO A 1069 -21.07 -61.41 -32.10
C PRO A 1069 -22.45 -61.59 -31.51
N ALA A 1070 -23.42 -61.89 -32.37
CA ALA A 1070 -24.82 -61.99 -32.02
C ALA A 1070 -25.17 -63.39 -31.53
N GLN A 1071 -26.48 -63.67 -31.56
CA GLN A 1071 -27.21 -64.79 -30.98
C GLN A 1071 -26.52 -66.15 -31.00
N GLU A 1072 -26.59 -66.86 -29.87
CA GLU A 1072 -25.61 -67.88 -29.55
C GLU A 1072 -26.15 -69.10 -28.81
N LYS A 1073 -25.56 -70.26 -29.10
CA LYS A 1073 -26.11 -71.56 -28.74
C LYS A 1073 -25.23 -72.22 -27.69
N ASN A 1074 -25.82 -73.16 -26.96
CA ASN A 1074 -25.14 -73.98 -25.96
C ASN A 1074 -24.60 -75.25 -26.60
N PHE A 1075 -23.41 -75.67 -26.18
CA PHE A 1075 -22.84 -76.93 -26.61
C PHE A 1075 -22.11 -77.58 -25.44
N THR A 1076 -21.52 -78.74 -25.69
CA THR A 1076 -20.61 -79.35 -24.74
C THR A 1076 -19.24 -79.53 -25.39
N THR A 1077 -18.19 -79.36 -24.59
CA THR A 1077 -16.84 -79.46 -25.11
C THR A 1077 -16.05 -80.54 -24.41
N ALA A 1078 -14.91 -80.84 -25.01
CA ALA A 1078 -13.85 -81.61 -24.39
C ALA A 1078 -12.54 -81.03 -24.87
N PRO A 1079 -11.48 -81.14 -24.08
CA PRO A 1079 -10.17 -80.66 -24.53
C PRO A 1079 -9.52 -81.47 -25.62
N ALA A 1080 -9.84 -82.76 -25.75
CA ALA A 1080 -9.19 -83.60 -26.74
C ALA A 1080 -10.10 -84.78 -27.07
N ILE A 1081 -9.71 -85.53 -28.08
CA ILE A 1081 -10.43 -86.71 -28.54
C ILE A 1081 -9.48 -87.90 -28.47
N CYS A 1082 -9.92 -89.00 -27.89
CA CYS A 1082 -9.14 -90.22 -27.83
C CYS A 1082 -9.53 -91.14 -28.97
N HIS A 1083 -8.56 -91.50 -29.79
CA HIS A 1083 -8.79 -92.44 -30.88
C HIS A 1083 -7.50 -93.21 -31.08
N ASP A 1084 -7.59 -94.54 -31.09
CA ASP A 1084 -6.48 -95.49 -31.15
C ASP A 1084 -5.47 -95.32 -30.03
N GLY A 1085 -5.90 -94.84 -28.86
CA GLY A 1085 -4.96 -94.65 -27.78
C GLY A 1085 -4.02 -93.48 -27.95
N LYS A 1086 -4.36 -92.53 -28.82
CA LYS A 1086 -3.60 -91.29 -29.00
C LYS A 1086 -4.54 -90.12 -28.79
N ALA A 1087 -4.03 -89.05 -28.19
CA ALA A 1087 -4.85 -87.88 -27.88
C ALA A 1087 -4.76 -86.89 -29.04
N HIS A 1088 -5.91 -86.36 -29.45
CA HIS A 1088 -5.99 -85.46 -30.59
C HIS A 1088 -6.50 -84.11 -30.14
N PHE A 1089 -5.76 -83.10 -30.39
CA PHE A 1089 -6.03 -81.70 -30.11
C PHE A 1089 -6.37 -80.97 -31.39
N PRO A 1090 -7.23 -79.96 -31.37
CA PRO A 1090 -7.58 -79.26 -32.60
C PRO A 1090 -6.46 -78.32 -33.03
N ARG A 1091 -6.45 -78.03 -34.32
CA ARG A 1091 -5.43 -77.12 -34.84
C ARG A 1091 -5.82 -75.67 -34.67
N GLU A 1092 -7.08 -75.33 -34.96
CA GLU A 1092 -7.48 -73.94 -34.91
C GLU A 1092 -8.87 -73.72 -34.32
N GLY A 1093 -9.40 -74.62 -33.52
CA GLY A 1093 -10.77 -74.49 -33.07
C GLY A 1093 -11.07 -75.12 -31.75
N VAL A 1094 -12.33 -75.47 -31.55
CA VAL A 1094 -12.79 -76.20 -30.39
C VAL A 1094 -13.60 -77.41 -30.85
N PHE A 1095 -13.56 -78.46 -30.05
CA PHE A 1095 -14.44 -79.60 -30.25
C PHE A 1095 -15.77 -79.32 -29.58
N VAL A 1096 -16.86 -79.45 -30.33
CA VAL A 1096 -18.20 -79.23 -29.79
C VAL A 1096 -19.03 -80.47 -30.04
N SER A 1097 -20.17 -80.56 -29.36
CA SER A 1097 -21.05 -81.71 -29.52
C SER A 1097 -22.51 -81.30 -29.51
N ASN A 1098 -23.21 -81.54 -30.62
CA ASN A 1098 -24.62 -81.19 -30.71
C ASN A 1098 -25.46 -82.12 -29.85
N GLY A 1099 -24.81 -82.88 -28.98
CA GLY A 1099 -25.51 -83.80 -28.12
C GLY A 1099 -25.22 -85.26 -28.43
N THR A 1100 -25.11 -85.58 -29.71
CA THR A 1100 -24.86 -86.95 -30.13
C THR A 1100 -23.48 -87.15 -30.76
N HIS A 1101 -23.16 -86.33 -31.76
CA HIS A 1101 -21.89 -86.44 -32.45
C HIS A 1101 -21.07 -85.17 -32.28
N TRP A 1102 -19.75 -85.29 -32.50
CA TRP A 1102 -18.79 -84.24 -32.27
C TRP A 1102 -18.35 -83.60 -33.57
N PHE A 1103 -17.91 -82.35 -33.50
CA PHE A 1103 -17.44 -81.59 -34.65
C PHE A 1103 -16.25 -80.73 -34.24
N VAL A 1104 -15.73 -79.95 -35.19
CA VAL A 1104 -14.75 -78.91 -34.93
C VAL A 1104 -15.26 -77.62 -35.53
N THR A 1105 -15.31 -76.56 -34.74
CA THR A 1105 -15.70 -75.25 -35.23
C THR A 1105 -14.58 -74.25 -35.01
N GLN A 1106 -14.58 -73.21 -35.83
CA GLN A 1106 -13.82 -72.02 -35.50
C GLN A 1106 -14.45 -71.34 -34.29
N ARG A 1107 -13.62 -70.64 -33.53
CA ARG A 1107 -13.93 -70.27 -32.17
C ARG A 1107 -14.88 -69.08 -32.07
N ASN A 1108 -15.03 -68.30 -33.12
CA ASN A 1108 -15.83 -67.08 -33.06
C ASN A 1108 -17.12 -67.15 -33.86
N PHE A 1109 -17.35 -68.22 -34.60
CA PHE A 1109 -18.52 -68.35 -35.46
C PHE A 1109 -18.84 -69.83 -35.53
N TYR A 1110 -20.11 -70.18 -35.40
CA TYR A 1110 -20.47 -71.59 -35.44
C TYR A 1110 -20.44 -72.10 -36.87
N GLU A 1111 -19.48 -72.97 -37.16
CA GLU A 1111 -19.38 -73.61 -38.47
C GLU A 1111 -18.80 -74.99 -38.25
N PRO A 1112 -19.64 -76.00 -38.08
CA PRO A 1112 -19.15 -77.32 -37.67
C PRO A 1112 -18.65 -78.15 -38.84
N GLN A 1113 -17.59 -78.90 -38.56
CA GLN A 1113 -16.93 -79.74 -39.53
C GLN A 1113 -16.52 -81.03 -38.85
N ILE A 1114 -16.37 -82.10 -39.62
CA ILE A 1114 -16.06 -83.38 -39.02
C ILE A 1114 -14.59 -83.44 -38.64
N ILE A 1115 -14.29 -84.24 -37.62
CA ILE A 1115 -12.95 -84.33 -37.04
C ILE A 1115 -12.12 -85.24 -37.93
N THR A 1116 -11.33 -84.68 -38.83
CA THR A 1116 -10.42 -85.48 -39.61
C THR A 1116 -9.01 -85.32 -39.05
N THR A 1117 -8.01 -85.85 -39.75
CA THR A 1117 -6.64 -85.78 -39.27
C THR A 1117 -5.90 -84.54 -39.76
N ASP A 1118 -6.54 -83.69 -40.56
CA ASP A 1118 -5.90 -82.48 -41.03
C ASP A 1118 -6.52 -81.22 -40.44
N ASN A 1119 -7.52 -81.34 -39.58
CA ASN A 1119 -7.87 -80.21 -38.74
C ASN A 1119 -7.63 -80.53 -37.29
N THR A 1120 -6.82 -81.56 -37.02
CA THR A 1120 -6.38 -81.90 -35.67
C THR A 1120 -4.90 -82.24 -35.72
N PHE A 1121 -4.28 -82.34 -34.55
CA PHE A 1121 -2.93 -82.87 -34.43
C PHE A 1121 -2.90 -83.75 -33.20
N VAL A 1122 -1.83 -84.53 -33.08
CA VAL A 1122 -1.73 -85.58 -32.09
C VAL A 1122 -0.44 -85.42 -31.30
N SER A 1123 -0.54 -85.56 -29.97
CA SER A 1123 0.65 -85.61 -29.13
C SER A 1123 0.30 -86.33 -27.84
N GLY A 1124 1.02 -87.41 -27.55
CA GLY A 1124 0.90 -88.10 -26.29
C GLY A 1124 -0.22 -89.14 -26.30
N ASN A 1125 -0.22 -89.96 -25.25
CA ASN A 1125 -1.24 -90.99 -25.14
C ASN A 1125 -2.45 -90.43 -24.42
N CYS A 1126 -3.36 -91.33 -24.03
CA CYS A 1126 -4.69 -90.96 -23.57
C CYS A 1126 -4.80 -90.94 -22.04
N ASP A 1127 -3.70 -90.70 -21.34
CA ASP A 1127 -3.64 -90.99 -19.92
C ASP A 1127 -3.40 -89.78 -19.04
N VAL A 1128 -3.09 -88.61 -19.59
CA VAL A 1128 -2.67 -87.49 -18.74
C VAL A 1128 -3.70 -86.37 -18.80
N VAL A 1129 -4.33 -86.18 -19.95
CA VAL A 1129 -5.32 -85.13 -20.13
C VAL A 1129 -6.58 -85.49 -19.37
N ILE A 1130 -7.14 -84.52 -18.64
CA ILE A 1130 -8.36 -84.74 -17.88
C ILE A 1130 -9.52 -84.11 -18.65
N GLY A 1131 -10.41 -84.96 -19.17
CA GLY A 1131 -11.55 -84.50 -19.92
C GLY A 1131 -11.60 -85.04 -21.34
N ILE A 1132 -10.78 -86.04 -21.67
CA ILE A 1132 -10.79 -86.63 -23.00
C ILE A 1132 -12.11 -87.38 -23.20
N VAL A 1133 -12.62 -87.37 -24.42
CA VAL A 1133 -13.78 -88.17 -24.75
C VAL A 1133 -13.41 -89.08 -25.91
N ASN A 1134 -14.14 -90.17 -26.03
CA ASN A 1134 -13.88 -91.19 -27.02
C ASN A 1134 -14.66 -90.89 -28.29
N ASN A 1135 -13.96 -90.80 -29.40
CA ASN A 1135 -14.62 -90.63 -30.69
C ASN A 1135 -13.67 -91.16 -31.75
N THR A 1136 -14.04 -91.01 -33.00
CA THR A 1136 -13.23 -91.45 -34.12
C THR A 1136 -12.73 -90.27 -34.92
N VAL A 1137 -11.55 -90.42 -35.51
CA VAL A 1137 -10.95 -89.35 -36.31
C VAL A 1137 -10.76 -89.79 -37.75
N TYR A 1138 -11.76 -89.48 -38.58
CA TYR A 1138 -11.71 -89.84 -39.99
C TYR A 1138 -10.52 -89.20 -40.67
N ASP A 1139 -9.96 -89.89 -41.66
CA ASP A 1139 -8.82 -89.37 -42.40
C ASP A 1139 -9.07 -89.55 -43.90
N PRO A 1140 -8.47 -88.68 -44.70
CA PRO A 1140 -8.65 -88.74 -46.15
C PRO A 1140 -7.60 -89.58 -46.88
N LEU A 1141 -7.35 -90.80 -46.42
CA LEU A 1141 -6.37 -91.64 -47.09
C LEU A 1141 -6.95 -93.04 -47.38
N GLN A 1142 -7.89 -93.46 -46.55
CA GLN A 1142 -8.51 -94.77 -46.70
C GLN A 1142 -9.42 -94.86 -47.93
N PRO A 1143 -10.44 -93.91 -47.98
CA PRO A 1143 -11.29 -94.03 -49.18
C PRO A 1143 -10.47 -94.01 -50.47
N GLU A 1144 -9.42 -93.21 -50.49
CA GLU A 1144 -8.57 -93.10 -51.67
C GLU A 1144 -7.84 -94.42 -51.93
N LEU A 1145 -7.06 -94.87 -50.96
CA LEU A 1145 -6.33 -96.13 -51.11
C LEU A 1145 -7.29 -97.28 -51.34
N ASP A 1146 -8.59 -96.98 -51.34
CA ASP A 1146 -9.61 -97.99 -51.56
C ASP A 1146 -10.53 -97.60 -52.71
N GLN B 14 26.72 -3.76 62.17
CA GLN B 14 26.41 -4.58 61.00
C GLN B 14 27.48 -4.45 59.95
N CYS B 15 27.18 -5.00 58.77
CA CYS B 15 28.07 -5.01 57.62
C CYS B 15 29.44 -5.59 57.96
N VAL B 16 29.43 -6.76 58.58
CA VAL B 16 30.66 -7.44 58.96
C VAL B 16 31.30 -8.12 57.77
N ASN B 17 32.18 -7.41 57.06
CA ASN B 17 32.85 -7.97 55.89
C ASN B 17 33.53 -9.31 56.19
N LEU B 18 33.71 -10.10 55.13
CA LEU B 18 34.34 -11.42 55.24
C LEU B 18 34.45 -12.03 53.86
N THR B 19 35.52 -12.81 53.64
CA THR B 19 35.72 -13.44 52.34
C THR B 19 37.04 -14.20 52.26
N THR B 20 38.08 -13.64 52.89
CA THR B 20 39.40 -14.26 52.87
C THR B 20 40.13 -13.97 51.56
N ARG B 21 40.18 -14.96 50.67
CA ARG B 21 40.87 -14.79 49.40
C ARG B 21 40.76 -16.02 48.50
N THR B 22 40.90 -17.20 49.12
CA THR B 22 40.82 -18.45 48.40
C THR B 22 39.72 -18.38 47.35
N GLN B 23 39.73 -19.35 46.43
CA GLN B 23 38.72 -19.40 45.38
C GLN B 23 39.15 -20.41 44.31
N LEU B 24 40.45 -20.51 44.08
CA LEU B 24 40.98 -21.42 43.08
C LEU B 24 40.20 -21.25 41.78
N PRO B 25 40.18 -22.25 40.91
CA PRO B 25 39.44 -22.09 39.66
C PRO B 25 38.01 -22.54 39.83
N PRO B 26 37.00 -21.72 39.57
CA PRO B 26 35.61 -22.17 39.74
C PRO B 26 35.37 -23.53 39.06
N ALA B 27 35.17 -24.60 39.83
CA ALA B 27 34.92 -25.92 39.27
C ALA B 27 33.83 -25.86 38.21
N TYR B 28 34.15 -26.34 37.02
CA TYR B 28 33.20 -26.34 35.92
C TYR B 28 32.46 -27.66 35.92
N THR B 29 31.34 -27.75 35.21
CA THR B 29 30.68 -29.03 34.99
C THR B 29 29.84 -28.92 33.74
N ASN B 30 29.06 -29.96 33.49
CA ASN B 30 28.35 -30.12 32.23
C ASN B 30 26.99 -30.69 32.48
N SER B 31 25.98 -29.83 32.55
CA SER B 31 24.60 -30.23 32.65
C SER B 31 24.18 -30.82 31.33
N PHE B 32 23.49 -31.94 31.36
CA PHE B 32 23.22 -32.58 30.08
C PHE B 32 22.02 -31.97 29.40
N THR B 33 20.91 -32.15 30.06
CA THR B 33 19.69 -31.60 29.48
C THR B 33 18.91 -31.06 30.66
N ARG B 34 19.02 -29.78 30.91
CA ARG B 34 18.40 -29.21 32.08
C ARG B 34 17.82 -27.86 31.70
N GLY B 35 16.82 -27.43 32.45
CA GLY B 35 16.34 -26.08 32.31
C GLY B 35 15.44 -25.89 31.12
N VAL B 36 14.33 -26.61 31.08
CA VAL B 36 13.31 -26.44 30.06
C VAL B 36 12.05 -25.97 30.76
N TYR B 37 11.76 -24.68 30.68
CA TYR B 37 10.56 -24.13 31.32
C TYR B 37 9.39 -24.06 30.34
N TYR B 38 8.17 -24.06 30.89
CA TYR B 38 6.96 -23.97 30.07
C TYR B 38 6.84 -22.54 29.55
N PRO B 39 7.09 -22.36 28.20
CA PRO B 39 6.98 -20.96 27.76
C PRO B 39 5.59 -20.61 27.24
N ASP B 40 4.58 -20.77 28.10
CA ASP B 40 3.21 -20.45 27.71
C ASP B 40 2.19 -20.97 28.72
N LYS B 41 0.91 -20.83 28.35
CA LYS B 41 -0.18 -21.30 29.18
C LYS B 41 -1.02 -22.28 28.38
N VAL B 42 -0.88 -22.21 27.06
CA VAL B 42 -1.60 -23.07 26.14
C VAL B 42 -1.42 -24.53 26.51
N PHE B 43 -2.45 -25.34 26.28
CA PHE B 43 -2.39 -26.76 26.57
C PHE B 43 -2.46 -27.58 25.29
N ARG B 44 -1.34 -28.20 24.94
CA ARG B 44 -1.28 -29.02 23.73
C ARG B 44 -1.33 -30.48 24.13
N SER B 45 -1.97 -31.31 23.31
CA SER B 45 -2.09 -32.72 23.61
C SER B 45 -1.47 -33.64 22.56
N SER B 46 -0.34 -34.25 22.92
CA SER B 46 0.36 -35.15 22.03
C SER B 46 0.63 -34.50 20.67
N VAL B 47 1.41 -33.43 20.67
CA VAL B 47 1.73 -32.72 19.44
C VAL B 47 3.03 -31.96 19.55
N LEU B 48 4.08 -32.45 18.89
CA LEU B 48 5.38 -31.79 18.92
C LEU B 48 5.23 -30.33 18.53
N HIS B 49 5.74 -29.44 19.37
CA HIS B 49 5.65 -28.00 19.10
C HIS B 49 7.01 -27.34 19.11
N SER B 50 7.24 -26.47 18.13
CA SER B 50 8.51 -25.76 18.03
C SER B 50 8.37 -24.32 18.48
N THR B 51 9.42 -23.78 19.08
CA THR B 51 9.43 -22.41 19.56
C THR B 51 10.84 -21.88 19.72
N GLN B 52 10.97 -20.58 19.94
CA GLN B 52 12.28 -19.96 20.11
C GLN B 52 12.26 -18.96 21.26
N ASP B 53 13.08 -19.23 22.26
CA ASP B 53 13.16 -18.35 23.43
C ASP B 53 14.47 -18.61 24.18
N LEU B 54 14.76 -17.76 25.16
CA LEU B 54 15.97 -17.91 25.95
C LEU B 54 15.97 -19.23 26.70
N PHE B 55 16.89 -20.12 26.33
CA PHE B 55 17.01 -21.42 26.96
C PHE B 55 18.48 -21.76 27.17
N LEU B 56 18.77 -22.57 28.19
CA LEU B 56 20.13 -23.00 28.43
C LEU B 56 20.43 -24.02 27.36
N PRO B 57 21.46 -23.81 26.53
CA PRO B 57 21.80 -24.82 25.53
C PRO B 57 22.29 -26.09 26.18
N PHE B 58 21.96 -27.22 25.56
CA PHE B 58 22.33 -28.53 26.05
C PHE B 58 23.84 -28.75 26.08
N PHE B 59 24.28 -29.53 27.06
CA PHE B 59 25.70 -29.85 27.22
C PHE B 59 26.55 -28.61 27.38
N SER B 60 26.03 -27.64 28.12
CA SER B 60 26.73 -26.38 28.36
C SER B 60 27.76 -26.54 29.47
N ASN B 61 28.45 -25.44 29.78
CA ASN B 61 29.48 -25.46 30.82
C ASN B 61 29.03 -24.69 32.07
N VAL B 62 28.05 -25.23 32.78
CA VAL B 62 27.54 -24.61 33.99
C VAL B 62 28.60 -24.53 35.07
N THR B 63 28.86 -23.33 35.56
CA THR B 63 29.85 -23.13 36.60
C THR B 63 29.33 -23.66 37.92
N TRP B 64 30.21 -24.27 38.70
CA TRP B 64 29.82 -24.87 39.97
C TRP B 64 30.48 -24.08 41.08
N PHE B 65 29.76 -23.11 41.62
CA PHE B 65 30.30 -22.24 42.64
C PHE B 65 30.23 -22.90 44.00
N HIS B 66 31.22 -22.61 44.82
CA HIS B 66 31.27 -23.14 46.17
C HIS B 66 31.02 -21.96 47.09
N ALA B 67 30.03 -22.12 47.94
CA ALA B 67 29.72 -21.22 49.04
C ALA B 67 30.69 -21.52 50.16
N ILE B 68 30.20 -21.43 51.40
CA ILE B 68 30.89 -21.97 52.56
C ILE B 68 31.43 -23.35 52.22
N HIS B 69 32.75 -23.50 52.34
CA HIS B 69 33.47 -24.62 51.78
C HIS B 69 34.39 -25.20 52.84
N VAL B 70 34.21 -26.47 53.14
CA VAL B 70 35.02 -27.14 54.15
C VAL B 70 36.19 -27.88 53.51
N SER B 71 37.26 -28.05 54.28
CA SER B 71 38.45 -28.74 53.78
C SER B 71 38.91 -29.80 54.79
N GLY B 72 39.23 -30.99 54.27
CA GLY B 72 39.67 -32.08 55.12
C GLY B 72 41.01 -31.79 55.77
N THR B 73 40.97 -31.39 57.04
CA THR B 73 42.18 -31.07 57.79
C THR B 73 41.86 -30.50 59.16
N ASN B 74 40.93 -29.56 59.19
CA ASN B 74 40.52 -28.92 60.44
C ASN B 74 39.64 -27.70 60.20
N GLY B 75 38.37 -27.82 60.55
CA GLY B 75 37.42 -26.73 60.37
C GLY B 75 37.57 -26.06 59.02
N THR B 76 38.16 -24.88 59.01
CA THR B 76 38.36 -24.15 57.76
C THR B 76 37.11 -24.05 56.91
N LYS B 77 36.58 -22.83 56.81
CA LYS B 77 35.40 -22.55 56.00
C LYS B 77 35.83 -21.47 55.03
N ARG B 78 35.55 -21.66 53.76
CA ARG B 78 35.91 -20.69 52.72
C ARG B 78 34.64 -20.02 52.22
N PHE B 79 34.66 -18.69 52.14
CA PHE B 79 33.49 -17.95 51.66
C PHE B 79 33.72 -17.37 50.28
N ASP B 80 32.84 -17.64 49.32
CA ASP B 80 33.09 -17.10 47.98
C ASP B 80 31.94 -16.87 47.02
N ASN B 81 30.82 -16.35 47.52
CA ASN B 81 29.69 -16.09 46.64
C ASN B 81 29.78 -14.69 46.06
N PRO B 82 30.63 -14.54 45.05
CA PRO B 82 30.82 -13.25 44.41
C PRO B 82 29.58 -12.80 43.67
N VAL B 83 29.49 -11.52 43.33
CA VAL B 83 28.42 -11.07 42.45
C VAL B 83 28.76 -11.55 41.06
N LEU B 84 27.75 -11.84 40.26
CA LEU B 84 27.96 -12.43 38.95
C LEU B 84 27.14 -11.64 37.95
N PRO B 85 27.45 -11.78 36.67
CA PRO B 85 26.71 -11.07 35.62
C PRO B 85 25.36 -11.73 35.38
N PHE B 86 24.32 -10.92 35.18
CA PHE B 86 22.98 -11.44 34.94
C PHE B 86 22.74 -11.68 33.45
N ASN B 87 23.65 -11.18 32.63
CA ASN B 87 23.56 -11.33 31.17
C ASN B 87 22.14 -11.20 30.64
N ASP B 88 21.50 -12.34 30.35
CA ASP B 88 20.14 -12.33 29.83
C ASP B 88 19.22 -13.28 30.58
N GLY B 89 19.78 -14.06 31.50
CA GLY B 89 18.98 -15.00 32.25
C GLY B 89 19.87 -16.04 32.87
N VAL B 90 19.44 -16.53 34.01
CA VAL B 90 20.30 -17.33 34.87
C VAL B 90 19.58 -18.62 35.23
N TYR B 91 20.23 -19.76 35.02
CA TYR B 91 19.74 -21.04 35.50
C TYR B 91 20.41 -21.30 36.83
N PHE B 92 19.66 -21.25 37.92
CA PHE B 92 20.20 -21.41 39.25
C PHE B 92 19.70 -22.72 39.82
N ALA B 93 20.61 -23.52 40.36
CA ALA B 93 20.20 -24.80 40.92
C ALA B 93 21.11 -25.19 42.08
N SER B 94 20.52 -25.83 43.09
CA SER B 94 21.30 -26.27 44.24
C SER B 94 20.54 -27.39 44.95
N THR B 95 21.29 -28.20 45.71
CA THR B 95 20.71 -29.39 46.36
C THR B 95 20.26 -29.13 47.80
N GLU B 96 21.22 -28.83 48.70
CA GLU B 96 20.99 -28.15 49.98
C GLU B 96 19.88 -28.65 50.89
N LYS B 97 20.04 -29.82 51.51
CA LYS B 97 19.00 -30.38 52.38
C LYS B 97 18.68 -29.48 53.57
N SER B 98 19.67 -28.73 54.06
CA SER B 98 19.43 -27.72 55.08
C SER B 98 19.22 -26.38 54.39
N ASN B 99 18.16 -25.67 54.77
CA ASN B 99 17.82 -24.43 54.07
C ASN B 99 18.79 -23.35 54.48
N ILE B 100 19.92 -23.29 53.77
CA ILE B 100 20.91 -22.26 53.96
C ILE B 100 20.97 -21.30 52.79
N ILE B 101 20.35 -21.61 51.66
CA ILE B 101 20.09 -20.60 50.63
C ILE B 101 18.76 -19.96 50.95
N ARG B 102 18.69 -18.65 50.94
CA ARG B 102 17.44 -17.97 51.21
C ARG B 102 16.89 -17.23 50.03
N GLY B 103 17.71 -16.50 49.30
CA GLY B 103 17.21 -15.79 48.15
C GLY B 103 18.31 -15.04 47.46
N TRP B 104 17.92 -14.10 46.61
CA TRP B 104 18.84 -13.45 45.69
C TRP B 104 18.55 -11.97 45.68
N ILE B 105 19.53 -11.18 45.27
CA ILE B 105 19.43 -9.72 45.35
C ILE B 105 19.69 -8.98 44.02
N PHE B 106 19.11 -9.46 42.91
CA PHE B 106 19.23 -8.87 41.57
C PHE B 106 19.13 -7.35 41.55
N GLY B 107 19.96 -6.72 40.74
CA GLY B 107 20.02 -5.27 40.72
C GLY B 107 20.97 -4.76 39.68
N THR B 108 21.29 -3.46 39.80
CA THR B 108 22.14 -2.79 38.82
C THR B 108 23.48 -2.39 39.42
N THR B 109 23.46 -1.60 40.48
CA THR B 109 24.65 -1.09 41.11
C THR B 109 24.82 -1.65 42.51
N LEU B 110 23.74 -2.18 43.08
CA LEU B 110 23.69 -2.69 44.45
C LEU B 110 24.12 -1.62 45.44
N ASP B 111 23.36 -0.53 45.44
CA ASP B 111 23.63 0.65 46.25
C ASP B 111 22.33 1.45 46.23
N SER B 112 22.39 2.66 46.78
CA SER B 112 21.39 3.64 46.41
C SER B 112 21.72 4.21 45.03
N LYS B 113 20.92 5.20 44.63
CA LYS B 113 20.86 5.90 43.34
C LYS B 113 20.29 5.02 42.24
N THR B 114 20.05 3.74 42.50
CA THR B 114 19.40 2.82 41.59
C THR B 114 18.55 1.89 42.43
N GLN B 115 17.53 1.31 41.84
CA GLN B 115 16.74 0.43 42.66
C GLN B 115 17.35 -0.97 42.65
N SER B 116 16.80 -1.85 43.49
CA SER B 116 17.32 -3.21 43.63
C SER B 116 16.18 -4.11 44.06
N LEU B 117 16.17 -5.32 43.54
CA LEU B 117 15.17 -6.31 43.90
C LEU B 117 15.76 -7.25 44.95
N LEU B 118 14.94 -7.64 45.91
CA LEU B 118 15.40 -8.49 46.99
C LEU B 118 14.35 -9.53 47.32
N ILE B 119 14.74 -10.80 47.29
CA ILE B 119 13.84 -11.90 47.56
C ILE B 119 14.39 -12.62 48.79
N VAL B 120 13.64 -12.68 49.87
CA VAL B 120 14.04 -13.45 51.04
C VAL B 120 12.97 -14.49 51.32
N ASN B 121 13.38 -15.58 51.95
CA ASN B 121 12.44 -16.68 52.01
C ASN B 121 11.71 -16.77 53.33
N ASN B 122 12.44 -16.90 54.45
CA ASN B 122 11.88 -16.69 55.80
C ASN B 122 10.76 -17.67 56.08
N ALA B 123 11.11 -18.91 56.37
CA ALA B 123 10.23 -20.04 56.11
C ALA B 123 8.97 -20.07 56.97
N THR B 124 8.13 -19.05 56.80
CA THR B 124 6.71 -19.13 57.00
C THR B 124 5.98 -18.35 55.90
N ASN B 125 6.70 -17.46 55.22
CA ASN B 125 6.13 -16.53 54.24
C ASN B 125 7.23 -15.89 53.38
N VAL B 126 7.16 -15.99 52.06
CA VAL B 126 8.10 -15.28 51.21
C VAL B 126 7.67 -13.82 51.10
N VAL B 127 8.65 -12.92 50.93
CA VAL B 127 8.35 -11.50 50.85
C VAL B 127 9.39 -10.80 49.99
N ILE B 128 8.92 -10.01 49.03
CA ILE B 128 9.76 -9.36 48.04
C ILE B 128 9.57 -7.86 48.18
N LYS B 129 10.67 -7.11 48.15
CA LYS B 129 10.60 -5.65 48.15
C LYS B 129 11.40 -5.10 46.99
N VAL B 130 11.09 -3.87 46.56
CA VAL B 130 11.93 -3.14 45.63
C VAL B 130 12.19 -1.77 46.24
N CYS B 131 13.25 -1.63 47.03
CA CYS B 131 13.61 -0.34 47.60
C CYS B 131 14.93 0.12 47.02
N GLU B 132 15.31 1.34 47.37
CA GLU B 132 16.68 1.79 47.15
C GLU B 132 17.52 1.33 48.32
N PHE B 133 17.86 0.06 48.31
CA PHE B 133 18.58 -0.51 49.43
C PHE B 133 20.02 -0.03 49.44
N GLN B 134 20.71 -0.33 50.54
CA GLN B 134 22.09 0.07 50.73
C GLN B 134 22.86 -1.11 51.30
N PHE B 135 22.83 -2.23 50.57
CA PHE B 135 23.48 -3.49 50.91
C PHE B 135 24.91 -3.36 51.37
N CYS B 136 25.30 -4.23 52.30
CA CYS B 136 26.72 -4.38 52.60
C CYS B 136 27.43 -5.03 51.42
N ASN B 137 28.75 -5.07 51.50
CA ASN B 137 29.50 -5.70 50.42
C ASN B 137 29.48 -7.23 50.52
N ASP B 138 28.96 -7.76 51.61
CA ASP B 138 28.83 -9.20 51.81
C ASP B 138 27.54 -9.39 52.60
N PRO B 139 26.39 -9.40 51.93
CA PRO B 139 25.14 -9.54 52.64
C PRO B 139 24.78 -10.98 52.93
N PHE B 140 23.96 -11.15 53.96
CA PHE B 140 23.53 -12.44 54.48
C PHE B 140 22.47 -12.17 55.55
N LEU B 141 21.62 -13.16 55.80
CA LEU B 141 20.69 -13.04 56.90
C LEU B 141 21.36 -13.53 58.17
N GLY B 142 21.08 -12.84 59.26
CA GLY B 142 21.55 -13.29 60.55
C GLY B 142 20.44 -13.94 61.34
N VAL B 143 20.78 -15.02 62.03
CA VAL B 143 19.84 -15.72 62.90
C VAL B 143 20.40 -15.63 64.31
N TYR B 144 19.55 -15.29 65.27
CA TYR B 144 19.99 -15.22 66.66
C TYR B 144 18.86 -15.71 67.55
N TYR B 145 18.99 -15.46 68.84
CA TYR B 145 17.95 -15.74 69.83
C TYR B 145 17.54 -14.41 70.45
N HIS B 146 16.29 -14.29 70.85
CA HIS B 146 15.79 -12.94 71.09
C HIS B 146 15.58 -12.61 72.58
N LYS B 147 15.55 -13.62 73.46
CA LYS B 147 15.44 -13.58 74.93
C LYS B 147 14.05 -13.14 75.40
N ASN B 148 13.28 -12.58 74.50
CA ASN B 148 11.85 -12.45 74.58
C ASN B 148 11.28 -12.97 73.28
N ASN B 149 10.07 -13.50 73.36
CA ASN B 149 9.37 -14.39 72.42
C ASN B 149 9.95 -15.81 72.45
N LYS B 150 11.09 -15.94 73.12
CA LYS B 150 11.79 -17.20 73.28
C LYS B 150 11.66 -17.89 71.95
N SER B 151 12.38 -17.40 70.95
CA SER B 151 12.26 -18.01 69.64
C SER B 151 13.31 -17.41 68.72
N TRP B 152 14.00 -18.26 67.97
CA TRP B 152 15.10 -17.79 67.16
C TRP B 152 14.64 -16.98 65.95
N MET B 153 14.72 -15.65 66.06
CA MET B 153 14.28 -14.77 65.00
C MET B 153 15.38 -14.58 63.96
N GLU B 154 15.08 -13.89 62.86
CA GLU B 154 15.90 -13.88 61.66
C GLU B 154 16.07 -12.48 61.10
N SER B 155 16.54 -11.54 61.92
CA SER B 155 16.63 -10.14 61.51
C SER B 155 17.55 -9.94 60.32
N GLU B 156 17.09 -9.13 59.39
CA GLU B 156 17.69 -9.00 58.07
C GLU B 156 18.60 -7.80 57.95
N PHE B 157 18.89 -7.13 59.04
CA PHE B 157 19.66 -5.90 58.97
C PHE B 157 21.14 -6.12 58.74
N ARG B 158 21.59 -7.36 58.66
CA ARG B 158 22.92 -7.62 58.15
C ARG B 158 22.99 -7.46 56.65
N VAL B 159 21.86 -7.51 55.96
CA VAL B 159 21.86 -7.34 54.51
C VAL B 159 22.07 -5.88 54.13
N TYR B 160 21.13 -5.02 54.51
CA TYR B 160 21.18 -3.64 54.08
C TYR B 160 21.27 -2.72 55.28
N SER B 161 21.71 -1.49 55.04
CA SER B 161 21.67 -0.46 56.06
C SER B 161 20.28 0.14 56.21
N SER B 162 19.78 0.78 55.16
CA SER B 162 18.49 1.44 55.21
C SER B 162 17.68 1.08 53.99
N ALA B 163 16.36 1.15 54.11
CA ALA B 163 15.48 0.84 53.00
C ALA B 163 14.39 1.90 52.86
N ASN B 164 14.64 2.87 51.98
CA ASN B 164 13.69 3.95 51.77
C ASN B 164 13.30 4.13 50.32
N ASN B 165 12.08 4.63 50.10
CA ASN B 165 11.58 4.87 48.75
C ASN B 165 11.08 3.61 48.07
N CYS B 166 10.99 2.51 48.83
CA CYS B 166 10.51 1.24 48.29
C CYS B 166 9.23 1.48 47.49
N THR B 167 9.14 0.87 46.32
CA THR B 167 7.95 1.04 45.48
C THR B 167 7.32 -0.30 45.10
N PHE B 168 7.15 -1.20 46.07
CA PHE B 168 6.55 -2.56 45.90
C PHE B 168 6.74 -3.41 47.20
N GLU B 169 5.94 -4.45 47.41
CA GLU B 169 6.03 -5.33 48.60
C GLU B 169 4.99 -6.43 48.32
N TYR B 170 5.43 -7.64 47.95
CA TYR B 170 4.60 -8.83 47.65
C TYR B 170 4.95 -9.86 48.78
N VAL B 171 3.95 -10.57 49.36
CA VAL B 171 4.12 -11.62 50.43
C VAL B 171 3.52 -12.91 49.78
N SER B 172 3.88 -14.14 50.17
CA SER B 172 3.30 -15.35 49.51
C SER B 172 3.85 -16.66 50.15
N GLN B 173 3.19 -17.83 50.04
CA GLN B 173 3.77 -19.02 50.65
C GLN B 173 5.19 -19.22 50.10
N PRO B 174 6.12 -19.68 50.93
CA PRO B 174 7.53 -19.67 50.55
C PRO B 174 7.87 -20.64 49.43
N PHE B 175 8.89 -20.26 48.66
CA PHE B 175 9.34 -21.03 47.51
C PHE B 175 10.01 -22.30 47.98
N LEU B 176 11.07 -22.14 48.75
CA LEU B 176 11.91 -23.24 49.17
C LEU B 176 11.21 -24.10 50.21
N MET B 177 10.21 -24.85 49.77
CA MET B 177 9.47 -25.77 50.62
C MET B 177 10.16 -27.12 50.53
N ASP B 178 10.80 -27.51 51.62
CA ASP B 178 11.51 -28.78 51.68
C ASP B 178 10.57 -29.93 52.05
N LEU B 179 11.13 -31.13 52.16
CA LEU B 179 10.33 -32.31 52.50
C LEU B 179 11.21 -33.40 53.10
N GLU B 180 12.12 -33.94 52.30
CA GLU B 180 13.02 -34.99 52.76
C GLU B 180 12.27 -36.05 53.54
N GLY B 181 12.25 -35.90 54.87
CA GLY B 181 11.57 -36.85 55.73
C GLY B 181 11.84 -38.29 55.34
N LYS B 182 13.00 -38.53 54.75
CA LYS B 182 13.38 -39.87 54.32
C LYS B 182 14.84 -40.17 54.65
N GLN B 183 15.31 -39.61 55.75
CA GLN B 183 16.71 -39.80 56.19
C GLN B 183 17.70 -40.04 55.06
N GLY B 184 17.73 -39.13 54.10
CA GLY B 184 18.64 -39.34 53.00
C GLY B 184 17.95 -39.90 51.76
N ASN B 185 18.78 -40.20 50.77
CA ASN B 185 18.46 -40.76 49.46
C ASN B 185 17.60 -39.85 48.59
N PHE B 186 17.35 -38.63 49.02
CA PHE B 186 16.41 -37.74 48.33
C PHE B 186 17.11 -36.50 47.77
N LYS B 187 17.69 -35.68 48.65
CA LYS B 187 18.55 -34.53 48.36
C LYS B 187 17.89 -33.36 47.61
N ASN B 188 16.66 -33.55 47.10
CA ASN B 188 15.72 -32.52 46.68
C ASN B 188 16.30 -31.39 45.85
N LEU B 189 16.75 -31.66 44.64
CA LEU B 189 17.40 -30.65 43.82
C LEU B 189 16.38 -29.59 43.43
N ARG B 190 16.61 -28.36 43.89
CA ARG B 190 15.80 -27.20 43.53
C ARG B 190 16.43 -26.49 42.35
N GLU B 191 15.61 -26.09 41.40
CA GLU B 191 16.08 -25.27 40.30
C GLU B 191 15.26 -24.01 40.20
N PHE B 192 15.86 -22.98 39.62
CA PHE B 192 15.17 -21.74 39.34
C PHE B 192 15.75 -21.18 38.06
N VAL B 193 14.90 -20.51 37.28
CA VAL B 193 15.34 -19.79 36.10
C VAL B 193 14.70 -18.41 36.15
N PHE B 194 15.53 -17.37 36.14
CA PHE B 194 15.07 -16.00 36.13
C PHE B 194 15.34 -15.39 34.76
N LYS B 195 14.36 -14.72 34.19
CA LYS B 195 14.59 -13.94 32.99
C LYS B 195 13.82 -12.64 33.11
N ASN B 196 14.37 -11.59 32.51
CA ASN B 196 13.87 -10.24 32.70
C ASN B 196 13.76 -9.58 31.35
N ILE B 197 12.53 -9.38 30.89
CA ILE B 197 12.26 -8.77 29.60
C ILE B 197 11.16 -7.72 29.73
N ASP B 198 11.35 -6.62 29.01
CA ASP B 198 10.38 -5.54 28.73
C ASP B 198 9.60 -5.08 29.96
N GLY B 199 10.29 -5.02 31.08
CA GLY B 199 9.62 -4.58 32.28
C GLY B 199 8.74 -5.64 32.89
N TYR B 200 9.27 -6.84 33.02
CA TYR B 200 8.67 -7.86 33.85
C TYR B 200 9.79 -8.69 34.44
N PHE B 201 9.41 -9.60 35.33
CA PHE B 201 10.38 -10.42 36.02
C PHE B 201 9.74 -11.77 36.30
N LYS B 202 10.15 -12.80 35.58
CA LYS B 202 9.49 -14.08 35.65
C LYS B 202 10.41 -15.12 36.27
N ILE B 203 9.85 -15.92 37.17
CA ILE B 203 10.58 -16.95 37.91
C ILE B 203 9.93 -18.28 37.60
N TYR B 204 10.74 -19.30 37.37
CA TYR B 204 10.24 -20.63 37.08
C TYR B 204 10.90 -21.60 38.04
N SER B 205 10.17 -22.61 38.51
CA SER B 205 10.75 -23.44 39.56
C SER B 205 10.38 -24.90 39.38
N LYS B 206 10.93 -25.73 40.27
CA LYS B 206 10.74 -27.18 40.33
C LYS B 206 11.41 -27.75 41.57
N HIS B 207 10.86 -28.80 42.16
CA HIS B 207 11.54 -29.56 43.20
C HIS B 207 11.53 -31.04 42.82
N THR B 208 12.71 -31.64 42.76
CA THR B 208 12.83 -32.97 42.21
C THR B 208 13.58 -33.88 43.16
N PRO B 209 13.08 -35.08 43.43
CA PRO B 209 13.89 -36.06 44.17
C PRO B 209 15.02 -36.56 43.30
N ILE B 210 16.13 -36.92 43.92
CA ILE B 210 17.34 -37.29 43.18
C ILE B 210 18.03 -38.42 43.94
N ASN B 211 18.87 -39.15 43.23
CA ASN B 211 19.70 -40.18 43.83
C ASN B 211 21.12 -40.25 43.28
N LEU B 212 21.51 -39.34 42.39
CA LEU B 212 22.89 -39.33 41.91
C LEU B 212 23.79 -38.77 42.99
N VAL B 213 25.10 -38.98 42.81
CA VAL B 213 26.07 -38.64 43.85
C VAL B 213 26.18 -37.13 44.05
N ARG B 214 26.65 -36.39 43.03
CA ARG B 214 26.77 -34.95 43.15
C ARG B 214 25.99 -34.19 42.09
N ASP B 215 26.21 -34.49 40.82
CA ASP B 215 25.91 -33.56 39.75
C ASP B 215 24.49 -33.74 39.22
N LEU B 216 24.25 -33.17 38.07
CA LEU B 216 22.94 -33.06 37.47
C LEU B 216 22.50 -34.41 36.91
N PRO B 217 21.24 -34.74 37.05
CA PRO B 217 20.73 -35.99 36.49
C PRO B 217 20.43 -35.89 35.01
N GLN B 218 19.84 -36.93 34.44
CA GLN B 218 19.71 -37.02 32.99
C GLN B 218 18.30 -36.79 32.48
N GLY B 219 17.29 -36.80 33.34
CA GLY B 219 15.91 -36.74 32.90
C GLY B 219 15.49 -35.36 32.42
N PHE B 220 14.17 -35.17 32.39
CA PHE B 220 13.58 -33.90 31.97
C PHE B 220 12.85 -33.25 33.15
N SER B 221 12.87 -31.92 33.18
CA SER B 221 12.22 -31.17 34.23
C SER B 221 11.38 -30.09 33.58
N ALA B 222 10.10 -30.10 33.89
CA ALA B 222 9.20 -29.09 33.38
C ALA B 222 9.14 -28.01 34.43
N LEU B 223 9.97 -26.98 34.28
CA LEU B 223 9.95 -25.89 35.25
C LEU B 223 8.71 -25.04 35.00
N GLU B 224 7.71 -25.12 35.88
CA GLU B 224 6.51 -24.32 35.68
C GLU B 224 6.65 -22.99 36.40
N PRO B 225 5.98 -21.94 35.91
CA PRO B 225 6.20 -20.62 36.49
C PRO B 225 5.61 -20.47 37.86
N LEU B 226 6.32 -19.73 38.69
CA LEU B 226 5.83 -19.35 40.00
C LEU B 226 5.07 -18.05 39.94
N VAL B 227 5.76 -16.97 39.60
CA VAL B 227 5.21 -15.63 39.69
C VAL B 227 5.57 -14.89 38.41
N ASP B 228 5.11 -13.65 38.33
CA ASP B 228 5.60 -12.66 37.39
C ASP B 228 5.38 -11.32 38.04
N LEU B 229 6.39 -10.48 38.04
CA LEU B 229 6.38 -9.30 38.89
C LEU B 229 6.38 -8.05 38.05
N PRO B 230 5.38 -7.20 38.13
CA PRO B 230 5.34 -6.00 37.30
C PRO B 230 6.28 -4.92 37.80
N ILE B 231 7.55 -4.99 37.46
CA ILE B 231 8.50 -4.11 38.12
C ILE B 231 8.98 -3.02 37.19
N GLY B 232 9.70 -3.42 36.15
CA GLY B 232 10.33 -2.48 35.26
C GLY B 232 11.72 -2.06 35.67
N ILE B 233 12.34 -2.75 36.62
CA ILE B 233 13.68 -2.39 37.08
C ILE B 233 14.68 -2.87 36.04
N ASN B 234 15.82 -2.20 35.97
CA ASN B 234 16.88 -2.50 35.02
C ASN B 234 17.94 -3.31 35.75
N ILE B 235 18.15 -4.55 35.35
CA ILE B 235 18.94 -5.52 36.11
C ILE B 235 20.15 -5.93 35.29
N THR B 236 21.33 -5.91 35.91
CA THR B 236 22.50 -6.40 35.20
C THR B 236 23.52 -7.12 36.07
N ARG B 237 23.26 -7.36 37.35
CA ARG B 237 24.22 -8.03 38.20
C ARG B 237 23.49 -8.54 39.42
N PHE B 238 23.89 -9.70 39.94
CA PHE B 238 23.13 -10.30 41.02
C PHE B 238 24.03 -11.09 41.96
N GLN B 239 23.43 -11.59 43.05
CA GLN B 239 24.13 -12.28 44.12
C GLN B 239 23.12 -13.14 44.84
N THR B 240 23.58 -13.92 45.82
CA THR B 240 22.71 -14.83 46.54
C THR B 240 22.90 -14.75 48.05
N LEU B 241 21.82 -14.97 48.77
CA LEU B 241 21.74 -14.74 50.21
C LEU B 241 21.91 -16.03 50.99
N LEU B 242 22.73 -15.99 52.02
CA LEU B 242 22.94 -17.15 52.86
C LEU B 242 22.40 -16.86 54.25
N ALA B 243 21.90 -17.89 54.92
CA ALA B 243 21.37 -17.74 56.28
C ALA B 243 22.39 -18.32 57.26
N LEU B 244 23.28 -17.47 57.73
CA LEU B 244 24.24 -17.88 58.73
C LEU B 244 23.69 -17.62 60.12
N HIS B 245 23.95 -18.51 61.06
CA HIS B 245 23.48 -18.33 62.43
C HIS B 245 24.62 -17.99 63.38
N ARG B 246 24.28 -17.47 64.55
CA ARG B 246 25.27 -17.23 65.60
C ARG B 246 25.75 -18.55 66.16
N SER B 247 27.05 -18.71 66.21
CA SER B 247 27.60 -19.67 67.14
C SER B 247 27.60 -19.00 68.51
N TYR B 248 27.73 -19.80 69.56
CA TYR B 248 27.55 -19.44 70.95
C TYR B 248 28.62 -20.21 71.68
N LEU B 249 28.40 -20.66 72.91
CA LEU B 249 29.48 -21.25 73.69
C LEU B 249 30.00 -22.54 73.08
N THR B 250 30.71 -22.39 71.98
CA THR B 250 31.50 -23.38 71.28
C THR B 250 32.80 -22.68 70.88
N PRO B 251 33.94 -23.19 71.34
CA PRO B 251 35.23 -22.53 71.10
C PRO B 251 35.68 -22.54 69.64
N SER B 256 34.20 -14.53 62.25
CA SER B 256 33.37 -14.20 63.40
C SER B 256 32.48 -15.36 63.80
N GLY B 257 31.58 -15.12 64.75
CA GLY B 257 30.72 -16.19 65.19
C GLY B 257 29.51 -16.27 64.30
N TRP B 258 29.62 -17.10 63.28
CA TRP B 258 28.71 -17.13 62.14
C TRP B 258 28.87 -18.46 61.43
N THR B 259 28.55 -18.49 60.13
CA THR B 259 28.92 -19.53 59.17
C THR B 259 28.34 -20.90 59.46
N ALA B 260 27.05 -21.07 59.17
CA ALA B 260 26.44 -22.38 59.19
C ALA B 260 26.94 -23.25 58.05
N GLY B 261 26.78 -24.57 58.24
CA GLY B 261 26.69 -25.57 57.19
C GLY B 261 27.72 -25.61 56.08
N ALA B 262 27.33 -26.17 54.94
CA ALA B 262 28.14 -26.19 53.73
C ALA B 262 27.21 -26.18 52.53
N ALA B 263 27.57 -25.39 51.52
CA ALA B 263 26.64 -25.11 50.44
C ALA B 263 27.37 -24.93 49.13
N ALA B 264 26.61 -25.08 48.04
CA ALA B 264 27.11 -24.92 46.68
C ALA B 264 25.92 -24.80 45.75
N TYR B 265 26.10 -24.12 44.63
CA TYR B 265 25.02 -23.97 43.68
C TYR B 265 25.60 -23.87 42.29
N TYR B 266 24.77 -24.15 41.29
CA TYR B 266 25.20 -24.15 39.90
C TYR B 266 24.56 -22.99 39.16
N VAL B 267 25.34 -22.27 38.36
CA VAL B 267 24.90 -21.08 37.65
C VAL B 267 25.26 -21.23 36.19
N GLY B 268 24.32 -20.93 35.30
CA GLY B 268 24.61 -20.95 33.88
C GLY B 268 23.67 -20.08 33.10
N TYR B 269 24.15 -19.41 32.06
CA TYR B 269 23.44 -18.28 31.50
C TYR B 269 22.69 -18.64 30.23
N LEU B 270 21.46 -18.16 30.09
CA LEU B 270 20.62 -18.48 28.92
C LEU B 270 21.39 -18.33 27.58
N GLN B 271 20.62 -17.89 26.60
CA GLN B 271 21.05 -17.74 25.24
C GLN B 271 19.77 -18.14 24.54
N PRO B 272 19.63 -17.69 23.30
CA PRO B 272 18.47 -17.99 22.47
C PRO B 272 18.82 -19.03 21.42
N ARG B 273 17.90 -19.93 21.12
CA ARG B 273 18.14 -20.96 20.15
C ARG B 273 16.74 -21.29 19.71
N THR B 274 16.38 -22.55 19.81
CA THR B 274 15.02 -22.95 19.49
C THR B 274 15.02 -24.26 20.25
N PHE B 275 13.95 -24.51 20.99
CA PHE B 275 13.83 -25.74 21.76
C PHE B 275 12.42 -26.20 21.47
N LEU B 276 12.30 -27.45 21.04
CA LEU B 276 11.00 -28.05 20.72
C LEU B 276 10.56 -29.00 21.83
N LEU B 277 9.33 -28.83 22.28
CA LEU B 277 8.75 -29.65 23.35
C LEU B 277 7.74 -30.70 22.85
N LYS B 278 8.02 -31.97 23.12
CA LYS B 278 7.14 -33.08 22.74
C LYS B 278 6.21 -33.26 23.94
N TYR B 279 5.09 -32.53 23.90
CA TYR B 279 4.08 -32.47 24.96
C TYR B 279 3.53 -33.86 25.26
N ASN B 280 3.03 -34.04 26.47
CA ASN B 280 2.34 -35.25 26.87
C ASN B 280 0.87 -35.18 26.51
N GLU B 281 0.16 -36.28 26.75
CA GLU B 281 -1.30 -36.23 26.65
C GLU B 281 -1.89 -35.56 27.87
N ASN B 282 -1.14 -35.53 28.96
CA ASN B 282 -1.58 -34.78 30.13
C ASN B 282 -1.39 -33.29 29.90
N GLY B 283 -0.28 -32.91 29.30
CA GLY B 283 0.04 -31.53 29.06
C GLY B 283 1.51 -31.33 29.22
N THR B 284 2.18 -32.33 29.78
CA THR B 284 3.51 -32.16 30.30
C THR B 284 4.53 -32.18 29.16
N ILE B 285 5.51 -31.30 29.25
CA ILE B 285 6.67 -31.43 28.39
C ILE B 285 7.47 -32.63 28.84
N THR B 286 7.69 -33.56 27.93
CA THR B 286 8.47 -34.76 28.23
C THR B 286 9.90 -34.77 27.64
N ASP B 287 10.01 -34.70 26.31
CA ASP B 287 11.31 -34.71 25.61
C ASP B 287 11.53 -33.31 24.99
N ALA B 288 12.70 -32.71 25.21
CA ALA B 288 13.03 -31.38 24.67
C ALA B 288 14.08 -31.53 23.53
N VAL B 289 13.83 -30.86 22.40
CA VAL B 289 14.76 -30.92 21.27
C VAL B 289 15.51 -29.59 21.10
N ASP B 290 16.83 -29.66 20.93
CA ASP B 290 17.68 -28.47 20.75
C ASP B 290 18.01 -28.38 19.25
N CYS B 291 18.00 -27.20 18.64
CA CYS B 291 18.18 -27.22 17.20
C CYS B 291 19.64 -26.97 16.83
N ALA B 292 20.27 -26.00 17.47
CA ALA B 292 21.63 -25.63 17.08
C ALA B 292 22.69 -26.44 17.78
N LEU B 293 22.30 -27.53 18.44
CA LEU B 293 23.26 -28.37 19.12
C LEU B 293 24.23 -28.95 18.11
N ASP B 294 23.75 -29.88 17.28
CA ASP B 294 24.57 -30.51 16.26
C ASP B 294 23.85 -30.57 14.92
N PRO B 295 24.55 -31.13 13.87
CA PRO B 295 23.81 -31.17 12.59
C PRO B 295 22.58 -32.08 12.64
N LEU B 296 22.65 -33.14 13.43
CA LEU B 296 21.53 -34.07 13.53
C LEU B 296 20.30 -33.40 14.14
N SER B 297 20.54 -32.50 15.08
CA SER B 297 19.45 -31.79 15.74
C SER B 297 18.77 -30.81 14.79
N GLU B 298 19.47 -30.44 13.74
CA GLU B 298 18.89 -29.57 12.73
C GLU B 298 17.87 -30.37 11.93
N THR B 299 18.22 -31.62 11.62
CA THR B 299 17.35 -32.51 10.85
C THR B 299 16.06 -32.85 11.57
N LYS B 300 16.16 -33.20 12.85
CA LYS B 300 14.99 -33.53 13.63
C LYS B 300 14.02 -32.36 13.65
N CYS B 301 14.54 -31.19 14.00
CA CYS B 301 13.72 -29.98 14.06
C CYS B 301 13.08 -29.73 12.69
N THR B 302 13.86 -29.93 11.64
CA THR B 302 13.38 -29.72 10.27
C THR B 302 12.19 -30.61 9.92
N LEU B 303 12.28 -31.90 10.26
CA LEU B 303 11.22 -32.84 9.96
C LEU B 303 10.14 -32.90 11.05
N LYS B 304 10.30 -32.05 12.06
CA LYS B 304 9.35 -32.02 13.17
C LYS B 304 9.01 -33.41 13.69
N SER B 305 10.05 -34.21 13.95
CA SER B 305 9.89 -35.55 14.47
C SER B 305 11.07 -35.83 15.39
N PHE B 306 10.93 -36.88 16.19
CA PHE B 306 12.01 -37.31 17.05
C PHE B 306 12.75 -38.50 16.47
N THR B 307 12.18 -39.09 15.43
CA THR B 307 12.78 -40.24 14.75
C THR B 307 12.61 -40.08 13.24
N VAL B 308 13.72 -40.15 12.51
CA VAL B 308 13.69 -40.01 11.06
C VAL B 308 14.10 -41.29 10.35
N GLU B 309 13.59 -41.46 9.14
CA GLU B 309 13.90 -42.65 8.34
C GLU B 309 15.11 -42.40 7.45
N LYS B 310 15.88 -43.45 7.20
CA LYS B 310 17.08 -43.34 6.37
C LYS B 310 16.83 -42.50 5.11
N GLY B 311 17.85 -41.76 4.70
CA GLY B 311 17.76 -40.92 3.53
C GLY B 311 18.78 -39.79 3.57
N ILE B 312 18.50 -38.73 2.83
CA ILE B 312 19.37 -37.56 2.79
C ILE B 312 18.52 -36.31 2.71
N TYR B 313 18.62 -35.46 3.72
CA TYR B 313 17.82 -34.24 3.74
C TYR B 313 18.60 -32.93 3.81
N GLN B 314 18.05 -31.91 3.17
CA GLN B 314 18.63 -30.58 3.13
C GLN B 314 18.09 -29.79 4.31
N THR B 315 18.99 -29.28 5.14
CA THR B 315 18.60 -28.64 6.39
C THR B 315 18.85 -27.14 6.37
N SER B 316 20.05 -26.70 6.06
CA SER B 316 20.34 -25.27 6.11
C SER B 316 21.34 -24.89 5.05
N ASN B 317 21.87 -23.69 5.14
CA ASN B 317 22.91 -23.24 4.24
C ASN B 317 24.10 -22.87 5.10
N PHE B 318 25.17 -22.42 4.46
CA PHE B 318 26.31 -21.95 5.22
C PHE B 318 27.00 -20.83 4.45
N ARG B 319 27.49 -19.84 5.17
CA ARG B 319 28.26 -18.76 4.60
C ARG B 319 29.53 -18.59 5.42
N VAL B 320 30.57 -18.08 4.77
CA VAL B 320 31.81 -17.74 5.44
C VAL B 320 31.68 -16.32 5.96
N GLN B 321 31.88 -16.15 7.26
CA GLN B 321 31.73 -14.86 7.91
C GLN B 321 32.90 -13.97 7.59
N PRO B 322 32.68 -12.66 7.54
CA PRO B 322 33.80 -11.72 7.37
C PRO B 322 34.65 -11.67 8.63
N THR B 323 35.90 -11.23 8.45
CA THR B 323 36.88 -11.26 9.54
C THR B 323 37.25 -9.83 9.93
N GLU B 324 37.09 -8.89 9.01
CA GLU B 324 37.53 -7.52 9.23
C GLU B 324 36.77 -6.57 8.32
N SER B 325 36.52 -5.35 8.77
CA SER B 325 35.86 -4.35 7.95
C SER B 325 36.86 -3.26 7.56
N ILE B 326 36.86 -2.90 6.28
CA ILE B 326 37.78 -1.89 5.77
C ILE B 326 36.97 -0.71 5.25
N VAL B 327 37.54 0.49 5.37
CA VAL B 327 36.95 1.71 4.83
C VAL B 327 38.01 2.37 3.96
N ARG B 328 37.60 2.89 2.80
CA ARG B 328 38.53 3.53 1.88
C ARG B 328 37.95 4.84 1.40
N PHE B 329 38.49 5.96 1.89
CA PHE B 329 38.09 7.29 1.48
C PHE B 329 39.31 8.04 0.97
N PRO B 330 39.15 8.94 0.00
CA PRO B 330 40.33 9.62 -0.57
C PRO B 330 40.89 10.67 0.38
N ASN B 331 42.12 11.10 0.08
CA ASN B 331 42.82 12.07 0.92
C ASN B 331 42.21 13.45 0.71
N ILE B 332 41.17 13.77 1.48
CA ILE B 332 40.61 15.11 1.47
C ILE B 332 40.71 15.63 2.89
N THR B 333 41.07 16.91 3.01
CA THR B 333 41.13 17.61 4.28
C THR B 333 40.48 18.97 4.04
N ASN B 334 40.67 19.87 5.01
CA ASN B 334 40.17 21.25 4.96
C ASN B 334 38.65 21.29 4.82
N LEU B 335 37.96 20.92 5.90
CA LEU B 335 36.51 20.93 6.05
C LEU B 335 35.86 22.19 5.46
N CYS B 336 34.84 22.00 4.72
CA CYS B 336 34.31 23.06 3.88
C CYS B 336 33.48 24.06 4.67
N PRO B 337 33.49 25.32 4.26
CA PRO B 337 32.74 26.34 4.99
C PRO B 337 31.22 26.24 4.81
N PHE B 338 30.57 25.79 5.87
CA PHE B 338 29.14 26.03 6.00
C PHE B 338 28.90 27.39 6.63
N GLY B 339 29.95 28.00 7.18
CA GLY B 339 29.82 29.34 7.74
C GLY B 339 29.60 30.41 6.69
N GLU B 340 30.02 30.16 5.45
CA GLU B 340 29.71 31.09 4.38
C GLU B 340 28.23 31.10 4.04
N VAL B 341 27.56 29.97 4.19
CA VAL B 341 26.15 29.87 3.82
C VAL B 341 25.24 30.01 5.05
N PHE B 342 25.76 29.73 6.24
CA PHE B 342 24.91 29.83 7.43
C PHE B 342 25.05 31.19 8.09
N ASN B 343 26.28 31.69 8.18
CA ASN B 343 26.59 32.87 8.99
C ASN B 343 26.81 34.11 8.14
N ALA B 344 26.16 34.21 6.99
CA ALA B 344 26.20 35.43 6.21
C ALA B 344 25.35 36.50 6.88
N THR B 345 25.71 37.76 6.65
CA THR B 345 24.98 38.86 7.26
C THR B 345 23.65 39.12 6.56
N ARG B 346 23.59 38.87 5.25
CA ARG B 346 22.39 39.11 4.48
C ARG B 346 22.00 37.87 3.70
N PHE B 347 20.69 37.59 3.67
CA PHE B 347 20.13 36.50 2.88
C PHE B 347 19.23 37.10 1.81
N ALA B 348 19.14 36.42 0.68
CA ALA B 348 18.37 36.94 -0.45
C ALA B 348 16.89 36.63 -0.27
N SER B 349 16.13 37.05 -1.27
CA SER B 349 14.69 36.80 -1.30
C SER B 349 14.38 35.44 -1.94
N VAL B 350 13.11 35.22 -2.25
CA VAL B 350 12.73 33.92 -2.82
C VAL B 350 12.41 34.05 -4.29
N TYR B 351 12.19 35.28 -4.78
CA TYR B 351 12.01 35.43 -6.22
C TYR B 351 13.35 35.35 -6.94
N ALA B 352 14.41 35.79 -6.29
CA ALA B 352 15.77 35.80 -6.82
C ALA B 352 16.69 34.99 -5.91
N TRP B 353 16.27 33.79 -5.54
CA TRP B 353 16.91 33.00 -4.49
C TRP B 353 18.33 32.59 -4.86
N ASN B 354 19.21 32.66 -3.86
CA ASN B 354 20.64 32.49 -4.08
C ASN B 354 21.04 31.04 -3.86
N ARG B 355 21.88 30.54 -4.77
CA ARG B 355 22.35 29.17 -4.71
C ARG B 355 23.85 29.17 -4.94
N LYS B 356 24.58 28.44 -4.10
CA LYS B 356 25.99 28.17 -4.37
C LYS B 356 26.24 26.67 -4.31
N ARG B 357 27.30 26.25 -4.99
CA ARG B 357 27.65 24.84 -5.09
C ARG B 357 28.87 24.55 -4.24
N ILE B 358 28.81 23.45 -3.49
CA ILE B 358 29.86 23.05 -2.58
C ILE B 358 30.50 21.79 -3.13
N SER B 359 31.83 21.78 -3.20
CA SER B 359 32.55 20.60 -3.65
C SER B 359 33.88 20.52 -2.93
N ASN B 360 34.51 19.34 -3.02
CA ASN B 360 35.90 19.06 -2.64
C ASN B 360 36.18 19.33 -1.16
N CYS B 361 35.45 18.68 -0.27
CA CYS B 361 35.66 18.90 1.15
C CYS B 361 35.28 17.69 2.00
N VAL B 362 35.76 17.66 3.23
CA VAL B 362 35.27 16.68 4.21
C VAL B 362 34.32 17.42 5.15
N ALA B 363 33.04 17.41 4.78
CA ALA B 363 32.03 18.09 5.56
C ALA B 363 31.73 17.32 6.84
N ASP B 364 30.96 17.94 7.73
CA ASP B 364 30.59 17.29 8.98
C ASP B 364 29.24 17.81 9.45
N TYR B 365 28.19 17.03 9.20
CA TYR B 365 26.84 17.46 9.49
C TYR B 365 26.48 17.25 10.96
N SER B 366 27.34 16.62 11.75
CA SER B 366 27.03 16.39 13.15
C SER B 366 27.17 17.68 13.96
N VAL B 367 28.03 18.60 13.51
CA VAL B 367 28.23 19.84 14.25
C VAL B 367 27.05 20.78 14.07
N LEU B 368 26.25 20.56 13.04
CA LEU B 368 25.05 21.37 12.89
C LEU B 368 23.77 20.54 13.01
N TYR B 369 23.89 19.24 13.26
CA TYR B 369 22.68 18.49 13.56
C TYR B 369 22.21 18.76 14.98
N ASN B 370 23.11 18.58 15.96
CA ASN B 370 22.79 18.78 17.36
C ASN B 370 23.05 20.20 17.84
N SER B 371 23.06 21.17 16.93
CA SER B 371 23.11 22.56 17.32
C SER B 371 21.79 22.98 17.94
N ALA B 372 21.85 24.01 18.79
CA ALA B 372 20.67 24.44 19.52
C ALA B 372 19.87 25.49 18.75
N SER B 373 20.44 26.05 17.69
CA SER B 373 19.84 27.22 17.05
C SER B 373 18.71 26.82 16.11
N PHE B 374 18.84 25.67 15.45
CA PHE B 374 17.89 25.32 14.40
C PHE B 374 16.60 24.79 14.98
N SER B 375 15.49 25.13 14.34
CA SER B 375 14.16 24.81 14.83
C SER B 375 13.41 23.79 13.99
N THR B 376 13.68 23.73 12.69
CA THR B 376 13.05 22.77 11.80
C THR B 376 14.14 22.08 11.01
N PHE B 377 14.42 20.82 11.34
CA PHE B 377 15.51 20.06 10.73
C PHE B 377 14.92 18.75 10.22
N LYS B 378 14.36 18.79 9.00
CA LYS B 378 13.65 17.66 8.42
C LYS B 378 14.41 17.16 7.20
N CYS B 379 14.77 15.88 7.22
CA CYS B 379 15.57 15.27 6.16
C CYS B 379 14.71 14.33 5.33
N TYR B 380 14.91 14.37 4.02
CA TYR B 380 14.14 13.58 3.08
C TYR B 380 15.08 12.70 2.27
N GLY B 381 14.83 11.40 2.29
CA GLY B 381 15.64 10.48 1.52
C GLY B 381 16.83 9.96 2.29
N VAL B 382 17.34 10.78 3.20
CA VAL B 382 18.46 10.40 4.05
C VAL B 382 18.00 10.40 5.50
N SER B 383 18.90 10.03 6.40
CA SER B 383 18.70 10.21 7.82
C SER B 383 19.89 11.01 8.35
N PRO B 384 19.67 12.07 9.13
CA PRO B 384 20.77 12.96 9.50
C PRO B 384 21.78 12.34 10.44
N THR B 385 21.44 11.25 11.11
CA THR B 385 22.40 10.49 11.89
C THR B 385 23.22 9.54 11.04
N LYS B 386 22.97 9.51 9.72
CA LYS B 386 23.77 8.72 8.81
C LYS B 386 24.40 9.56 7.70
N LEU B 387 24.41 10.89 7.84
CA LEU B 387 25.00 11.72 6.80
C LEU B 387 26.52 11.64 6.84
N ASN B 388 27.10 11.31 7.99
CA ASN B 388 28.55 11.21 8.11
C ASN B 388 29.08 9.90 7.56
N ASP B 389 28.21 9.01 7.12
CA ASP B 389 28.61 7.72 6.59
C ASP B 389 28.63 7.69 5.08
N LEU B 390 28.00 8.68 4.43
CA LEU B 390 27.83 8.70 3.00
C LEU B 390 28.79 9.70 2.38
N CYS B 391 28.90 9.64 1.07
CA CYS B 391 29.64 10.63 0.31
C CYS B 391 28.80 11.05 -0.88
N PHE B 392 29.05 12.26 -1.38
CA PHE B 392 28.18 12.85 -2.39
C PHE B 392 29.02 13.40 -3.54
N THR B 393 28.35 13.60 -4.67
CA THR B 393 29.01 14.21 -5.83
C THR B 393 29.05 15.72 -5.70
N ASN B 394 27.90 16.35 -5.44
CA ASN B 394 27.84 17.79 -5.26
C ASN B 394 26.70 18.13 -4.32
N VAL B 395 26.80 19.29 -3.70
CA VAL B 395 25.84 19.77 -2.70
C VAL B 395 25.42 21.18 -3.07
N TYR B 396 24.12 21.38 -3.21
CA TYR B 396 23.57 22.71 -3.51
C TYR B 396 22.96 23.27 -2.24
N ALA B 397 23.38 24.47 -1.87
CA ALA B 397 22.82 25.18 -0.72
C ALA B 397 22.07 26.40 -1.24
N ASP B 398 20.75 26.37 -1.13
CA ASP B 398 19.92 27.50 -1.52
C ASP B 398 19.47 28.22 -0.26
N SER B 399 19.66 29.54 -0.23
CA SER B 399 19.38 30.35 0.95
C SER B 399 18.46 31.50 0.59
N PHE B 400 17.46 31.74 1.44
CA PHE B 400 16.45 32.78 1.22
C PHE B 400 15.77 33.08 2.54
N VAL B 401 14.85 34.05 2.51
CA VAL B 401 14.06 34.40 3.68
C VAL B 401 12.56 34.38 3.34
N ILE B 402 11.79 33.83 4.27
CA ILE B 402 10.34 33.87 4.24
C ILE B 402 9.86 34.14 5.67
N ARG B 403 8.55 34.12 5.85
CA ARG B 403 7.97 34.21 7.18
C ARG B 403 7.80 32.83 7.78
N GLY B 404 7.02 32.71 8.85
CA GLY B 404 6.82 31.43 9.49
C GLY B 404 5.56 30.72 9.03
N ASP B 405 4.63 31.47 8.44
CA ASP B 405 3.40 30.85 7.95
C ASP B 405 3.65 30.03 6.70
N GLU B 406 4.65 30.43 5.91
CA GLU B 406 4.97 29.76 4.66
C GLU B 406 6.09 28.73 4.82
N VAL B 407 6.44 28.35 6.05
CA VAL B 407 7.55 27.42 6.24
C VAL B 407 7.09 26.00 5.95
N ARG B 408 5.77 25.77 5.94
CA ARG B 408 5.23 24.49 5.51
C ARG B 408 5.28 24.34 3.99
N GLN B 409 5.41 25.45 3.27
CA GLN B 409 5.45 25.42 1.81
C GLN B 409 6.72 24.82 1.23
N ILE B 410 7.72 24.56 2.07
CA ILE B 410 8.99 24.00 1.62
C ILE B 410 9.05 22.56 2.08
N ALA B 411 8.62 21.66 1.20
CA ALA B 411 8.55 20.23 1.40
C ALA B 411 8.34 19.63 0.01
N PRO B 412 8.78 18.40 -0.25
CA PRO B 412 8.64 17.85 -1.59
C PRO B 412 7.21 17.56 -1.97
N GLY B 413 6.78 18.16 -3.09
CA GLY B 413 5.53 17.83 -3.71
C GLY B 413 4.26 18.28 -3.01
N GLN B 414 4.06 19.59 -2.90
CA GLN B 414 2.74 20.13 -2.58
C GLN B 414 2.62 21.52 -3.18
N THR B 415 1.40 22.02 -3.19
CA THR B 415 1.07 23.31 -3.77
C THR B 415 1.07 24.40 -2.71
N GLY B 416 0.60 25.58 -3.10
CA GLY B 416 0.52 26.73 -2.23
C GLY B 416 1.12 27.95 -2.88
N LYS B 417 1.37 28.96 -2.05
CA LYS B 417 1.77 30.26 -2.59
C LYS B 417 3.24 30.26 -3.02
N ILE B 418 4.13 29.82 -2.13
CA ILE B 418 5.55 29.78 -2.46
C ILE B 418 5.83 28.67 -3.47
N ALA B 419 5.13 27.55 -3.33
CA ALA B 419 5.46 26.37 -4.12
C ALA B 419 4.96 26.48 -5.56
N ASP B 420 3.93 27.28 -5.81
CA ASP B 420 3.44 27.34 -7.18
C ASP B 420 4.06 28.49 -7.97
N TYR B 421 4.72 29.43 -7.30
CA TYR B 421 5.22 30.62 -7.96
C TYR B 421 6.64 31.04 -7.60
N ASN B 422 7.14 30.60 -6.44
CA ASN B 422 8.49 30.97 -6.02
C ASN B 422 9.45 29.78 -5.97
N TYR B 423 9.67 29.25 -4.77
CA TYR B 423 10.56 28.11 -4.58
C TYR B 423 9.81 26.79 -4.71
N LYS B 424 10.01 26.09 -5.82
CA LYS B 424 9.34 24.82 -6.05
C LYS B 424 10.31 23.65 -5.93
N LEU B 425 10.03 22.75 -5.00
CA LEU B 425 10.87 21.59 -4.78
C LEU B 425 10.35 20.39 -5.59
N PRO B 426 11.31 19.72 -6.34
CA PRO B 426 10.78 18.57 -7.10
C PRO B 426 10.39 17.44 -6.16
N ASP B 427 9.46 16.58 -6.60
CA ASP B 427 9.01 15.46 -5.80
C ASP B 427 10.18 14.74 -5.14
N ASP B 428 10.97 14.05 -5.96
CA ASP B 428 12.13 13.35 -5.45
C ASP B 428 12.69 14.01 -4.21
N PHE B 429 13.63 13.34 -3.54
CA PHE B 429 14.23 13.90 -2.34
C PHE B 429 15.18 15.02 -2.71
N THR B 430 15.30 15.98 -1.81
CA THR B 430 16.40 16.92 -1.89
C THR B 430 17.50 16.47 -0.95
N GLY B 431 17.18 16.45 0.35
CA GLY B 431 18.14 16.28 1.40
C GLY B 431 17.51 16.71 2.70
N CYS B 432 18.17 17.60 3.45
CA CYS B 432 17.60 18.14 4.67
C CYS B 432 17.21 19.59 4.46
N VAL B 433 16.17 20.03 5.14
CA VAL B 433 15.70 21.41 5.11
C VAL B 433 15.83 21.99 6.52
N ILE B 434 16.56 23.11 6.64
CA ILE B 434 16.93 23.69 7.93
C ILE B 434 16.36 25.10 8.00
N ALA B 435 15.77 25.46 9.14
CA ALA B 435 15.14 26.76 9.30
C ALA B 435 15.28 27.26 10.73
N TRP B 436 15.31 28.60 10.87
CA TRP B 436 15.29 29.25 12.17
C TRP B 436 14.71 30.66 12.01
N ASN B 437 14.50 31.32 13.15
CA ASN B 437 13.79 32.59 13.22
C ASN B 437 14.74 33.78 13.07
N SER B 438 14.24 34.85 12.46
CA SER B 438 14.99 36.08 12.28
C SER B 438 14.11 37.27 12.63
N ASN B 439 13.40 37.16 13.76
CA ASN B 439 12.57 38.27 14.23
C ASN B 439 13.40 39.40 14.79
N ASN B 440 14.43 39.11 15.56
CA ASN B 440 15.24 40.13 16.22
C ASN B 440 16.69 40.01 15.77
N LEU B 441 16.90 39.56 14.53
CA LEU B 441 18.25 39.45 14.00
C LEU B 441 18.40 40.31 12.75
N ASP B 442 17.45 40.19 11.82
CA ASP B 442 17.49 40.93 10.57
C ASP B 442 16.27 41.82 10.35
N SER B 443 15.30 41.80 11.26
CA SER B 443 14.14 42.67 11.16
C SER B 443 14.03 43.56 12.39
N TYR B 449 10.09 45.14 5.35
CA TYR B 449 11.49 45.51 5.50
C TYR B 449 12.13 45.79 4.15
N ASN B 450 12.94 44.84 3.67
CA ASN B 450 13.59 44.95 2.36
C ASN B 450 13.50 43.61 1.65
N TYR B 451 12.80 42.66 2.27
CA TYR B 451 12.60 41.32 1.74
C TYR B 451 11.26 41.29 1.03
N LEU B 452 11.21 40.63 -0.13
CA LEU B 452 9.98 40.53 -0.90
C LEU B 452 9.76 39.12 -1.41
N TYR B 453 8.52 38.79 -1.76
CA TYR B 453 8.20 37.46 -2.26
C TYR B 453 6.88 37.43 -3.05
N ARG B 454 6.97 36.98 -4.30
CA ARG B 454 5.79 36.87 -5.17
C ARG B 454 6.19 36.65 -6.62
N LEU B 455 5.19 36.70 -7.50
CA LEU B 455 5.43 36.50 -8.93
C LEU B 455 4.13 36.20 -9.67
N PHE B 456 3.02 36.69 -9.12
CA PHE B 456 1.71 36.48 -9.72
C PHE B 456 1.75 36.72 -11.23
N ARG B 457 1.86 35.64 -11.99
CA ARG B 457 1.91 35.74 -13.45
C ARG B 457 1.32 34.49 -14.10
N LYS B 458 2.18 33.50 -14.33
CA LYS B 458 1.74 32.25 -14.96
C LYS B 458 2.94 31.39 -15.38
N SER B 459 2.83 30.09 -15.15
CA SER B 459 3.91 29.15 -15.51
C SER B 459 4.19 28.12 -14.44
N ASN B 460 3.47 28.19 -13.31
CA ASN B 460 3.27 27.18 -12.26
C ASN B 460 4.55 26.58 -11.65
N LEU B 461 5.72 27.10 -12.02
CA LEU B 461 7.00 26.88 -11.35
C LEU B 461 7.46 25.42 -11.25
N LYS B 462 7.91 24.83 -12.36
CA LYS B 462 8.69 23.59 -12.38
C LYS B 462 9.90 23.71 -11.46
N PRO B 463 10.37 22.62 -10.83
CA PRO B 463 11.28 22.75 -9.67
C PRO B 463 12.65 23.30 -10.02
N PHE B 464 13.18 24.13 -9.09
CA PHE B 464 14.46 24.82 -9.18
C PHE B 464 14.51 25.73 -10.42
N GLU B 465 13.46 26.51 -10.59
CA GLU B 465 13.39 27.51 -11.65
C GLU B 465 13.20 28.87 -10.99
N ARG B 466 14.20 29.73 -11.12
CA ARG B 466 14.14 31.08 -10.59
C ARG B 466 13.62 32.02 -11.66
N ASP B 467 12.65 32.84 -11.30
CA ASP B 467 12.06 33.81 -12.20
C ASP B 467 12.16 35.19 -11.59
N ILE B 468 12.73 36.12 -12.36
CA ILE B 468 12.81 37.51 -11.96
C ILE B 468 12.45 38.36 -13.17
N SER B 469 11.26 38.97 -13.12
CA SER B 469 10.69 39.63 -14.29
C SER B 469 9.80 40.76 -13.81
N THR B 470 9.20 41.47 -14.77
CA THR B 470 8.29 42.58 -14.51
C THR B 470 7.19 42.60 -15.57
N GLU B 471 6.01 42.07 -15.25
CA GLU B 471 4.85 42.08 -16.15
C GLU B 471 3.63 42.56 -15.37
N ILE B 472 3.21 43.80 -15.64
CA ILE B 472 2.12 44.42 -14.90
C ILE B 472 0.79 43.83 -15.36
N TYR B 473 -0.23 43.90 -14.49
CA TYR B 473 -1.50 43.22 -14.70
C TYR B 473 -2.66 44.18 -14.41
N GLN B 474 -2.47 45.45 -14.76
CA GLN B 474 -3.44 46.49 -14.42
C GLN B 474 -4.68 46.35 -15.29
N ALA B 475 -5.58 45.46 -14.90
CA ALA B 475 -6.87 45.33 -15.55
C ALA B 475 -7.99 45.56 -14.54
N GLY B 476 -7.89 44.92 -13.37
CA GLY B 476 -8.87 45.11 -12.33
C GLY B 476 -8.70 46.45 -11.65
N ASN B 487 -3.59 47.75 -3.54
CA ASN B 487 -3.56 46.49 -4.27
C ASN B 487 -2.97 46.64 -5.66
N CYS B 488 -3.83 46.90 -6.64
CA CYS B 488 -3.41 47.07 -8.03
C CYS B 488 -2.77 45.80 -8.58
N TYR B 489 -2.81 45.66 -9.89
CA TYR B 489 -2.24 44.49 -10.57
C TYR B 489 -0.85 44.81 -11.09
N PHE B 490 0.18 44.28 -10.45
CA PHE B 490 1.54 44.55 -10.90
C PHE B 490 2.44 43.40 -10.46
N PRO B 491 3.77 43.43 -10.73
CA PRO B 491 4.68 42.47 -10.09
C PRO B 491 4.83 42.57 -8.58
N LEU B 492 5.95 42.04 -8.11
CA LEU B 492 6.33 41.67 -6.75
C LEU B 492 5.81 42.51 -5.57
N GLN B 493 5.38 41.82 -4.52
CA GLN B 493 4.74 42.40 -3.34
C GLN B 493 5.79 42.58 -2.24
N SER B 494 5.50 43.41 -1.25
CA SER B 494 6.47 43.75 -0.21
C SER B 494 6.07 43.10 1.11
N TYR B 495 7.06 42.92 1.98
CA TYR B 495 6.87 42.29 3.27
C TYR B 495 7.19 43.27 4.40
N GLY B 496 6.42 43.19 5.48
CA GLY B 496 6.60 44.04 6.62
C GLY B 496 7.34 43.36 7.76
N PHE B 497 7.60 44.14 8.80
CA PHE B 497 8.40 43.70 9.94
C PHE B 497 8.07 44.60 11.12
N GLN B 498 8.72 44.31 12.26
CA GLN B 498 8.58 45.14 13.44
C GLN B 498 9.88 45.88 13.74
N VAL B 503 3.56 34.08 16.77
CA VAL B 503 3.04 34.48 15.46
C VAL B 503 3.96 33.92 14.38
N GLY B 504 3.39 33.61 13.22
CA GLY B 504 4.19 33.15 12.10
C GLY B 504 4.41 34.28 11.12
N TYR B 505 3.90 35.46 11.47
CA TYR B 505 4.10 36.66 10.67
C TYR B 505 5.36 37.37 11.16
N GLN B 506 6.50 36.67 11.10
CA GLN B 506 7.80 37.17 11.49
C GLN B 506 8.82 36.49 10.59
N PRO B 507 9.89 37.17 10.18
CA PRO B 507 10.78 36.63 9.15
C PRO B 507 11.62 35.45 9.65
N TYR B 508 11.87 34.50 8.74
CA TYR B 508 12.66 33.31 8.99
C TYR B 508 13.80 33.24 7.98
N ARG B 509 14.78 32.39 8.28
CA ARG B 509 15.93 32.18 7.39
C ARG B 509 16.10 30.69 7.15
N VAL B 510 16.12 30.32 5.87
CA VAL B 510 16.01 28.92 5.45
C VAL B 510 17.15 28.58 4.49
N VAL B 511 17.85 27.48 4.77
CA VAL B 511 18.84 26.92 3.86
C VAL B 511 18.35 25.54 3.42
N VAL B 512 18.48 25.25 2.12
CA VAL B 512 18.01 24.00 1.54
C VAL B 512 19.22 23.25 0.97
N LEU B 513 19.50 22.08 1.53
CA LEU B 513 20.59 21.23 1.05
C LEU B 513 20.04 20.20 0.08
N SER B 514 20.74 20.02 -1.04
CA SER B 514 20.29 19.12 -2.09
C SER B 514 21.45 18.22 -2.48
N PHE B 515 21.40 16.96 -2.07
CA PHE B 515 22.44 16.01 -2.38
C PHE B 515 22.16 15.32 -3.71
N GLU B 516 23.23 15.03 -4.44
CA GLU B 516 23.16 14.26 -5.68
C GLU B 516 23.91 12.96 -5.44
N LEU B 517 23.17 11.85 -5.39
CA LEU B 517 23.73 10.58 -4.95
C LEU B 517 24.61 9.92 -6.01
N LEU B 518 25.11 8.73 -5.67
CA LEU B 518 26.19 8.08 -6.39
C LEU B 518 25.83 7.62 -7.79
N HIS B 519 26.37 8.29 -8.80
CA HIS B 519 26.45 7.75 -10.15
C HIS B 519 27.78 8.16 -10.79
N ALA B 520 28.54 8.99 -10.09
CA ALA B 520 29.73 9.63 -10.60
C ALA B 520 30.83 9.51 -9.55
N PRO B 521 32.07 9.94 -9.80
CA PRO B 521 33.03 10.09 -8.69
C PRO B 521 32.54 11.10 -7.66
N ALA B 522 32.73 10.74 -6.39
CA ALA B 522 32.23 11.54 -5.29
C ALA B 522 33.30 12.51 -4.80
N THR B 523 32.90 13.75 -4.56
CA THR B 523 33.86 14.78 -4.20
C THR B 523 33.68 15.27 -2.77
N VAL B 524 32.51 15.81 -2.48
CA VAL B 524 32.19 16.24 -1.12
C VAL B 524 31.69 15.04 -0.33
N CYS B 525 32.42 14.67 0.73
CA CYS B 525 32.10 13.39 1.31
C CYS B 525 32.48 13.39 2.80
N GLY B 526 32.20 12.29 3.47
CA GLY B 526 32.10 12.26 4.91
C GLY B 526 33.40 12.33 5.69
N PRO B 527 33.29 12.31 7.02
CA PRO B 527 34.48 12.47 7.87
C PRO B 527 35.15 11.18 8.28
N LYS B 528 34.69 10.03 7.80
CA LYS B 528 35.21 8.77 8.31
C LYS B 528 36.63 8.52 7.81
N LYS B 529 37.43 7.85 8.62
CA LYS B 529 38.85 7.66 8.35
C LYS B 529 39.07 6.30 7.72
N SER B 530 40.05 6.23 6.83
CA SER B 530 40.28 5.05 6.02
C SER B 530 41.27 4.12 6.71
N THR B 531 41.31 2.87 6.23
CA THR B 531 42.29 1.89 6.64
C THR B 531 43.06 1.45 5.40
N ASN B 532 43.88 0.42 5.54
CA ASN B 532 44.50 -0.19 4.39
C ASN B 532 43.65 -1.35 3.89
N LEU B 533 43.72 -1.60 2.59
CA LEU B 533 42.86 -2.60 1.98
C LEU B 533 43.51 -3.98 2.04
N VAL B 534 42.68 -5.00 2.28
CA VAL B 534 43.14 -6.37 2.42
C VAL B 534 42.74 -7.11 1.14
N LYS B 535 43.40 -8.23 0.84
CA LYS B 535 43.06 -9.00 -0.34
C LYS B 535 42.94 -10.47 0.04
N ASN B 536 42.21 -11.22 -0.80
CA ASN B 536 42.04 -12.67 -0.69
C ASN B 536 41.46 -13.10 0.66
N LYS B 537 40.42 -12.40 1.11
CA LYS B 537 39.82 -12.63 2.41
C LYS B 537 38.42 -12.02 2.40
N CYS B 538 37.46 -12.72 2.99
CA CYS B 538 36.10 -12.16 3.06
C CYS B 538 36.08 -11.01 4.07
N VAL B 539 35.84 -9.80 3.56
CA VAL B 539 35.88 -8.59 4.37
C VAL B 539 34.64 -7.75 4.07
N ASN B 540 34.45 -6.72 4.87
CA ASN B 540 33.42 -5.73 4.60
C ASN B 540 34.08 -4.46 4.09
N PHE B 541 33.74 -4.04 2.89
CA PHE B 541 34.37 -2.90 2.27
C PHE B 541 33.40 -1.73 2.19
N ASN B 542 33.96 -0.52 2.16
CA ASN B 542 33.17 0.71 2.16
C ASN B 542 33.73 1.73 1.16
N PHE B 543 33.95 1.30 -0.08
CA PHE B 543 34.60 2.12 -1.11
C PHE B 543 33.69 3.27 -1.50
N ASN B 544 33.89 4.42 -0.86
CA ASN B 544 33.15 5.67 -1.02
C ASN B 544 31.67 5.52 -0.74
N GLY B 545 31.28 4.68 0.21
CA GLY B 545 29.89 4.42 0.49
C GLY B 545 29.32 3.18 -0.18
N LEU B 546 30.02 2.61 -1.15
CA LEU B 546 29.62 1.37 -1.80
C LEU B 546 29.89 0.18 -0.90
N THR B 547 29.09 0.05 0.15
CA THR B 547 29.27 -1.01 1.13
C THR B 547 28.86 -2.36 0.56
N GLY B 548 29.40 -3.44 1.13
CA GLY B 548 29.18 -4.76 0.60
C GLY B 548 30.12 -5.75 1.27
N THR B 549 30.04 -6.99 0.79
CA THR B 549 30.82 -8.08 1.35
C THR B 549 31.37 -8.94 0.21
N GLY B 550 32.59 -9.42 0.40
CA GLY B 550 33.22 -10.28 -0.57
C GLY B 550 34.71 -10.31 -0.36
N VAL B 551 35.39 -11.02 -1.26
CA VAL B 551 36.84 -11.08 -1.25
C VAL B 551 37.33 -10.17 -2.36
N LEU B 552 38.54 -9.65 -2.22
CA LEU B 552 39.09 -8.70 -3.18
C LEU B 552 40.37 -9.29 -3.76
N THR B 553 40.48 -9.25 -5.08
CA THR B 553 41.67 -9.74 -5.76
C THR B 553 42.06 -8.77 -6.85
N GLU B 554 43.27 -8.94 -7.36
CA GLU B 554 43.81 -8.03 -8.38
C GLU B 554 43.23 -8.40 -9.73
N SER B 555 42.70 -7.40 -10.44
CA SER B 555 41.95 -7.64 -11.66
C SER B 555 42.85 -7.51 -12.87
N ASN B 556 42.94 -8.59 -13.66
CA ASN B 556 43.63 -8.53 -14.95
C ASN B 556 42.79 -7.85 -16.02
N LYS B 557 41.52 -7.55 -15.75
CA LYS B 557 40.75 -6.71 -16.65
C LYS B 557 41.19 -5.26 -16.48
N LYS B 558 40.86 -4.45 -17.48
CA LYS B 558 41.24 -3.05 -17.47
C LYS B 558 40.01 -2.16 -17.51
N PHE B 559 40.22 -0.91 -17.17
CA PHE B 559 39.23 0.14 -17.29
C PHE B 559 39.65 1.08 -18.41
N LEU B 560 38.82 2.09 -18.66
CA LEU B 560 39.28 3.31 -19.30
C LEU B 560 39.28 4.40 -18.24
N PRO B 561 40.25 5.32 -18.25
CA PRO B 561 40.48 6.22 -17.09
C PRO B 561 39.35 7.14 -16.65
N PHE B 562 38.21 7.14 -17.35
CA PHE B 562 37.04 7.87 -16.88
C PHE B 562 36.08 7.00 -16.09
N GLN B 563 36.36 5.70 -15.96
CA GLN B 563 35.42 4.75 -15.39
C GLN B 563 35.73 4.52 -13.92
N GLN B 564 34.68 4.45 -13.10
CA GLN B 564 34.79 4.42 -11.66
C GLN B 564 34.54 3.04 -11.05
N PHE B 565 33.57 2.29 -11.55
CA PHE B 565 33.40 0.90 -11.16
C PHE B 565 32.88 0.14 -12.37
N GLY B 566 32.57 -1.14 -12.15
CA GLY B 566 32.05 -1.99 -13.19
C GLY B 566 30.88 -2.81 -12.68
N ARG B 567 30.21 -3.48 -13.63
CA ARG B 567 29.16 -4.43 -13.34
C ARG B 567 28.90 -5.29 -14.57
N ASP B 568 28.34 -6.47 -14.35
CA ASP B 568 27.92 -7.31 -15.47
C ASP B 568 26.41 -7.26 -15.71
N ILE B 569 25.64 -7.71 -14.71
CA ILE B 569 24.21 -8.00 -14.87
C ILE B 569 23.58 -7.77 -13.51
N ALA B 570 22.32 -7.26 -13.50
CA ALA B 570 21.44 -7.20 -12.33
C ALA B 570 21.98 -6.25 -11.25
N ASP B 571 22.59 -5.16 -11.68
CA ASP B 571 22.97 -3.96 -10.94
C ASP B 571 24.05 -4.21 -9.90
N THR B 572 24.58 -5.42 -9.75
CA THR B 572 25.54 -5.70 -8.70
C THR B 572 26.95 -5.44 -9.23
N THR B 573 27.81 -4.90 -8.36
CA THR B 573 29.10 -4.39 -8.81
C THR B 573 30.14 -5.49 -8.75
N ASP B 574 31.01 -5.54 -9.75
CA ASP B 574 32.02 -6.57 -9.83
C ASP B 574 33.43 -6.06 -9.61
N ALA B 575 33.69 -4.79 -9.95
CA ALA B 575 35.03 -4.24 -9.90
C ALA B 575 34.93 -2.80 -9.44
N VAL B 576 35.96 -2.31 -8.75
CA VAL B 576 35.95 -0.96 -8.20
C VAL B 576 37.36 -0.40 -8.22
N ARG B 577 37.48 0.88 -8.57
CA ARG B 577 38.72 1.62 -8.46
C ARG B 577 38.76 2.32 -7.11
N ASP B 578 39.78 1.98 -6.28
CA ASP B 578 39.78 2.53 -4.93
C ASP B 578 40.20 4.00 -4.96
N PRO B 579 39.73 4.82 -4.01
CA PRO B 579 39.95 6.27 -4.13
C PRO B 579 41.39 6.72 -3.92
N GLN B 580 42.20 5.97 -3.19
CA GLN B 580 43.54 6.41 -2.86
C GLN B 580 44.59 5.91 -3.85
N THR B 581 44.73 4.59 -3.96
CA THR B 581 45.77 4.01 -4.82
C THR B 581 45.40 4.12 -6.30
N LEU B 582 44.10 4.22 -6.61
CA LEU B 582 43.54 4.11 -7.96
C LEU B 582 43.95 2.78 -8.60
N GLU B 583 43.76 1.73 -7.84
CA GLU B 583 43.97 0.36 -8.30
C GLU B 583 42.60 -0.27 -8.54
N ILE B 584 42.54 -1.22 -9.47
CA ILE B 584 41.29 -1.86 -9.82
C ILE B 584 41.26 -3.26 -9.21
N LEU B 585 40.18 -3.57 -8.49
CA LEU B 585 40.05 -4.76 -7.67
C LEU B 585 38.75 -5.48 -7.98
N ASP B 586 38.80 -6.81 -8.03
CA ASP B 586 37.62 -7.60 -8.29
C ASP B 586 36.85 -7.86 -6.99
N ILE B 587 35.54 -7.96 -7.11
CA ILE B 587 34.68 -8.28 -5.98
C ILE B 587 33.90 -9.53 -6.36
N THR B 588 34.39 -10.67 -5.95
CA THR B 588 33.62 -11.90 -5.97
C THR B 588 33.27 -12.30 -4.54
N PRO B 589 32.04 -12.77 -4.31
CA PRO B 589 31.58 -12.97 -2.94
C PRO B 589 32.19 -14.20 -2.29
N CYS B 590 32.38 -14.13 -0.98
CA CYS B 590 33.00 -15.22 -0.24
C CYS B 590 31.99 -16.35 -0.15
N SER B 591 32.49 -17.57 -0.34
CA SER B 591 31.75 -18.76 -0.75
C SER B 591 30.58 -19.14 0.13
N PHE B 592 29.52 -19.63 -0.48
CA PHE B 592 28.37 -20.15 0.25
C PHE B 592 27.93 -21.44 -0.40
N GLY B 593 27.04 -22.15 0.27
CA GLY B 593 26.49 -23.36 -0.27
C GLY B 593 25.33 -23.85 0.55
N GLY B 594 24.86 -25.05 0.21
CA GLY B 594 23.85 -25.71 1.00
C GLY B 594 24.45 -26.82 1.81
N VAL B 595 23.75 -27.29 2.83
CA VAL B 595 24.24 -28.34 3.71
C VAL B 595 23.21 -29.45 3.74
N SER B 596 23.62 -30.65 3.36
CA SER B 596 22.78 -31.84 3.44
C SER B 596 23.35 -32.80 4.45
N VAL B 597 22.50 -33.66 4.99
CA VAL B 597 22.87 -34.58 6.06
C VAL B 597 22.31 -35.97 5.79
N ILE B 598 23.21 -36.96 5.79
CA ILE B 598 22.93 -38.33 5.36
C ILE B 598 22.76 -39.19 6.59
N THR B 599 21.58 -39.80 6.75
CA THR B 599 21.39 -40.59 7.94
C THR B 599 20.91 -42.01 7.61
N PRO B 600 21.36 -43.02 8.36
CA PRO B 600 20.83 -44.37 8.15
C PRO B 600 19.49 -44.63 8.79
N GLY B 601 18.94 -43.68 9.52
CA GLY B 601 17.69 -43.89 10.23
C GLY B 601 17.97 -43.98 11.71
N THR B 602 17.21 -43.25 12.53
CA THR B 602 17.49 -43.22 13.97
C THR B 602 17.17 -44.57 14.61
N ASN B 603 16.20 -45.27 14.03
CA ASN B 603 15.86 -46.63 14.45
C ASN B 603 17.04 -47.57 14.31
N THR B 604 17.86 -47.40 13.28
CA THR B 604 19.06 -48.21 13.12
C THR B 604 20.24 -47.69 13.94
N SER B 605 20.62 -46.43 13.76
CA SER B 605 21.75 -45.88 14.50
C SER B 605 21.60 -44.38 14.70
N ASN B 606 22.49 -43.77 15.46
CA ASN B 606 22.52 -42.32 15.52
C ASN B 606 23.90 -41.87 15.07
N GLN B 607 24.08 -41.80 13.77
CA GLN B 607 25.31 -41.37 13.15
C GLN B 607 24.94 -40.59 11.90
N VAL B 608 25.83 -39.72 11.49
CA VAL B 608 25.53 -38.74 10.45
C VAL B 608 26.79 -38.46 9.64
N ALA B 609 26.66 -38.43 8.33
CA ALA B 609 27.60 -37.73 7.48
C ALA B 609 26.96 -36.43 7.01
N VAL B 610 27.78 -35.46 6.63
CA VAL B 610 27.28 -34.16 6.22
C VAL B 610 27.87 -33.83 4.86
N LEU B 611 27.00 -33.42 3.94
CA LEU B 611 27.43 -33.00 2.62
C LEU B 611 27.35 -31.48 2.52
N TYR B 612 28.45 -30.86 2.14
CA TYR B 612 28.50 -29.44 1.87
C TYR B 612 28.46 -29.26 0.36
N GLN B 613 27.33 -28.80 -0.15
CA GLN B 613 27.06 -28.85 -1.59
C GLN B 613 27.84 -27.77 -2.32
N ASP B 614 28.56 -28.17 -3.37
CA ASP B 614 29.25 -27.31 -4.32
C ASP B 614 30.26 -26.39 -3.66
N VAL B 615 31.18 -26.96 -2.88
CA VAL B 615 32.23 -26.18 -2.25
C VAL B 615 33.46 -27.06 -2.08
N ASN B 616 34.58 -26.58 -2.62
CA ASN B 616 35.86 -27.22 -2.42
C ASN B 616 36.27 -27.09 -0.97
N CYS B 617 36.12 -28.16 -0.19
CA CYS B 617 36.27 -28.04 1.25
C CYS B 617 37.74 -28.08 1.66
N THR B 618 38.42 -27.00 1.30
CA THR B 618 39.59 -26.54 2.03
C THR B 618 39.18 -25.36 2.89
N GLU B 619 37.87 -25.17 3.04
CA GLU B 619 37.34 -23.98 3.70
C GLU B 619 36.13 -24.29 4.56
N VAL B 620 36.16 -25.40 5.28
CA VAL B 620 35.07 -25.73 6.18
C VAL B 620 35.56 -25.78 7.62
N THR B 638 34.18 -33.13 13.84
CA THR B 638 34.35 -33.37 12.41
C THR B 638 35.75 -33.88 12.10
N GLY B 639 36.21 -33.65 10.88
CA GLY B 639 37.51 -34.13 10.44
C GLY B 639 37.60 -35.62 10.19
N SER B 640 36.48 -36.33 10.20
CA SER B 640 36.47 -37.78 10.03
C SER B 640 36.54 -38.16 8.56
N ASN B 641 37.76 -38.14 7.99
CA ASN B 641 38.06 -38.62 6.65
C ASN B 641 37.24 -37.92 5.58
N VAL B 642 37.49 -36.63 5.36
CA VAL B 642 36.79 -35.84 4.36
C VAL B 642 37.18 -36.35 2.98
N PHE B 643 36.29 -36.13 2.02
CA PHE B 643 36.35 -36.78 0.72
C PHE B 643 35.64 -35.87 -0.27
N GLN B 644 36.42 -35.22 -1.13
CA GLN B 644 35.89 -34.29 -2.12
C GLN B 644 35.36 -35.09 -3.31
N THR B 645 34.15 -34.78 -3.72
CA THR B 645 33.54 -35.42 -4.86
C THR B 645 32.99 -34.35 -5.80
N ARG B 646 32.23 -34.77 -6.80
CA ARG B 646 31.66 -33.80 -7.72
C ARG B 646 30.47 -33.06 -7.13
N ALA B 647 29.70 -33.69 -6.27
CA ALA B 647 28.48 -33.09 -5.74
C ALA B 647 28.71 -32.27 -4.47
N GLY B 648 29.92 -31.79 -4.23
CA GLY B 648 30.28 -31.20 -2.97
C GLY B 648 31.43 -31.96 -2.34
N CYS B 649 31.40 -32.02 -1.00
CA CYS B 649 32.30 -32.91 -0.30
C CYS B 649 31.68 -33.49 0.95
N LEU B 650 32.02 -34.74 1.25
CA LEU B 650 31.47 -35.47 2.37
C LEU B 650 32.39 -35.40 3.58
N ILE B 651 31.79 -35.29 4.74
CA ILE B 651 32.51 -35.32 6.01
C ILE B 651 31.84 -36.36 6.88
N GLY B 652 32.59 -37.38 7.25
CA GLY B 652 32.08 -38.42 8.11
C GLY B 652 31.72 -39.70 7.41
N ALA B 653 32.18 -39.89 6.18
CA ALA B 653 31.90 -41.08 5.40
C ALA B 653 33.20 -41.66 4.93
N GLU B 654 33.26 -42.98 4.83
CA GLU B 654 34.50 -43.66 4.48
C GLU B 654 34.45 -44.11 3.01
N HIS B 655 35.34 -43.57 2.20
CA HIS B 655 35.40 -43.93 0.80
C HIS B 655 36.01 -45.32 0.63
N VAL B 656 35.30 -46.18 -0.09
CA VAL B 656 35.73 -47.57 -0.29
C VAL B 656 35.89 -47.83 -1.78
N ASN B 657 36.53 -48.95 -2.11
CA ASN B 657 36.77 -49.35 -3.49
C ASN B 657 35.78 -50.38 -4.01
N ASN B 658 34.85 -50.84 -3.18
CA ASN B 658 33.86 -51.80 -3.64
C ASN B 658 32.76 -51.12 -4.44
N SER B 659 31.73 -51.87 -4.78
CA SER B 659 30.58 -51.31 -5.46
C SER B 659 29.34 -52.12 -5.14
N TYR B 660 28.26 -51.45 -4.80
CA TYR B 660 27.00 -52.10 -4.44
C TYR B 660 25.86 -51.41 -5.17
N GLU B 661 24.66 -51.93 -4.98
CA GLU B 661 23.46 -51.23 -5.43
C GLU B 661 23.28 -49.98 -4.61
N CYS B 662 22.68 -48.96 -5.21
CA CYS B 662 22.54 -47.67 -4.56
C CYS B 662 21.56 -47.75 -3.40
N ASP B 663 21.92 -47.06 -2.31
CA ASP B 663 21.12 -47.05 -1.09
C ASP B 663 20.58 -45.66 -0.85
N ILE B 664 21.49 -44.70 -0.72
CA ILE B 664 21.16 -43.29 -0.53
C ILE B 664 21.89 -42.52 -1.62
N PRO B 665 21.18 -41.82 -2.51
CA PRO B 665 21.87 -41.17 -3.62
C PRO B 665 22.50 -39.88 -3.19
N ILE B 666 23.82 -39.80 -3.36
CA ILE B 666 24.51 -38.55 -3.08
C ILE B 666 24.42 -37.69 -4.32
N GLY B 667 24.93 -38.20 -5.43
CA GLY B 667 24.90 -37.50 -6.68
C GLY B 667 26.16 -37.73 -7.45
N ALA B 668 26.05 -37.59 -8.78
CA ALA B 668 27.16 -37.70 -9.74
C ALA B 668 27.85 -39.05 -9.67
N GLY B 669 27.08 -40.11 -9.45
CA GLY B 669 27.59 -41.45 -9.43
C GLY B 669 27.84 -42.03 -8.07
N ILE B 670 27.83 -41.20 -7.03
CA ILE B 670 28.19 -41.63 -5.70
C ILE B 670 26.92 -41.94 -4.92
N CYS B 671 26.92 -43.06 -4.21
CA CYS B 671 25.88 -43.36 -3.26
C CYS B 671 26.51 -43.53 -1.88
N ALA B 672 25.67 -43.63 -0.87
CA ALA B 672 26.16 -43.81 0.49
C ALA B 672 25.31 -44.84 1.21
N SER B 673 25.94 -45.57 2.12
CA SER B 673 25.24 -46.63 2.82
C SER B 673 25.86 -46.94 4.17
N TYR B 674 25.13 -47.67 5.00
CA TYR B 674 25.53 -47.98 6.36
C TYR B 674 25.64 -49.48 6.55
N GLN B 675 26.87 -49.98 6.56
CA GLN B 675 27.06 -51.42 6.68
C GLN B 675 28.41 -51.78 7.25
N THR B 676 28.53 -52.99 7.79
CA THR B 676 29.68 -53.41 8.57
C THR B 676 30.89 -53.83 7.75
N GLN B 690 32.18 -50.25 9.35
CA GLN B 690 30.91 -50.31 10.08
C GLN B 690 30.44 -48.93 10.48
N SER B 691 30.86 -47.92 9.73
CA SER B 691 30.52 -46.57 10.17
C SER B 691 29.51 -45.87 9.28
N ILE B 692 29.86 -45.54 8.04
CA ILE B 692 29.03 -45.15 6.88
C ILE B 692 30.02 -45.15 5.73
N ILE B 693 29.64 -45.70 4.57
CA ILE B 693 30.57 -45.75 3.47
C ILE B 693 30.06 -44.93 2.29
N ALA B 694 30.95 -44.63 1.34
CA ALA B 694 30.58 -43.91 0.13
C ALA B 694 31.34 -44.52 -1.03
N TYR B 695 30.59 -44.91 -2.07
CA TYR B 695 31.14 -45.72 -3.15
C TYR B 695 30.57 -45.21 -4.45
N THR B 696 31.04 -45.76 -5.57
CA THR B 696 30.36 -45.61 -6.84
C THR B 696 29.39 -46.76 -7.00
N MET B 697 28.21 -46.47 -7.54
CA MET B 697 27.18 -47.47 -7.61
C MET B 697 27.47 -48.47 -8.72
N SER B 698 27.10 -49.72 -8.48
CA SER B 698 27.18 -50.75 -9.50
C SER B 698 25.91 -50.75 -10.31
N LEU B 699 26.06 -50.83 -11.63
CA LEU B 699 24.92 -50.82 -12.52
C LEU B 699 24.19 -52.14 -12.56
N GLY B 700 24.75 -53.19 -11.99
CA GLY B 700 24.08 -54.46 -11.92
C GLY B 700 25.08 -55.58 -11.96
N ALA B 701 24.59 -56.77 -12.26
CA ALA B 701 25.46 -57.92 -12.50
C ALA B 701 26.06 -57.78 -13.90
N GLU B 702 26.93 -58.70 -14.28
CA GLU B 702 27.49 -58.61 -15.62
C GLU B 702 27.69 -60.01 -16.17
N ASN B 703 26.96 -60.33 -17.24
CA ASN B 703 27.20 -61.59 -17.91
C ASN B 703 27.36 -61.34 -19.39
N SER B 704 27.67 -62.42 -20.10
CA SER B 704 28.04 -62.34 -21.51
C SER B 704 27.44 -63.57 -22.16
N VAL B 705 26.52 -63.36 -23.08
CA VAL B 705 25.77 -64.45 -23.66
C VAL B 705 26.66 -65.21 -24.63
N ALA B 706 26.54 -66.53 -24.63
CA ALA B 706 27.42 -67.38 -25.41
C ALA B 706 26.96 -67.41 -26.87
N TYR B 707 27.26 -66.33 -27.57
CA TYR B 707 26.82 -66.20 -28.94
C TYR B 707 27.74 -66.99 -29.88
N SER B 708 27.12 -67.54 -30.91
CA SER B 708 27.79 -68.28 -31.97
C SER B 708 26.83 -68.30 -33.15
N ASN B 709 27.35 -68.56 -34.33
CA ASN B 709 26.47 -68.50 -35.48
C ASN B 709 25.72 -69.80 -35.75
N ASN B 710 25.88 -70.83 -34.93
CA ASN B 710 24.99 -71.98 -35.01
C ASN B 710 24.64 -72.52 -33.64
N SER B 711 24.28 -71.66 -32.70
CA SER B 711 23.93 -72.12 -31.37
C SER B 711 22.68 -71.39 -30.91
N ILE B 712 21.76 -72.13 -30.31
CA ILE B 712 20.48 -71.59 -29.84
C ILE B 712 20.17 -72.23 -28.50
N ALA B 713 19.51 -71.49 -27.62
CA ALA B 713 19.06 -71.99 -26.34
C ALA B 713 17.54 -72.02 -26.31
N ILE B 714 16.97 -73.14 -25.88
CA ILE B 714 15.53 -73.33 -25.82
C ILE B 714 15.17 -73.66 -24.38
N PRO B 715 14.14 -73.05 -23.81
CA PRO B 715 13.76 -73.39 -22.45
C PRO B 715 12.99 -74.70 -22.37
N THR B 716 13.28 -75.48 -21.34
CA THR B 716 12.67 -76.80 -21.21
C THR B 716 11.64 -76.86 -20.08
N ASN B 717 11.38 -75.75 -19.41
CA ASN B 717 10.42 -75.71 -18.32
C ASN B 717 9.94 -74.27 -18.24
N PHE B 718 9.08 -74.00 -17.26
CA PHE B 718 8.57 -72.65 -17.10
C PHE B 718 8.16 -72.43 -15.66
N THR B 719 7.96 -71.16 -15.32
CA THR B 719 7.29 -70.78 -14.10
C THR B 719 6.21 -69.79 -14.47
N ILE B 720 5.16 -69.72 -13.67
CA ILE B 720 4.25 -68.61 -13.80
C ILE B 720 4.39 -67.74 -12.56
N SER B 721 4.15 -66.45 -12.72
CA SER B 721 4.37 -65.51 -11.63
C SER B 721 3.22 -64.53 -11.60
N VAL B 722 2.95 -64.02 -10.41
CA VAL B 722 2.02 -62.91 -10.26
C VAL B 722 2.79 -61.70 -9.77
N THR B 723 2.23 -60.53 -10.03
CA THR B 723 2.96 -59.28 -9.87
C THR B 723 1.95 -58.18 -9.61
N THR B 724 2.22 -57.38 -8.59
CA THR B 724 1.31 -56.35 -8.13
C THR B 724 1.68 -55.00 -8.72
N GLU B 725 0.68 -54.27 -9.20
CA GLU B 725 0.87 -52.91 -9.69
C GLU B 725 -0.18 -51.99 -9.08
N ILE B 726 0.24 -50.88 -8.50
CA ILE B 726 -0.63 -49.96 -7.79
C ILE B 726 -0.63 -48.62 -8.50
N LEU B 727 -1.83 -48.08 -8.76
CA LEU B 727 -1.99 -46.80 -9.41
C LEU B 727 -3.00 -45.95 -8.67
N PRO B 728 -2.75 -44.66 -8.49
CA PRO B 728 -3.77 -43.77 -7.95
C PRO B 728 -4.79 -43.38 -8.99
N VAL B 729 -6.04 -43.20 -8.56
CA VAL B 729 -7.10 -42.70 -9.44
C VAL B 729 -7.80 -41.47 -8.90
N SER B 730 -7.69 -41.15 -7.61
CA SER B 730 -8.55 -40.11 -7.06
C SER B 730 -7.82 -39.28 -6.01
N MET B 731 -8.32 -38.08 -5.80
CA MET B 731 -7.96 -37.21 -4.68
C MET B 731 -9.18 -37.02 -3.79
N THR B 732 -9.01 -36.26 -2.71
CA THR B 732 -10.15 -35.82 -1.93
C THR B 732 -10.73 -34.55 -2.52
N LYS B 733 -12.04 -34.46 -2.47
CA LYS B 733 -12.76 -33.33 -3.07
C LYS B 733 -12.98 -32.29 -1.99
N THR B 734 -12.09 -31.32 -1.89
CA THR B 734 -12.25 -30.27 -0.90
C THR B 734 -12.98 -29.09 -1.51
N SER B 735 -13.58 -28.30 -0.63
CA SER B 735 -14.31 -27.11 -1.03
C SER B 735 -13.98 -26.02 -0.04
N VAL B 736 -13.51 -24.89 -0.55
CA VAL B 736 -13.04 -23.80 0.28
C VAL B 736 -13.86 -22.56 -0.05
N ASP B 737 -14.39 -21.95 1.00
CA ASP B 737 -15.11 -20.70 0.88
C ASP B 737 -14.13 -19.55 1.13
N CYS B 738 -14.07 -18.60 0.19
CA CYS B 738 -13.21 -17.44 0.35
C CYS B 738 -13.60 -16.59 1.56
N THR B 739 -14.86 -16.17 1.61
CA THR B 739 -15.28 -15.11 2.51
C THR B 739 -15.17 -15.53 3.96
N MET B 740 -15.37 -16.82 4.24
CA MET B 740 -15.18 -17.29 5.59
C MET B 740 -13.70 -17.48 5.90
N TYR B 741 -12.88 -17.72 4.87
CA TYR B 741 -11.46 -17.95 5.12
C TYR B 741 -10.76 -16.64 5.42
N ILE B 742 -10.89 -15.64 4.56
CA ILE B 742 -10.03 -14.47 4.73
C ILE B 742 -10.67 -13.45 5.65
N CYS B 743 -12.00 -13.44 5.76
CA CYS B 743 -12.68 -12.50 6.64
C CYS B 743 -13.23 -13.14 7.89
N GLY B 744 -14.06 -14.16 7.77
CA GLY B 744 -14.50 -14.92 8.91
C GLY B 744 -15.46 -14.19 9.83
N ASP B 745 -16.68 -13.94 9.34
CA ASP B 745 -17.74 -13.22 10.05
C ASP B 745 -17.29 -11.85 10.52
N SER B 746 -17.03 -10.96 9.56
CA SER B 746 -16.66 -9.59 9.85
C SER B 746 -17.23 -8.74 8.71
N THR B 747 -18.11 -7.80 9.04
CA THR B 747 -18.84 -7.10 7.99
C THR B 747 -17.97 -6.03 7.32
N GLU B 748 -17.10 -5.39 8.09
CA GLU B 748 -16.23 -4.37 7.52
C GLU B 748 -15.06 -4.98 6.77
N CYS B 749 -14.79 -6.27 7.00
CA CYS B 749 -13.86 -6.98 6.13
C CYS B 749 -14.52 -7.38 4.83
N SER B 750 -15.78 -7.81 4.90
CA SER B 750 -16.48 -8.27 3.71
C SER B 750 -16.80 -7.11 2.77
N ASN B 751 -16.86 -5.90 3.31
CA ASN B 751 -17.08 -4.73 2.47
C ASN B 751 -15.83 -4.36 1.70
N LEU B 752 -14.65 -4.52 2.31
CA LEU B 752 -13.42 -4.24 1.62
C LEU B 752 -13.10 -5.26 0.53
N LEU B 753 -13.58 -6.49 0.67
CA LEU B 753 -13.30 -7.54 -0.27
C LEU B 753 -14.04 -7.36 -1.59
N LEU B 754 -15.11 -6.58 -1.61
CA LEU B 754 -15.82 -6.31 -2.86
C LEU B 754 -15.03 -5.37 -3.76
N GLN B 755 -14.01 -4.71 -3.23
CA GLN B 755 -13.16 -3.88 -4.06
C GLN B 755 -12.29 -4.69 -5.00
N TYR B 756 -12.17 -5.99 -4.80
CA TYR B 756 -11.34 -6.85 -5.62
C TYR B 756 -12.11 -7.54 -6.72
N GLY B 757 -13.42 -7.35 -6.79
CA GLY B 757 -14.19 -7.92 -7.86
C GLY B 757 -14.46 -9.39 -7.67
N SER B 758 -14.21 -10.18 -8.70
CA SER B 758 -14.58 -11.58 -8.74
C SER B 758 -13.39 -12.51 -8.55
N PHE B 759 -12.48 -12.20 -7.63
CA PHE B 759 -11.37 -13.11 -7.35
C PHE B 759 -11.86 -14.39 -6.68
N CYS B 760 -13.02 -14.36 -6.04
CA CYS B 760 -13.46 -15.54 -5.30
C CYS B 760 -14.63 -16.25 -5.95
N THR B 761 -15.19 -15.71 -7.02
CA THR B 761 -16.02 -16.55 -7.86
C THR B 761 -15.15 -17.47 -8.69
N GLN B 762 -13.93 -17.03 -9.03
CA GLN B 762 -13.02 -17.84 -9.81
C GLN B 762 -12.46 -19.00 -9.01
N LEU B 763 -12.13 -18.78 -7.74
CA LEU B 763 -11.47 -19.81 -6.96
C LEU B 763 -12.42 -20.93 -6.60
N ASN B 764 -13.70 -20.62 -6.42
CA ASN B 764 -14.67 -21.67 -6.13
C ASN B 764 -15.03 -22.42 -7.40
N ARG B 765 -14.91 -21.77 -8.54
CA ARG B 765 -15.20 -22.43 -9.79
C ARG B 765 -14.08 -23.40 -10.17
N ALA B 766 -12.84 -23.03 -9.84
CA ALA B 766 -11.70 -23.89 -10.14
C ALA B 766 -11.67 -25.11 -9.25
N LEU B 767 -12.03 -24.95 -7.98
CA LEU B 767 -12.05 -26.10 -7.08
C LEU B 767 -13.25 -26.99 -7.33
N THR B 768 -14.30 -26.49 -7.94
CA THR B 768 -15.44 -27.35 -8.27
C THR B 768 -15.20 -28.08 -9.58
N GLY B 769 -14.36 -27.52 -10.45
CA GLY B 769 -14.03 -28.20 -11.68
C GLY B 769 -13.16 -29.42 -11.46
N ILE B 770 -12.39 -29.44 -10.38
CA ILE B 770 -11.52 -30.58 -10.11
C ILE B 770 -12.12 -31.46 -9.06
N ALA B 771 -13.35 -31.18 -8.64
CA ALA B 771 -14.07 -32.14 -7.81
C ALA B 771 -15.01 -32.97 -8.67
N VAL B 772 -15.54 -32.39 -9.74
CA VAL B 772 -16.31 -33.15 -10.71
C VAL B 772 -15.40 -34.10 -11.47
N GLU B 773 -14.16 -33.69 -11.71
CA GLU B 773 -13.18 -34.52 -12.42
C GLU B 773 -12.81 -35.75 -11.61
N GLN B 774 -12.84 -35.66 -10.29
CA GLN B 774 -12.50 -36.83 -9.47
C GLN B 774 -13.55 -37.92 -9.57
N ASP B 775 -14.78 -37.57 -9.91
CA ASP B 775 -15.80 -38.60 -10.09
C ASP B 775 -15.76 -39.19 -11.48
N LYS B 776 -15.30 -38.43 -12.47
CA LYS B 776 -15.10 -38.96 -13.81
C LYS B 776 -13.89 -39.87 -13.87
N ASN B 777 -12.94 -39.68 -12.96
CA ASN B 777 -11.78 -40.56 -12.89
C ASN B 777 -12.17 -41.96 -12.47
N THR B 778 -12.97 -42.09 -11.43
CA THR B 778 -13.35 -43.41 -10.91
C THR B 778 -14.34 -44.11 -11.83
N GLN B 779 -15.20 -43.36 -12.51
CA GLN B 779 -16.18 -43.94 -13.39
C GLN B 779 -15.53 -44.58 -14.61
N GLU B 780 -14.47 -43.99 -15.12
CA GLU B 780 -13.82 -44.50 -16.30
C GLU B 780 -12.95 -45.72 -16.04
N VAL B 781 -12.47 -45.90 -14.82
CA VAL B 781 -11.73 -47.10 -14.49
C VAL B 781 -12.66 -48.25 -14.17
N PHE B 782 -13.69 -48.02 -13.35
CA PHE B 782 -14.39 -49.15 -12.76
C PHE B 782 -15.68 -49.50 -13.49
N ALA B 783 -16.31 -48.54 -14.15
CA ALA B 783 -17.57 -48.84 -14.83
C ALA B 783 -17.32 -49.27 -16.28
N GLN B 784 -16.51 -50.31 -16.41
CA GLN B 784 -16.19 -50.91 -17.70
C GLN B 784 -17.09 -52.07 -18.04
N VAL B 785 -18.09 -52.34 -17.23
CA VAL B 785 -18.88 -53.56 -17.36
C VAL B 785 -20.34 -53.17 -17.44
N LYS B 786 -21.10 -53.90 -18.26
CA LYS B 786 -22.50 -53.56 -18.48
C LYS B 786 -23.39 -54.16 -17.41
N GLN B 787 -23.17 -55.42 -17.08
CA GLN B 787 -24.01 -56.15 -16.15
C GLN B 787 -23.18 -56.56 -14.95
N ILE B 788 -23.85 -56.84 -13.84
CA ILE B 788 -23.15 -57.26 -12.64
C ILE B 788 -23.13 -58.78 -12.61
N TYR B 789 -22.02 -59.38 -13.02
CA TYR B 789 -21.95 -60.82 -13.11
C TYR B 789 -21.72 -61.44 -11.74
N LYS B 790 -22.06 -62.71 -11.63
CA LYS B 790 -21.91 -63.47 -10.39
C LYS B 790 -21.21 -64.78 -10.68
N THR B 791 -20.47 -65.25 -9.70
CA THR B 791 -19.78 -66.52 -9.85
C THR B 791 -20.69 -67.66 -9.41
N PRO B 792 -20.58 -68.85 -10.01
CA PRO B 792 -21.48 -69.94 -9.64
C PRO B 792 -21.13 -70.48 -8.27
N PRO B 793 -22.11 -71.04 -7.55
CA PRO B 793 -21.85 -71.48 -6.17
C PRO B 793 -20.94 -72.68 -6.06
N ILE B 794 -20.94 -73.59 -7.04
CA ILE B 794 -19.94 -74.66 -7.11
C ILE B 794 -18.83 -74.17 -8.03
N LYS B 795 -17.60 -74.38 -7.60
CA LYS B 795 -16.45 -73.72 -8.20
C LYS B 795 -15.46 -74.77 -8.68
N ASP B 796 -15.67 -75.26 -9.90
CA ASP B 796 -14.78 -76.24 -10.52
C ASP B 796 -13.96 -75.50 -11.57
N PHE B 797 -12.87 -74.86 -11.12
CA PHE B 797 -12.06 -74.05 -12.00
C PHE B 797 -10.81 -74.76 -12.46
N GLY B 798 -10.87 -76.08 -12.59
CA GLY B 798 -9.76 -76.84 -13.11
C GLY B 798 -8.66 -77.14 -12.13
N GLY B 799 -8.76 -76.65 -10.90
CA GLY B 799 -7.68 -76.83 -9.95
C GLY B 799 -7.14 -75.51 -9.48
N PHE B 800 -7.59 -74.43 -10.12
CA PHE B 800 -7.18 -73.09 -9.77
C PHE B 800 -8.07 -72.61 -8.64
N ASN B 801 -7.49 -71.85 -7.72
CA ASN B 801 -8.18 -71.43 -6.51
C ASN B 801 -8.16 -69.91 -6.45
N PHE B 802 -9.35 -69.31 -6.50
CA PHE B 802 -9.51 -67.87 -6.49
C PHE B 802 -10.13 -67.34 -5.21
N SER B 803 -10.06 -68.09 -4.12
CA SER B 803 -10.82 -67.77 -2.92
C SER B 803 -10.33 -66.51 -2.21
N GLN B 804 -9.10 -66.09 -2.45
CA GLN B 804 -8.57 -64.90 -1.80
C GLN B 804 -8.85 -63.64 -2.59
N ILE B 805 -9.35 -63.75 -3.82
CA ILE B 805 -9.58 -62.57 -4.63
C ILE B 805 -11.07 -62.45 -4.93
N LEU B 806 -11.79 -63.55 -4.77
CA LEU B 806 -13.23 -63.53 -4.83
C LEU B 806 -13.78 -62.94 -3.53
N PRO B 807 -14.96 -62.34 -3.55
CA PRO B 807 -15.48 -61.70 -2.34
C PRO B 807 -15.88 -62.71 -1.27
N ASP B 808 -16.16 -62.18 -0.09
CA ASP B 808 -16.47 -62.97 1.09
C ASP B 808 -17.86 -62.61 1.60
N PRO B 809 -18.82 -63.53 1.55
CA PRO B 809 -20.21 -63.16 1.86
C PRO B 809 -20.49 -62.92 3.32
N SER B 810 -19.55 -63.18 4.22
CA SER B 810 -19.73 -62.94 5.66
C SER B 810 -18.65 -61.95 6.08
N LYS B 811 -18.89 -60.67 5.80
CA LYS B 811 -17.84 -59.66 5.88
C LYS B 811 -18.45 -58.28 5.71
N PRO B 812 -17.88 -57.25 6.36
CA PRO B 812 -18.22 -55.87 6.00
C PRO B 812 -17.84 -55.54 4.57
N SER B 813 -18.74 -54.83 3.86
CA SER B 813 -18.64 -54.35 2.48
C SER B 813 -18.52 -55.45 1.43
N LYS B 814 -18.58 -56.73 1.83
CA LYS B 814 -18.33 -57.90 1.00
C LYS B 814 -17.02 -57.79 0.22
N ARG B 815 -15.97 -57.28 0.86
CA ARG B 815 -14.67 -57.21 0.23
C ARG B 815 -14.04 -58.58 0.17
N SER B 816 -13.00 -58.69 -0.63
CA SER B 816 -12.26 -59.93 -0.71
C SER B 816 -11.23 -59.98 0.42
N PHE B 817 -10.42 -61.04 0.44
CA PHE B 817 -9.40 -61.14 1.47
C PHE B 817 -8.28 -60.14 1.24
N ILE B 818 -7.80 -60.07 0.00
CA ILE B 818 -6.69 -59.19 -0.32
C ILE B 818 -7.15 -57.74 -0.33
N GLU B 819 -8.45 -57.53 -0.57
CA GLU B 819 -8.99 -56.17 -0.55
C GLU B 819 -9.08 -55.61 0.87
N ASP B 820 -9.02 -56.47 1.90
CA ASP B 820 -9.02 -55.95 3.26
C ASP B 820 -7.62 -55.70 3.78
N LEU B 821 -6.62 -56.41 3.26
CA LEU B 821 -5.24 -56.08 3.61
C LEU B 821 -4.85 -54.75 3.03
N LEU B 822 -5.45 -54.36 1.91
CA LEU B 822 -5.12 -53.09 1.29
C LEU B 822 -5.78 -51.94 2.02
N PHE B 823 -7.00 -52.15 2.52
CA PHE B 823 -7.72 -51.07 3.19
C PHE B 823 -7.28 -50.86 4.62
N ASN B 824 -6.46 -51.74 5.17
CA ASN B 824 -5.96 -51.61 6.53
C ASN B 824 -4.50 -51.20 6.53
N LYS B 825 -4.05 -50.53 5.47
CA LYS B 825 -2.69 -50.04 5.40
C LYS B 825 -2.56 -48.60 4.95
N VAL B 826 -3.61 -47.97 4.46
CA VAL B 826 -3.55 -46.60 3.97
C VAL B 826 -4.26 -45.71 4.98
N THR B 827 -3.50 -44.85 5.65
CA THR B 827 -4.01 -43.97 6.70
C THR B 827 -4.87 -42.86 6.12
N GLN B 853 -13.13 -33.31 9.36
CA GLN B 853 -13.27 -32.13 10.18
C GLN B 853 -13.46 -30.86 9.34
N LYS B 854 -13.78 -29.75 9.99
CA LYS B 854 -13.93 -28.48 9.30
C LYS B 854 -13.59 -27.35 10.27
N PHE B 855 -12.92 -26.32 9.74
CA PHE B 855 -12.50 -25.23 10.59
C PHE B 855 -13.19 -23.92 10.23
N ASN B 856 -12.92 -23.45 9.01
CA ASN B 856 -13.41 -22.17 8.54
C ASN B 856 -13.45 -22.18 7.01
N GLY B 857 -14.60 -22.55 6.47
CA GLY B 857 -14.79 -22.61 5.03
C GLY B 857 -14.30 -23.88 4.38
N LEU B 858 -13.43 -24.64 5.05
CA LEU B 858 -12.87 -25.85 4.46
C LEU B 858 -13.79 -27.02 4.72
N THR B 859 -14.28 -27.64 3.65
CA THR B 859 -15.10 -28.83 3.77
C THR B 859 -14.54 -29.95 2.90
N VAL B 860 -15.06 -31.15 3.05
CA VAL B 860 -14.69 -32.27 2.20
C VAL B 860 -15.97 -32.90 1.67
N LEU B 861 -16.16 -32.84 0.38
CA LEU B 861 -17.33 -33.46 -0.22
C LEU B 861 -17.13 -34.97 -0.28
N PRO B 862 -18.20 -35.75 -0.14
CA PRO B 862 -18.04 -37.19 -0.19
C PRO B 862 -18.05 -37.69 -1.62
N PRO B 863 -17.35 -38.79 -1.91
CA PRO B 863 -17.34 -39.29 -3.28
C PRO B 863 -18.67 -39.89 -3.66
N LEU B 864 -19.00 -39.81 -4.95
CA LEU B 864 -20.30 -40.26 -5.43
C LEU B 864 -20.44 -41.77 -5.34
N LEU B 865 -19.49 -42.52 -5.87
CA LEU B 865 -19.47 -43.96 -5.73
C LEU B 865 -18.86 -44.30 -4.39
N THR B 866 -19.68 -44.76 -3.45
CA THR B 866 -19.16 -45.23 -2.19
C THR B 866 -18.39 -46.52 -2.40
N ASP B 867 -17.49 -46.84 -1.49
CA ASP B 867 -16.51 -47.89 -1.76
C ASP B 867 -17.10 -49.27 -1.55
N GLU B 868 -18.36 -49.36 -1.15
CA GLU B 868 -19.12 -50.59 -1.24
C GLU B 868 -19.60 -50.85 -2.65
N MET B 869 -19.65 -49.83 -3.50
CA MET B 869 -20.00 -49.99 -4.90
C MET B 869 -18.81 -50.24 -5.78
N ILE B 870 -17.62 -49.76 -5.39
CA ILE B 870 -16.42 -50.05 -6.16
C ILE B 870 -16.03 -51.50 -6.00
N ALA B 871 -16.22 -52.06 -4.81
CA ALA B 871 -15.98 -53.48 -4.62
C ALA B 871 -17.02 -54.35 -5.30
N GLN B 872 -18.18 -53.80 -5.67
CA GLN B 872 -19.15 -54.52 -6.47
C GLN B 872 -18.81 -54.52 -7.94
N TYR B 873 -18.10 -53.50 -8.39
CA TYR B 873 -17.60 -53.44 -9.75
C TYR B 873 -16.43 -54.39 -9.96
N THR B 874 -15.51 -54.47 -9.00
CA THR B 874 -14.36 -55.32 -9.19
C THR B 874 -14.70 -56.79 -8.97
N SER B 875 -15.85 -57.09 -8.39
CA SER B 875 -16.27 -58.48 -8.33
C SER B 875 -17.01 -58.91 -9.58
N ALA B 876 -17.60 -57.99 -10.32
CA ALA B 876 -18.23 -58.30 -11.58
C ALA B 876 -17.22 -58.41 -12.70
N LEU B 877 -16.13 -57.66 -12.63
CA LEU B 877 -15.06 -57.81 -13.59
C LEU B 877 -14.32 -59.11 -13.38
N LEU B 878 -14.18 -59.53 -12.13
CA LEU B 878 -13.37 -60.68 -11.84
C LEU B 878 -14.14 -61.97 -12.01
N ALA B 879 -15.46 -61.93 -11.92
CA ALA B 879 -16.30 -63.07 -12.22
C ALA B 879 -16.74 -63.11 -13.67
N GLY B 880 -16.32 -62.14 -14.46
CA GLY B 880 -16.58 -62.15 -15.88
C GLY B 880 -15.39 -62.66 -16.64
N THR B 881 -14.18 -62.45 -16.12
CA THR B 881 -13.01 -63.00 -16.79
C THR B 881 -12.75 -64.43 -16.39
N ILE B 882 -13.19 -64.84 -15.21
CA ILE B 882 -13.08 -66.23 -14.82
C ILE B 882 -14.06 -67.08 -15.62
N THR B 883 -15.26 -66.57 -15.80
CA THR B 883 -16.33 -67.39 -16.33
C THR B 883 -16.38 -67.32 -17.85
N SER B 884 -16.04 -66.17 -18.43
CA SER B 884 -16.21 -66.00 -19.87
C SER B 884 -14.90 -65.81 -20.62
N GLY B 885 -13.87 -65.29 -19.96
CA GLY B 885 -12.61 -65.09 -20.64
C GLY B 885 -12.43 -63.66 -21.11
N TRP B 886 -12.44 -63.45 -22.42
CA TRP B 886 -12.40 -62.09 -22.92
C TRP B 886 -13.65 -61.74 -23.71
N THR B 887 -14.60 -62.65 -23.81
CA THR B 887 -15.76 -62.44 -24.65
C THR B 887 -16.75 -61.46 -24.04
N PHE B 888 -16.70 -61.24 -22.74
CA PHE B 888 -17.62 -60.32 -22.10
C PHE B 888 -17.25 -58.87 -22.30
N GLY B 889 -16.06 -58.59 -22.81
CA GLY B 889 -15.67 -57.24 -23.10
C GLY B 889 -16.16 -56.78 -24.46
N ALA B 890 -16.40 -57.74 -25.36
CA ALA B 890 -16.76 -57.44 -26.73
C ALA B 890 -18.22 -57.72 -27.03
N GLY B 891 -19.04 -57.92 -26.01
CA GLY B 891 -20.43 -58.25 -26.25
C GLY B 891 -21.08 -59.01 -25.11
N ALA B 892 -21.72 -60.11 -25.42
CA ALA B 892 -22.40 -60.94 -24.44
C ALA B 892 -21.41 -61.93 -23.87
N ALA B 893 -21.53 -62.21 -22.58
CA ALA B 893 -20.61 -63.13 -21.93
C ALA B 893 -20.93 -64.56 -22.32
N LEU B 894 -19.97 -65.21 -22.97
CA LEU B 894 -20.09 -66.58 -23.43
C LEU B 894 -19.24 -67.46 -22.54
N GLN B 895 -19.82 -68.49 -21.96
CA GLN B 895 -19.10 -69.30 -21.00
C GLN B 895 -18.13 -70.24 -21.69
N ILE B 896 -17.08 -70.62 -20.96
CA ILE B 896 -16.04 -71.52 -21.44
C ILE B 896 -15.38 -72.09 -20.19
N PRO B 897 -15.02 -73.38 -20.15
CA PRO B 897 -14.37 -73.92 -18.96
C PRO B 897 -13.00 -73.28 -18.74
N PHE B 898 -12.59 -73.19 -17.47
CA PHE B 898 -11.41 -72.37 -17.16
C PHE B 898 -10.13 -73.00 -17.68
N ALA B 899 -10.10 -74.32 -17.77
CA ALA B 899 -8.91 -74.96 -18.31
C ALA B 899 -8.83 -74.77 -19.81
N MET B 900 -9.97 -74.65 -20.48
CA MET B 900 -9.95 -74.45 -21.92
C MET B 900 -9.70 -73.01 -22.27
N GLN B 901 -10.14 -72.08 -21.43
CA GLN B 901 -9.83 -70.67 -21.64
C GLN B 901 -8.36 -70.40 -21.42
N MET B 902 -7.76 -71.08 -20.44
CA MET B 902 -6.34 -70.96 -20.18
C MET B 902 -5.50 -71.53 -21.30
N ALA B 903 -6.06 -72.47 -22.06
CA ALA B 903 -5.34 -73.03 -23.18
C ALA B 903 -5.32 -72.08 -24.36
N TYR B 904 -6.34 -71.23 -24.48
CA TYR B 904 -6.36 -70.18 -25.48
C TYR B 904 -5.24 -69.20 -25.22
N ARG B 905 -5.05 -68.83 -23.96
CA ARG B 905 -4.08 -67.81 -23.59
C ARG B 905 -2.65 -68.31 -23.78
N PHE B 906 -2.48 -69.63 -23.78
CA PHE B 906 -1.18 -70.19 -24.13
C PHE B 906 -0.89 -70.06 -25.61
N ASN B 907 -1.93 -70.11 -26.45
CA ASN B 907 -1.75 -69.88 -27.87
C ASN B 907 -1.42 -68.42 -28.16
N GLY B 908 -1.81 -67.52 -27.26
CA GLY B 908 -1.50 -66.12 -27.45
C GLY B 908 -0.02 -65.84 -27.31
N ILE B 909 0.64 -66.50 -26.38
CA ILE B 909 2.05 -66.21 -26.14
C ILE B 909 2.93 -67.03 -27.08
N GLY B 910 2.36 -68.04 -27.72
CA GLY B 910 3.13 -68.78 -28.71
C GLY B 910 3.42 -70.21 -28.36
N VAL B 911 2.89 -70.70 -27.25
CA VAL B 911 3.07 -72.07 -26.84
C VAL B 911 1.85 -72.85 -27.30
N THR B 912 2.05 -74.08 -27.75
CA THR B 912 0.97 -74.90 -28.27
C THR B 912 0.13 -75.41 -27.10
N GLN B 913 -1.14 -75.69 -27.35
CA GLN B 913 -2.09 -75.78 -26.25
C GLN B 913 -2.03 -77.12 -25.55
N ASN B 914 -1.33 -78.10 -26.13
CA ASN B 914 -1.17 -79.37 -25.43
C ASN B 914 -0.10 -79.31 -24.37
N VAL B 915 0.62 -78.19 -24.26
CA VAL B 915 1.54 -77.99 -23.16
C VAL B 915 0.77 -77.74 -21.88
N LEU B 916 -0.37 -77.07 -21.98
CA LEU B 916 -1.16 -76.77 -20.78
C LEU B 916 -1.83 -78.03 -20.24
N TYR B 917 -2.47 -78.81 -21.12
CA TYR B 917 -3.29 -79.94 -20.67
C TYR B 917 -2.45 -81.05 -20.07
N GLU B 918 -1.22 -81.22 -20.55
CA GLU B 918 -0.36 -82.23 -19.97
C GLU B 918 0.25 -81.78 -18.66
N ASN B 919 0.34 -80.47 -18.43
CA ASN B 919 0.91 -79.92 -17.22
C ASN B 919 -0.10 -79.17 -16.38
N GLN B 920 -1.37 -79.58 -16.42
CA GLN B 920 -2.43 -78.77 -15.81
C GLN B 920 -2.35 -78.78 -14.30
N LYS B 921 -1.85 -79.86 -13.71
CA LYS B 921 -1.75 -79.91 -12.25
C LYS B 921 -0.57 -79.09 -11.74
N LEU B 922 0.55 -79.11 -12.45
CA LEU B 922 1.70 -78.31 -12.04
C LEU B 922 1.43 -76.83 -12.24
N ILE B 923 0.69 -76.48 -13.29
CA ILE B 923 0.40 -75.07 -13.60
C ILE B 923 -0.53 -74.48 -12.55
N ALA B 924 -1.49 -75.28 -12.08
CA ALA B 924 -2.43 -74.81 -11.08
C ALA B 924 -1.78 -74.69 -9.71
N ASN B 925 -0.65 -75.37 -9.50
CA ASN B 925 0.04 -75.26 -8.23
C ASN B 925 0.94 -74.04 -8.19
N GLN B 926 1.57 -73.70 -9.31
CA GLN B 926 2.41 -72.50 -9.35
C GLN B 926 1.57 -71.24 -9.30
N PHE B 927 0.30 -71.33 -9.71
CA PHE B 927 -0.58 -70.18 -9.56
C PHE B 927 -0.97 -69.98 -8.11
N ASN B 928 -1.42 -71.06 -7.46
CA ASN B 928 -1.94 -70.96 -6.09
C ASN B 928 -0.83 -70.63 -5.10
N SER B 929 0.39 -71.05 -5.40
CA SER B 929 1.51 -70.70 -4.53
C SER B 929 1.94 -69.26 -4.73
N ALA B 930 1.80 -68.72 -5.93
CA ALA B 930 2.21 -67.35 -6.17
C ALA B 930 1.17 -66.36 -5.65
N ILE B 931 -0.10 -66.76 -5.67
CA ILE B 931 -1.16 -65.98 -5.01
C ILE B 931 -0.89 -65.89 -3.51
N GLY B 932 -0.46 -66.99 -2.90
CA GLY B 932 -0.20 -66.98 -1.48
C GLY B 932 1.01 -66.16 -1.08
N LYS B 933 1.94 -65.95 -2.00
CA LYS B 933 3.10 -65.14 -1.68
C LYS B 933 2.79 -63.65 -1.75
N ILE B 934 1.62 -63.29 -2.29
CA ILE B 934 1.23 -61.89 -2.32
C ILE B 934 0.76 -61.44 -0.94
N GLN B 935 -0.09 -62.24 -0.30
CA GLN B 935 -0.67 -61.84 0.97
C GLN B 935 0.38 -61.77 2.08
N ASP B 936 1.42 -62.60 1.98
CA ASP B 936 2.55 -62.49 2.88
C ASP B 936 3.36 -61.24 2.60
N SER B 937 3.52 -60.91 1.31
CA SER B 937 4.28 -59.71 0.95
C SER B 937 3.47 -58.45 1.22
N LEU B 938 2.17 -58.58 1.41
CA LEU B 938 1.39 -57.43 1.86
C LEU B 938 1.40 -57.33 3.37
N SER B 939 0.83 -58.34 4.06
CA SER B 939 0.42 -58.18 5.45
C SER B 939 1.61 -58.11 6.41
N SER B 940 2.78 -58.57 5.97
CA SER B 940 3.98 -58.41 6.77
C SER B 940 4.76 -57.16 6.42
N THR B 941 4.82 -56.80 5.14
CA THR B 941 5.70 -55.74 4.65
C THR B 941 4.85 -54.49 4.39
N ALA B 942 5.02 -53.49 5.24
CA ALA B 942 4.33 -52.22 5.04
C ALA B 942 5.04 -51.40 3.97
N SER B 943 4.39 -50.30 3.60
CA SER B 943 4.86 -49.34 2.59
C SER B 943 5.07 -49.97 1.22
N ALA B 944 4.35 -51.06 0.92
CA ALA B 944 4.21 -51.53 -0.44
C ALA B 944 3.20 -50.69 -1.22
N LEU B 945 2.32 -49.99 -0.51
CA LEU B 945 1.34 -49.06 -1.05
C LEU B 945 1.84 -47.64 -0.98
N GLY B 946 3.13 -47.45 -1.23
CA GLY B 946 3.74 -46.14 -1.00
C GLY B 946 3.34 -45.11 -2.02
N LYS B 947 2.85 -45.54 -3.17
CA LYS B 947 2.36 -44.58 -4.16
C LYS B 947 1.02 -44.00 -3.74
N LEU B 948 0.24 -44.77 -2.98
CA LEU B 948 -1.07 -44.32 -2.56
C LEU B 948 -1.00 -43.54 -1.26
N GLN B 949 0.04 -43.76 -0.46
CA GLN B 949 0.18 -43.00 0.77
C GLN B 949 0.69 -41.59 0.47
N ASP B 950 1.47 -41.43 -0.59
CA ASP B 950 2.07 -40.14 -0.88
C ASP B 950 1.05 -39.16 -1.41
N VAL B 951 -0.04 -39.65 -1.98
CA VAL B 951 -1.11 -38.75 -2.43
C VAL B 951 -1.90 -38.25 -1.24
N VAL B 952 -2.11 -39.10 -0.24
CA VAL B 952 -2.88 -38.71 0.94
C VAL B 952 -2.05 -37.79 1.82
N ASN B 953 -0.74 -37.99 1.85
CA ASN B 953 0.13 -37.16 2.69
C ASN B 953 0.33 -35.78 2.09
N GLN B 954 0.41 -35.69 0.77
CA GLN B 954 0.64 -34.41 0.12
C GLN B 954 -0.59 -33.53 0.17
N ASN B 955 -1.77 -34.11 0.13
CA ASN B 955 -2.98 -33.31 0.20
C ASN B 955 -3.18 -32.77 1.60
N ALA B 956 -2.82 -33.57 2.61
CA ALA B 956 -2.95 -33.10 3.99
C ALA B 956 -1.89 -32.06 4.32
N GLN B 957 -0.73 -32.16 3.68
CA GLN B 957 0.33 -31.17 3.90
C GLN B 957 -0.07 -29.82 3.36
N ALA B 958 -0.82 -29.80 2.26
CA ALA B 958 -1.18 -28.53 1.64
C ALA B 958 -2.37 -27.90 2.33
N LEU B 959 -3.22 -28.71 2.94
CA LEU B 959 -4.36 -28.16 3.66
C LEU B 959 -3.96 -27.74 5.07
N ASN B 960 -2.87 -28.30 5.59
CA ASN B 960 -2.36 -27.87 6.88
C ASN B 960 -1.65 -26.55 6.77
N THR B 961 -1.10 -26.26 5.60
CA THR B 961 -0.36 -25.02 5.40
C THR B 961 -1.31 -23.90 5.03
N LEU B 962 -2.54 -24.22 4.66
CA LEU B 962 -3.50 -23.17 4.40
C LEU B 962 -4.02 -22.59 5.71
N VAL B 963 -4.14 -23.41 6.74
CA VAL B 963 -4.70 -22.94 8.00
C VAL B 963 -3.62 -22.26 8.84
N LYS B 964 -2.38 -22.68 8.67
CA LYS B 964 -1.31 -22.07 9.46
C LYS B 964 -0.90 -20.72 8.90
N GLN B 965 -1.38 -20.37 7.71
CA GLN B 965 -1.13 -19.04 7.17
C GLN B 965 -2.11 -18.03 7.69
N LEU B 966 -3.09 -18.45 8.49
CA LEU B 966 -4.01 -17.50 9.08
C LEU B 966 -3.45 -16.86 10.32
N SER B 967 -2.37 -17.39 10.86
CA SER B 967 -1.68 -16.80 11.98
C SER B 967 -0.49 -15.97 11.56
N SER B 968 -0.48 -15.47 10.34
CA SER B 968 0.59 -14.59 9.89
C SER B 968 0.10 -13.15 9.87
N ASN B 969 1.03 -12.23 10.07
CA ASN B 969 0.71 -10.80 10.09
C ASN B 969 0.62 -10.20 8.71
N PHE B 970 1.55 -10.58 7.82
CA PHE B 970 1.78 -10.01 6.49
C PHE B 970 2.10 -8.54 6.55
N GLY B 971 2.62 -8.04 7.66
CA GLY B 971 2.94 -6.64 7.80
C GLY B 971 1.92 -5.82 8.56
N ALA B 972 0.88 -6.43 9.08
CA ALA B 972 -0.08 -5.71 9.92
C ALA B 972 0.43 -5.75 11.35
N ILE B 973 -0.34 -5.22 12.29
CA ILE B 973 0.04 -5.23 13.70
C ILE B 973 -0.44 -6.45 14.43
N SER B 974 -1.47 -7.12 13.94
CA SER B 974 -1.97 -8.32 14.60
C SER B 974 -2.58 -9.21 13.55
N SER B 975 -2.46 -10.52 13.75
CA SER B 975 -2.92 -11.51 12.80
C SER B 975 -4.35 -11.98 13.07
N VAL B 976 -5.00 -11.39 14.06
CA VAL B 976 -6.39 -11.70 14.37
C VAL B 976 -7.23 -10.47 14.04
N LEU B 977 -8.27 -10.68 13.22
CA LEU B 977 -8.96 -9.57 12.56
C LEU B 977 -9.86 -8.81 13.53
N ASN B 978 -10.11 -9.38 14.70
CA ASN B 978 -10.98 -8.72 15.66
C ASN B 978 -10.21 -7.82 16.61
N ASP B 979 -8.89 -7.98 16.68
CA ASP B 979 -8.10 -7.23 17.65
C ASP B 979 -7.56 -5.93 17.08
N ILE B 980 -7.41 -5.83 15.76
CA ILE B 980 -7.15 -4.52 15.17
C ILE B 980 -8.46 -3.79 14.98
N LEU B 981 -9.56 -4.51 15.14
CA LEU B 981 -10.87 -3.90 15.16
C LEU B 981 -11.14 -3.24 16.50
N SER B 982 -10.89 -3.96 17.59
CA SER B 982 -11.18 -3.44 18.92
C SER B 982 -10.07 -2.53 19.44
N ARG B 983 -9.09 -2.18 18.64
CA ARG B 983 -7.99 -1.35 19.10
C ARG B 983 -7.58 -0.28 18.11
N LEU B 984 -8.39 -0.03 17.08
CA LEU B 984 -8.09 1.04 16.13
C LEU B 984 -9.38 1.62 15.59
N ASP B 985 -9.28 2.87 15.16
CA ASP B 985 -10.42 3.56 14.59
C ASP B 985 -10.57 3.18 13.11
N PRO B 986 -11.78 3.25 12.56
CA PRO B 986 -12.01 2.81 11.15
C PRO B 986 -11.21 3.53 10.08
N PRO B 987 -10.63 4.73 10.32
CA PRO B 987 -9.58 5.16 9.37
C PRO B 987 -8.32 4.32 9.38
N GLU B 988 -7.77 4.04 10.56
CA GLU B 988 -6.52 3.29 10.62
C GLU B 988 -6.75 1.79 10.52
N ALA B 989 -7.95 1.32 10.86
CA ALA B 989 -8.22 -0.10 10.78
C ALA B 989 -8.38 -0.55 9.34
N GLU B 990 -8.73 0.37 8.45
CA GLU B 990 -8.86 0.02 7.04
C GLU B 990 -7.50 -0.21 6.40
N VAL B 991 -6.46 0.41 6.95
CA VAL B 991 -5.13 0.27 6.37
C VAL B 991 -4.51 -1.05 6.79
N GLN B 992 -4.86 -1.53 7.97
CA GLN B 992 -4.28 -2.77 8.48
C GLN B 992 -5.03 -3.99 7.97
N ILE B 993 -6.34 -3.86 7.77
CA ILE B 993 -7.13 -4.97 7.25
C ILE B 993 -6.77 -5.23 5.79
N ASP B 994 -6.42 -4.17 5.06
CA ASP B 994 -6.04 -4.34 3.67
C ASP B 994 -4.66 -4.97 3.53
N ARG B 995 -3.91 -5.09 4.62
CA ARG B 995 -2.69 -5.86 4.60
C ARG B 995 -2.95 -7.34 4.89
N LEU B 996 -4.01 -7.63 5.64
CA LEU B 996 -4.36 -9.01 5.92
C LEU B 996 -5.11 -9.62 4.76
N ILE B 997 -5.89 -8.82 4.03
CA ILE B 997 -6.65 -9.33 2.90
C ILE B 997 -5.72 -9.72 1.78
N THR B 998 -4.71 -8.90 1.51
CA THR B 998 -3.80 -9.16 0.41
C THR B 998 -2.90 -10.37 0.71
N GLY B 999 -2.63 -10.61 1.99
CA GLY B 999 -1.81 -11.75 2.34
C GLY B 999 -2.59 -13.04 2.38
N ARG B 1000 -3.86 -12.96 2.76
CA ARG B 1000 -4.67 -14.16 2.84
C ARG B 1000 -5.22 -14.53 1.48
N LEU B 1001 -5.33 -13.57 0.57
CA LEU B 1001 -5.80 -13.87 -0.78
C LEU B 1001 -4.69 -14.49 -1.61
N GLN B 1002 -3.44 -14.21 -1.28
CA GLN B 1002 -2.33 -14.81 -1.98
C GLN B 1002 -2.09 -16.23 -1.50
N SER B 1003 -2.39 -16.51 -0.24
CA SER B 1003 -2.25 -17.88 0.25
C SER B 1003 -3.33 -18.79 -0.29
N LEU B 1004 -4.46 -18.24 -0.68
CA LEU B 1004 -5.53 -19.06 -1.22
C LEU B 1004 -5.38 -19.27 -2.72
N GLN B 1005 -4.70 -18.35 -3.41
CA GLN B 1005 -4.46 -18.55 -4.83
C GLN B 1005 -3.28 -19.48 -5.06
N THR B 1006 -2.33 -19.53 -4.13
CA THR B 1006 -1.23 -20.47 -4.22
C THR B 1006 -1.73 -21.89 -4.01
N TYR B 1007 -2.74 -22.05 -3.15
CA TYR B 1007 -3.28 -23.37 -2.86
C TYR B 1007 -4.06 -23.91 -4.05
N VAL B 1008 -4.82 -23.05 -4.71
CA VAL B 1008 -5.67 -23.49 -5.80
C VAL B 1008 -4.84 -23.81 -7.03
N THR B 1009 -3.77 -23.05 -7.25
CA THR B 1009 -2.88 -23.32 -8.37
C THR B 1009 -2.13 -24.63 -8.18
N GLN B 1010 -1.74 -24.95 -6.95
CA GLN B 1010 -1.02 -26.19 -6.74
C GLN B 1010 -1.95 -27.38 -6.73
N GLN B 1011 -3.24 -27.17 -6.57
CA GLN B 1011 -4.18 -28.27 -6.69
C GLN B 1011 -4.60 -28.47 -8.13
N LEU B 1012 -4.42 -27.47 -8.97
CA LEU B 1012 -4.74 -27.63 -10.38
C LEU B 1012 -3.63 -28.38 -11.10
N ILE B 1013 -2.39 -28.18 -10.65
CA ILE B 1013 -1.27 -28.90 -11.24
C ILE B 1013 -1.26 -30.34 -10.74
N ARG B 1014 -1.63 -30.53 -9.47
CA ARG B 1014 -1.57 -31.85 -8.88
C ARG B 1014 -2.71 -32.73 -9.37
N ALA B 1015 -3.83 -32.14 -9.78
CA ALA B 1015 -4.94 -32.94 -10.26
C ALA B 1015 -4.73 -33.36 -11.70
N ALA B 1016 -3.87 -32.64 -12.42
CA ALA B 1016 -3.54 -33.03 -13.79
C ALA B 1016 -2.62 -34.23 -13.82
N GLU B 1017 -1.96 -34.50 -12.70
CA GLU B 1017 -1.11 -35.68 -12.57
C GLU B 1017 -1.91 -36.89 -12.16
N ILE B 1018 -2.99 -36.69 -11.40
CA ILE B 1018 -3.88 -37.80 -11.04
C ILE B 1018 -4.69 -38.23 -12.24
N ARG B 1019 -5.09 -37.27 -13.08
CA ARG B 1019 -5.86 -37.60 -14.28
C ARG B 1019 -5.02 -38.34 -15.30
N ALA B 1020 -3.72 -38.11 -15.30
CA ALA B 1020 -2.84 -38.91 -16.15
C ALA B 1020 -2.74 -40.33 -15.64
N SER B 1021 -2.80 -40.52 -14.32
CA SER B 1021 -2.65 -41.85 -13.76
C SER B 1021 -3.96 -42.62 -13.80
N ALA B 1022 -5.09 -41.93 -13.91
CA ALA B 1022 -6.37 -42.61 -14.00
C ALA B 1022 -6.72 -42.92 -15.43
N ASN B 1023 -6.13 -42.19 -16.38
CA ASN B 1023 -6.25 -42.56 -17.78
C ASN B 1023 -5.39 -43.77 -18.10
N LEU B 1024 -4.38 -44.03 -17.28
CA LEU B 1024 -3.54 -45.19 -17.48
C LEU B 1024 -4.16 -46.43 -16.87
N ALA B 1025 -4.85 -46.27 -15.75
CA ALA B 1025 -5.52 -47.40 -15.13
C ALA B 1025 -6.79 -47.78 -15.88
N ALA B 1026 -7.35 -46.86 -16.65
CA ALA B 1026 -8.51 -47.20 -17.46
C ALA B 1026 -8.10 -47.90 -18.75
N THR B 1027 -6.86 -47.69 -19.18
CA THR B 1027 -6.35 -48.39 -20.35
C THR B 1027 -5.81 -49.76 -19.96
N LYS B 1028 -5.27 -49.87 -18.75
CA LYS B 1028 -4.79 -51.15 -18.27
C LYS B 1028 -5.95 -52.07 -17.91
N MET B 1029 -7.13 -51.53 -17.66
CA MET B 1029 -8.25 -52.40 -17.35
C MET B 1029 -8.91 -52.90 -18.62
N SER B 1030 -8.98 -52.06 -19.65
CA SER B 1030 -9.43 -52.55 -20.94
C SER B 1030 -8.45 -53.57 -21.49
N GLU B 1031 -7.22 -53.16 -21.72
CA GLU B 1031 -6.27 -53.96 -22.47
C GLU B 1031 -5.69 -55.13 -21.72
N CYS B 1032 -5.84 -55.23 -20.41
CA CYS B 1032 -5.19 -56.33 -19.71
C CYS B 1032 -6.11 -57.14 -18.84
N VAL B 1033 -7.21 -56.59 -18.36
CA VAL B 1033 -8.21 -57.35 -17.64
C VAL B 1033 -9.23 -57.93 -18.60
N LEU B 1034 -9.74 -57.14 -19.53
CA LEU B 1034 -10.71 -57.62 -20.50
C LEU B 1034 -10.07 -58.20 -21.75
N GLY B 1035 -8.77 -58.34 -21.80
CA GLY B 1035 -8.11 -58.85 -22.98
C GLY B 1035 -6.86 -59.59 -22.64
N GLN B 1036 -5.96 -59.69 -23.61
CA GLN B 1036 -4.64 -60.24 -23.40
C GLN B 1036 -3.70 -59.50 -24.33
N SER B 1037 -2.67 -58.87 -23.76
CA SER B 1037 -1.92 -57.88 -24.50
C SER B 1037 -0.59 -58.43 -24.99
N LYS B 1038 -0.23 -58.02 -26.20
CA LYS B 1038 1.06 -58.32 -26.78
C LYS B 1038 2.07 -57.20 -26.55
N ARG B 1039 1.62 -56.07 -26.02
CA ARG B 1039 2.52 -54.98 -25.68
C ARG B 1039 3.46 -55.41 -24.57
N VAL B 1040 4.75 -55.23 -24.79
CA VAL B 1040 5.80 -55.76 -23.92
C VAL B 1040 5.88 -54.86 -22.71
N ASP B 1041 5.91 -55.48 -21.52
CA ASP B 1041 6.00 -54.84 -20.21
C ASP B 1041 4.85 -53.89 -19.89
N PHE B 1042 3.76 -53.91 -20.65
CA PHE B 1042 2.62 -53.10 -20.30
C PHE B 1042 1.89 -53.70 -19.12
N CYS B 1043 1.96 -55.02 -19.00
CA CYS B 1043 1.23 -55.72 -17.98
C CYS B 1043 2.08 -56.78 -17.29
N GLY B 1044 3.27 -56.40 -16.86
CA GLY B 1044 4.13 -57.30 -16.10
C GLY B 1044 5.30 -57.79 -16.92
N LYS B 1045 6.29 -58.32 -16.21
CA LYS B 1045 7.48 -58.85 -16.84
C LYS B 1045 7.27 -60.32 -17.13
N GLY B 1046 7.32 -60.67 -18.39
CA GLY B 1046 6.99 -61.99 -18.87
C GLY B 1046 6.04 -61.87 -20.02
N TYR B 1047 5.51 -63.00 -20.46
CA TYR B 1047 4.46 -62.99 -21.47
C TYR B 1047 3.12 -63.01 -20.74
N HIS B 1048 2.25 -62.07 -21.07
CA HIS B 1048 1.02 -61.84 -20.35
C HIS B 1048 0.06 -62.99 -20.54
N LEU B 1049 -0.53 -63.47 -19.43
CA LEU B 1049 -1.65 -64.39 -19.51
C LEU B 1049 -2.97 -63.71 -19.13
N MET B 1050 -3.08 -63.19 -17.93
CA MET B 1050 -4.31 -62.56 -17.49
C MET B 1050 -4.03 -61.65 -16.30
N SER B 1051 -5.01 -60.80 -15.97
CA SER B 1051 -4.88 -59.85 -14.89
C SER B 1051 -6.19 -59.80 -14.12
N PHE B 1052 -6.10 -59.46 -12.84
CA PHE B 1052 -7.21 -59.43 -11.90
C PHE B 1052 -7.18 -58.11 -11.15
N PRO B 1053 -8.28 -57.37 -11.09
CA PRO B 1053 -8.29 -56.11 -10.36
C PRO B 1053 -8.76 -56.23 -8.93
N GLN B 1054 -8.13 -55.45 -8.05
CA GLN B 1054 -8.55 -55.30 -6.67
C GLN B 1054 -8.54 -53.82 -6.33
N SER B 1055 -9.54 -53.38 -5.59
CA SER B 1055 -9.70 -51.97 -5.28
C SER B 1055 -9.03 -51.63 -3.96
N ALA B 1056 -8.31 -50.53 -3.95
CA ALA B 1056 -7.55 -50.04 -2.81
C ALA B 1056 -8.13 -48.68 -2.47
N PRO B 1057 -7.76 -48.01 -1.35
CA PRO B 1057 -8.28 -46.66 -1.13
C PRO B 1057 -7.70 -45.64 -2.09
N HIS B 1058 -8.58 -44.98 -2.87
CA HIS B 1058 -8.25 -44.02 -3.92
C HIS B 1058 -7.31 -44.59 -4.97
N GLY B 1059 -7.57 -45.80 -5.43
CA GLY B 1059 -6.66 -46.41 -6.36
C GLY B 1059 -7.15 -47.76 -6.80
N VAL B 1060 -6.29 -48.46 -7.53
CA VAL B 1060 -6.60 -49.79 -8.02
C VAL B 1060 -5.32 -50.59 -7.98
N VAL B 1061 -5.45 -51.90 -7.78
CA VAL B 1061 -4.33 -52.83 -7.71
C VAL B 1061 -4.56 -53.89 -8.78
N PHE B 1062 -3.55 -54.15 -9.61
CA PHE B 1062 -3.60 -55.17 -10.63
C PHE B 1062 -2.69 -56.31 -10.26
N LEU B 1063 -3.21 -57.52 -10.33
CA LEU B 1063 -2.41 -58.71 -10.14
C LEU B 1063 -2.18 -59.32 -11.51
N HIS B 1064 -0.97 -59.18 -12.02
CA HIS B 1064 -0.62 -59.56 -13.38
C HIS B 1064 -0.03 -60.96 -13.39
N VAL B 1065 -0.66 -61.88 -14.09
CA VAL B 1065 -0.20 -63.26 -14.22
C VAL B 1065 0.58 -63.38 -15.51
N THR B 1066 1.80 -63.90 -15.45
CA THR B 1066 2.68 -63.94 -16.60
C THR B 1066 3.33 -65.31 -16.73
N TYR B 1067 3.90 -65.56 -17.89
CA TYR B 1067 4.61 -66.79 -18.19
C TYR B 1067 6.09 -66.50 -18.31
N VAL B 1068 6.90 -67.17 -17.51
CA VAL B 1068 8.34 -66.94 -17.50
C VAL B 1068 9.05 -68.25 -17.82
N PRO B 1069 9.84 -68.33 -18.88
CA PRO B 1069 10.50 -69.59 -19.22
C PRO B 1069 11.71 -69.84 -18.35
N ALA B 1070 11.96 -71.12 -18.04
CA ALA B 1070 13.04 -71.51 -17.18
C ALA B 1070 13.77 -72.72 -17.74
N GLN B 1071 14.98 -72.95 -17.21
CA GLN B 1071 15.81 -74.14 -17.44
C GLN B 1071 16.14 -74.35 -18.90
N GLU B 1072 16.90 -73.41 -19.45
CA GLU B 1072 17.32 -73.50 -20.84
C GLU B 1072 18.46 -74.50 -20.99
N LYS B 1073 18.51 -75.14 -22.15
CA LYS B 1073 19.62 -75.98 -22.56
C LYS B 1073 19.95 -75.63 -23.99
N ASN B 1074 21.23 -75.61 -24.34
CA ASN B 1074 21.49 -75.16 -25.70
C ASN B 1074 21.75 -76.31 -26.65
N PHE B 1075 21.49 -76.03 -27.93
CA PHE B 1075 21.52 -77.01 -29.00
C PHE B 1075 22.26 -76.39 -30.17
N THR B 1076 22.30 -77.12 -31.27
CA THR B 1076 22.91 -76.66 -32.50
C THR B 1076 21.79 -76.46 -33.50
N THR B 1077 21.90 -75.45 -34.35
CA THR B 1077 20.77 -75.05 -35.16
C THR B 1077 21.19 -74.87 -36.60
N ALA B 1078 20.19 -74.77 -37.48
CA ALA B 1078 20.40 -74.57 -38.91
C ALA B 1078 19.21 -73.81 -39.45
N PRO B 1079 19.42 -73.01 -40.50
CA PRO B 1079 18.27 -72.33 -41.11
C PRO B 1079 17.45 -73.19 -42.05
N ALA B 1080 18.04 -74.15 -42.73
CA ALA B 1080 17.30 -74.99 -43.67
C ALA B 1080 17.97 -76.33 -43.74
N ILE B 1081 17.46 -77.19 -44.61
CA ILE B 1081 17.90 -78.57 -44.78
C ILE B 1081 17.84 -78.96 -46.25
N CYS B 1082 18.96 -79.45 -46.78
CA CYS B 1082 19.00 -80.03 -48.13
C CYS B 1082 18.48 -81.45 -48.08
N HIS B 1083 17.52 -81.76 -48.92
CA HIS B 1083 17.11 -83.12 -49.17
C HIS B 1083 16.57 -83.17 -50.59
N ASP B 1084 17.11 -84.10 -51.39
CA ASP B 1084 16.87 -84.22 -52.83
C ASP B 1084 17.19 -82.94 -53.58
N GLY B 1085 18.20 -82.19 -53.15
CA GLY B 1085 18.52 -80.93 -53.78
C GLY B 1085 17.54 -79.82 -53.55
N LYS B 1086 16.74 -79.90 -52.49
CA LYS B 1086 15.71 -78.91 -52.18
C LYS B 1086 15.93 -78.36 -50.79
N ALA B 1087 15.62 -77.07 -50.62
CA ALA B 1087 15.76 -76.42 -49.32
C ALA B 1087 14.45 -76.52 -48.55
N HIS B 1088 14.52 -76.97 -47.31
CA HIS B 1088 13.34 -77.16 -46.47
C HIS B 1088 13.43 -76.22 -45.28
N PHE B 1089 12.50 -75.29 -45.20
CA PHE B 1089 12.41 -74.37 -44.09
C PHE B 1089 11.34 -74.86 -43.14
N PRO B 1090 11.47 -74.60 -41.85
CA PRO B 1090 10.46 -75.11 -40.92
C PRO B 1090 9.19 -74.28 -40.98
N ARG B 1091 8.04 -74.90 -40.77
CA ARG B 1091 6.79 -74.18 -40.89
C ARG B 1091 6.57 -73.27 -39.69
N GLU B 1092 6.45 -73.85 -38.51
CA GLU B 1092 6.34 -73.07 -37.28
C GLU B 1092 7.36 -73.62 -36.28
N GLY B 1093 8.59 -73.16 -36.35
CA GLY B 1093 9.55 -73.54 -35.35
C GLY B 1093 10.97 -73.41 -35.83
N VAL B 1094 11.85 -74.19 -35.21
CA VAL B 1094 13.27 -74.21 -35.48
C VAL B 1094 13.77 -75.64 -35.64
N PHE B 1095 14.87 -75.78 -36.38
CA PHE B 1095 15.58 -77.03 -36.48
C PHE B 1095 16.67 -77.08 -35.41
N VAL B 1096 16.64 -78.09 -34.55
CA VAL B 1096 17.66 -78.25 -33.52
C VAL B 1096 18.33 -79.59 -33.66
N SER B 1097 19.43 -79.78 -32.92
CA SER B 1097 20.21 -81.01 -32.98
C SER B 1097 20.86 -81.24 -31.63
N ASN B 1098 20.75 -82.47 -31.11
CA ASN B 1098 21.46 -82.76 -29.86
C ASN B 1098 22.88 -83.25 -30.09
N GLY B 1099 23.35 -83.23 -31.33
CA GLY B 1099 24.71 -83.56 -31.65
C GLY B 1099 24.78 -84.48 -32.85
N THR B 1100 23.79 -85.36 -32.96
CA THR B 1100 23.73 -86.31 -34.07
C THR B 1100 22.44 -86.28 -34.88
N HIS B 1101 21.28 -86.14 -34.26
CA HIS B 1101 20.01 -86.19 -34.96
C HIS B 1101 19.33 -84.82 -34.94
N TRP B 1102 18.63 -84.51 -36.03
CA TRP B 1102 17.96 -83.23 -36.20
C TRP B 1102 16.46 -83.37 -35.96
N PHE B 1103 15.86 -82.36 -35.33
CA PHE B 1103 14.45 -82.36 -35.01
C PHE B 1103 13.84 -81.02 -35.38
N VAL B 1104 12.53 -80.89 -35.17
CA VAL B 1104 11.80 -79.63 -35.26
C VAL B 1104 11.18 -79.36 -33.90
N THR B 1105 11.32 -78.14 -33.40
CA THR B 1105 10.80 -77.76 -32.10
C THR B 1105 10.03 -76.46 -32.26
N GLN B 1106 8.98 -76.27 -31.46
CA GLN B 1106 8.42 -74.95 -31.30
C GLN B 1106 9.40 -74.08 -30.55
N ARG B 1107 9.31 -72.78 -30.76
CA ARG B 1107 10.40 -71.89 -30.41
C ARG B 1107 10.43 -71.50 -28.95
N ASN B 1108 9.38 -71.78 -28.18
CA ASN B 1108 9.30 -71.31 -26.80
C ASN B 1108 9.27 -72.42 -25.77
N PHE B 1109 9.22 -73.69 -26.17
CA PHE B 1109 9.20 -74.79 -25.24
C PHE B 1109 9.81 -75.98 -25.94
N TYR B 1110 10.76 -76.65 -25.29
CA TYR B 1110 11.45 -77.75 -25.93
C TYR B 1110 10.57 -78.98 -25.98
N GLU B 1111 10.18 -79.36 -27.16
CA GLU B 1111 9.35 -80.53 -27.43
C GLU B 1111 9.63 -80.95 -28.86
N PRO B 1112 10.59 -81.84 -29.09
CA PRO B 1112 11.09 -82.08 -30.45
C PRO B 1112 10.32 -83.15 -31.20
N GLN B 1113 10.33 -83.01 -32.52
CA GLN B 1113 9.62 -83.90 -33.41
C GLN B 1113 10.49 -84.15 -34.64
N ILE B 1114 10.30 -85.29 -35.29
CA ILE B 1114 11.13 -85.61 -36.43
C ILE B 1114 10.69 -84.79 -37.63
N ILE B 1115 11.62 -84.54 -38.53
CA ILE B 1115 11.39 -83.67 -39.69
C ILE B 1115 10.65 -84.45 -40.74
N THR B 1116 9.40 -84.09 -40.98
CA THR B 1116 8.58 -84.73 -42.00
C THR B 1116 8.26 -83.71 -43.07
N THR B 1117 7.32 -84.06 -43.93
CA THR B 1117 6.96 -83.17 -45.02
C THR B 1117 5.84 -82.23 -44.61
N ASP B 1118 5.01 -82.64 -43.65
CA ASP B 1118 3.99 -81.73 -43.13
C ASP B 1118 4.45 -80.96 -41.91
N ASN B 1119 5.75 -80.92 -41.66
CA ASN B 1119 6.36 -80.03 -40.69
C ASN B 1119 7.08 -78.88 -41.34
N THR B 1120 7.33 -78.97 -42.65
CA THR B 1120 8.23 -78.07 -43.34
C THR B 1120 7.61 -77.66 -44.66
N PHE B 1121 8.12 -76.58 -45.24
CA PHE B 1121 7.79 -76.23 -46.61
C PHE B 1121 9.09 -76.11 -47.38
N VAL B 1122 8.98 -76.10 -48.70
CA VAL B 1122 10.14 -76.25 -49.57
C VAL B 1122 10.14 -75.13 -50.59
N SER B 1123 11.30 -74.58 -50.88
CA SER B 1123 11.40 -73.49 -51.85
C SER B 1123 12.83 -73.21 -52.28
N GLY B 1124 13.09 -73.38 -53.58
CA GLY B 1124 14.41 -73.14 -54.13
C GLY B 1124 15.34 -74.32 -54.06
N ASN B 1125 16.50 -74.20 -54.68
CA ASN B 1125 17.49 -75.27 -54.69
C ASN B 1125 18.64 -74.99 -53.73
N CYS B 1126 18.84 -75.91 -52.78
CA CYS B 1126 19.91 -75.76 -51.79
C CYS B 1126 21.21 -75.35 -52.45
N ASP B 1127 21.36 -74.05 -52.71
CA ASP B 1127 22.57 -73.52 -53.34
C ASP B 1127 22.69 -72.01 -53.12
N VAL B 1128 21.88 -71.49 -52.21
CA VAL B 1128 21.89 -70.06 -51.90
C VAL B 1128 21.90 -69.81 -50.41
N VAL B 1129 21.07 -70.55 -49.68
CA VAL B 1129 20.99 -70.40 -48.24
C VAL B 1129 22.36 -70.53 -47.58
N ILE B 1130 22.68 -69.55 -46.74
CA ILE B 1130 23.96 -69.50 -46.04
C ILE B 1130 23.78 -70.26 -44.73
N GLY B 1131 24.24 -71.50 -44.70
CA GLY B 1131 24.17 -72.31 -43.50
C GLY B 1131 23.32 -73.54 -43.61
N ILE B 1132 22.93 -73.94 -44.82
CA ILE B 1132 22.09 -75.12 -45.01
C ILE B 1132 22.87 -76.37 -44.64
N VAL B 1133 22.17 -77.38 -44.14
CA VAL B 1133 22.80 -78.59 -43.65
C VAL B 1133 22.13 -79.79 -44.30
N ASN B 1134 22.88 -80.89 -44.39
CA ASN B 1134 22.41 -82.08 -45.07
C ASN B 1134 21.74 -83.04 -44.10
N ASN B 1135 20.51 -83.41 -44.39
CA ASN B 1135 19.79 -84.38 -43.56
C ASN B 1135 18.68 -84.99 -44.40
N THR B 1136 17.86 -85.83 -43.78
CA THR B 1136 16.76 -86.50 -44.45
C THR B 1136 15.43 -85.95 -43.94
N VAL B 1137 14.44 -85.99 -44.82
CA VAL B 1137 13.11 -85.48 -44.53
C VAL B 1137 12.13 -86.62 -44.75
N TYR B 1138 11.42 -87.00 -43.69
CA TYR B 1138 10.51 -88.14 -43.73
C TYR B 1138 9.32 -87.88 -44.63
N ASP B 1139 8.65 -88.92 -45.06
CA ASP B 1139 7.45 -88.81 -45.87
C ASP B 1139 6.42 -89.77 -45.31
N PRO B 1140 5.31 -89.25 -44.79
CA PRO B 1140 4.27 -90.07 -44.15
C PRO B 1140 3.39 -90.89 -45.09
N LEU B 1141 3.58 -90.72 -46.40
CA LEU B 1141 2.79 -91.44 -47.39
C LEU B 1141 3.48 -92.70 -47.93
N GLN B 1142 4.64 -92.53 -48.54
CA GLN B 1142 5.41 -93.63 -49.13
C GLN B 1142 5.35 -94.92 -48.31
N PRO B 1143 5.73 -94.80 -46.98
CA PRO B 1143 5.66 -96.07 -46.23
C PRO B 1143 4.28 -96.69 -46.33
N GLU B 1144 3.25 -95.85 -46.28
CA GLU B 1144 1.87 -96.33 -46.36
C GLU B 1144 1.62 -97.02 -47.68
N LEU B 1145 1.83 -96.30 -48.78
CA LEU B 1145 1.63 -96.86 -50.11
C LEU B 1145 2.31 -98.21 -50.21
N ASP B 1146 3.43 -98.35 -49.52
CA ASP B 1146 4.18 -99.59 -49.53
C ASP B 1146 4.28 -100.20 -48.13
N GLN C 14 38.01 47.55 -32.72
CA GLN C 14 37.57 46.16 -32.78
C GLN C 14 36.18 46.07 -33.38
N CYS C 15 35.61 44.86 -33.29
CA CYS C 15 34.29 44.54 -33.81
C CYS C 15 34.17 44.90 -35.29
N VAL C 16 35.13 44.44 -36.08
CA VAL C 16 35.14 44.71 -37.51
C VAL C 16 34.17 43.79 -38.26
N ASN C 17 32.93 44.22 -38.40
CA ASN C 17 31.92 43.42 -39.09
C ASN C 17 32.38 42.93 -40.46
N LEU C 18 31.79 41.84 -40.91
CA LEU C 18 32.11 41.25 -42.21
C LEU C 18 31.22 40.05 -42.46
N THR C 19 30.87 39.81 -43.71
CA THR C 19 30.01 38.69 -44.05
C THR C 19 29.63 38.65 -45.53
N THR C 20 29.42 39.83 -46.11
CA THR C 20 29.05 39.94 -47.52
C THR C 20 27.57 39.67 -47.73
N ARG C 21 27.24 38.47 -48.22
CA ARG C 21 25.85 38.11 -48.46
C ARG C 21 25.70 36.68 -48.98
N THR C 22 26.58 36.29 -49.88
CA THR C 22 26.55 34.96 -50.46
C THR C 22 26.21 33.93 -49.38
N GLN C 23 25.87 32.72 -49.82
CA GLN C 23 25.52 31.65 -48.91
C GLN C 23 24.89 30.50 -49.67
N LEU C 24 24.14 30.83 -50.71
CA LEU C 24 23.48 29.81 -51.52
C LEU C 24 22.75 28.85 -50.62
N PRO C 25 22.47 27.62 -51.06
CA PRO C 25 21.75 26.69 -50.18
C PRO C 25 22.74 25.89 -49.34
N PRO C 26 22.65 25.89 -48.02
CA PRO C 26 23.61 25.10 -47.24
C PRO C 26 23.74 23.67 -47.75
N ALA C 27 24.88 23.30 -48.34
CA ALA C 27 25.06 21.95 -48.85
C ALA C 27 24.72 20.92 -47.79
N TYR C 28 23.82 20.02 -48.14
CA TYR C 28 23.39 18.97 -47.22
C TYR C 28 24.26 17.75 -47.44
N THR C 29 24.26 16.81 -46.49
CA THR C 29 24.90 15.52 -46.71
C THR C 29 24.27 14.51 -45.78
N ASN C 30 24.84 13.32 -45.76
CA ASN C 30 24.23 12.18 -45.10
C ASN C 30 25.29 11.37 -44.40
N SER C 31 25.46 11.60 -43.10
CA SER C 31 26.34 10.81 -42.27
C SER C 31 25.73 9.45 -42.09
N PHE C 32 26.53 8.41 -42.22
CA PHE C 32 25.89 7.11 -42.19
C PHE C 32 25.66 6.63 -40.77
N THR C 33 26.77 6.44 -40.11
CA THR C 33 26.65 5.98 -38.72
C THR C 33 27.74 6.73 -37.97
N ARG C 34 27.35 7.81 -37.34
CA ARG C 34 28.33 8.64 -36.68
C ARG C 34 27.76 9.12 -35.36
N GLY C 35 28.64 9.46 -34.44
CA GLY C 35 28.20 10.11 -33.24
C GLY C 35 27.60 9.17 -32.23
N VAL C 36 28.38 8.19 -31.78
CA VAL C 36 27.97 7.30 -30.71
C VAL C 36 28.91 7.52 -29.55
N TYR C 37 28.47 8.29 -28.57
CA TYR C 37 29.27 8.63 -27.42
C TYR C 37 28.94 7.67 -26.29
N TYR C 38 29.88 7.46 -25.40
CA TYR C 38 29.67 6.60 -24.25
C TYR C 38 28.61 7.21 -23.36
N PRO C 39 27.44 6.66 -23.25
CA PRO C 39 26.41 7.37 -22.52
C PRO C 39 26.42 7.11 -21.03
N ASP C 40 27.60 6.92 -20.44
CA ASP C 40 27.81 6.74 -19.01
C ASP C 40 29.30 6.67 -18.71
N LYS C 41 29.64 6.38 -17.46
CA LYS C 41 31.02 6.26 -17.03
C LYS C 41 31.30 4.86 -16.53
N VAL C 42 30.66 3.87 -17.12
CA VAL C 42 30.79 2.48 -16.69
C VAL C 42 31.79 1.77 -17.59
N PHE C 43 32.70 1.02 -16.97
CA PHE C 43 33.50 0.05 -17.70
C PHE C 43 32.71 -1.25 -17.85
N ARG C 44 32.71 -1.80 -19.06
CA ARG C 44 31.90 -2.96 -19.35
C ARG C 44 32.66 -3.93 -20.25
N SER C 45 32.24 -5.20 -20.22
CA SER C 45 32.82 -6.26 -21.02
C SER C 45 32.07 -6.41 -22.34
N SER C 46 32.30 -7.54 -23.02
CA SER C 46 31.67 -7.80 -24.32
C SER C 46 30.23 -8.23 -24.11
N VAL C 47 29.32 -7.26 -23.99
CA VAL C 47 27.89 -7.49 -23.87
C VAL C 47 27.20 -6.67 -24.94
N LEU C 48 25.87 -6.64 -24.85
CA LEU C 48 25.00 -5.86 -25.71
C LEU C 48 24.24 -4.92 -24.79
N HIS C 49 24.39 -3.61 -24.97
CA HIS C 49 23.73 -2.65 -24.10
C HIS C 49 22.77 -1.78 -24.89
N SER C 50 21.58 -1.61 -24.37
CA SER C 50 20.59 -0.69 -24.92
C SER C 50 20.51 0.54 -24.03
N THR C 51 20.14 1.67 -24.63
CA THR C 51 20.09 2.93 -23.91
C THR C 51 19.12 3.87 -24.59
N GLN C 52 18.18 4.41 -23.82
CA GLN C 52 17.37 5.54 -24.25
C GLN C 52 18.12 6.80 -23.84
N ASP C 53 18.45 7.64 -24.81
CA ASP C 53 19.14 8.90 -24.57
C ASP C 53 18.94 9.77 -25.80
N LEU C 54 19.72 10.84 -25.90
CA LEU C 54 19.79 11.62 -27.12
C LEU C 54 20.92 11.05 -27.97
N PHE C 55 20.68 10.94 -29.26
CA PHE C 55 21.70 10.52 -30.20
C PHE C 55 21.43 11.16 -31.54
N LEU C 56 22.41 11.10 -32.42
CA LEU C 56 22.14 11.50 -33.77
C LEU C 56 21.57 10.29 -34.47
N PRO C 57 20.36 10.36 -35.02
CA PRO C 57 19.82 9.20 -35.73
C PRO C 57 20.63 8.91 -36.98
N PHE C 58 20.77 7.63 -37.29
CA PHE C 58 21.60 7.25 -38.42
C PHE C 58 20.95 7.66 -39.72
N PHE C 59 21.79 7.86 -40.73
CA PHE C 59 21.39 8.31 -42.07
C PHE C 59 20.63 9.62 -42.02
N SER C 60 21.06 10.51 -41.14
CA SER C 60 20.42 11.81 -40.99
C SER C 60 20.87 12.79 -42.06
N ASN C 61 20.36 14.01 -42.01
CA ASN C 61 20.73 15.04 -42.97
C ASN C 61 21.61 16.12 -42.36
N VAL C 62 22.83 15.76 -42.02
CA VAL C 62 23.78 16.71 -41.43
C VAL C 62 24.11 17.84 -42.39
N THR C 63 23.90 19.07 -41.95
CA THR C 63 24.18 20.23 -42.77
C THR C 63 25.68 20.43 -42.89
N TRP C 64 26.14 20.83 -44.06
CA TRP C 64 27.56 21.02 -44.31
C TRP C 64 27.81 22.50 -44.53
N PHE C 65 28.18 23.19 -43.48
CA PHE C 65 28.38 24.62 -43.54
C PHE C 65 29.76 24.93 -44.08
N HIS C 66 29.83 26.03 -44.81
CA HIS C 66 31.08 26.48 -45.39
C HIS C 66 31.46 27.74 -44.63
N ALA C 67 32.66 27.73 -44.08
CA ALA C 67 33.31 28.88 -43.46
C ALA C 67 33.87 29.74 -44.58
N ILE C 68 35.03 30.33 -44.32
CA ILE C 68 35.84 30.92 -45.37
C ILE C 68 35.88 29.99 -46.57
N HIS C 69 35.42 30.49 -47.71
CA HIS C 69 35.10 29.68 -48.87
C HIS C 69 35.75 30.28 -50.10
N VAL C 70 36.59 29.50 -50.76
CA VAL C 70 37.28 29.97 -51.96
C VAL C 70 36.53 29.56 -53.22
N SER C 71 36.72 30.32 -54.29
CA SER C 71 36.06 30.04 -55.56
C SER C 71 37.06 30.09 -56.71
N GLY C 72 37.00 29.09 -57.59
CA GLY C 72 37.90 29.02 -58.72
C GLY C 72 37.68 30.16 -59.69
N THR C 73 38.54 31.17 -59.63
CA THR C 73 38.44 32.32 -60.51
C THR C 73 39.44 33.40 -60.12
N ASN C 74 39.52 33.70 -58.83
CA ASN C 74 40.44 34.71 -58.32
C ASN C 74 40.16 35.06 -56.87
N GLY C 75 41.07 34.67 -55.98
CA GLY C 75 40.93 34.93 -54.56
C GLY C 75 39.52 34.64 -54.07
N THR C 76 38.76 35.70 -53.84
CA THR C 76 37.39 35.56 -53.36
C THR C 76 37.25 34.61 -52.19
N LYS C 77 36.92 35.18 -51.03
CA LYS C 77 36.71 34.41 -49.82
C LYS C 77 35.31 34.76 -49.36
N ARG C 78 34.51 33.75 -49.04
CA ARG C 78 33.15 33.97 -48.58
C ARG C 78 33.06 33.60 -47.10
N PHE C 79 32.44 34.48 -46.31
CA PHE C 79 32.32 34.24 -44.88
C PHE C 79 30.87 33.92 -44.51
N ASP C 80 30.63 32.81 -43.82
CA ASP C 80 29.25 32.49 -43.49
C ASP C 80 28.93 31.60 -42.30
N ASN C 81 29.62 31.79 -41.19
CA ASN C 81 29.34 31.00 -40.00
C ASN C 81 28.28 31.68 -39.15
N PRO C 82 27.03 31.52 -39.57
CA PRO C 82 25.90 32.11 -38.85
C PRO C 82 25.72 31.47 -37.49
N VAL C 83 24.97 32.13 -36.60
CA VAL C 83 24.59 31.49 -35.37
C VAL C 83 23.52 30.46 -35.71
N LEU C 84 23.47 29.37 -34.96
CA LEU C 84 22.59 28.27 -35.27
C LEU C 84 21.86 27.89 -34.00
N PRO C 85 20.77 27.16 -34.13
CA PRO C 85 19.99 26.73 -32.96
C PRO C 85 20.69 25.58 -32.25
N PHE C 86 20.67 25.59 -30.93
CA PHE C 86 21.31 24.55 -30.13
C PHE C 86 20.35 23.40 -29.87
N ASN C 87 19.07 23.64 -30.15
CA ASN C 87 18.03 22.63 -29.94
C ASN C 87 18.21 21.81 -28.67
N ASP C 88 18.73 20.60 -28.80
CA ASP C 88 18.94 19.74 -27.64
C ASP C 88 20.34 19.14 -27.61
N GLY C 89 21.13 19.38 -28.65
CA GLY C 89 22.46 18.85 -28.70
C GLY C 89 22.96 18.86 -30.12
N VAL C 90 24.27 19.02 -30.24
CA VAL C 90 24.88 19.32 -31.53
C VAL C 90 26.01 18.35 -31.79
N TYR C 91 26.00 17.71 -32.95
CA TYR C 91 27.13 16.90 -33.39
C TYR C 91 27.98 17.77 -34.30
N PHE C 92 29.16 18.15 -33.83
CA PHE C 92 30.03 19.05 -34.56
C PHE C 92 31.24 18.27 -35.04
N ALA C 93 31.57 18.41 -36.31
CA ALA C 93 32.72 17.69 -36.85
C ALA C 93 33.37 18.48 -37.97
N SER C 94 34.69 18.40 -38.04
CA SER C 94 35.43 19.08 -39.09
C SER C 94 36.78 18.42 -39.29
N THR C 95 37.38 18.62 -40.47
CA THR C 95 38.63 17.94 -40.82
C THR C 95 39.87 18.79 -40.54
N GLU C 96 40.01 19.92 -41.25
CA GLU C 96 40.86 21.06 -40.87
C GLU C 96 42.29 20.79 -40.43
N LYS C 97 43.19 20.42 -41.36
CA LYS C 97 44.57 20.12 -41.00
C LYS C 97 45.30 21.33 -40.40
N SER C 98 44.92 22.53 -40.80
CA SER C 98 45.44 23.74 -40.17
C SER C 98 44.45 24.17 -39.10
N ASN C 99 44.95 24.46 -37.90
CA ASN C 99 44.05 24.76 -36.79
C ASN C 99 43.49 26.16 -36.97
N ILE C 100 42.40 26.23 -37.70
CA ILE C 100 41.67 27.47 -37.91
C ILE C 100 40.33 27.48 -37.19
N ILE C 101 39.84 26.33 -36.72
CA ILE C 101 38.75 26.32 -35.76
C ILE C 101 39.36 26.41 -34.37
N ARG C 102 38.84 27.28 -33.53
CA ARG C 102 39.37 27.40 -32.20
C ARG C 102 38.38 26.98 -31.13
N GLY C 103 37.13 27.39 -31.23
CA GLY C 103 36.17 26.99 -30.23
C GLY C 103 34.81 27.57 -30.55
N TRP C 104 33.94 27.55 -29.55
CA TRP C 104 32.54 27.83 -29.74
C TRP C 104 32.06 28.73 -28.62
N ILE C 105 30.96 29.44 -28.85
CA ILE C 105 30.48 30.46 -27.92
C ILE C 105 29.02 30.30 -27.49
N PHE C 106 28.60 29.06 -27.14
CA PHE C 106 27.24 28.73 -26.68
C PHE C 106 26.66 29.73 -25.69
N GLY C 107 25.38 30.03 -25.84
CA GLY C 107 24.76 31.04 -25.02
C GLY C 107 23.28 31.17 -25.30
N THR C 108 22.71 32.27 -24.80
CA THR C 108 21.27 32.51 -24.92
C THR C 108 20.96 33.68 -25.82
N THR C 109 21.50 34.85 -25.49
CA THR C 109 21.24 36.07 -26.24
C THR C 109 22.49 36.58 -26.92
N LEU C 110 23.66 36.11 -26.48
CA LEU C 110 24.98 36.55 -26.95
C LEU C 110 25.13 38.06 -26.80
N ASP C 111 25.03 38.50 -25.56
CA ASP C 111 25.07 39.91 -25.18
C ASP C 111 25.32 39.92 -23.69
N SER C 112 25.24 41.10 -23.09
CA SER C 112 25.02 41.17 -21.67
C SER C 112 23.56 40.87 -21.37
N LYS C 113 23.20 40.99 -20.09
CA LYS C 113 21.93 40.70 -19.42
C LYS C 113 21.68 39.19 -19.32
N THR C 114 22.50 38.36 -19.95
CA THR C 114 22.46 36.91 -19.84
C THR C 114 23.90 36.42 -19.86
N GLN C 115 24.13 35.26 -19.30
CA GLN C 115 25.50 34.79 -19.33
C GLN C 115 25.78 34.08 -20.65
N SER C 116 27.05 33.74 -20.87
CA SER C 116 27.47 33.10 -22.10
C SER C 116 28.70 32.26 -21.82
N LEU C 117 28.78 31.10 -22.45
CA LEU C 117 29.93 30.22 -22.31
C LEU C 117 30.86 30.43 -23.48
N LEU C 118 32.16 30.40 -23.23
CA LEU C 118 33.14 30.65 -24.27
C LEU C 118 34.30 29.68 -24.12
N ILE C 119 34.62 28.96 -25.18
CA ILE C 119 35.68 27.98 -25.17
C ILE C 119 36.69 28.43 -26.22
N VAL C 120 37.92 28.72 -25.82
CA VAL C 120 38.97 29.03 -26.77
C VAL C 120 40.10 28.05 -26.61
N ASN C 121 40.85 27.83 -27.68
CA ASN C 121 41.78 26.72 -27.61
C ASN C 121 43.19 27.14 -27.28
N ASN C 122 43.80 28.02 -28.10
CA ASN C 122 45.03 28.74 -27.75
C ASN C 122 46.17 27.76 -27.50
N ALA C 123 46.75 27.22 -28.57
CA ALA C 123 47.40 25.92 -28.50
C ALA C 123 48.67 25.89 -27.67
N THR C 124 48.50 26.16 -26.37
CA THR C 124 49.36 25.63 -25.32
C THR C 124 48.51 25.23 -24.12
N ASN C 125 47.27 25.73 -24.05
CA ASN C 125 46.38 25.57 -22.90
C ASN C 125 44.95 25.96 -23.23
N VAL C 126 43.98 25.06 -23.04
CA VAL C 126 42.58 25.44 -23.23
C VAL C 126 42.10 26.21 -22.00
N VAL C 127 41.16 27.14 -22.21
CA VAL C 127 40.66 27.97 -21.11
C VAL C 127 39.22 28.37 -21.38
N ILE C 128 38.36 28.14 -20.40
CA ILE C 128 36.92 28.36 -20.51
C ILE C 128 36.51 29.40 -19.49
N LYS C 129 35.68 30.35 -19.89
CA LYS C 129 35.12 31.33 -18.98
C LYS C 129 33.61 31.35 -19.09
N VAL C 130 32.92 31.82 -18.06
CA VAL C 130 31.50 32.13 -18.14
C VAL C 130 31.31 33.54 -17.62
N CYS C 131 31.40 34.54 -18.50
CA CYS C 131 31.15 35.91 -18.10
C CYS C 131 29.91 36.43 -18.78
N GLU C 132 29.51 37.64 -18.40
CA GLU C 132 28.52 38.38 -19.17
C GLU C 132 29.26 39.11 -20.29
N PHE C 133 29.60 38.36 -21.32
CA PHE C 133 30.37 38.91 -22.40
C PHE C 133 29.52 39.85 -23.24
N GLN C 134 30.20 40.57 -24.13
CA GLN C 134 29.55 41.53 -25.02
C GLN C 134 30.14 41.37 -26.41
N PHE C 135 30.00 40.14 -26.94
CA PHE C 135 30.49 39.73 -28.26
C PHE C 135 30.15 40.69 -29.38
N CYS C 136 31.05 40.79 -30.36
CA CYS C 136 30.69 41.44 -31.60
C CYS C 136 29.70 40.59 -32.37
N ASN C 137 29.17 41.15 -33.45
CA ASN C 137 28.23 40.38 -34.25
C ASN C 137 28.92 39.37 -35.16
N ASP C 138 30.25 39.44 -35.24
CA ASP C 138 31.05 38.50 -36.01
C ASP C 138 32.34 38.31 -35.24
N PRO C 139 32.34 37.43 -34.24
CA PRO C 139 33.54 37.24 -33.44
C PRO C 139 34.52 36.27 -34.07
N PHE C 140 35.77 36.43 -33.68
CA PHE C 140 36.91 35.67 -34.19
C PHE C 140 38.12 36.05 -33.36
N LEU C 141 39.11 35.17 -33.31
CA LEU C 141 40.37 35.51 -32.69
C LEU C 141 41.26 36.21 -33.70
N GLY C 142 41.98 37.23 -33.25
CA GLY C 142 42.96 37.87 -34.08
C GLY C 142 44.36 37.42 -33.71
N VAL C 143 45.18 37.22 -34.73
CA VAL C 143 46.58 36.88 -34.54
C VAL C 143 47.41 38.01 -35.15
N TYR C 144 48.42 38.47 -34.42
CA TYR C 144 49.29 39.50 -34.95
C TYR C 144 50.70 39.24 -34.48
N TYR C 145 51.57 40.23 -34.64
CA TYR C 145 52.94 40.19 -34.14
C TYR C 145 53.08 41.31 -33.13
N HIS C 146 53.93 41.13 -32.12
CA HIS C 146 53.81 42.00 -30.96
C HIS C 146 54.94 43.02 -30.83
N LYS C 147 56.06 42.83 -31.55
CA LYS C 147 57.26 43.70 -31.66
C LYS C 147 58.10 43.70 -30.38
N ASN C 148 57.51 43.24 -29.30
CA ASN C 148 58.18 42.80 -28.10
C ASN C 148 57.63 41.43 -27.77
N ASN C 149 58.46 40.61 -27.14
CA ASN C 149 58.40 39.16 -26.98
C ASN C 149 58.73 38.43 -28.28
N LYS C 150 58.78 39.20 -29.36
CA LYS C 150 59.10 38.70 -30.69
C LYS C 150 58.39 37.38 -30.80
N SER C 151 57.07 37.43 -30.91
CA SER C 151 56.33 36.17 -30.99
C SER C 151 54.88 36.49 -31.31
N TRP C 152 54.31 35.73 -32.25
CA TRP C 152 52.96 36.03 -32.70
C TRP C 152 51.90 35.69 -31.67
N MET C 153 51.42 36.70 -30.97
CA MET C 153 50.41 36.50 -29.93
C MET C 153 49.02 36.47 -30.52
N GLU C 154 48.02 36.17 -29.69
CA GLU C 154 46.67 35.80 -30.15
C GLU C 154 45.60 36.51 -29.36
N SER C 155 45.65 37.84 -29.31
CA SER C 155 44.72 38.60 -28.47
C SER C 155 43.27 38.41 -28.89
N GLU C 156 42.41 38.24 -27.90
CA GLU C 156 41.05 37.79 -28.10
C GLU C 156 40.04 38.92 -28.08
N PHE C 157 40.51 40.16 -28.07
CA PHE C 157 39.60 41.28 -27.93
C PHE C 157 38.81 41.59 -29.19
N ARG C 158 39.06 40.87 -30.27
CA ARG C 158 38.15 40.93 -31.40
C ARG C 158 36.86 40.18 -31.14
N VAL C 159 36.85 39.27 -30.16
CA VAL C 159 35.63 38.54 -29.84
C VAL C 159 34.66 39.41 -29.08
N TYR C 160 35.04 39.84 -27.88
CA TYR C 160 34.12 40.57 -27.03
C TYR C 160 34.66 41.96 -26.74
N SER C 161 33.76 42.85 -26.31
CA SER C 161 34.18 44.15 -25.83
C SER C 161 34.69 44.08 -24.40
N SER C 162 33.83 43.71 -23.46
CA SER C 162 34.20 43.67 -22.06
C SER C 162 33.76 42.36 -21.44
N ALA C 163 34.43 41.95 -20.37
CA ALA C 163 34.09 40.70 -19.70
C ALA C 163 34.05 40.92 -18.19
N ASN C 164 32.86 41.17 -17.67
CA ASN C 164 32.69 41.40 -16.24
C ASN C 164 31.64 40.50 -15.60
N ASN C 165 31.83 40.23 -14.32
CA ASN C 165 30.89 39.39 -13.57
C ASN C 165 31.11 37.90 -13.82
N CYS C 166 32.19 37.56 -14.51
CA CYS C 166 32.48 36.16 -14.81
C CYS C 166 32.36 35.34 -13.54
N THR C 167 31.71 34.18 -13.65
CA THR C 167 31.53 33.31 -12.50
C THR C 167 32.06 31.89 -12.73
N PHE C 168 33.28 31.78 -13.28
CA PHE C 168 33.96 30.49 -13.60
C PHE C 168 35.25 30.75 -14.45
N GLU C 169 36.20 29.82 -14.48
CA GLU C 169 37.46 29.96 -15.26
C GLU C 169 38.16 28.60 -15.05
N TYR C 170 38.15 27.72 -16.06
CA TYR C 170 38.78 26.37 -16.07
C TYR C 170 39.93 26.46 -17.13
N VAL C 171 41.13 25.92 -16.86
CA VAL C 171 42.33 25.90 -17.78
C VAL C 171 42.60 24.36 -17.98
N SER C 172 43.23 23.90 -19.06
CA SER C 172 43.48 22.41 -19.23
C SER C 172 44.25 22.12 -20.55
N GLN C 173 44.96 20.98 -20.70
CA GLN C 173 45.64 20.75 -21.96
C GLN C 173 44.64 20.86 -23.10
N PRO C 174 45.06 21.41 -24.24
CA PRO C 174 44.10 21.79 -25.29
C PRO C 174 43.45 20.58 -25.97
N PHE C 175 42.22 20.80 -26.42
CA PHE C 175 41.41 19.76 -27.06
C PHE C 175 41.99 19.44 -28.41
N LEU C 176 42.03 20.45 -29.28
CA LEU C 176 42.42 20.27 -30.67
C LEU C 176 43.92 20.01 -30.78
N MET C 177 44.33 18.81 -30.37
CA MET C 177 45.72 18.38 -30.47
C MET C 177 45.88 17.68 -31.81
N ASP C 178 46.60 18.31 -32.72
CA ASP C 178 46.84 17.75 -34.04
C ASP C 178 48.02 16.79 -34.04
N LEU C 179 48.34 16.24 -35.21
CA LEU C 179 49.45 15.31 -35.34
C LEU C 179 49.96 15.27 -36.77
N GLU C 180 49.12 14.79 -37.69
CA GLU C 180 49.49 14.70 -39.10
C GLU C 180 50.89 14.13 -39.26
N GLY C 181 51.88 15.00 -39.36
CA GLY C 181 53.26 14.58 -39.52
C GLY C 181 53.41 13.46 -40.54
N LYS C 182 52.50 13.41 -41.50
CA LYS C 182 52.53 12.39 -42.53
C LYS C 182 52.24 12.98 -43.92
N GLN C 183 52.67 14.22 -44.12
CA GLN C 183 52.45 14.91 -45.41
C GLN C 183 51.19 14.48 -46.16
N GLY C 184 50.05 14.55 -45.50
CA GLY C 184 48.85 14.12 -46.15
C GLY C 184 48.42 12.73 -45.75
N ASN C 185 47.37 12.26 -46.44
CA ASN C 185 46.70 10.96 -46.32
C ASN C 185 46.05 10.73 -44.96
N PHE C 186 46.01 11.74 -44.09
CA PHE C 186 45.54 11.55 -42.73
C PHE C 186 44.29 12.37 -42.45
N LYS C 187 44.37 13.69 -42.55
CA LYS C 187 43.28 14.67 -42.50
C LYS C 187 42.52 14.76 -41.17
N ASN C 188 42.77 13.83 -40.23
CA ASN C 188 42.45 13.91 -38.81
C ASN C 188 41.07 14.45 -38.47
N LEU C 189 40.01 13.73 -38.79
CA LEU C 189 38.66 14.20 -38.58
C LEU C 189 38.39 14.29 -37.09
N ARG C 190 38.15 15.52 -36.60
CA ARG C 190 37.77 15.77 -35.22
C ARG C 190 36.27 15.82 -35.10
N GLU C 191 35.73 15.19 -34.07
CA GLU C 191 34.31 15.31 -33.78
C GLU C 191 34.10 15.79 -32.37
N PHE C 192 32.95 16.40 -32.14
CA PHE C 192 32.55 16.82 -30.81
C PHE C 192 31.05 16.69 -30.74
N VAL C 193 30.55 16.34 -29.55
CA VAL C 193 29.13 16.31 -29.28
C VAL C 193 28.90 17.05 -27.97
N PHE C 194 28.10 18.10 -28.00
CA PHE C 194 27.75 18.86 -26.80
C PHE C 194 26.30 18.58 -26.45
N LYS C 195 26.02 18.30 -25.19
CA LYS C 195 24.65 18.23 -24.72
C LYS C 195 24.57 18.88 -23.36
N ASN C 196 23.42 19.48 -23.07
CA ASN C 196 23.26 20.33 -21.90
C ASN C 196 21.98 19.94 -21.21
N ILE C 197 22.10 19.30 -20.05
CA ILE C 197 20.96 18.85 -19.28
C ILE C 197 21.15 19.21 -17.81
N ASP C 198 20.03 19.62 -17.19
CA ASP C 198 19.84 19.80 -15.74
C ASP C 198 20.98 20.53 -15.04
N GLY C 199 21.52 21.52 -15.71
CA GLY C 199 22.60 22.27 -15.11
C GLY C 199 23.92 21.53 -15.14
N TYR C 200 24.25 20.99 -16.30
CA TYR C 200 25.60 20.53 -16.56
C TYR C 200 25.89 20.76 -18.02
N PHE C 201 27.12 20.51 -18.41
CA PHE C 201 27.57 20.75 -19.78
C PHE C 201 28.63 19.71 -20.11
N LYS C 202 28.29 18.74 -20.94
CA LYS C 202 29.16 17.62 -21.20
C LYS C 202 29.64 17.64 -22.64
N ILE C 203 30.94 17.39 -22.82
CA ILE C 203 31.59 17.42 -24.11
C ILE C 203 32.19 16.05 -24.35
N TYR C 204 32.05 15.53 -25.56
CA TYR C 204 32.58 14.23 -25.92
C TYR C 204 33.43 14.39 -27.16
N SER C 205 34.55 13.68 -27.27
CA SER C 205 35.45 13.96 -28.37
C SER C 205 36.07 12.69 -28.93
N LYS C 206 36.85 12.87 -30.00
CA LYS C 206 37.57 11.82 -30.72
C LYS C 206 38.47 12.44 -31.78
N HIS C 207 39.61 11.83 -32.06
CA HIS C 207 40.43 12.19 -33.21
C HIS C 207 40.72 10.94 -34.03
N THR C 208 40.39 10.97 -35.31
CA THR C 208 40.43 9.77 -36.11
C THR C 208 41.20 10.01 -37.39
N PRO C 209 42.14 9.14 -37.76
CA PRO C 209 42.74 9.22 -39.09
C PRO C 209 41.72 8.82 -40.15
N ILE C 210 41.85 9.41 -41.33
CA ILE C 210 40.87 9.20 -42.39
C ILE C 210 41.60 9.15 -43.72
N ASN C 211 40.94 8.55 -44.72
CA ASN C 211 41.45 8.54 -46.08
C ASN C 211 40.39 8.74 -47.14
N LEU C 212 39.14 9.02 -46.78
CA LEU C 212 38.12 9.30 -47.77
C LEU C 212 38.34 10.69 -48.34
N VAL C 213 37.67 10.98 -49.45
CA VAL C 213 37.92 12.22 -50.18
C VAL C 213 37.41 13.43 -49.39
N ARG C 214 36.09 13.53 -49.17
CA ARG C 214 35.54 14.66 -48.42
C ARG C 214 34.76 14.24 -47.19
N ASP C 215 33.77 13.37 -47.35
CA ASP C 215 32.69 13.26 -46.39
C ASP C 215 33.01 12.23 -45.29
N LEU C 216 31.98 11.86 -44.57
CA LEU C 216 32.06 11.03 -43.39
C LEU C 216 32.37 9.59 -43.77
N PRO C 217 33.19 8.93 -42.99
CA PRO C 217 33.49 7.52 -43.25
C PRO C 217 32.42 6.59 -42.72
N GLN C 218 32.66 5.28 -42.79
CA GLN C 218 31.61 4.31 -42.52
C GLN C 218 31.77 3.58 -41.20
N GLY C 219 32.92 3.68 -40.54
CA GLY C 219 33.18 2.90 -39.35
C GLY C 219 32.44 3.39 -38.12
N PHE C 220 32.94 2.97 -36.96
CA PHE C 220 32.37 3.36 -35.68
C PHE C 220 33.37 4.21 -34.90
N SER C 221 32.85 5.16 -34.12
CA SER C 221 33.68 6.05 -33.33
C SER C 221 33.12 6.06 -31.92
N ALA C 222 33.96 5.71 -30.97
CA ALA C 222 33.56 5.74 -29.57
C ALA C 222 33.98 7.09 -29.04
N LEU C 223 33.06 8.05 -29.06
CA LEU C 223 33.39 9.38 -28.54
C LEU C 223 33.44 9.32 -27.02
N GLU C 224 34.62 9.37 -26.42
CA GLU C 224 34.68 9.31 -24.96
C GLU C 224 34.66 10.72 -24.39
N PRO C 225 34.15 10.88 -23.17
CA PRO C 225 33.98 12.23 -22.64
C PRO C 225 35.27 12.91 -22.28
N LEU C 226 35.31 14.21 -22.55
CA LEU C 226 36.41 15.05 -22.14
C LEU C 226 36.19 15.61 -20.75
N VAL C 227 35.16 16.43 -20.60
CA VAL C 227 34.94 17.18 -19.38
C VAL C 227 33.47 17.09 -19.02
N ASP C 228 33.13 17.72 -17.90
CA ASP C 228 31.76 18.04 -17.56
C ASP C 228 31.84 19.28 -16.68
N LEU C 229 31.02 20.28 -16.98
CA LEU C 229 31.23 21.58 -16.40
C LEU C 229 30.05 21.96 -15.52
N PRO C 230 30.24 22.18 -14.24
CA PRO C 230 29.11 22.51 -13.37
C PRO C 230 28.64 23.94 -13.53
N ILE C 231 27.81 24.21 -14.53
CA ILE C 231 27.54 25.61 -14.85
C ILE C 231 26.14 25.99 -14.44
N GLY C 232 25.16 25.40 -15.08
CA GLY C 232 23.78 25.79 -14.88
C GLY C 232 23.30 26.89 -15.79
N ILE C 233 24.04 27.21 -16.83
CA ILE C 233 23.64 28.28 -17.74
C ILE C 233 22.55 27.76 -18.66
N ASN C 234 21.70 28.64 -19.14
CA ASN C 234 20.58 28.29 -20.01
C ASN C 234 21.00 28.61 -21.44
N ILE C 235 21.08 27.59 -22.30
CA ILE C 235 21.71 27.69 -23.61
C ILE C 235 20.68 27.43 -24.68
N THR C 236 20.61 28.28 -25.69
CA THR C 236 19.71 28.00 -26.79
C THR C 236 20.21 28.44 -28.16
N ARG C 237 21.44 28.92 -28.29
CA ARG C 237 21.94 29.36 -29.59
C ARG C 237 23.46 29.42 -29.50
N PHE C 238 24.14 29.09 -30.59
CA PHE C 238 25.60 29.01 -30.51
C PHE C 238 26.24 29.38 -31.84
N GLN C 239 27.57 29.43 -31.83
CA GLN C 239 28.37 29.88 -32.95
C GLN C 239 29.77 29.29 -32.79
N THR C 240 30.63 29.53 -33.78
CA THR C 240 31.97 28.96 -33.75
C THR C 240 33.04 29.99 -34.08
N LEU C 241 34.21 29.83 -33.46
CA LEU C 241 35.29 30.81 -33.50
C LEU C 241 36.35 30.44 -34.51
N LEU C 242 36.77 31.41 -35.30
CA LEU C 242 37.80 31.19 -36.28
C LEU C 242 39.03 32.00 -35.90
N ALA C 243 40.21 31.48 -36.22
CA ALA C 243 41.45 32.17 -35.93
C ALA C 243 42.00 32.76 -37.23
N LEU C 244 41.62 33.99 -37.50
CA LEU C 244 42.13 34.70 -38.66
C LEU C 244 43.38 35.49 -38.27
N HIS C 245 44.37 35.54 -39.17
CA HIS C 245 45.58 36.27 -38.89
C HIS C 245 45.67 37.53 -39.74
N ARG C 246 46.55 38.45 -39.34
CA ARG C 246 46.82 39.64 -40.14
C ARG C 246 47.57 39.26 -41.39
N SER C 247 47.08 39.70 -42.51
CA SER C 247 47.96 39.82 -43.67
C SER C 247 48.77 41.09 -43.48
N TYR C 248 49.86 41.21 -44.22
CA TYR C 248 50.90 42.21 -44.08
C TYR C 248 51.28 42.56 -45.50
N LEU C 249 52.55 42.87 -45.77
CA LEU C 249 52.90 43.38 -47.09
C LEU C 249 52.71 42.33 -48.19
N THR C 250 51.44 42.07 -48.48
CA THR C 250 50.92 41.29 -49.60
C THR C 250 49.74 42.07 -50.14
N PRO C 251 49.76 42.46 -51.42
CA PRO C 251 48.72 43.31 -51.99
C PRO C 251 47.36 42.61 -52.13
N SER C 256 38.97 43.19 -45.05
CA SER C 256 40.13 43.76 -44.37
C SER C 256 41.32 42.83 -44.43
N GLY C 257 42.39 43.19 -43.71
CA GLY C 257 43.57 42.36 -43.75
C GLY C 257 43.46 41.27 -42.70
N TRP C 258 42.93 40.13 -43.13
CA TRP C 258 42.47 39.07 -42.26
C TRP C 258 42.36 37.79 -43.06
N THR C 259 41.50 36.88 -42.62
CA THR C 259 40.98 35.74 -43.39
C THR C 259 42.04 34.71 -43.79
N ALA C 260 42.47 33.90 -42.84
CA ALA C 260 43.30 32.75 -43.15
C ALA C 260 42.52 31.68 -43.88
N GLY C 261 43.27 30.80 -44.55
CA GLY C 261 42.89 29.46 -44.93
C GLY C 261 41.56 29.19 -45.60
N ALA C 262 41.06 27.97 -45.43
CA ALA C 262 39.75 27.57 -45.91
C ALA C 262 39.21 26.48 -44.99
N ALA C 263 37.93 26.57 -44.65
CA ALA C 263 37.40 25.75 -43.58
C ALA C 263 35.94 25.40 -43.83
N ALA C 264 35.49 24.33 -43.17
CA ALA C 264 34.13 23.84 -43.25
C ALA C 264 33.90 22.89 -42.09
N TYR C 265 32.65 22.77 -41.66
CA TYR C 265 32.34 21.87 -40.57
C TYR C 265 30.93 21.35 -40.76
N TYR C 266 30.63 20.23 -40.11
CA TYR C 266 29.35 19.58 -40.23
C TYR C 266 28.59 19.69 -38.92
N VAL C 267 27.30 20.02 -38.99
CA VAL C 267 26.46 20.26 -37.82
C VAL C 267 25.21 19.43 -37.97
N GLY C 268 24.82 18.72 -36.92
CA GLY C 268 23.56 17.99 -36.94
C GLY C 268 23.03 17.74 -35.55
N TYR C 269 21.71 17.80 -35.37
CA TYR C 269 21.14 17.95 -34.04
C TYR C 269 20.63 16.65 -33.48
N LEU C 270 20.81 16.48 -32.18
CA LEU C 270 20.40 15.26 -31.52
C LEU C 270 18.89 15.19 -31.35
N GLN C 271 18.42 13.99 -31.08
CA GLN C 271 17.02 13.69 -30.86
C GLN C 271 16.95 12.54 -29.88
N PRO C 272 15.92 12.47 -29.08
CA PRO C 272 15.85 11.35 -28.13
C PRO C 272 15.50 10.03 -28.81
N ARG C 273 16.44 9.09 -28.81
CA ARG C 273 16.19 7.79 -29.38
C ARG C 273 16.71 6.67 -28.48
N THR C 274 16.53 5.44 -28.94
CA THR C 274 16.98 4.27 -28.20
C THR C 274 17.97 3.45 -29.03
N PHE C 275 19.13 3.17 -28.45
CA PHE C 275 20.16 2.41 -29.16
C PHE C 275 20.52 1.13 -28.41
N LEU C 276 21.10 0.18 -29.15
CA LEU C 276 21.52 -1.10 -28.59
C LEU C 276 23.01 -1.25 -28.87
N LEU C 277 23.82 -0.62 -28.02
CA LEU C 277 25.27 -0.66 -28.18
C LEU C 277 25.89 -2.03 -27.89
N LYS C 278 26.88 -2.39 -28.69
CA LYS C 278 27.61 -3.64 -28.55
C LYS C 278 29.02 -3.38 -28.06
N TYR C 279 29.36 -3.95 -26.92
CA TYR C 279 30.62 -3.70 -26.26
C TYR C 279 31.67 -4.70 -26.69
N ASN C 280 32.94 -4.31 -26.59
CA ASN C 280 34.07 -5.19 -26.85
C ASN C 280 34.43 -5.97 -25.58
N GLU C 281 35.38 -6.88 -25.71
CA GLU C 281 35.97 -7.50 -24.53
C GLU C 281 36.93 -6.55 -23.85
N ASN C 282 37.44 -5.57 -24.59
CA ASN C 282 38.25 -4.54 -23.98
C ASN C 282 37.39 -3.57 -23.20
N GLY C 283 36.25 -3.21 -23.75
CA GLY C 283 35.35 -2.26 -23.14
C GLY C 283 34.72 -1.41 -24.21
N THR C 284 35.26 -1.51 -25.41
CA THR C 284 34.98 -0.55 -26.45
C THR C 284 33.62 -0.81 -27.08
N ILE C 285 32.89 0.25 -27.37
CA ILE C 285 31.57 0.10 -27.99
C ILE C 285 31.70 -0.02 -29.51
N THR C 286 32.00 -1.23 -29.97
CA THR C 286 32.15 -1.50 -31.40
C THR C 286 30.93 -1.11 -32.22
N ASP C 287 30.01 -2.06 -32.43
CA ASP C 287 28.81 -1.81 -33.21
C ASP C 287 27.69 -1.20 -32.39
N ALA C 288 26.88 -0.37 -33.02
CA ALA C 288 25.77 0.29 -32.32
C ALA C 288 24.46 -0.02 -33.09
N VAL C 289 23.40 -0.45 -32.41
CA VAL C 289 22.13 -0.73 -33.09
C VAL C 289 21.10 0.32 -32.71
N ASP C 290 20.43 0.91 -33.71
CA ASP C 290 19.44 1.98 -33.52
C ASP C 290 18.00 1.41 -33.65
N CYS C 291 17.15 1.72 -32.68
CA CYS C 291 15.75 1.29 -32.70
C CYS C 291 15.04 2.52 -33.23
N ALA C 292 14.18 2.32 -34.22
CA ALA C 292 13.45 3.44 -34.82
C ALA C 292 13.85 3.67 -36.28
N LEU C 293 15.08 3.33 -36.64
CA LEU C 293 15.52 3.54 -38.01
C LEU C 293 14.51 2.93 -38.97
N ASP C 294 14.44 1.60 -39.01
CA ASP C 294 13.51 0.90 -39.88
C ASP C 294 12.83 -0.24 -39.13
N PRO C 295 11.88 -0.96 -39.85
CA PRO C 295 11.24 -2.05 -39.10
C PRO C 295 12.21 -3.15 -38.69
N LEU C 296 13.23 -3.39 -39.49
CA LEU C 296 14.20 -4.43 -39.19
C LEU C 296 14.98 -4.11 -37.91
N SER C 297 15.26 -2.84 -37.66
CA SER C 297 16.00 -2.48 -36.46
C SER C 297 15.23 -2.85 -35.20
N GLU C 298 13.91 -2.65 -35.24
CA GLU C 298 13.07 -2.97 -34.10
C GLU C 298 13.12 -4.44 -33.74
N THR C 299 13.15 -5.31 -34.74
CA THR C 299 13.20 -6.73 -34.47
C THR C 299 14.49 -7.06 -33.71
N LYS C 300 15.59 -6.48 -34.15
CA LYS C 300 16.87 -6.72 -33.50
C LYS C 300 16.82 -6.22 -32.07
N CYS C 301 16.22 -5.05 -31.88
CA CYS C 301 16.12 -4.47 -30.54
C CYS C 301 15.31 -5.39 -29.62
N THR C 302 14.24 -5.96 -30.15
CA THR C 302 13.40 -6.86 -29.38
C THR C 302 14.12 -8.16 -29.03
N LEU C 303 14.90 -8.68 -29.97
CA LEU C 303 15.62 -9.93 -29.75
C LEU C 303 16.99 -9.76 -29.09
N LYS C 304 17.41 -8.52 -28.89
CA LYS C 304 18.71 -8.27 -28.27
C LYS C 304 19.83 -9.06 -28.95
N SER C 305 19.87 -8.98 -30.28
CA SER C 305 20.90 -9.68 -31.04
C SER C 305 21.20 -8.84 -32.27
N PHE C 306 22.32 -9.14 -32.92
CA PHE C 306 22.68 -8.49 -34.16
C PHE C 306 22.35 -9.36 -35.37
N THR C 307 22.02 -10.63 -35.15
CA THR C 307 21.57 -11.50 -36.20
C THR C 307 20.23 -12.09 -35.83
N VAL C 308 19.28 -12.04 -36.76
CA VAL C 308 18.00 -12.69 -36.58
C VAL C 308 17.91 -13.83 -37.59
N GLU C 309 17.12 -14.84 -37.22
CA GLU C 309 16.92 -16.01 -38.06
C GLU C 309 15.56 -15.96 -38.74
N LYS C 310 15.42 -16.67 -39.85
CA LYS C 310 14.16 -16.68 -40.59
C LYS C 310 12.97 -17.01 -39.70
N GLY C 311 11.88 -16.30 -39.90
CA GLY C 311 10.66 -16.51 -39.13
C GLY C 311 9.81 -15.26 -39.10
N ILE C 312 8.78 -15.27 -38.26
CA ILE C 312 7.89 -14.12 -38.13
C ILE C 312 7.86 -13.68 -36.67
N TYR C 313 8.31 -12.47 -36.41
CA TYR C 313 8.35 -11.96 -35.04
C TYR C 313 7.46 -10.76 -34.80
N GLN C 314 6.82 -10.76 -33.64
CA GLN C 314 5.96 -9.66 -33.23
C GLN C 314 6.78 -8.67 -32.43
N THR C 315 6.86 -7.44 -32.92
CA THR C 315 7.78 -6.46 -32.36
C THR C 315 7.11 -5.37 -31.56
N SER C 316 6.01 -4.80 -32.04
CA SER C 316 5.41 -3.67 -31.35
C SER C 316 3.93 -3.63 -31.70
N ASN C 317 3.29 -2.50 -31.45
CA ASN C 317 1.91 -2.28 -31.80
C ASN C 317 1.85 -0.95 -32.55
N PHE C 318 0.69 -0.67 -33.12
CA PHE C 318 0.48 0.62 -33.76
C PHE C 318 -0.91 1.12 -33.42
N ARG C 319 -1.10 2.42 -33.58
CA ARG C 319 -2.42 3.03 -33.50
C ARG C 319 -2.38 4.33 -34.29
N VAL C 320 -3.52 4.69 -34.84
CA VAL C 320 -3.66 6.01 -35.42
C VAL C 320 -3.79 7.00 -34.29
N GLN C 321 -3.30 8.20 -34.52
CA GLN C 321 -3.14 9.15 -33.45
C GLN C 321 -4.26 10.18 -33.48
N PRO C 322 -4.64 10.72 -32.32
CA PRO C 322 -5.70 11.72 -32.29
C PRO C 322 -5.31 13.04 -32.94
N THR C 323 -6.25 13.56 -33.71
CA THR C 323 -6.22 14.91 -34.24
C THR C 323 -6.71 15.88 -33.17
N GLU C 324 -7.12 17.07 -33.61
CA GLU C 324 -7.50 18.23 -32.80
C GLU C 324 -8.49 17.87 -31.69
N SER C 325 -8.48 18.64 -30.60
CA SER C 325 -9.26 18.33 -29.42
C SER C 325 -10.53 19.17 -29.35
N ILE C 326 -11.65 18.55 -28.98
CA ILE C 326 -12.92 19.24 -28.88
C ILE C 326 -13.32 19.33 -27.41
N VAL C 327 -14.21 20.26 -27.10
CA VAL C 327 -14.74 20.48 -25.76
C VAL C 327 -16.23 20.82 -25.90
N ARG C 328 -17.07 20.13 -25.13
CA ARG C 328 -18.51 20.36 -25.20
C ARG C 328 -19.05 20.61 -23.80
N PHE C 329 -19.30 21.87 -23.49
CA PHE C 329 -19.80 22.28 -22.18
C PHE C 329 -21.15 22.94 -22.35
N PRO C 330 -22.02 22.89 -21.32
CA PRO C 330 -23.42 23.28 -21.52
C PRO C 330 -23.61 24.76 -21.82
N ASN C 331 -24.81 25.10 -22.29
CA ASN C 331 -25.02 26.38 -22.97
C ASN C 331 -25.39 27.46 -21.97
N ILE C 332 -25.66 27.10 -20.73
CA ILE C 332 -26.10 28.04 -19.70
C ILE C 332 -24.94 28.94 -19.31
N THR C 333 -25.24 30.21 -19.03
CA THR C 333 -24.24 31.15 -18.53
C THR C 333 -24.82 31.96 -17.38
N ASN C 334 -24.36 31.65 -16.18
CA ASN C 334 -24.69 32.40 -14.99
C ASN C 334 -23.46 32.39 -14.09
N LEU C 335 -22.94 33.57 -13.74
CA LEU C 335 -21.89 33.60 -12.75
C LEU C 335 -22.45 33.18 -11.39
N CYS C 336 -21.63 32.52 -10.62
CA CYS C 336 -22.19 31.77 -9.51
C CYS C 336 -22.17 32.60 -8.23
N PRO C 337 -23.25 32.56 -7.44
CA PRO C 337 -23.32 33.34 -6.20
C PRO C 337 -22.41 32.80 -5.09
N PHE C 338 -21.11 33.02 -5.26
CA PHE C 338 -20.16 32.68 -4.22
C PHE C 338 -19.95 33.84 -3.25
N GLY C 339 -20.43 35.03 -3.60
CA GLY C 339 -20.25 36.17 -2.73
C GLY C 339 -21.14 36.11 -1.50
N GLU C 340 -22.30 35.47 -1.62
CA GLU C 340 -23.24 35.45 -0.51
C GLU C 340 -22.97 34.34 0.48
N VAL C 341 -21.84 33.65 0.37
CA VAL C 341 -21.40 32.77 1.46
C VAL C 341 -20.13 33.28 2.14
N PHE C 342 -19.18 33.83 1.40
CA PHE C 342 -17.95 34.31 1.99
C PHE C 342 -18.04 35.74 2.50
N ASN C 343 -18.74 36.63 1.80
CA ASN C 343 -18.85 38.02 2.17
C ASN C 343 -20.13 38.32 2.95
N ALA C 344 -20.63 37.36 3.71
CA ALA C 344 -21.96 37.44 4.30
C ALA C 344 -21.97 38.29 5.57
N THR C 345 -23.18 38.51 6.08
CA THR C 345 -23.41 39.36 7.24
C THR C 345 -22.90 38.73 8.52
N ARG C 346 -23.48 37.59 8.88
CA ARG C 346 -23.02 36.84 10.03
C ARG C 346 -23.15 35.36 9.72
N PHE C 347 -22.25 34.58 10.31
CA PHE C 347 -22.17 33.15 10.09
C PHE C 347 -22.87 32.43 11.22
N ALA C 348 -23.16 31.14 11.01
CA ALA C 348 -23.89 30.38 12.01
C ALA C 348 -22.98 29.87 13.11
N SER C 349 -23.54 29.16 14.09
CA SER C 349 -22.73 28.53 15.12
C SER C 349 -22.33 27.13 14.64
N VAL C 350 -21.32 26.57 15.29
CA VAL C 350 -20.73 25.31 14.82
C VAL C 350 -21.69 24.13 15.07
N TYR C 351 -22.47 24.19 16.14
CA TYR C 351 -23.47 23.15 16.34
C TYR C 351 -24.69 23.34 15.44
N ALA C 352 -24.88 24.53 14.89
CA ALA C 352 -26.06 24.87 14.10
C ALA C 352 -25.68 25.38 12.72
N TRP C 353 -24.76 24.67 12.05
CA TRP C 353 -24.10 25.12 10.84
C TRP C 353 -25.07 25.31 9.67
N ASN C 354 -24.96 26.44 8.99
CA ASN C 354 -25.80 26.75 7.85
C ASN C 354 -25.40 25.91 6.64
N ARG C 355 -26.42 25.46 5.90
CA ARG C 355 -26.20 24.61 4.74
C ARG C 355 -27.06 25.11 3.60
N LYS C 356 -26.44 25.45 2.48
CA LYS C 356 -27.18 25.80 1.29
C LYS C 356 -26.67 25.01 0.10
N ARG C 357 -27.36 25.18 -1.02
CA ARG C 357 -27.15 24.38 -2.21
C ARG C 357 -26.89 25.30 -3.40
N ILE C 358 -25.92 24.90 -4.23
CA ILE C 358 -25.53 25.63 -5.42
C ILE C 358 -25.89 24.78 -6.62
N SER C 359 -26.63 25.35 -7.57
CA SER C 359 -27.00 24.64 -8.79
C SER C 359 -27.12 25.63 -9.93
N ASN C 360 -26.91 25.11 -11.14
CA ASN C 360 -27.10 25.80 -12.43
C ASN C 360 -26.34 27.11 -12.53
N CYS C 361 -25.03 27.05 -12.42
CA CYS C 361 -24.23 28.26 -12.56
C CYS C 361 -22.94 27.94 -13.29
N VAL C 362 -22.22 28.97 -13.72
CA VAL C 362 -20.87 28.79 -14.23
C VAL C 362 -19.94 29.28 -13.13
N ALA C 363 -19.48 28.36 -12.30
CA ALA C 363 -18.65 28.74 -11.16
C ALA C 363 -17.22 28.97 -11.61
N ASP C 364 -16.51 29.79 -10.86
CA ASP C 364 -15.09 30.03 -11.10
C ASP C 364 -14.37 29.90 -9.77
N TYR C 365 -13.59 28.84 -9.64
CA TYR C 365 -12.84 28.57 -8.41
C TYR C 365 -11.45 29.20 -8.44
N SER C 366 -11.04 29.78 -9.56
CA SER C 366 -9.76 30.46 -9.62
C SER C 366 -9.80 31.77 -8.85
N VAL C 367 -10.96 32.41 -8.80
CA VAL C 367 -11.09 33.68 -8.12
C VAL C 367 -11.30 33.46 -6.63
N LEU C 368 -11.52 32.21 -6.22
CA LEU C 368 -11.46 31.87 -4.80
C LEU C 368 -10.04 31.44 -4.42
N TYR C 369 -9.33 30.86 -5.37
CA TYR C 369 -8.00 30.32 -5.07
C TYR C 369 -6.97 31.42 -4.98
N ASN C 370 -6.89 32.27 -6.00
CA ASN C 370 -5.79 33.22 -6.11
C ASN C 370 -6.01 34.46 -5.26
N SER C 371 -7.25 34.77 -4.90
CA SER C 371 -7.52 35.88 -4.00
C SER C 371 -7.12 35.43 -2.59
N ALA C 372 -5.84 35.64 -2.27
CA ALA C 372 -5.28 35.02 -1.07
C ALA C 372 -5.67 35.80 0.18
N SER C 373 -6.63 35.25 0.90
CA SER C 373 -7.05 35.80 2.18
C SER C 373 -7.33 34.67 3.16
N PHE C 374 -6.80 33.47 2.88
CA PHE C 374 -7.23 32.26 3.56
C PHE C 374 -6.07 31.60 4.30
N SER C 375 -6.35 31.13 5.51
CA SER C 375 -5.34 30.47 6.31
C SER C 375 -5.08 29.05 5.81
N THR C 376 -6.10 28.20 5.84
CA THR C 376 -6.01 26.85 5.33
C THR C 376 -6.90 26.73 4.10
N PHE C 377 -6.34 26.19 3.02
CA PHE C 377 -7.09 25.88 1.82
C PHE C 377 -6.56 24.54 1.32
N LYS C 378 -7.26 23.47 1.66
CA LYS C 378 -6.83 22.15 1.22
C LYS C 378 -8.00 21.43 0.58
N CYS C 379 -7.67 20.59 -0.40
CA CYS C 379 -8.66 19.82 -1.12
C CYS C 379 -8.50 18.35 -0.78
N TYR C 380 -9.52 17.56 -1.11
CA TYR C 380 -9.51 16.13 -0.83
C TYR C 380 -10.11 15.43 -2.05
N GLY C 381 -9.29 14.62 -2.72
CA GLY C 381 -9.76 13.89 -3.89
C GLY C 381 -9.87 14.70 -5.15
N VAL C 382 -9.62 16.01 -5.08
CA VAL C 382 -9.66 16.92 -6.22
C VAL C 382 -8.38 17.75 -6.15
N SER C 383 -7.82 18.10 -7.29
CA SER C 383 -6.72 19.05 -7.18
C SER C 383 -7.27 20.47 -7.26
N PRO C 384 -6.67 21.44 -6.57
CA PRO C 384 -7.24 22.80 -6.58
C PRO C 384 -7.09 23.51 -7.90
N THR C 385 -6.13 23.11 -8.72
CA THR C 385 -5.93 23.75 -10.01
C THR C 385 -6.81 23.17 -11.11
N LYS C 386 -7.32 21.95 -10.96
CA LYS C 386 -8.13 21.32 -11.99
C LYS C 386 -9.61 21.57 -11.79
N LEU C 387 -9.97 22.38 -10.80
CA LEU C 387 -11.37 22.74 -10.58
C LEU C 387 -11.91 23.65 -11.69
N ASN C 388 -11.02 24.24 -12.48
CA ASN C 388 -11.42 25.06 -13.61
C ASN C 388 -12.06 24.24 -14.71
N ASP C 389 -11.80 22.94 -14.74
CA ASP C 389 -12.20 22.07 -15.83
C ASP C 389 -13.34 21.14 -15.43
N LEU C 390 -13.48 20.85 -14.14
CA LEU C 390 -14.39 19.85 -13.64
C LEU C 390 -15.83 20.36 -13.75
N CYS C 391 -16.78 19.43 -13.75
CA CYS C 391 -18.16 19.81 -14.00
C CYS C 391 -19.06 18.91 -13.16
N PHE C 392 -19.72 19.50 -12.17
CA PHE C 392 -20.33 18.74 -11.09
C PHE C 392 -21.85 18.74 -11.21
N THR C 393 -22.47 17.89 -10.39
CA THR C 393 -23.92 17.87 -10.27
C THR C 393 -24.41 18.90 -9.27
N ASN C 394 -23.79 18.97 -8.09
CA ASN C 394 -24.23 19.89 -7.04
C ASN C 394 -23.06 20.23 -6.13
N VAL C 395 -23.02 21.48 -5.69
CA VAL C 395 -22.05 21.95 -4.71
C VAL C 395 -22.80 22.38 -3.47
N TYR C 396 -22.34 21.93 -2.31
CA TYR C 396 -22.91 22.33 -1.03
C TYR C 396 -21.89 23.15 -0.25
N ALA C 397 -22.20 24.41 0.00
CA ALA C 397 -21.35 25.27 0.81
C ALA C 397 -21.92 25.30 2.23
N ASP C 398 -21.12 24.86 3.20
CA ASP C 398 -21.53 24.80 4.60
C ASP C 398 -20.64 25.72 5.41
N SER C 399 -21.24 26.61 6.18
CA SER C 399 -20.51 27.65 6.90
C SER C 399 -20.85 27.65 8.38
N PHE C 400 -19.83 27.84 9.21
CA PHE C 400 -19.96 27.96 10.66
C PHE C 400 -18.67 28.57 11.18
N VAL C 401 -18.68 28.96 12.45
CA VAL C 401 -17.54 29.62 13.07
C VAL C 401 -16.90 28.67 14.08
N ILE C 402 -15.57 28.60 14.06
CA ILE C 402 -14.82 27.63 14.82
C ILE C 402 -13.59 28.32 15.39
N ARG C 403 -13.06 27.77 16.48
CA ARG C 403 -11.81 28.26 17.04
C ARG C 403 -10.65 27.93 16.11
N GLY C 404 -9.61 28.76 16.15
CA GLY C 404 -8.46 28.54 15.29
C GLY C 404 -7.67 27.30 15.66
N ASP C 405 -7.82 26.83 16.89
CA ASP C 405 -7.26 25.54 17.29
C ASP C 405 -7.92 24.41 16.51
N GLU C 406 -9.22 24.51 16.26
CA GLU C 406 -9.97 23.39 15.69
C GLU C 406 -10.10 23.46 14.18
N VAL C 407 -9.23 24.20 13.48
CA VAL C 407 -9.29 24.19 12.02
C VAL C 407 -8.63 22.92 11.49
N ARG C 408 -7.89 22.20 12.34
CA ARG C 408 -7.43 20.88 11.97
C ARG C 408 -8.47 19.80 12.27
N GLN C 409 -9.49 20.13 13.04
CA GLN C 409 -10.53 19.16 13.37
C GLN C 409 -11.50 18.92 12.24
N ILE C 410 -11.57 19.80 11.25
CA ILE C 410 -12.47 19.60 10.13
C ILE C 410 -11.70 18.89 9.03
N ALA C 411 -11.71 17.57 9.08
CA ALA C 411 -10.95 16.73 8.17
C ALA C 411 -11.60 15.37 8.12
N PRO C 412 -11.50 14.67 6.99
CA PRO C 412 -11.99 13.29 6.93
C PRO C 412 -11.16 12.39 7.82
N GLY C 413 -11.84 11.49 8.53
CA GLY C 413 -11.15 10.54 9.38
C GLY C 413 -10.56 11.15 10.63
N GLN C 414 -11.17 12.20 11.16
CA GLN C 414 -10.68 12.91 12.32
C GLN C 414 -11.58 12.67 13.51
N THR C 415 -10.97 12.61 14.69
CA THR C 415 -11.73 12.53 15.93
C THR C 415 -11.29 13.66 16.85
N GLY C 416 -12.13 13.97 17.82
CA GLY C 416 -11.89 15.10 18.68
C GLY C 416 -13.17 15.51 19.38
N LYS C 417 -13.31 16.82 19.58
CA LYS C 417 -14.48 17.34 20.28
C LYS C 417 -15.50 17.89 19.30
N ILE C 418 -15.04 18.67 18.33
CA ILE C 418 -15.94 19.28 17.36
C ILE C 418 -16.24 18.29 16.24
N ALA C 419 -15.24 17.54 15.81
CA ALA C 419 -15.42 16.57 14.72
C ALA C 419 -16.28 15.40 15.17
N ASP C 420 -16.40 15.18 16.46
CA ASP C 420 -17.16 14.03 16.94
C ASP C 420 -18.51 14.42 17.53
N TYR C 421 -18.68 15.68 17.94
CA TYR C 421 -19.92 16.09 18.58
C TYR C 421 -20.62 17.27 17.92
N ASN C 422 -20.02 17.89 16.92
CA ASN C 422 -20.66 19.03 16.26
C ASN C 422 -20.87 18.84 14.77
N TYR C 423 -19.85 18.40 14.04
CA TYR C 423 -19.89 18.40 12.57
C TYR C 423 -18.92 17.34 12.08
N LYS C 424 -19.44 16.32 11.41
CA LYS C 424 -18.63 15.17 10.99
C LYS C 424 -18.54 15.12 9.47
N LEU C 425 -17.36 15.41 8.94
CA LEU C 425 -17.09 15.09 7.55
C LEU C 425 -17.02 13.57 7.39
N PRO C 426 -17.45 13.03 6.24
CA PRO C 426 -17.35 11.58 6.04
C PRO C 426 -15.93 11.14 5.76
N ASP C 427 -15.74 9.84 5.54
CA ASP C 427 -14.40 9.28 5.42
C ASP C 427 -13.71 9.64 4.11
N ASP C 428 -14.44 9.65 3.00
CA ASP C 428 -13.82 9.92 1.70
C ASP C 428 -13.81 11.40 1.35
N PHE C 429 -14.99 12.02 1.24
CA PHE C 429 -15.18 13.46 1.12
C PHE C 429 -14.44 14.08 -0.06
N THR C 430 -14.94 13.90 -1.27
CA THR C 430 -14.44 14.75 -2.36
C THR C 430 -14.95 16.17 -2.10
N GLY C 431 -14.02 17.07 -1.80
CA GLY C 431 -14.39 18.47 -1.56
C GLY C 431 -13.22 19.28 -1.07
N CYS C 432 -13.50 20.54 -0.72
CA CYS C 432 -12.49 21.46 -0.22
C CYS C 432 -12.92 22.09 1.10
N VAL C 433 -11.94 22.50 1.87
CA VAL C 433 -12.16 23.14 3.18
C VAL C 433 -11.47 24.49 3.16
N ILE C 434 -12.25 25.55 3.27
CA ILE C 434 -11.74 26.92 3.18
C ILE C 434 -11.90 27.59 4.53
N ALA C 435 -10.88 28.33 4.97
CA ALA C 435 -10.90 28.95 6.29
C ALA C 435 -10.13 30.26 6.27
N TRP C 436 -10.55 31.18 7.15
CA TRP C 436 -9.84 32.44 7.34
C TRP C 436 -10.16 33.01 8.71
N ASN C 437 -9.31 33.92 9.17
CA ASN C 437 -9.39 34.52 10.49
C ASN C 437 -10.50 35.55 10.64
N SER C 438 -11.07 35.65 11.84
CA SER C 438 -12.13 36.63 12.07
C SER C 438 -11.97 37.31 13.42
N ASN C 439 -10.73 37.69 13.77
CA ASN C 439 -10.47 38.43 14.99
C ASN C 439 -11.07 39.82 14.96
N ASN C 440 -11.21 40.39 13.76
CA ASN C 440 -11.83 41.70 13.61
C ASN C 440 -13.31 41.67 13.99
N LEU C 441 -14.01 40.59 13.68
CA LEU C 441 -15.43 40.50 13.99
C LEU C 441 -15.69 39.40 15.02
N TYR C 449 -22.72 35.04 24.79
CA TYR C 449 -22.31 35.16 23.40
C TYR C 449 -23.21 34.34 22.48
N ASN C 450 -22.89 34.37 21.20
CA ASN C 450 -23.69 33.67 20.19
C ASN C 450 -23.06 32.34 19.79
N TYR C 451 -21.74 32.33 19.60
CA TYR C 451 -21.04 31.14 19.13
C TYR C 451 -20.96 30.08 20.22
N LEU C 452 -21.65 28.97 20.01
CA LEU C 452 -21.73 27.89 20.99
C LEU C 452 -21.28 26.58 20.37
N TYR C 453 -20.76 25.69 21.21
CA TYR C 453 -20.47 24.33 20.78
C TYR C 453 -20.90 23.36 21.86
N ARG C 454 -21.38 22.19 21.44
CA ARG C 454 -21.82 21.16 22.37
C ARG C 454 -20.60 20.47 22.98
N LEU C 455 -20.80 19.86 24.14
CA LEU C 455 -19.73 19.15 24.83
C LEU C 455 -20.32 18.06 25.72
N PHE C 456 -21.13 17.19 25.12
CA PHE C 456 -21.75 16.10 25.88
C PHE C 456 -22.13 14.88 25.04
N ARG C 457 -23.13 14.14 25.50
CA ARG C 457 -23.61 12.94 24.84
C ARG C 457 -23.57 12.99 23.31
N LYS C 458 -24.68 13.37 22.70
CA LYS C 458 -24.77 13.44 21.25
C LYS C 458 -24.68 12.04 20.64
N SER C 459 -24.05 11.13 21.37
CA SER C 459 -23.89 9.74 20.93
C SER C 459 -23.23 9.63 19.56
N ASN C 460 -21.96 10.04 19.48
CA ASN C 460 -21.19 9.98 18.24
C ASN C 460 -21.99 10.23 16.97
N LEU C 461 -21.97 11.48 16.51
CA LEU C 461 -22.69 11.90 15.30
C LEU C 461 -22.11 11.27 14.05
N LYS C 462 -22.98 10.68 13.24
CA LYS C 462 -22.60 10.11 11.96
C LYS C 462 -22.34 11.23 10.95
N PRO C 463 -21.61 10.95 9.82
CA PRO C 463 -21.33 11.99 8.80
C PRO C 463 -22.52 12.76 8.27
N PHE C 464 -22.38 14.09 8.26
CA PHE C 464 -23.36 15.06 7.77
C PHE C 464 -24.68 14.93 8.50
N GLU C 465 -24.64 15.17 9.79
CA GLU C 465 -25.80 15.05 10.66
C GLU C 465 -25.90 16.30 11.52
N ARG C 466 -27.02 17.00 11.43
CA ARG C 466 -27.29 18.18 12.25
C ARG C 466 -28.17 17.77 13.42
N ASP C 467 -27.84 18.27 14.62
CA ASP C 467 -28.69 18.06 15.79
C ASP C 467 -28.74 19.35 16.62
N ILE C 468 -29.72 20.19 16.30
CA ILE C 468 -30.05 21.35 17.11
C ILE C 468 -31.09 20.97 18.17
N SER C 469 -30.60 20.66 19.36
CA SER C 469 -31.49 20.27 20.46
C SER C 469 -30.92 20.67 21.82
N THR C 470 -31.66 20.35 22.88
CA THR C 470 -31.23 20.67 24.23
C THR C 470 -31.82 19.71 25.25
N GLU C 471 -31.35 19.78 26.48
CA GLU C 471 -31.84 18.91 27.54
C GLU C 471 -31.01 19.07 28.82
N ASN C 487 -25.87 15.60 38.29
CA ASN C 487 -25.91 15.16 36.90
C ASN C 487 -26.88 16.00 36.08
N CYS C 488 -26.85 17.30 36.29
CA CYS C 488 -27.60 18.26 35.51
C CYS C 488 -26.64 18.85 34.48
N TYR C 489 -26.65 18.31 33.27
CA TYR C 489 -25.68 18.67 32.23
C TYR C 489 -26.40 19.42 31.12
N PHE C 490 -26.33 20.75 31.17
CA PHE C 490 -26.80 21.55 30.05
C PHE C 490 -25.78 21.46 28.92
N PRO C 491 -26.16 20.99 27.72
CA PRO C 491 -25.17 20.66 26.69
C PRO C 491 -24.40 21.82 26.10
N LEU C 492 -25.10 22.86 25.65
CA LEU C 492 -24.44 23.95 24.95
C LEU C 492 -23.63 24.83 25.90
N GLN C 493 -22.35 25.01 25.57
CA GLN C 493 -21.47 25.93 26.28
C GLN C 493 -21.00 27.00 25.32
N SER C 494 -20.37 28.04 25.85
CA SER C 494 -20.08 29.24 25.10
C SER C 494 -18.61 29.34 24.73
N TYR C 495 -18.36 30.19 23.74
CA TYR C 495 -17.03 30.50 23.25
C TYR C 495 -16.39 31.59 24.12
N GLY C 496 -15.15 31.94 23.83
CA GLY C 496 -14.44 32.97 24.58
C GLY C 496 -13.91 34.11 23.73
N PHE C 497 -14.74 34.64 22.84
CA PHE C 497 -14.35 35.74 21.97
C PHE C 497 -13.95 36.96 22.78
N GLN C 498 -12.90 37.65 22.33
CA GLN C 498 -12.41 38.84 23.02
C GLN C 498 -11.09 39.31 22.42
N PRO C 499 -10.77 40.65 22.66
CA PRO C 499 -9.48 41.07 22.06
C PRO C 499 -8.34 40.15 22.48
N THR C 500 -7.45 39.85 21.54
CA THR C 500 -6.30 39.00 21.82
C THR C 500 -6.75 37.56 22.08
N ASN C 501 -7.00 37.24 23.34
CA ASN C 501 -7.43 35.91 23.73
C ASN C 501 -6.62 34.82 23.03
N GLY C 502 -5.30 34.88 23.18
CA GLY C 502 -4.42 33.90 22.57
C GLY C 502 -4.50 33.92 21.05
N VAL C 503 -3.44 33.43 20.41
CA VAL C 503 -3.40 33.39 18.95
C VAL C 503 -4.28 32.28 18.40
N GLY C 504 -4.35 31.14 19.10
CA GLY C 504 -5.19 30.05 18.67
C GLY C 504 -6.54 30.05 19.37
N TYR C 505 -7.14 31.23 19.50
CA TYR C 505 -8.45 31.33 20.14
C TYR C 505 -9.35 32.29 19.39
N GLN C 506 -8.78 33.03 18.44
CA GLN C 506 -9.57 33.96 17.66
C GLN C 506 -10.50 33.18 16.72
N PRO C 507 -11.71 33.67 16.46
CA PRO C 507 -12.69 32.85 15.74
C PRO C 507 -12.37 32.73 14.25
N TYR C 508 -12.70 31.58 13.66
CA TYR C 508 -12.41 31.32 12.26
C TYR C 508 -13.70 30.95 11.54
N ARG C 509 -13.94 31.60 10.41
CA ARG C 509 -15.15 31.42 9.62
C ARG C 509 -14.83 30.43 8.50
N VAL C 510 -15.22 29.17 8.68
CA VAL C 510 -14.85 28.11 7.75
C VAL C 510 -15.99 27.85 6.78
N VAL C 511 -15.64 27.47 5.55
CA VAL C 511 -16.60 27.15 4.50
C VAL C 511 -16.19 25.83 3.87
N VAL C 512 -17.11 24.86 3.90
CA VAL C 512 -16.82 23.49 3.50
C VAL C 512 -17.61 23.18 2.24
N LEU C 513 -16.92 23.06 1.11
CA LEU C 513 -17.57 22.69 -0.14
C LEU C 513 -17.59 21.17 -0.30
N SER C 514 -18.74 20.66 -0.74
CA SER C 514 -18.89 19.24 -1.04
C SER C 514 -19.35 19.11 -2.48
N PHE C 515 -18.55 18.45 -3.29
CA PHE C 515 -18.85 18.25 -4.70
C PHE C 515 -19.54 16.91 -4.89
N GLU C 516 -20.83 16.94 -5.22
CA GLU C 516 -21.53 15.74 -5.67
C GLU C 516 -21.14 15.53 -7.12
N LEU C 517 -20.38 14.47 -7.38
CA LEU C 517 -19.65 14.30 -8.63
C LEU C 517 -20.13 13.03 -9.31
N LEU C 518 -20.64 13.18 -10.54
CA LEU C 518 -21.04 12.10 -11.45
C LEU C 518 -22.12 11.21 -10.83
N HIS C 519 -23.32 11.76 -10.67
CA HIS C 519 -24.48 10.99 -10.22
C HIS C 519 -25.71 11.32 -11.07
N ALA C 520 -25.58 12.32 -11.93
CA ALA C 520 -26.70 12.91 -12.65
C ALA C 520 -26.15 13.71 -13.84
N PRO C 521 -27.00 14.27 -14.73
CA PRO C 521 -26.48 15.30 -15.66
C PRO C 521 -25.92 16.52 -14.94
N ALA C 522 -24.64 16.78 -15.18
CA ALA C 522 -23.91 17.80 -14.45
C ALA C 522 -24.42 19.19 -14.80
N THR C 523 -24.69 19.98 -13.77
CA THR C 523 -25.20 21.35 -13.93
C THR C 523 -24.18 22.41 -13.54
N VAL C 524 -23.63 22.34 -12.34
CA VAL C 524 -22.59 23.28 -11.93
C VAL C 524 -21.31 22.97 -12.66
N CYS C 525 -20.88 23.89 -13.52
CA CYS C 525 -19.88 23.47 -14.48
C CYS C 525 -18.85 24.59 -14.61
N GLY C 526 -17.64 24.21 -15.02
CA GLY C 526 -16.53 25.13 -14.99
C GLY C 526 -16.60 26.18 -16.09
N PRO C 527 -15.69 27.14 -16.02
CA PRO C 527 -15.65 28.22 -17.03
C PRO C 527 -14.74 27.92 -18.21
N LYS C 528 -15.11 26.94 -19.03
CA LYS C 528 -14.37 26.66 -20.25
C LYS C 528 -15.26 26.89 -21.46
N LYS C 529 -14.62 26.98 -22.62
CA LYS C 529 -15.25 27.42 -23.84
C LYS C 529 -15.45 26.22 -24.76
N SER C 530 -16.65 26.08 -25.30
CA SER C 530 -16.98 24.94 -26.14
C SER C 530 -16.31 25.02 -27.51
N THR C 531 -16.47 23.96 -28.30
CA THR C 531 -15.96 23.91 -29.66
C THR C 531 -16.96 23.13 -30.50
N ASN C 532 -17.08 23.50 -31.77
CA ASN C 532 -17.93 22.73 -32.68
C ASN C 532 -17.36 21.35 -32.90
N LEU C 533 -18.24 20.36 -32.88
CA LEU C 533 -17.80 18.97 -32.94
C LEU C 533 -17.54 18.55 -34.38
N VAL C 534 -16.67 17.56 -34.52
CA VAL C 534 -16.33 17.00 -35.83
C VAL C 534 -16.81 15.56 -35.86
N LYS C 535 -16.64 14.89 -37.00
CA LYS C 535 -17.04 13.49 -37.08
C LYS C 535 -16.01 12.66 -37.83
N ASN C 536 -16.00 11.36 -37.59
CA ASN C 536 -15.27 10.32 -38.31
C ASN C 536 -13.76 10.50 -38.29
N LYS C 537 -13.22 11.20 -37.30
CA LYS C 537 -11.78 11.32 -37.10
C LYS C 537 -11.46 10.93 -35.67
N CYS C 538 -10.33 10.27 -35.46
CA CYS C 538 -9.86 10.02 -34.11
C CYS C 538 -9.47 11.34 -33.46
N VAL C 539 -10.22 11.73 -32.43
CA VAL C 539 -10.05 13.04 -31.79
C VAL C 539 -9.96 12.84 -30.29
N ASN C 540 -9.63 13.92 -29.61
CA ASN C 540 -9.47 13.92 -28.15
C ASN C 540 -10.59 14.77 -27.56
N PHE C 541 -11.70 14.15 -27.19
CA PHE C 541 -12.89 14.89 -26.83
C PHE C 541 -12.96 15.15 -25.33
N ASN C 542 -13.92 16.02 -24.97
CA ASN C 542 -14.23 16.33 -23.57
C ASN C 542 -15.71 16.65 -23.54
N PHE C 543 -16.54 15.64 -23.34
CA PHE C 543 -17.99 15.81 -23.31
C PHE C 543 -18.40 15.94 -21.86
N ASN C 544 -18.49 17.18 -21.38
CA ASN C 544 -19.13 17.58 -20.13
C ASN C 544 -18.45 17.00 -18.90
N GLY C 545 -17.20 16.52 -19.01
CA GLY C 545 -16.55 15.82 -17.93
C GLY C 545 -16.02 14.46 -18.35
N LEU C 546 -16.58 13.90 -19.41
CA LEU C 546 -16.11 12.63 -19.97
C LEU C 546 -14.92 12.91 -20.88
N THR C 547 -13.75 12.44 -20.48
CA THR C 547 -12.54 12.62 -21.27
C THR C 547 -12.24 11.29 -21.94
N GLY C 548 -11.92 11.34 -23.24
CA GLY C 548 -11.61 10.12 -23.94
C GLY C 548 -10.95 10.35 -25.28
N THR C 549 -10.94 9.32 -26.11
CA THR C 549 -10.37 9.37 -27.45
C THR C 549 -11.15 8.42 -28.34
N GLY C 550 -11.47 8.86 -29.54
CA GLY C 550 -12.14 8.00 -30.49
C GLY C 550 -12.70 8.79 -31.65
N VAL C 551 -13.43 8.07 -32.51
CA VAL C 551 -14.13 8.67 -33.64
C VAL C 551 -15.58 8.86 -33.26
N LEU C 552 -16.24 9.83 -33.88
CA LEU C 552 -17.61 10.19 -33.54
C LEU C 552 -18.49 9.98 -34.76
N THR C 553 -19.41 9.03 -34.69
CA THR C 553 -20.38 8.85 -35.75
C THR C 553 -21.78 9.10 -35.20
N GLU C 554 -22.73 9.26 -36.11
CA GLU C 554 -24.12 9.44 -35.69
C GLU C 554 -24.71 8.10 -35.31
N SER C 555 -25.50 8.10 -34.24
CA SER C 555 -26.03 6.87 -33.71
C SER C 555 -27.50 6.70 -34.08
N ASN C 556 -27.86 5.47 -34.43
CA ASN C 556 -29.25 5.06 -34.56
C ASN C 556 -29.71 4.34 -33.30
N LYS C 557 -29.05 4.61 -32.18
CA LYS C 557 -29.49 4.13 -30.89
C LYS C 557 -30.76 4.86 -30.48
N LYS C 558 -31.58 4.21 -29.67
CA LYS C 558 -32.86 4.80 -29.25
C LYS C 558 -32.91 5.27 -27.80
N PHE C 559 -32.23 6.37 -27.52
CA PHE C 559 -32.25 6.92 -26.17
C PHE C 559 -33.66 7.40 -25.86
N LEU C 560 -34.32 6.74 -24.92
CA LEU C 560 -35.55 7.28 -24.34
C LEU C 560 -35.16 8.52 -23.56
N PRO C 561 -35.70 9.69 -23.89
CA PRO C 561 -35.00 10.95 -23.62
C PRO C 561 -34.89 11.37 -22.15
N PHE C 562 -34.26 10.52 -21.34
CA PHE C 562 -33.92 10.88 -19.98
C PHE C 562 -32.55 10.33 -19.61
N GLN C 563 -31.85 9.72 -20.56
CA GLN C 563 -30.50 9.24 -20.34
C GLN C 563 -29.48 10.22 -20.91
N GLN C 564 -28.23 10.04 -20.48
CA GLN C 564 -27.12 10.86 -20.95
C GLN C 564 -26.10 10.08 -21.77
N PHE C 565 -25.79 8.85 -21.37
CA PHE C 565 -24.82 8.05 -22.10
C PHE C 565 -25.19 6.58 -21.99
N GLY C 566 -24.68 5.79 -22.92
CA GLY C 566 -24.92 4.36 -22.93
C GLY C 566 -23.62 3.60 -22.80
N ARG C 567 -23.74 2.27 -22.85
CA ARG C 567 -22.59 1.38 -22.75
C ARG C 567 -22.97 -0.01 -23.23
N ASP C 568 -22.01 -0.72 -23.82
CA ASP C 568 -22.22 -2.14 -24.10
C ASP C 568 -21.96 -2.99 -22.86
N ILE C 569 -20.75 -2.95 -22.34
CA ILE C 569 -20.40 -3.67 -21.12
C ILE C 569 -19.16 -3.01 -20.51
N ALA C 570 -19.04 -3.14 -19.18
CA ALA C 570 -17.80 -3.03 -18.43
C ALA C 570 -17.01 -1.74 -18.64
N ASP C 571 -17.65 -0.59 -18.33
CA ASP C 571 -17.03 0.73 -18.23
C ASP C 571 -16.63 1.23 -19.63
N THR C 572 -17.22 0.64 -20.67
CA THR C 572 -17.01 1.11 -22.03
C THR C 572 -18.20 1.97 -22.42
N THR C 573 -18.07 3.28 -22.20
CA THR C 573 -19.12 4.21 -22.61
C THR C 573 -19.16 4.30 -24.12
N ASP C 574 -20.25 3.84 -24.72
CA ASP C 574 -20.38 3.74 -26.17
C ASP C 574 -20.98 4.98 -26.81
N ALA C 575 -22.09 5.48 -26.27
CA ALA C 575 -22.76 6.63 -26.83
C ALA C 575 -22.72 7.76 -25.81
N VAL C 576 -23.02 8.97 -26.28
CA VAL C 576 -23.09 10.17 -25.45
C VAL C 576 -23.93 11.19 -26.23
N ARG C 577 -24.67 12.04 -25.52
CA ARG C 577 -25.28 13.19 -26.17
C ARG C 577 -24.55 14.46 -25.78
N ASP C 578 -24.46 15.39 -26.72
CA ASP C 578 -23.72 16.61 -26.46
C ASP C 578 -24.57 17.55 -25.62
N PRO C 579 -23.99 18.29 -24.69
CA PRO C 579 -24.82 19.14 -23.84
C PRO C 579 -25.12 20.50 -24.45
N GLN C 580 -25.35 20.54 -25.76
CA GLN C 580 -25.95 21.71 -26.37
C GLN C 580 -27.16 21.32 -27.22
N THR C 581 -26.97 20.40 -28.15
CA THR C 581 -28.00 20.09 -29.12
C THR C 581 -28.79 18.84 -28.80
N LEU C 582 -28.43 18.14 -27.71
CA LEU C 582 -29.06 16.89 -27.25
C LEU C 582 -29.06 15.81 -28.33
N GLU C 583 -27.98 15.72 -29.10
CA GLU C 583 -27.85 14.74 -30.15
C GLU C 583 -26.88 13.64 -29.74
N ILE C 584 -27.33 12.40 -29.90
CA ILE C 584 -26.59 11.23 -29.44
C ILE C 584 -25.57 10.85 -30.51
N LEU C 585 -24.36 10.48 -30.06
CA LEU C 585 -23.25 10.15 -30.94
C LEU C 585 -22.50 8.94 -30.40
N ASP C 586 -22.01 8.10 -31.32
CA ASP C 586 -21.26 6.91 -30.93
C ASP C 586 -19.78 7.26 -30.69
N ILE C 587 -19.16 6.49 -29.80
CA ILE C 587 -17.72 6.62 -29.53
C ILE C 587 -17.08 5.29 -29.88
N THR C 588 -16.58 5.18 -31.08
CA THR C 588 -15.78 4.04 -31.48
C THR C 588 -14.31 4.38 -31.35
N PRO C 589 -13.51 3.53 -30.71
CA PRO C 589 -12.09 3.83 -30.56
C PRO C 589 -11.35 3.61 -31.88
N CYS C 590 -10.43 4.52 -32.16
CA CYS C 590 -9.76 4.55 -33.45
C CYS C 590 -8.76 3.41 -33.54
N SER C 591 -8.40 3.06 -34.78
CA SER C 591 -7.83 1.77 -35.12
C SER C 591 -6.47 1.48 -34.49
N PHE C 592 -6.19 0.21 -34.27
CA PHE C 592 -4.96 -0.24 -33.62
C PHE C 592 -4.75 -1.70 -33.99
N GLY C 593 -3.69 -2.28 -33.45
CA GLY C 593 -3.39 -3.67 -33.72
C GLY C 593 -1.95 -3.97 -33.40
N GLY C 594 -1.52 -5.17 -33.77
CA GLY C 594 -0.12 -5.51 -33.63
C GLY C 594 0.58 -5.43 -34.96
N VAL C 595 1.90 -5.51 -34.97
CA VAL C 595 2.69 -5.46 -36.19
C VAL C 595 3.78 -6.52 -36.11
N SER C 596 3.89 -7.35 -37.15
CA SER C 596 4.84 -8.43 -37.22
C SER C 596 5.77 -8.22 -38.40
N VAL C 597 7.00 -8.71 -38.28
CA VAL C 597 8.00 -8.60 -39.35
C VAL C 597 8.44 -9.99 -39.76
N ILE C 598 8.52 -10.21 -41.07
CA ILE C 598 8.76 -11.52 -41.65
C ILE C 598 10.13 -11.51 -42.30
N THR C 599 11.11 -12.10 -41.63
CA THR C 599 12.46 -12.03 -42.11
C THR C 599 12.90 -13.38 -42.64
N PRO C 600 13.65 -13.42 -43.73
CA PRO C 600 14.17 -14.70 -44.22
C PRO C 600 15.46 -15.12 -43.53
N GLY C 601 15.78 -14.53 -42.39
CA GLY C 601 17.04 -14.77 -41.72
C GLY C 601 18.03 -13.73 -42.16
N THR C 602 18.83 -13.20 -41.23
CA THR C 602 19.75 -12.12 -41.60
C THR C 602 21.02 -12.64 -42.25
N ASN C 603 21.23 -13.96 -42.30
CA ASN C 603 22.37 -14.54 -42.99
C ASN C 603 22.08 -14.77 -44.45
N THR C 604 20.92 -14.33 -44.93
CA THR C 604 20.51 -14.62 -46.30
C THR C 604 20.20 -13.32 -47.03
N SER C 605 19.59 -12.38 -46.34
CA SER C 605 19.26 -11.09 -46.91
C SER C 605 19.03 -10.10 -45.77
N ASN C 606 18.65 -8.88 -46.13
CA ASN C 606 18.18 -7.90 -45.15
C ASN C 606 16.82 -7.35 -45.55
N GLN C 607 16.13 -7.96 -46.49
CA GLN C 607 14.78 -7.57 -46.84
C GLN C 607 13.81 -8.07 -45.78
N VAL C 608 12.67 -7.39 -45.67
CA VAL C 608 11.71 -7.61 -44.59
C VAL C 608 10.33 -7.30 -45.15
N ALA C 609 9.36 -8.16 -44.87
CA ALA C 609 7.95 -7.84 -45.04
C ALA C 609 7.34 -7.51 -43.69
N VAL C 610 6.24 -6.76 -43.71
CA VAL C 610 5.60 -6.29 -42.49
C VAL C 610 4.11 -6.60 -42.58
N LEU C 611 3.57 -7.24 -41.56
CA LEU C 611 2.15 -7.58 -41.52
C LEU C 611 1.45 -6.82 -40.42
N TYR C 612 0.24 -6.35 -40.70
CA TYR C 612 -0.54 -5.59 -39.74
C TYR C 612 -1.76 -6.37 -39.28
N GLN C 613 -1.70 -6.88 -38.05
CA GLN C 613 -2.79 -7.66 -37.47
C GLN C 613 -4.15 -7.07 -37.78
N ASP C 614 -5.00 -7.89 -38.39
CA ASP C 614 -6.37 -7.55 -38.80
C ASP C 614 -6.65 -6.05 -38.96
N VAL C 615 -6.40 -5.53 -40.17
CA VAL C 615 -6.61 -4.12 -40.45
C VAL C 615 -6.79 -3.88 -41.94
N ASN C 616 -7.96 -3.38 -42.31
CA ASN C 616 -8.23 -3.09 -43.72
C ASN C 616 -7.07 -2.28 -44.28
N CYS C 617 -6.40 -2.83 -45.29
CA CYS C 617 -5.26 -2.16 -45.91
C CYS C 617 -5.54 -0.72 -46.37
N THR C 618 -6.71 -0.21 -46.01
CA THR C 618 -7.08 1.15 -46.38
C THR C 618 -6.99 2.09 -45.17
N GLU C 619 -6.07 1.78 -44.26
CA GLU C 619 -5.88 2.59 -43.07
C GLU C 619 -4.41 2.74 -42.72
N VAL C 620 -3.55 2.67 -43.73
CA VAL C 620 -2.11 2.80 -43.52
C VAL C 620 -1.45 3.58 -44.64
N ASN C 641 4.91 -4.62 -52.57
CA ASN C 641 3.52 -4.43 -52.96
C ASN C 641 2.63 -4.56 -51.74
N VAL C 642 1.32 -4.43 -51.94
CA VAL C 642 0.35 -4.43 -50.85
C VAL C 642 -0.68 -5.52 -51.13
N PHE C 643 -0.83 -6.44 -50.17
CA PHE C 643 -1.71 -7.58 -50.32
C PHE C 643 -2.59 -7.70 -49.09
N GLN C 644 -3.90 -7.74 -49.30
CA GLN C 644 -4.86 -7.90 -48.22
C GLN C 644 -5.14 -9.36 -47.99
N THR C 645 -4.85 -9.83 -46.78
CA THR C 645 -5.10 -11.21 -46.41
C THR C 645 -6.26 -11.24 -45.43
N ARG C 646 -6.54 -12.40 -44.86
CA ARG C 646 -7.53 -12.50 -43.81
C ARG C 646 -6.90 -12.28 -42.43
N ALA C 647 -5.61 -12.54 -42.28
CA ALA C 647 -4.89 -12.34 -41.03
C ALA C 647 -4.42 -10.92 -40.82
N GLY C 648 -5.00 -9.94 -41.50
CA GLY C 648 -4.48 -8.60 -41.62
C GLY C 648 -4.12 -8.33 -43.04
N CYS C 649 -3.24 -7.36 -43.28
CA CYS C 649 -2.71 -7.18 -44.62
C CYS C 649 -1.21 -6.97 -44.57
N LEU C 650 -0.57 -7.20 -45.70
CA LEU C 650 0.86 -7.49 -45.76
C LEU C 650 1.51 -6.61 -46.81
N ILE C 651 2.35 -5.69 -46.38
CA ILE C 651 3.09 -4.83 -47.29
C ILE C 651 4.54 -5.30 -47.32
N GLY C 652 5.15 -5.25 -48.49
CA GLY C 652 6.52 -5.68 -48.62
C GLY C 652 6.70 -7.06 -49.19
N ALA C 653 5.61 -7.73 -49.56
CA ALA C 653 5.67 -9.08 -50.11
C ALA C 653 4.88 -9.14 -51.41
N GLU C 654 5.26 -10.07 -52.28
CA GLU C 654 4.71 -10.13 -53.62
C GLU C 654 3.83 -11.37 -53.76
N HIS C 655 2.55 -11.16 -54.04
CA HIS C 655 1.58 -12.25 -54.00
C HIS C 655 1.58 -13.01 -55.31
N VAL C 656 2.23 -14.17 -55.32
CA VAL C 656 2.33 -15.01 -56.51
C VAL C 656 1.09 -15.86 -56.67
N ASN C 657 1.00 -16.58 -57.80
CA ASN C 657 -0.12 -17.50 -58.01
C ASN C 657 0.24 -18.97 -57.84
N ASN C 658 1.42 -19.31 -57.33
CA ASN C 658 1.82 -20.71 -57.20
C ASN C 658 1.38 -21.28 -55.86
N SER C 659 1.95 -22.43 -55.50
CA SER C 659 1.74 -23.04 -54.20
C SER C 659 2.89 -23.98 -53.87
N TYR C 660 3.61 -23.73 -52.79
CA TYR C 660 4.68 -24.61 -52.36
C TYR C 660 4.43 -25.06 -50.93
N GLU C 661 5.21 -26.02 -50.47
CA GLU C 661 5.21 -26.39 -49.07
C GLU C 661 5.87 -25.28 -48.29
N CYS C 662 5.12 -24.69 -47.37
CA CYS C 662 5.37 -23.30 -47.04
C CYS C 662 6.44 -23.15 -45.97
N ASP C 663 7.10 -21.99 -46.01
CA ASP C 663 8.28 -21.71 -45.21
C ASP C 663 7.91 -21.09 -43.87
N ILE C 664 7.32 -19.90 -43.92
CA ILE C 664 7.00 -19.12 -42.73
C ILE C 664 5.48 -18.98 -42.68
N PRO C 665 4.84 -19.32 -41.57
CA PRO C 665 3.39 -19.17 -41.49
C PRO C 665 3.01 -17.71 -41.42
N ILE C 666 1.82 -17.39 -41.90
CA ILE C 666 1.19 -16.11 -41.65
C ILE C 666 -0.18 -16.30 -41.03
N GLY C 667 -1.00 -17.14 -41.62
CA GLY C 667 -2.29 -17.44 -41.06
C GLY C 667 -3.32 -17.54 -42.16
N ALA C 668 -4.37 -18.32 -41.88
CA ALA C 668 -5.49 -18.60 -42.77
C ALA C 668 -5.06 -19.17 -44.11
N GLY C 669 -4.03 -19.97 -44.13
CA GLY C 669 -3.59 -20.65 -45.32
C GLY C 669 -2.50 -19.95 -46.09
N ILE C 670 -2.09 -18.78 -45.66
CA ILE C 670 -1.15 -17.97 -46.40
C ILE C 670 0.22 -18.13 -45.77
N CYS C 671 1.22 -18.45 -46.60
CA CYS C 671 2.57 -18.55 -46.09
C CYS C 671 3.49 -17.63 -46.87
N ALA C 672 4.78 -17.60 -46.54
CA ALA C 672 5.68 -16.62 -47.14
C ALA C 672 7.09 -17.19 -47.20
N SER C 673 7.78 -16.97 -48.31
CA SER C 673 9.13 -17.50 -48.48
C SER C 673 10.03 -16.54 -49.24
N TYR C 674 11.34 -16.80 -49.18
CA TYR C 674 12.31 -15.96 -49.86
C TYR C 674 12.82 -16.62 -51.14
N GLN C 675 12.45 -16.05 -52.28
CA GLN C 675 12.86 -16.59 -53.57
C GLN C 675 12.07 -15.94 -54.71
N GLN C 690 15.55 -13.99 -54.20
CA GLN C 690 15.92 -12.59 -54.36
C GLN C 690 14.74 -11.66 -54.08
N SER C 691 13.88 -12.06 -53.14
CA SER C 691 12.72 -11.27 -52.76
C SER C 691 11.77 -12.09 -51.88
N ILE C 692 10.74 -11.44 -51.35
CA ILE C 692 9.77 -12.10 -50.50
C ILE C 692 8.46 -12.34 -51.25
N ILE C 693 8.02 -13.58 -51.27
CA ILE C 693 6.79 -13.96 -51.95
C ILE C 693 5.77 -14.44 -50.93
N ALA C 694 4.50 -14.41 -51.32
CA ALA C 694 3.40 -14.76 -50.43
C ALA C 694 2.37 -15.54 -51.21
N TYR C 695 2.00 -16.73 -50.73
CA TYR C 695 1.25 -17.67 -51.53
C TYR C 695 0.31 -18.44 -50.60
N THR C 696 -0.41 -19.38 -51.19
CA THR C 696 -1.21 -20.35 -50.47
C THR C 696 -0.44 -21.66 -50.36
N MET C 697 -0.58 -22.36 -49.24
CA MET C 697 0.06 -23.65 -49.08
C MET C 697 -0.54 -24.68 -50.03
N SER C 698 0.31 -25.57 -50.52
CA SER C 698 -0.16 -26.80 -51.12
C SER C 698 -0.06 -27.90 -50.07
N LEU C 699 -1.14 -28.65 -49.90
CA LEU C 699 -1.16 -29.71 -48.91
C LEU C 699 -0.32 -30.90 -49.34
N GLY C 700 -0.12 -31.08 -50.63
CA GLY C 700 0.63 -32.20 -51.16
C GLY C 700 0.30 -32.43 -52.62
N ALA C 701 0.97 -33.41 -53.20
CA ALA C 701 0.69 -33.77 -54.59
C ALA C 701 -0.63 -34.51 -54.69
N GLU C 702 -1.26 -34.43 -55.85
CA GLU C 702 -2.46 -35.19 -56.07
C GLU C 702 -2.14 -36.63 -56.47
N ASN C 703 -3.11 -37.51 -56.29
CA ASN C 703 -2.92 -38.91 -56.59
C ASN C 703 -4.26 -39.56 -56.80
N SER C 704 -4.34 -40.41 -57.82
CA SER C 704 -5.54 -41.18 -58.07
C SER C 704 -5.13 -42.65 -58.16
N VAL C 705 -5.54 -43.41 -57.18
CA VAL C 705 -5.23 -44.83 -57.15
C VAL C 705 -6.15 -45.54 -58.13
N ALA C 706 -5.57 -46.40 -58.95
CA ALA C 706 -6.29 -47.05 -60.05
C ALA C 706 -7.22 -48.15 -59.53
N TYR C 707 -8.31 -47.72 -58.94
CA TYR C 707 -9.24 -48.66 -58.32
C TYR C 707 -10.15 -49.29 -59.35
N SER C 708 -10.34 -50.60 -59.22
CA SER C 708 -11.42 -51.32 -59.87
C SER C 708 -11.67 -52.56 -59.02
N ASN C 709 -12.71 -53.30 -59.36
CA ASN C 709 -13.15 -54.37 -58.48
C ASN C 709 -12.45 -55.70 -58.78
N ASN C 710 -11.51 -55.74 -59.71
CA ASN C 710 -10.69 -56.94 -59.80
C ASN C 710 -9.24 -56.63 -60.12
N SER C 711 -8.69 -55.57 -59.54
CA SER C 711 -7.29 -55.24 -59.77
C SER C 711 -6.58 -55.15 -58.44
N ILE C 712 -5.32 -55.59 -58.41
CA ILE C 712 -4.51 -55.56 -57.21
C ILE C 712 -3.10 -55.17 -57.59
N ALA C 713 -2.36 -54.65 -56.63
CA ALA C 713 -0.95 -54.34 -56.78
C ALA C 713 -0.17 -55.03 -55.68
N ILE C 714 0.92 -55.69 -56.05
CA ILE C 714 1.67 -56.52 -55.12
C ILE C 714 3.15 -56.19 -55.27
N PRO C 715 3.88 -55.92 -54.19
CA PRO C 715 5.27 -55.50 -54.31
C PRO C 715 6.20 -56.65 -54.68
N THR C 716 7.13 -56.35 -55.58
CA THR C 716 8.05 -57.36 -56.08
C THR C 716 9.44 -57.23 -55.47
N ASN C 717 9.66 -56.24 -54.62
CA ASN C 717 10.97 -55.97 -54.04
C ASN C 717 10.72 -55.24 -52.72
N PHE C 718 11.77 -54.81 -52.06
CA PHE C 718 11.62 -54.07 -50.82
C PHE C 718 12.86 -53.23 -50.58
N THR C 719 12.69 -52.21 -49.76
CA THR C 719 13.79 -51.44 -49.22
C THR C 719 13.66 -51.44 -47.71
N ILE C 720 14.77 -51.55 -47.01
CA ILE C 720 14.75 -51.38 -45.57
C ILE C 720 15.37 -50.04 -45.26
N SER C 721 14.90 -49.40 -44.20
CA SER C 721 15.28 -48.04 -43.91
C SER C 721 15.40 -47.84 -42.41
N VAL C 722 16.31 -46.96 -42.02
CA VAL C 722 16.56 -46.62 -40.63
C VAL C 722 16.26 -45.15 -40.44
N THR C 723 15.32 -44.83 -39.56
CA THR C 723 14.94 -43.46 -39.26
C THR C 723 15.10 -43.21 -37.78
N THR C 724 15.31 -41.95 -37.42
CA THR C 724 15.61 -41.59 -36.04
C THR C 724 14.43 -40.89 -35.38
N GLU C 725 14.42 -40.94 -34.05
CA GLU C 725 13.44 -40.22 -33.27
C GLU C 725 14.08 -39.72 -31.98
N ILE C 726 13.98 -38.42 -31.75
CA ILE C 726 14.65 -37.77 -30.63
C ILE C 726 13.61 -37.31 -29.63
N LEU C 727 13.74 -37.77 -28.39
CA LEU C 727 12.85 -37.44 -27.28
C LEU C 727 13.63 -36.85 -26.14
N PRO C 728 13.09 -35.90 -25.39
CA PRO C 728 13.74 -35.46 -24.15
C PRO C 728 13.22 -36.18 -22.91
N VAL C 729 14.12 -36.54 -22.00
CA VAL C 729 13.73 -37.28 -20.80
C VAL C 729 13.91 -36.49 -19.52
N SER C 730 14.75 -35.47 -19.46
CA SER C 730 14.99 -34.77 -18.21
C SER C 730 15.42 -33.35 -18.48
N MET C 731 15.36 -32.52 -17.45
CA MET C 731 15.85 -31.16 -17.51
C MET C 731 16.76 -30.91 -16.33
N THR C 732 17.24 -29.68 -16.19
CA THR C 732 18.32 -29.38 -15.27
C THR C 732 17.81 -29.27 -13.84
N LYS C 733 18.50 -29.94 -12.93
CA LYS C 733 18.17 -29.93 -11.52
C LYS C 733 18.66 -28.62 -10.91
N THR C 734 17.78 -27.63 -10.85
CA THR C 734 18.16 -26.32 -10.32
C THR C 734 17.48 -26.14 -8.98
N SER C 735 17.98 -25.17 -8.22
CA SER C 735 17.38 -24.81 -6.94
C SER C 735 17.73 -23.36 -6.67
N VAL C 736 16.95 -22.75 -5.80
CA VAL C 736 17.20 -21.37 -5.42
C VAL C 736 16.79 -21.21 -3.96
N ASP C 737 17.69 -20.64 -3.18
CA ASP C 737 17.45 -20.34 -1.78
C ASP C 737 16.58 -19.09 -1.70
N CYS C 738 15.37 -19.24 -1.19
CA CYS C 738 14.39 -18.16 -1.27
C CYS C 738 14.75 -17.00 -0.36
N THR C 739 15.49 -17.27 0.72
CA THR C 739 15.89 -16.19 1.59
C THR C 739 17.01 -15.36 0.98
N MET C 740 17.96 -16.02 0.32
CA MET C 740 19.11 -15.30 -0.21
C MET C 740 18.80 -14.62 -1.53
N TYR C 741 17.75 -15.06 -2.22
CA TYR C 741 17.35 -14.35 -3.42
C TYR C 741 16.72 -13.01 -3.05
N ILE C 742 15.80 -13.03 -2.09
CA ILE C 742 15.02 -11.85 -1.77
C ILE C 742 15.84 -10.86 -0.96
N CYS C 743 16.33 -11.29 0.20
CA CYS C 743 17.06 -10.43 1.10
C CYS C 743 18.55 -10.39 0.77
N GLY C 744 19.21 -11.54 0.83
CA GLY C 744 20.59 -11.59 0.40
C GLY C 744 21.57 -11.07 1.42
N ASP C 745 21.68 -11.78 2.54
CA ASP C 745 22.61 -11.51 3.63
C ASP C 745 22.38 -10.12 4.22
N SER C 746 21.19 -9.93 4.79
CA SER C 746 20.77 -8.65 5.36
C SER C 746 19.68 -8.94 6.37
N THR C 747 19.99 -8.82 7.66
CA THR C 747 19.11 -9.37 8.67
C THR C 747 17.94 -8.44 8.98
N GLU C 748 17.97 -7.22 8.47
CA GLU C 748 16.80 -6.36 8.60
C GLU C 748 15.69 -6.81 7.66
N CYS C 749 16.07 -7.30 6.48
CA CYS C 749 15.08 -7.85 5.55
C CYS C 749 14.57 -9.20 6.04
N SER C 750 15.45 -10.00 6.63
CA SER C 750 15.12 -11.40 6.92
C SER C 750 14.11 -11.52 8.05
N ASN C 751 14.04 -10.52 8.92
CA ASN C 751 13.02 -10.51 9.95
C ASN C 751 11.68 -10.05 9.40
N LEU C 752 11.69 -9.18 8.40
CA LEU C 752 10.44 -8.77 7.78
C LEU C 752 9.85 -9.87 6.92
N LEU C 753 10.69 -10.80 6.48
CA LEU C 753 10.22 -11.89 5.63
C LEU C 753 9.52 -12.96 6.45
N LEU C 754 9.75 -12.98 7.76
CA LEU C 754 9.11 -13.97 8.61
C LEU C 754 7.65 -13.66 8.86
N GLN C 755 7.20 -12.44 8.57
CA GLN C 755 5.80 -12.08 8.70
C GLN C 755 4.96 -12.63 7.57
N TYR C 756 5.58 -13.23 6.56
CA TYR C 756 4.88 -13.75 5.40
C TYR C 756 4.65 -15.25 5.52
N GLY C 757 4.83 -15.81 6.71
CA GLY C 757 4.54 -17.21 6.91
C GLY C 757 5.59 -18.10 6.28
N SER C 758 5.16 -19.25 5.78
CA SER C 758 6.07 -20.23 5.18
C SER C 758 6.12 -20.24 3.66
N PHE C 759 6.07 -19.06 3.05
CA PHE C 759 6.12 -18.97 1.59
C PHE C 759 7.41 -19.59 1.07
N CYS C 760 8.53 -19.17 1.65
CA CYS C 760 9.85 -19.68 1.23
C CYS C 760 9.93 -21.20 1.42
N THR C 761 9.38 -21.69 2.53
CA THR C 761 9.41 -23.11 2.83
C THR C 761 8.68 -23.84 1.71
N GLN C 762 7.49 -23.36 1.37
CA GLN C 762 6.71 -23.98 0.32
C GLN C 762 7.44 -23.94 -1.02
N LEU C 763 8.14 -22.84 -1.27
CA LEU C 763 8.89 -22.68 -2.51
C LEU C 763 10.07 -23.63 -2.63
N ASN C 764 10.68 -23.98 -1.49
CA ASN C 764 11.82 -24.89 -1.52
C ASN C 764 11.37 -26.34 -1.66
N ARG C 765 10.19 -26.63 -1.13
CA ARG C 765 9.59 -27.94 -1.15
C ARG C 765 9.06 -28.27 -2.54
N ALA C 766 8.76 -27.24 -3.33
CA ALA C 766 8.26 -27.48 -4.68
C ALA C 766 9.39 -27.73 -5.65
N LEU C 767 10.51 -27.03 -5.49
CA LEU C 767 11.61 -27.18 -6.42
C LEU C 767 12.45 -28.40 -6.11
N THR C 768 12.34 -28.95 -4.92
CA THR C 768 13.03 -30.20 -4.62
C THR C 768 12.24 -31.38 -5.12
N GLY C 769 10.93 -31.26 -5.20
CA GLY C 769 10.12 -32.36 -5.71
C GLY C 769 10.26 -32.53 -7.20
N ILE C 770 10.68 -31.47 -7.91
CA ILE C 770 10.88 -31.62 -9.34
C ILE C 770 12.35 -31.77 -9.67
N ALA C 771 13.21 -31.88 -8.64
CA ALA C 771 14.59 -32.28 -8.87
C ALA C 771 14.76 -33.78 -8.66
N VAL C 772 14.10 -34.32 -7.63
CA VAL C 772 14.03 -35.76 -7.43
C VAL C 772 13.33 -36.45 -8.58
N GLU C 773 12.36 -35.79 -9.21
CA GLU C 773 11.60 -36.38 -10.30
C GLU C 773 12.46 -36.57 -11.54
N GLN C 774 13.41 -35.68 -11.80
CA GLN C 774 14.25 -35.80 -12.98
C GLN C 774 15.18 -37.00 -12.89
N ASP C 775 15.50 -37.44 -11.68
CA ASP C 775 16.31 -38.63 -11.53
C ASP C 775 15.50 -39.91 -11.69
N LYS C 776 14.21 -39.84 -11.43
CA LYS C 776 13.33 -40.98 -11.69
C LYS C 776 12.95 -41.07 -13.16
N ASN C 777 13.00 -39.96 -13.87
CA ASN C 777 12.69 -39.95 -15.30
C ASN C 777 13.76 -40.71 -16.08
N THR C 778 15.00 -40.63 -15.64
CA THR C 778 16.09 -41.32 -16.32
C THR C 778 16.16 -42.78 -15.89
N GLN C 779 15.74 -43.08 -14.67
CA GLN C 779 15.77 -44.45 -14.17
C GLN C 779 14.73 -45.32 -14.85
N GLU C 780 13.70 -44.72 -15.41
CA GLU C 780 12.64 -45.53 -16.00
C GLU C 780 12.92 -45.82 -17.46
N VAL C 781 13.60 -44.90 -18.13
CA VAL C 781 13.92 -45.12 -19.54
C VAL C 781 15.08 -46.08 -19.68
N PHE C 782 16.18 -45.85 -18.97
CA PHE C 782 17.41 -46.56 -19.26
C PHE C 782 17.59 -47.80 -18.42
N ALA C 783 17.21 -47.77 -17.15
CA ALA C 783 17.41 -48.93 -16.28
C ALA C 783 16.27 -49.91 -16.45
N GLN C 784 16.22 -50.52 -17.64
CA GLN C 784 15.21 -51.51 -17.99
C GLN C 784 15.85 -52.86 -18.22
N VAL C 785 16.98 -53.10 -17.56
CA VAL C 785 17.77 -54.30 -17.82
C VAL C 785 18.33 -54.76 -16.48
N LYS C 786 18.39 -56.08 -16.30
CA LYS C 786 18.85 -56.59 -15.02
C LYS C 786 20.37 -56.65 -14.95
N GLN C 787 21.00 -57.15 -16.00
CA GLN C 787 22.43 -57.38 -16.04
C GLN C 787 23.05 -56.53 -17.14
N ILE C 788 24.37 -56.52 -17.19
CA ILE C 788 25.10 -55.77 -18.20
C ILE C 788 25.64 -56.76 -19.21
N TYR C 789 25.06 -56.75 -20.41
CA TYR C 789 25.37 -57.76 -21.40
C TYR C 789 26.53 -57.29 -22.26
N LYS C 790 27.38 -58.22 -22.67
CA LYS C 790 28.50 -57.94 -23.54
C LYS C 790 28.34 -58.69 -24.85
N THR C 791 28.95 -58.16 -25.88
CA THR C 791 29.05 -58.81 -27.17
C THR C 791 30.35 -59.60 -27.26
N PRO C 792 30.40 -60.67 -28.06
CA PRO C 792 31.64 -61.39 -28.26
C PRO C 792 32.63 -60.57 -29.07
N PRO C 793 33.93 -60.82 -28.93
CA PRO C 793 34.92 -60.08 -29.73
C PRO C 793 34.98 -60.46 -31.20
N ILE C 794 34.23 -61.47 -31.62
CA ILE C 794 34.12 -61.85 -33.03
C ILE C 794 32.69 -61.56 -33.49
N LYS C 795 32.57 -60.60 -34.39
CA LYS C 795 31.27 -60.06 -34.77
C LYS C 795 30.78 -60.73 -36.05
N ASP C 796 30.37 -61.99 -35.89
CA ASP C 796 29.82 -62.78 -36.98
C ASP C 796 28.30 -62.68 -36.99
N PHE C 797 27.82 -61.52 -37.46
CA PHE C 797 26.40 -61.20 -37.38
C PHE C 797 25.70 -61.35 -38.72
N GLY C 798 26.10 -62.32 -39.53
CA GLY C 798 25.44 -62.58 -40.79
C GLY C 798 25.68 -61.57 -41.87
N GLY C 799 26.64 -60.67 -41.71
CA GLY C 799 26.90 -59.63 -42.68
C GLY C 799 26.49 -58.26 -42.23
N PHE C 800 25.65 -58.16 -41.20
CA PHE C 800 25.24 -56.88 -40.66
C PHE C 800 26.38 -56.27 -39.87
N ASN C 801 26.51 -54.96 -39.95
CA ASN C 801 27.67 -54.28 -39.40
C ASN C 801 27.19 -53.23 -38.39
N PHE C 802 27.28 -53.55 -37.11
CA PHE C 802 26.87 -52.65 -36.04
C PHE C 802 28.03 -51.91 -35.42
N SER C 803 29.06 -51.62 -36.20
CA SER C 803 30.29 -51.08 -35.62
C SER C 803 30.14 -49.61 -35.25
N GLN C 804 29.17 -48.93 -35.84
CA GLN C 804 28.96 -47.52 -35.58
C GLN C 804 28.06 -47.26 -34.38
N ILE C 805 27.35 -48.26 -33.89
CA ILE C 805 26.40 -48.05 -32.81
C ILE C 805 26.83 -48.80 -31.56
N LEU C 806 27.80 -49.59 -31.67
CA LEU C 806 28.43 -50.33 -30.59
C LEU C 806 29.56 -49.49 -29.99
N PRO C 807 29.92 -49.69 -28.71
CA PRO C 807 30.98 -48.86 -28.12
C PRO C 807 32.36 -49.21 -28.65
N ASP C 808 33.35 -48.54 -28.07
CA ASP C 808 34.67 -48.54 -28.65
C ASP C 808 35.76 -48.58 -27.57
N PRO C 809 36.69 -49.53 -27.64
CA PRO C 809 37.88 -49.47 -26.77
C PRO C 809 38.82 -48.37 -27.23
N SER C 810 38.48 -47.14 -26.87
CA SER C 810 38.91 -45.93 -27.56
C SER C 810 38.76 -44.78 -26.60
N LYS C 811 38.51 -43.58 -27.16
CA LYS C 811 38.21 -42.30 -26.53
C LYS C 811 37.36 -42.47 -25.28
N PRO C 812 37.69 -41.75 -24.18
CA PRO C 812 37.08 -42.02 -22.87
C PRO C 812 35.59 -41.71 -22.81
N SER C 813 34.93 -42.17 -21.72
CA SER C 813 33.48 -42.23 -21.59
C SER C 813 32.97 -43.00 -22.79
N LYS C 814 33.22 -44.31 -22.83
CA LYS C 814 33.32 -45.06 -24.05
C LYS C 814 31.98 -45.17 -24.78
N ARG C 815 31.64 -44.09 -25.46
CA ARG C 815 30.45 -43.98 -26.28
C ARG C 815 30.68 -44.67 -27.61
N SER C 816 29.63 -44.70 -28.40
CA SER C 816 29.69 -45.19 -29.76
C SER C 816 30.14 -44.06 -30.67
N PHE C 817 30.13 -44.32 -31.97
CA PHE C 817 30.47 -43.27 -32.91
C PHE C 817 29.30 -42.31 -33.10
N ILE C 818 28.07 -42.84 -33.13
CA ILE C 818 26.90 -41.98 -33.30
C ILE C 818 26.64 -41.18 -32.03
N GLU C 819 26.89 -41.78 -30.87
CA GLU C 819 26.65 -41.10 -29.60
C GLU C 819 27.61 -39.93 -29.41
N ASP C 820 28.80 -40.01 -29.99
CA ASP C 820 29.73 -38.89 -29.90
C ASP C 820 29.31 -37.75 -30.80
N LEU C 821 28.65 -38.08 -31.91
CA LEU C 821 28.18 -37.05 -32.83
C LEU C 821 27.00 -36.29 -32.25
N LEU C 822 26.30 -36.91 -31.30
CA LEU C 822 25.17 -36.24 -30.68
C LEU C 822 25.61 -35.31 -29.57
N PHE C 823 26.70 -35.66 -28.89
CA PHE C 823 27.10 -34.88 -27.72
C PHE C 823 27.77 -33.58 -28.11
N ASN C 824 28.06 -33.41 -29.39
CA ASN C 824 28.70 -32.20 -29.87
C ASN C 824 27.72 -31.31 -30.63
N LYS C 825 26.59 -31.89 -31.02
CA LYS C 825 25.56 -31.15 -31.74
C LYS C 825 24.72 -30.35 -30.77
N VAL C 826 24.53 -30.88 -29.57
CA VAL C 826 23.75 -30.20 -28.54
C VAL C 826 24.65 -29.43 -27.59
N THR C 827 25.96 -29.65 -27.71
CA THR C 827 26.94 -28.98 -26.87
C THR C 827 26.61 -27.50 -26.73
N LEU C 828 25.62 -27.19 -25.89
CA LEU C 828 25.22 -25.80 -25.67
C LEU C 828 24.43 -25.66 -24.37
N GLN C 853 25.17 -22.80 -13.19
CA GLN C 853 25.88 -21.59 -12.81
C GLN C 853 25.38 -21.06 -11.48
N LYS C 854 26.30 -20.63 -10.61
CA LYS C 854 25.98 -20.11 -9.29
C LYS C 854 26.24 -18.61 -9.28
N PHE C 855 25.20 -17.83 -9.00
CA PHE C 855 25.39 -16.39 -8.82
C PHE C 855 25.03 -15.93 -7.42
N ASN C 856 23.75 -16.07 -7.07
CA ASN C 856 23.25 -15.57 -5.80
C ASN C 856 22.00 -16.31 -5.35
N GLY C 857 22.17 -17.35 -4.54
CA GLY C 857 21.08 -18.25 -4.18
C GLY C 857 20.88 -19.38 -5.17
N LEU C 858 21.29 -19.16 -6.41
CA LEU C 858 21.02 -20.09 -7.50
C LEU C 858 22.05 -21.21 -7.51
N THR C 859 21.57 -22.43 -7.74
CA THR C 859 22.41 -23.62 -7.66
C THR C 859 21.99 -24.53 -8.81
N VAL C 860 22.91 -25.37 -9.25
CA VAL C 860 22.59 -26.46 -10.18
C VAL C 860 23.12 -27.75 -9.58
N LEU C 861 22.25 -28.67 -9.27
CA LEU C 861 22.59 -29.96 -8.69
C LEU C 861 23.03 -30.92 -9.78
N PRO C 862 23.90 -31.89 -9.45
CA PRO C 862 24.35 -32.82 -10.46
C PRO C 862 23.44 -34.02 -10.55
N PRO C 863 23.21 -34.56 -11.75
CA PRO C 863 22.39 -35.77 -11.87
C PRO C 863 23.07 -36.99 -11.30
N LEU C 864 22.28 -37.96 -10.86
CA LEU C 864 22.80 -39.12 -10.15
C LEU C 864 23.49 -40.12 -11.05
N LEU C 865 22.99 -40.33 -12.26
CA LEU C 865 23.68 -41.14 -13.25
C LEU C 865 24.50 -40.22 -14.13
N THR C 866 25.81 -40.45 -14.17
CA THR C 866 26.67 -39.68 -15.05
C THR C 866 26.49 -40.14 -16.49
N ASP C 867 27.11 -39.41 -17.42
CA ASP C 867 26.97 -39.75 -18.83
C ASP C 867 27.70 -41.03 -19.20
N GLU C 868 28.66 -41.46 -18.39
CA GLU C 868 29.30 -42.74 -18.62
C GLU C 868 28.38 -43.89 -18.21
N MET C 869 27.61 -43.71 -17.15
CA MET C 869 26.72 -44.77 -16.69
C MET C 869 25.53 -44.92 -17.62
N ILE C 870 25.09 -43.83 -18.25
CA ILE C 870 23.96 -43.91 -19.16
C ILE C 870 24.39 -44.57 -20.46
N ALA C 871 25.63 -44.31 -20.90
CA ALA C 871 26.13 -44.97 -22.10
C ALA C 871 26.39 -46.44 -21.87
N GLN C 872 26.68 -46.83 -20.64
CA GLN C 872 26.85 -48.24 -20.31
C GLN C 872 25.54 -48.98 -20.20
N TYR C 873 24.45 -48.27 -19.90
CA TYR C 873 23.11 -48.84 -19.99
C TYR C 873 22.69 -49.09 -21.43
N THR C 874 22.85 -48.11 -22.31
CA THR C 874 22.43 -48.32 -23.68
C THR C 874 23.35 -49.21 -24.47
N SER C 875 24.52 -49.57 -23.94
CA SER C 875 25.33 -50.57 -24.60
C SER C 875 24.98 -51.97 -24.14
N ALA C 876 24.39 -52.10 -22.96
CA ALA C 876 23.93 -53.40 -22.49
C ALA C 876 22.55 -53.72 -23.04
N LEU C 877 21.79 -52.69 -23.42
CA LEU C 877 20.53 -52.93 -24.11
C LEU C 877 20.77 -53.31 -25.54
N LEU C 878 21.83 -52.81 -26.14
CA LEU C 878 22.07 -53.06 -27.55
C LEU C 878 22.82 -54.36 -27.75
N ALA C 879 23.49 -54.84 -26.71
CA ALA C 879 24.17 -56.12 -26.76
C ALA C 879 23.24 -57.28 -26.43
N GLY C 880 22.02 -57.01 -26.00
CA GLY C 880 21.08 -58.07 -25.74
C GLY C 880 20.11 -58.22 -26.89
N THR C 881 19.78 -57.12 -27.55
CA THR C 881 18.90 -57.20 -28.70
C THR C 881 19.61 -57.68 -29.95
N ILE C 882 20.94 -57.73 -29.94
CA ILE C 882 21.66 -58.35 -31.03
C ILE C 882 21.86 -59.82 -30.77
N THR C 883 22.21 -60.15 -29.54
CA THR C 883 22.56 -61.51 -29.16
C THR C 883 21.34 -62.38 -28.89
N SER C 884 20.32 -61.83 -28.23
CA SER C 884 19.23 -62.66 -27.73
C SER C 884 17.88 -62.38 -28.35
N GLY C 885 17.74 -61.35 -29.15
CA GLY C 885 16.45 -61.07 -29.75
C GLY C 885 15.54 -60.32 -28.79
N TRP C 886 14.42 -60.92 -28.45
CA TRP C 886 13.49 -60.29 -27.52
C TRP C 886 13.34 -61.12 -26.25
N THR C 887 14.21 -62.10 -26.08
CA THR C 887 14.12 -63.00 -24.95
C THR C 887 14.67 -62.41 -23.68
N PHE C 888 15.53 -61.40 -23.78
CA PHE C 888 16.14 -60.84 -22.58
C PHE C 888 15.21 -59.88 -21.86
N GLY C 889 14.09 -59.52 -22.49
CA GLY C 889 13.13 -58.66 -21.84
C GLY C 889 11.94 -59.41 -21.29
N ALA C 890 12.06 -60.73 -21.18
CA ALA C 890 10.96 -61.57 -20.72
C ALA C 890 11.46 -62.63 -19.77
N GLY C 891 12.72 -62.55 -19.38
CA GLY C 891 13.32 -63.58 -18.56
C GLY C 891 14.82 -63.59 -18.70
N ALA C 892 15.39 -64.75 -18.95
CA ALA C 892 16.83 -64.86 -19.17
C ALA C 892 17.14 -64.78 -20.65
N ALA C 893 18.29 -64.22 -20.96
CA ALA C 893 18.70 -64.05 -22.35
C ALA C 893 19.09 -65.39 -22.95
N LEU C 894 18.46 -65.74 -24.06
CA LEU C 894 18.77 -66.97 -24.76
C LEU C 894 19.35 -66.61 -26.12
N GLN C 895 20.51 -67.16 -26.45
CA GLN C 895 21.17 -66.78 -27.68
C GLN C 895 20.47 -67.41 -28.89
N ILE C 896 20.65 -66.75 -30.03
CA ILE C 896 20.07 -67.18 -31.30
C ILE C 896 20.91 -66.47 -32.36
N PRO C 897 21.28 -67.12 -33.47
CA PRO C 897 22.10 -66.44 -34.48
C PRO C 897 21.31 -65.32 -35.15
N PHE C 898 22.01 -64.29 -35.59
CA PHE C 898 21.33 -63.04 -35.93
C PHE C 898 20.50 -63.16 -37.19
N ALA C 899 20.95 -63.96 -38.15
CA ALA C 899 20.14 -64.17 -39.34
C ALA C 899 18.95 -65.06 -39.05
N MET C 900 19.04 -65.88 -38.00
CA MET C 900 17.88 -66.67 -37.61
C MET C 900 16.92 -65.85 -36.77
N GLN C 901 17.42 -64.87 -36.05
CA GLN C 901 16.56 -63.94 -35.33
C GLN C 901 15.84 -63.02 -36.30
N MET C 902 16.53 -62.57 -37.33
CA MET C 902 15.95 -61.67 -38.32
C MET C 902 14.88 -62.37 -39.15
N ALA C 903 14.90 -63.69 -39.22
CA ALA C 903 13.87 -64.43 -39.93
C ALA C 903 12.61 -64.52 -39.11
N TYR C 904 12.72 -64.44 -37.78
CA TYR C 904 11.54 -64.35 -36.94
C TYR C 904 10.83 -63.03 -37.17
N ARG C 905 11.60 -61.96 -37.33
CA ARG C 905 11.02 -60.63 -37.43
C ARG C 905 10.42 -60.40 -38.80
N PHE C 906 10.79 -61.21 -39.78
CA PHE C 906 10.13 -61.17 -41.08
C PHE C 906 8.80 -61.88 -41.02
N ASN C 907 8.69 -62.88 -40.14
CA ASN C 907 7.41 -63.54 -39.94
C ASN C 907 6.42 -62.65 -39.23
N GLY C 908 6.91 -61.75 -38.39
CA GLY C 908 6.01 -60.93 -37.60
C GLY C 908 5.33 -59.85 -38.41
N ILE C 909 5.90 -59.49 -39.55
CA ILE C 909 5.27 -58.49 -40.39
C ILE C 909 4.43 -59.14 -41.48
N GLY C 910 4.64 -60.42 -41.73
CA GLY C 910 3.77 -61.14 -42.63
C GLY C 910 4.44 -61.63 -43.90
N VAL C 911 5.73 -61.83 -43.84
CA VAL C 911 6.53 -62.37 -44.93
C VAL C 911 7.04 -63.73 -44.48
N THR C 912 7.15 -64.68 -45.40
CA THR C 912 7.73 -65.96 -45.07
C THR C 912 9.23 -65.80 -44.87
N GLN C 913 9.80 -66.72 -44.11
CA GLN C 913 11.20 -66.55 -43.73
C GLN C 913 12.16 -66.96 -44.81
N ASN C 914 11.68 -67.57 -45.89
CA ASN C 914 12.58 -67.89 -46.98
C ASN C 914 12.85 -66.69 -47.87
N VAL C 915 12.15 -65.58 -47.63
CA VAL C 915 12.47 -64.34 -48.33
C VAL C 915 13.72 -63.72 -47.72
N LEU C 916 13.93 -63.92 -46.42
CA LEU C 916 15.16 -63.45 -45.79
C LEU C 916 16.36 -64.23 -46.28
N TYR C 917 16.29 -65.55 -46.22
CA TYR C 917 17.46 -66.39 -46.42
C TYR C 917 17.94 -66.37 -47.86
N GLU C 918 17.04 -66.11 -48.80
CA GLU C 918 17.46 -66.04 -50.19
C GLU C 918 17.97 -64.66 -50.56
N ASN C 919 17.55 -63.64 -49.82
CA ASN C 919 17.97 -62.27 -50.07
C ASN C 919 18.86 -61.73 -48.96
N GLN C 920 19.61 -62.59 -48.27
CA GLN C 920 20.30 -62.18 -47.06
C GLN C 920 21.42 -61.19 -47.33
N LYS C 921 22.14 -61.37 -48.45
CA LYS C 921 23.25 -60.48 -48.76
C LYS C 921 22.75 -59.12 -49.19
N LEU C 922 21.58 -59.06 -49.83
CA LEU C 922 21.04 -57.78 -50.25
C LEU C 922 20.56 -56.97 -49.05
N ILE C 923 19.97 -57.65 -48.06
CA ILE C 923 19.41 -56.97 -46.91
C ILE C 923 20.50 -56.40 -46.02
N ALA C 924 21.63 -57.09 -45.92
CA ALA C 924 22.72 -56.58 -45.11
C ALA C 924 23.37 -55.37 -45.76
N ASN C 925 23.39 -55.33 -47.09
CA ASN C 925 23.92 -54.14 -47.77
C ASN C 925 22.96 -52.98 -47.64
N GLN C 926 21.66 -53.25 -47.62
CA GLN C 926 20.68 -52.18 -47.45
C GLN C 926 20.69 -51.64 -46.05
N PHE C 927 21.00 -52.49 -45.07
CA PHE C 927 21.05 -52.03 -43.69
C PHE C 927 22.32 -51.22 -43.44
N ASN C 928 23.44 -51.66 -44.02
CA ASN C 928 24.70 -50.98 -43.77
C ASN C 928 24.75 -49.62 -44.44
N SER C 929 24.05 -49.47 -45.56
CA SER C 929 24.00 -48.17 -46.22
C SER C 929 23.08 -47.21 -45.50
N ALA C 930 22.04 -47.71 -44.84
CA ALA C 930 21.12 -46.83 -44.14
C ALA C 930 21.70 -46.32 -42.83
N ILE C 931 22.57 -47.10 -42.21
CA ILE C 931 23.33 -46.63 -41.05
C ILE C 931 24.32 -45.56 -41.48
N GLY C 932 24.92 -45.72 -42.66
CA GLY C 932 25.91 -44.78 -43.14
C GLY C 932 25.33 -43.42 -43.49
N LYS C 933 24.06 -43.37 -43.86
CA LYS C 933 23.46 -42.09 -44.21
C LYS C 933 22.97 -41.33 -42.99
N ILE C 934 23.04 -41.95 -41.81
CA ILE C 934 22.65 -41.25 -40.59
C ILE C 934 23.79 -40.38 -40.10
N GLN C 935 25.00 -40.95 -40.03
CA GLN C 935 26.15 -40.17 -39.58
C GLN C 935 26.58 -39.15 -40.62
N ASP C 936 26.14 -39.30 -41.86
CA ASP C 936 26.28 -38.21 -42.81
C ASP C 936 25.34 -37.07 -42.47
N SER C 937 24.15 -37.39 -41.98
CA SER C 937 23.17 -36.34 -41.69
C SER C 937 23.48 -35.63 -40.39
N LEU C 938 24.17 -36.30 -39.47
CA LEU C 938 24.43 -35.69 -38.18
C LEU C 938 25.60 -34.72 -38.25
N SER C 939 26.47 -34.91 -39.23
CA SER C 939 27.64 -34.05 -39.38
C SER C 939 27.50 -33.03 -40.50
N SER C 940 26.34 -33.00 -41.16
CA SER C 940 26.14 -32.07 -42.26
C SER C 940 24.96 -31.13 -42.02
N THR C 941 23.82 -31.67 -41.60
CA THR C 941 22.62 -30.89 -41.37
C THR C 941 22.84 -29.99 -40.16
N ALA C 942 22.24 -28.79 -40.18
CA ALA C 942 22.46 -27.77 -39.17
C ALA C 942 22.07 -28.21 -37.76
N SER C 943 20.79 -28.45 -37.53
CA SER C 943 20.35 -28.93 -36.22
C SER C 943 19.06 -29.71 -36.37
N ALA C 944 19.16 -31.03 -36.38
CA ALA C 944 18.00 -31.89 -36.23
C ALA C 944 17.76 -32.28 -34.78
N LEU C 945 18.58 -31.78 -33.86
CA LEU C 945 18.44 -32.00 -32.44
C LEU C 945 17.64 -30.92 -31.76
N GLY C 946 16.72 -30.30 -32.50
CA GLY C 946 16.07 -29.11 -32.01
C GLY C 946 15.09 -29.37 -30.88
N LYS C 947 14.73 -30.62 -30.65
CA LYS C 947 13.84 -30.90 -29.53
C LYS C 947 14.60 -30.89 -28.22
N LEU C 948 15.87 -31.28 -28.25
CA LEU C 948 16.69 -31.26 -27.04
C LEU C 948 17.27 -29.89 -26.78
N GLN C 949 17.35 -29.05 -27.81
CA GLN C 949 17.91 -27.72 -27.64
C GLN C 949 16.88 -26.76 -27.06
N ASP C 950 15.60 -26.97 -27.36
CA ASP C 950 14.60 -26.04 -26.85
C ASP C 950 14.31 -26.26 -25.38
N VAL C 951 14.63 -27.43 -24.85
CA VAL C 951 14.51 -27.63 -23.42
C VAL C 951 15.61 -26.88 -22.69
N VAL C 952 16.78 -26.80 -23.31
CA VAL C 952 17.90 -26.05 -22.73
C VAL C 952 17.65 -24.54 -22.85
N ASN C 953 17.10 -24.11 -23.97
CA ASN C 953 16.92 -22.68 -24.22
C ASN C 953 15.82 -22.10 -23.35
N GLN C 954 14.85 -22.91 -22.95
CA GLN C 954 13.75 -22.40 -22.14
C GLN C 954 14.13 -22.31 -20.68
N ASN C 955 14.93 -23.26 -20.20
CA ASN C 955 15.34 -23.23 -18.81
C ASN C 955 16.34 -22.11 -18.56
N ALA C 956 17.14 -21.78 -19.58
CA ALA C 956 18.12 -20.72 -19.43
C ALA C 956 17.48 -19.35 -19.50
N GLN C 957 16.47 -19.19 -20.37
CA GLN C 957 15.78 -17.92 -20.49
C GLN C 957 14.95 -17.62 -19.25
N ALA C 958 14.49 -18.66 -18.57
CA ALA C 958 13.70 -18.44 -17.36
C ALA C 958 14.59 -18.04 -16.21
N LEU C 959 15.82 -18.52 -16.18
CA LEU C 959 16.75 -18.16 -15.12
C LEU C 959 17.36 -16.78 -15.36
N ASN C 960 17.33 -16.31 -16.60
CA ASN C 960 17.85 -14.97 -16.87
C ASN C 960 16.86 -13.92 -16.41
N THR C 961 15.57 -14.21 -16.56
CA THR C 961 14.57 -13.26 -16.11
C THR C 961 14.48 -13.23 -14.59
N LEU C 962 14.83 -14.34 -13.94
CA LEU C 962 14.81 -14.37 -12.48
C LEU C 962 15.93 -13.50 -11.91
N VAL C 963 17.03 -13.38 -12.63
CA VAL C 963 18.15 -12.59 -12.16
C VAL C 963 17.96 -11.12 -12.52
N LYS C 964 17.42 -10.86 -13.70
CA LYS C 964 17.25 -9.47 -14.13
C LYS C 964 16.06 -8.80 -13.46
N GLN C 965 15.27 -9.54 -12.69
CA GLN C 965 14.26 -8.92 -11.88
C GLN C 965 14.81 -8.40 -10.56
N LEU C 966 16.09 -8.61 -10.30
CA LEU C 966 16.70 -8.07 -9.10
C LEU C 966 17.13 -6.62 -9.27
N SER C 967 17.05 -6.10 -10.48
CA SER C 967 17.40 -4.71 -10.72
C SER C 967 16.19 -3.82 -10.94
N SER C 968 15.04 -4.19 -10.41
CA SER C 968 13.86 -3.34 -10.48
C SER C 968 13.53 -2.82 -9.10
N ASN C 969 12.84 -1.67 -9.07
CA ASN C 969 12.52 -1.02 -7.81
C ASN C 969 11.21 -1.50 -7.22
N PHE C 970 10.24 -1.82 -8.06
CA PHE C 970 8.85 -2.16 -7.74
C PHE C 970 8.17 -1.04 -7.00
N GLY C 971 8.59 0.20 -7.16
CA GLY C 971 8.02 1.32 -6.44
C GLY C 971 8.88 1.86 -5.34
N ALA C 972 9.98 1.22 -4.98
CA ALA C 972 10.82 1.68 -3.89
C ALA C 972 11.73 2.81 -4.40
N ILE C 973 12.71 3.17 -3.59
CA ILE C 973 13.57 4.30 -3.95
C ILE C 973 14.86 3.83 -4.60
N SER C 974 15.24 2.57 -4.37
CA SER C 974 16.42 1.99 -5.01
C SER C 974 16.18 0.50 -5.14
N SER C 975 16.83 -0.10 -6.14
CA SER C 975 16.71 -1.53 -6.36
C SER C 975 17.73 -2.33 -5.59
N VAL C 976 18.46 -1.70 -4.67
CA VAL C 976 19.59 -2.30 -4.01
C VAL C 976 19.41 -2.16 -2.51
N LEU C 977 19.56 -3.28 -1.80
CA LEU C 977 19.06 -3.36 -0.43
C LEU C 977 20.06 -2.83 0.57
N ASN C 978 21.33 -2.76 0.19
CA ASN C 978 22.32 -2.17 1.09
C ASN C 978 22.23 -0.65 1.08
N ASP C 979 21.88 -0.07 -0.06
CA ASP C 979 21.82 1.39 -0.17
C ASP C 979 20.61 1.95 0.54
N ILE C 980 19.51 1.20 0.59
CA ILE C 980 18.37 1.63 1.39
C ILE C 980 18.74 1.59 2.87
N LEU C 981 19.48 0.56 3.27
CA LEU C 981 19.80 0.40 4.68
C LEU C 981 20.95 1.29 5.11
N SER C 982 21.72 1.82 4.17
CA SER C 982 22.85 2.64 4.54
C SER C 982 22.43 4.07 4.80
N ARG C 983 21.35 4.53 4.15
CA ARG C 983 20.98 5.92 4.24
C ARG C 983 19.54 6.14 4.69
N LEU C 984 18.97 5.21 5.44
CA LEU C 984 17.66 5.47 6.01
C LEU C 984 17.59 4.84 7.40
N ASP C 985 16.68 5.36 8.21
CA ASP C 985 16.40 4.94 9.57
C ASP C 985 15.35 3.82 9.60
N PRO C 986 15.36 2.97 10.62
CA PRO C 986 14.49 1.76 10.62
C PRO C 986 12.99 2.02 10.54
N PRO C 987 12.45 3.22 10.86
CA PRO C 987 11.07 3.48 10.39
C PRO C 987 10.93 3.59 8.88
N GLU C 988 11.75 4.41 8.24
CA GLU C 988 11.51 4.72 6.83
C GLU C 988 12.18 3.73 5.91
N ALA C 989 13.16 2.98 6.42
CA ALA C 989 13.74 1.92 5.62
C ALA C 989 12.81 0.74 5.53
N GLU C 990 11.98 0.55 6.55
CA GLU C 990 11.09 -0.60 6.59
C GLU C 990 9.95 -0.46 5.58
N VAL C 991 9.51 0.77 5.33
CA VAL C 991 8.41 0.94 4.40
C VAL C 991 8.94 0.96 2.97
N GLN C 992 10.26 0.98 2.81
CA GLN C 992 10.86 0.90 1.48
C GLN C 992 11.33 -0.52 1.19
N ILE C 993 11.76 -1.24 2.21
CA ILE C 993 12.19 -2.63 2.04
C ILE C 993 11.00 -3.51 1.69
N ASP C 994 9.85 -3.22 2.27
CA ASP C 994 8.65 -4.02 2.03
C ASP C 994 8.16 -3.91 0.60
N ARG C 995 8.49 -2.83 -0.09
CA ARG C 995 8.15 -2.74 -1.50
C ARG C 995 9.03 -3.66 -2.33
N LEU C 996 10.26 -3.89 -1.89
CA LEU C 996 11.15 -4.81 -2.59
C LEU C 996 10.79 -6.25 -2.28
N ILE C 997 10.20 -6.51 -1.12
CA ILE C 997 9.94 -7.87 -0.72
C ILE C 997 8.77 -8.44 -1.50
N THR C 998 7.70 -7.66 -1.64
CA THR C 998 6.52 -8.18 -2.32
C THR C 998 6.72 -8.28 -3.81
N GLY C 999 7.64 -7.49 -4.36
CA GLY C 999 7.95 -7.61 -5.76
C GLY C 999 8.85 -8.78 -6.06
N ARG C 1000 9.76 -9.09 -5.16
CA ARG C 1000 10.69 -10.18 -5.39
C ARG C 1000 10.06 -11.52 -5.05
N LEU C 1001 9.16 -11.53 -4.08
CA LEU C 1001 8.44 -12.76 -3.74
C LEU C 1001 7.45 -13.13 -4.82
N GLN C 1002 7.02 -12.15 -5.63
CA GLN C 1002 6.15 -12.43 -6.74
C GLN C 1002 6.92 -12.87 -7.97
N SER C 1003 8.15 -12.40 -8.12
CA SER C 1003 8.98 -12.86 -9.22
C SER C 1003 9.49 -14.26 -8.98
N LEU C 1004 9.55 -14.69 -7.73
CA LEU C 1004 10.00 -16.05 -7.44
C LEU C 1004 8.85 -17.03 -7.56
N GLN C 1005 7.62 -16.60 -7.34
CA GLN C 1005 6.48 -17.50 -7.47
C GLN C 1005 6.11 -17.74 -8.92
N THR C 1006 6.28 -16.72 -9.76
CA THR C 1006 6.01 -16.86 -11.18
C THR C 1006 7.03 -17.80 -11.83
N TYR C 1007 8.23 -17.85 -11.27
CA TYR C 1007 9.23 -18.80 -11.73
C TYR C 1007 8.84 -20.23 -11.37
N VAL C 1008 8.45 -20.45 -10.13
CA VAL C 1008 8.26 -21.80 -9.63
C VAL C 1008 6.97 -22.40 -10.16
N THR C 1009 5.97 -21.56 -10.40
CA THR C 1009 4.74 -22.06 -11.01
C THR C 1009 4.96 -22.49 -12.45
N GLN C 1010 5.78 -21.74 -13.19
CA GLN C 1010 6.03 -22.10 -14.57
C GLN C 1010 7.06 -23.20 -14.71
N GLN C 1011 7.71 -23.59 -13.63
CA GLN C 1011 8.62 -24.73 -13.70
C GLN C 1011 7.89 -26.00 -13.35
N LEU C 1012 6.81 -25.91 -12.59
CA LEU C 1012 5.98 -27.08 -12.35
C LEU C 1012 5.22 -27.47 -13.61
N ILE C 1013 4.75 -26.49 -14.37
CA ILE C 1013 4.00 -26.77 -15.60
C ILE C 1013 4.93 -27.31 -16.68
N ARG C 1014 6.18 -26.83 -16.69
CA ARG C 1014 7.13 -27.31 -17.67
C ARG C 1014 7.64 -28.71 -17.32
N ALA C 1015 7.73 -29.03 -16.03
CA ALA C 1015 8.24 -30.34 -15.64
C ALA C 1015 7.18 -31.41 -15.75
N ALA C 1016 5.94 -31.04 -16.00
CA ALA C 1016 4.91 -32.03 -16.25
C ALA C 1016 4.83 -32.36 -17.72
N GLU C 1017 5.51 -31.57 -18.54
CA GLU C 1017 5.61 -31.85 -19.96
C GLU C 1017 6.80 -32.77 -20.24
N ILE C 1018 7.81 -32.72 -19.38
CA ILE C 1018 8.95 -33.62 -19.53
C ILE C 1018 8.58 -34.99 -19.02
N ARG C 1019 7.77 -35.06 -17.98
CA ARG C 1019 7.34 -36.35 -17.43
C ARG C 1019 6.40 -37.06 -18.38
N ALA C 1020 5.67 -36.32 -19.19
CA ALA C 1020 4.87 -36.93 -20.24
C ALA C 1020 5.76 -37.46 -21.35
N SER C 1021 6.89 -36.81 -21.60
CA SER C 1021 7.76 -37.21 -22.69
C SER C 1021 8.80 -38.22 -22.24
N ALA C 1022 9.04 -38.32 -20.95
CA ALA C 1022 9.91 -39.37 -20.44
C ALA C 1022 9.11 -40.61 -20.09
N ASN C 1023 7.78 -40.52 -20.19
CA ASN C 1023 6.95 -41.70 -20.04
C ASN C 1023 6.70 -42.34 -21.39
N LEU C 1024 6.75 -41.54 -22.45
CA LEU C 1024 6.64 -42.07 -23.80
C LEU C 1024 7.93 -42.74 -24.22
N ALA C 1025 9.07 -42.22 -23.75
CA ALA C 1025 10.35 -42.79 -24.09
C ALA C 1025 10.58 -44.09 -23.35
N ALA C 1026 9.91 -44.29 -22.22
CA ALA C 1026 10.01 -45.55 -21.51
C ALA C 1026 9.16 -46.62 -22.15
N THR C 1027 8.01 -46.23 -22.69
CA THR C 1027 7.15 -47.17 -23.39
C THR C 1027 7.74 -47.54 -24.73
N LYS C 1028 8.48 -46.63 -25.35
CA LYS C 1028 9.08 -46.91 -26.64
C LYS C 1028 10.33 -47.77 -26.50
N MET C 1029 10.84 -47.94 -25.29
CA MET C 1029 11.96 -48.85 -25.12
C MET C 1029 11.48 -50.22 -24.72
N SER C 1030 10.36 -50.30 -24.02
CA SER C 1030 9.81 -51.59 -23.68
C SER C 1030 9.18 -52.24 -24.91
N GLU C 1031 8.47 -51.45 -25.70
CA GLU C 1031 7.67 -52.00 -26.77
C GLU C 1031 8.36 -51.99 -28.12
N CYS C 1032 9.55 -51.42 -28.22
CA CYS C 1032 10.21 -51.36 -29.51
C CYS C 1032 11.66 -51.78 -29.50
N VAL C 1033 12.37 -51.65 -28.39
CA VAL C 1033 13.70 -52.21 -28.28
C VAL C 1033 13.64 -53.63 -27.75
N LEU C 1034 12.88 -53.84 -26.69
CA LEU C 1034 12.77 -55.14 -26.07
C LEU C 1034 11.76 -56.05 -26.76
N GLY C 1035 11.06 -55.58 -27.78
CA GLY C 1035 10.12 -56.42 -28.51
C GLY C 1035 9.94 -56.00 -29.95
N GLN C 1036 8.87 -56.45 -30.57
CA GLN C 1036 8.51 -56.03 -31.93
C GLN C 1036 7.06 -55.59 -31.93
N SER C 1037 6.77 -54.48 -32.59
CA SER C 1037 5.52 -53.76 -32.40
C SER C 1037 4.63 -53.88 -33.62
N LYS C 1038 3.36 -54.23 -33.40
CA LYS C 1038 2.35 -54.20 -34.45
C LYS C 1038 1.57 -52.90 -34.49
N ARG C 1039 1.87 -51.97 -33.59
CA ARG C 1039 1.21 -50.69 -33.57
C ARG C 1039 1.70 -49.83 -34.71
N VAL C 1040 0.78 -49.31 -35.50
CA VAL C 1040 1.11 -48.60 -36.73
C VAL C 1040 1.67 -47.24 -36.37
N ASP C 1041 2.73 -46.84 -37.07
CA ASP C 1041 3.37 -45.54 -36.88
C ASP C 1041 4.02 -45.33 -35.51
N PHE C 1042 3.84 -46.27 -34.59
CA PHE C 1042 4.41 -46.12 -33.27
C PHE C 1042 5.93 -46.12 -33.31
N CYS C 1043 6.50 -47.14 -33.93
CA CYS C 1043 7.96 -47.27 -34.02
C CYS C 1043 8.49 -46.96 -35.43
N GLY C 1044 8.16 -45.78 -35.93
CA GLY C 1044 8.63 -45.37 -37.25
C GLY C 1044 7.70 -45.75 -38.39
N LYS C 1045 7.90 -45.11 -39.54
CA LYS C 1045 7.09 -45.38 -40.72
C LYS C 1045 7.55 -46.65 -41.43
N GLY C 1046 6.60 -47.55 -41.67
CA GLY C 1046 6.89 -48.82 -42.30
C GLY C 1046 6.45 -49.92 -41.39
N TYR C 1047 6.83 -51.14 -41.71
CA TYR C 1047 6.58 -52.27 -40.84
C TYR C 1047 7.79 -52.47 -39.95
N HIS C 1048 7.57 -52.50 -38.65
CA HIS C 1048 8.66 -52.44 -37.69
C HIS C 1048 9.40 -53.78 -37.62
N LEU C 1049 10.72 -53.72 -37.70
CA LEU C 1049 11.57 -54.89 -37.48
C LEU C 1049 12.34 -54.84 -36.18
N MET C 1050 13.17 -53.83 -35.94
CA MET C 1050 13.91 -53.71 -34.70
C MET C 1050 14.26 -52.25 -34.46
N SER C 1051 14.73 -51.97 -33.25
CA SER C 1051 15.08 -50.60 -32.87
C SER C 1051 16.31 -50.64 -31.99
N PHE C 1052 17.10 -49.58 -32.07
CA PHE C 1052 18.34 -49.48 -31.32
C PHE C 1052 18.37 -48.16 -30.55
N PRO C 1053 18.68 -48.17 -29.27
CA PRO C 1053 18.76 -46.92 -28.52
C PRO C 1053 20.13 -46.28 -28.59
N GLN C 1054 20.13 -44.96 -28.64
CA GLN C 1054 21.36 -44.20 -28.55
C GLN C 1054 21.14 -43.07 -27.57
N SER C 1055 22.12 -42.85 -26.72
CA SER C 1055 22.01 -41.85 -25.67
C SER C 1055 22.25 -40.44 -26.23
N ALA C 1056 21.84 -39.45 -25.47
CA ALA C 1056 21.94 -38.05 -25.86
C ALA C 1056 22.13 -37.24 -24.60
N PRO C 1057 22.45 -35.93 -24.71
CA PRO C 1057 22.57 -35.08 -23.52
C PRO C 1057 21.45 -35.12 -22.50
N HIS C 1058 20.23 -34.75 -22.84
CA HIS C 1058 19.13 -34.86 -21.88
C HIS C 1058 17.99 -35.62 -22.53
N GLY C 1059 18.32 -36.69 -23.24
CA GLY C 1059 17.31 -37.42 -23.95
C GLY C 1059 17.75 -38.77 -24.39
N VAL C 1060 17.16 -39.24 -25.48
CA VAL C 1060 17.44 -40.55 -26.05
C VAL C 1060 17.09 -40.48 -27.51
N VAL C 1061 17.82 -41.22 -28.34
CA VAL C 1061 17.58 -41.32 -29.76
C VAL C 1061 17.30 -42.77 -30.09
N PHE C 1062 16.20 -43.03 -30.78
CA PHE C 1062 15.88 -44.36 -31.24
C PHE C 1062 16.17 -44.46 -32.73
N LEU C 1063 16.81 -45.54 -33.14
CA LEU C 1063 17.10 -45.81 -34.53
C LEU C 1063 16.17 -46.94 -34.94
N HIS C 1064 15.14 -46.63 -35.71
CA HIS C 1064 14.06 -47.55 -36.02
C HIS C 1064 14.29 -48.18 -37.38
N VAL C 1065 14.49 -49.50 -37.41
CA VAL C 1065 14.67 -50.25 -38.65
C VAL C 1065 13.32 -50.79 -39.09
N THR C 1066 12.90 -50.45 -40.31
CA THR C 1066 11.58 -50.83 -40.79
C THR C 1066 11.67 -51.49 -42.16
N TYR C 1067 10.60 -52.18 -42.54
CA TYR C 1067 10.48 -52.80 -43.85
C TYR C 1067 9.54 -51.96 -44.69
N VAL C 1068 9.99 -51.55 -45.87
CA VAL C 1068 9.18 -50.77 -46.80
C VAL C 1068 9.10 -51.54 -48.11
N PRO C 1069 7.90 -51.88 -48.58
CA PRO C 1069 7.78 -52.57 -49.87
C PRO C 1069 7.91 -51.64 -51.05
N ALA C 1070 8.49 -52.17 -52.13
CA ALA C 1070 8.83 -51.36 -53.28
C ALA C 1070 8.59 -52.14 -54.56
N GLN C 1071 8.50 -51.41 -55.68
CA GLN C 1071 8.39 -51.93 -57.04
C GLN C 1071 7.19 -52.84 -57.26
N GLU C 1072 5.99 -52.31 -57.18
CA GLU C 1072 4.77 -53.10 -57.28
C GLU C 1072 4.45 -53.40 -58.73
N LYS C 1073 3.42 -54.23 -58.93
CA LYS C 1073 2.98 -54.66 -60.25
C LYS C 1073 1.49 -54.93 -60.22
N ASN C 1074 0.82 -54.59 -61.31
CA ASN C 1074 -0.61 -54.82 -61.46
C ASN C 1074 -0.90 -56.30 -61.74
N PHE C 1075 -1.99 -56.79 -61.17
CA PHE C 1075 -2.48 -58.13 -61.45
C PHE C 1075 -4.01 -58.11 -61.43
N THR C 1076 -4.59 -59.29 -61.59
CA THR C 1076 -6.04 -59.49 -61.55
C THR C 1076 -6.35 -60.52 -60.48
N THR C 1077 -7.44 -60.30 -59.75
CA THR C 1077 -7.74 -61.17 -58.62
C THR C 1077 -9.12 -61.77 -58.76
N ALA C 1078 -9.38 -62.75 -57.91
CA ALA C 1078 -10.67 -63.36 -57.72
C ALA C 1078 -10.85 -63.62 -56.25
N PRO C 1079 -12.06 -63.50 -55.72
CA PRO C 1079 -12.30 -63.95 -54.35
C PRO C 1079 -12.10 -65.44 -54.15
N ALA C 1080 -12.50 -66.26 -55.10
CA ALA C 1080 -12.41 -67.70 -54.95
C ALA C 1080 -12.26 -68.34 -56.32
N ILE C 1081 -11.85 -69.60 -56.32
CA ILE C 1081 -11.67 -70.40 -57.51
C ILE C 1081 -12.73 -71.47 -57.53
N CYS C 1082 -13.45 -71.57 -58.64
CA CYS C 1082 -14.45 -72.60 -58.84
C CYS C 1082 -13.81 -73.81 -59.50
N HIS C 1083 -13.97 -74.97 -58.88
CA HIS C 1083 -13.48 -76.21 -59.46
C HIS C 1083 -14.30 -77.34 -58.87
N ASP C 1084 -14.78 -78.24 -59.74
CA ASP C 1084 -15.64 -79.37 -59.42
C ASP C 1084 -16.93 -78.93 -58.73
N GLY C 1085 -17.44 -77.74 -59.04
CA GLY C 1085 -18.63 -77.23 -58.41
C GLY C 1085 -18.47 -76.79 -56.98
N LYS C 1086 -17.25 -76.69 -56.46
CA LYS C 1086 -16.98 -76.29 -55.09
C LYS C 1086 -16.09 -75.05 -55.10
N ALA C 1087 -16.22 -74.23 -54.07
CA ALA C 1087 -15.54 -72.95 -54.01
C ALA C 1087 -14.30 -73.05 -53.13
N HIS C 1088 -13.18 -72.55 -53.62
CA HIS C 1088 -11.88 -72.69 -52.99
C HIS C 1088 -11.38 -71.32 -52.58
N PHE C 1089 -11.07 -71.16 -51.36
CA PHE C 1089 -10.47 -69.93 -50.85
C PHE C 1089 -9.04 -70.21 -50.47
N PRO C 1090 -8.13 -69.25 -50.54
CA PRO C 1090 -6.74 -69.54 -50.17
C PRO C 1090 -6.57 -69.61 -48.67
N ARG C 1091 -5.56 -70.33 -48.24
CA ARG C 1091 -5.27 -70.40 -46.82
C ARG C 1091 -4.60 -69.13 -46.32
N GLU C 1092 -3.42 -68.81 -46.83
CA GLU C 1092 -2.74 -67.56 -46.52
C GLU C 1092 -2.28 -66.92 -47.82
N GLY C 1093 -3.08 -66.05 -48.41
CA GLY C 1093 -2.63 -65.37 -49.61
C GLY C 1093 -3.80 -64.84 -50.43
N VAL C 1094 -3.48 -64.47 -51.66
CA VAL C 1094 -4.45 -64.03 -52.65
C VAL C 1094 -4.26 -64.82 -53.92
N PHE C 1095 -5.32 -64.99 -54.69
CA PHE C 1095 -5.23 -65.51 -56.04
C PHE C 1095 -4.93 -64.38 -57.00
N VAL C 1096 -3.85 -64.51 -57.76
CA VAL C 1096 -3.48 -63.50 -58.74
C VAL C 1096 -3.46 -64.12 -60.12
N SER C 1097 -3.48 -63.28 -61.14
CA SER C 1097 -3.43 -63.71 -62.52
C SER C 1097 -2.56 -62.78 -63.34
N ASN C 1098 -1.62 -63.35 -64.07
CA ASN C 1098 -0.77 -62.57 -64.96
C ASN C 1098 -1.37 -62.44 -66.36
N GLY C 1099 -2.68 -62.59 -66.48
CA GLY C 1099 -3.36 -62.50 -67.75
C GLY C 1099 -3.89 -63.81 -68.26
N THR C 1100 -3.11 -64.89 -68.17
CA THR C 1100 -3.53 -66.17 -68.73
C THR C 1100 -3.59 -67.26 -67.67
N HIS C 1101 -2.76 -67.17 -66.64
CA HIS C 1101 -2.63 -68.23 -65.66
C HIS C 1101 -2.90 -67.68 -64.27
N TRP C 1102 -3.40 -68.54 -63.38
CA TRP C 1102 -3.74 -68.17 -62.02
C TRP C 1102 -2.75 -68.80 -61.04
N PHE C 1103 -2.40 -68.06 -60.01
CA PHE C 1103 -1.43 -68.49 -59.03
C PHE C 1103 -1.94 -68.18 -57.62
N VAL C 1104 -1.18 -68.59 -56.62
CA VAL C 1104 -1.35 -68.12 -55.24
C VAL C 1104 -0.04 -67.48 -54.82
N THR C 1105 -0.12 -66.26 -54.30
CA THR C 1105 1.06 -65.61 -53.77
C THR C 1105 0.76 -65.19 -52.34
N GLN C 1106 1.81 -64.85 -51.62
CA GLN C 1106 1.65 -64.21 -50.32
C GLN C 1106 1.42 -62.73 -50.52
N ARG C 1107 0.79 -62.10 -49.53
CA ARG C 1107 0.15 -60.81 -49.78
C ARG C 1107 1.10 -59.64 -49.78
N ASN C 1108 2.32 -59.78 -49.26
CA ASN C 1108 3.24 -58.67 -49.13
C ASN C 1108 4.43 -58.75 -50.06
N PHE C 1109 4.56 -59.80 -50.84
CA PHE C 1109 5.73 -60.02 -51.65
C PHE C 1109 5.33 -60.96 -52.77
N TYR C 1110 5.72 -60.62 -53.99
CA TYR C 1110 5.29 -61.39 -55.15
C TYR C 1110 6.13 -62.66 -55.24
N GLU C 1111 5.50 -63.79 -54.98
CA GLU C 1111 6.14 -65.09 -55.07
C GLU C 1111 5.12 -66.14 -55.43
N PRO C 1112 4.79 -66.32 -56.70
CA PRO C 1112 3.63 -67.11 -57.08
C PRO C 1112 3.87 -68.61 -57.08
N GLN C 1113 2.81 -69.35 -56.76
CA GLN C 1113 2.78 -70.80 -56.74
C GLN C 1113 1.52 -71.28 -57.42
N ILE C 1114 1.51 -72.52 -57.88
CA ILE C 1114 0.35 -73.07 -58.57
C ILE C 1114 -0.65 -73.54 -57.53
N ILE C 1115 -1.94 -73.45 -57.87
CA ILE C 1115 -3.00 -73.69 -56.90
C ILE C 1115 -3.18 -75.18 -56.70
N THR C 1116 -2.87 -75.66 -55.50
CA THR C 1116 -3.06 -77.06 -55.16
C THR C 1116 -4.10 -77.13 -54.05
N THR C 1117 -4.27 -78.31 -53.47
CA THR C 1117 -5.18 -78.46 -52.35
C THR C 1117 -4.50 -78.33 -51.01
N ASP C 1118 -3.21 -78.03 -50.99
CA ASP C 1118 -2.50 -77.77 -49.74
C ASP C 1118 -2.33 -76.29 -49.45
N ASN C 1119 -2.62 -75.43 -50.40
CA ASN C 1119 -2.60 -74.01 -50.09
C ASN C 1119 -3.96 -73.36 -50.27
N THR C 1120 -5.03 -74.16 -50.35
CA THR C 1120 -6.40 -73.69 -50.42
C THR C 1120 -7.29 -74.58 -49.58
N PHE C 1121 -8.37 -74.01 -49.05
CA PHE C 1121 -9.42 -74.80 -48.43
C PHE C 1121 -10.72 -74.59 -49.19
N VAL C 1122 -11.70 -75.44 -48.90
CA VAL C 1122 -12.93 -75.52 -49.68
C VAL C 1122 -14.12 -75.37 -48.74
N SER C 1123 -15.08 -74.55 -49.14
CA SER C 1123 -16.29 -74.35 -48.33
C SER C 1123 -17.43 -73.87 -49.19
N GLY C 1124 -18.35 -74.77 -49.54
CA GLY C 1124 -19.60 -74.39 -50.16
C GLY C 1124 -19.67 -74.68 -51.65
N ASN C 1125 -20.77 -74.22 -52.24
CA ASN C 1125 -21.02 -74.40 -53.65
C ASN C 1125 -20.77 -73.11 -54.41
N CYS C 1126 -20.67 -73.21 -55.72
CA CYS C 1126 -20.13 -72.16 -56.56
C CYS C 1126 -21.23 -71.24 -57.06
N ASP C 1127 -22.09 -70.78 -56.16
CA ASP C 1127 -23.17 -69.90 -56.61
C ASP C 1127 -23.55 -68.82 -55.63
N VAL C 1128 -22.72 -68.56 -54.63
CA VAL C 1128 -23.07 -67.56 -53.63
C VAL C 1128 -22.02 -66.46 -53.60
N VAL C 1129 -20.75 -66.82 -53.70
CA VAL C 1129 -19.67 -65.84 -53.68
C VAL C 1129 -19.60 -65.15 -55.02
N ILE C 1130 -19.77 -63.83 -55.00
CA ILE C 1130 -19.74 -63.01 -56.19
C ILE C 1130 -18.29 -62.70 -56.54
N GLY C 1131 -17.85 -63.12 -57.72
CA GLY C 1131 -16.50 -62.87 -58.17
C GLY C 1131 -15.69 -64.11 -58.45
N ILE C 1132 -16.33 -65.28 -58.33
CA ILE C 1132 -15.72 -66.56 -58.67
C ILE C 1132 -15.25 -66.59 -60.11
N VAL C 1133 -14.14 -67.27 -60.34
CA VAL C 1133 -13.67 -67.58 -61.68
C VAL C 1133 -13.50 -69.08 -61.77
N ASN C 1134 -13.43 -69.57 -63.01
CA ASN C 1134 -13.25 -70.99 -63.26
C ASN C 1134 -11.78 -71.28 -63.50
N ASN C 1135 -11.21 -72.17 -62.69
CA ASN C 1135 -9.86 -72.65 -62.96
C ASN C 1135 -9.73 -74.03 -62.37
N THR C 1136 -8.62 -74.67 -62.68
CA THR C 1136 -8.34 -76.00 -62.17
C THR C 1136 -7.49 -75.94 -60.90
N VAL C 1137 -7.78 -76.85 -59.98
CA VAL C 1137 -7.06 -76.92 -58.72
C VAL C 1137 -6.23 -78.19 -58.71
N TYR C 1138 -4.97 -78.07 -59.12
CA TYR C 1138 -4.07 -79.21 -59.17
C TYR C 1138 -4.16 -80.05 -57.90
N ASP C 1139 -3.70 -81.29 -57.99
CA ASP C 1139 -3.71 -82.21 -56.86
C ASP C 1139 -2.33 -82.79 -56.64
N PRO C 1140 -1.95 -82.97 -55.38
CA PRO C 1140 -0.63 -83.51 -55.05
C PRO C 1140 -0.67 -85.00 -54.73
N LEU C 1141 -1.61 -85.73 -55.33
CA LEU C 1141 -1.71 -87.16 -55.06
C LEU C 1141 -1.99 -87.97 -56.33
N GLN C 1142 -2.87 -87.44 -57.17
CA GLN C 1142 -3.23 -88.11 -58.41
C GLN C 1142 -2.00 -88.62 -59.14
N PRO C 1143 -1.08 -87.66 -59.52
CA PRO C 1143 0.10 -88.18 -60.23
C PRO C 1143 0.79 -89.32 -59.49
N GLU C 1144 1.15 -89.09 -58.23
CA GLU C 1144 1.81 -90.12 -57.42
C GLU C 1144 1.14 -91.47 -57.59
N LEU C 1145 -0.16 -91.54 -57.29
CA LEU C 1145 -0.90 -92.78 -57.41
C LEU C 1145 -0.74 -93.36 -58.80
N ASP C 1146 -1.24 -92.64 -59.80
CA ASP C 1146 -1.15 -93.07 -61.18
C ASP C 1146 0.29 -93.33 -61.58
N GLU D 1 -77.66 24.98 5.79
CA GLU D 1 -76.22 24.84 5.64
C GLU D 1 -75.56 26.21 5.56
N VAL D 2 -76.38 27.24 5.34
CA VAL D 2 -75.92 28.62 5.28
C VAL D 2 -76.52 29.34 6.46
N GLN D 3 -75.77 30.29 7.03
CA GLN D 3 -76.31 31.19 8.03
C GLN D 3 -75.97 32.62 7.65
N LEU D 4 -76.96 33.50 7.78
CA LEU D 4 -76.79 34.91 7.52
C LEU D 4 -76.90 35.65 8.83
N VAL D 5 -76.04 36.65 9.02
CA VAL D 5 -76.00 37.42 10.26
C VAL D 5 -76.32 38.87 9.92
N GLU D 6 -77.17 39.47 10.72
CA GLU D 6 -77.67 40.82 10.51
C GLU D 6 -76.72 41.83 11.18
N SER D 7 -77.17 43.07 11.37
CA SER D 7 -76.28 44.14 11.79
C SER D 7 -76.89 45.11 12.81
N GLY D 8 -77.91 44.71 13.55
CA GLY D 8 -78.44 45.59 14.58
C GLY D 8 -79.23 46.77 14.04
N ALA D 9 -79.88 47.49 14.95
CA ALA D 9 -80.75 48.58 14.59
C ALA D 9 -79.96 49.84 14.24
N GLU D 10 -80.60 50.74 13.52
CA GLU D 10 -79.99 52.02 13.16
C GLU D 10 -81.00 53.14 13.06
N VAL D 11 -81.12 53.98 14.09
CA VAL D 11 -81.98 55.15 13.98
C VAL D 11 -81.22 56.25 13.27
N LYS D 12 -81.85 56.92 12.31
CA LYS D 12 -81.15 57.96 11.56
C LYS D 12 -81.95 59.26 11.44
N LYS D 13 -81.42 60.23 10.69
CA LYS D 13 -81.98 61.55 10.49
C LYS D 13 -82.08 61.84 9.00
N PRO D 14 -83.16 62.47 8.55
CA PRO D 14 -83.42 62.60 7.11
C PRO D 14 -82.41 63.46 6.38
N GLY D 15 -81.90 62.91 5.29
CA GLY D 15 -80.84 63.51 4.51
C GLY D 15 -79.53 62.76 4.57
N ALA D 16 -79.33 61.92 5.58
CA ALA D 16 -78.08 61.23 5.79
C ALA D 16 -77.97 60.00 4.87
N SER D 17 -77.01 59.14 5.16
CA SER D 17 -76.85 57.87 4.47
C SER D 17 -76.75 56.76 5.50
N VAL D 18 -77.05 55.53 5.07
CA VAL D 18 -77.03 54.38 5.96
C VAL D 18 -76.50 53.17 5.21
N LYS D 19 -75.67 52.38 5.88
CA LYS D 19 -75.05 51.21 5.28
C LYS D 19 -75.35 50.00 6.15
N VAL D 20 -75.91 48.96 5.55
CA VAL D 20 -76.36 47.76 6.26
C VAL D 20 -75.53 46.58 5.79
N SER D 21 -75.16 45.71 6.71
CA SER D 21 -74.21 44.64 6.46
C SER D 21 -74.80 43.27 6.77
N CYS D 22 -74.22 42.26 6.15
CA CYS D 22 -74.79 40.91 6.21
C CYS D 22 -73.67 39.90 6.09
N LYS D 23 -73.44 39.11 7.13
CA LYS D 23 -72.33 38.17 7.15
C LYS D 23 -72.83 36.77 6.82
N VAL D 24 -72.27 36.16 5.81
CA VAL D 24 -72.59 34.80 5.46
C VAL D 24 -71.66 33.86 6.21
N SER D 25 -72.08 32.61 6.34
CA SER D 25 -71.30 31.60 7.06
C SER D 25 -71.83 30.24 6.69
N GLY D 26 -70.96 29.34 6.26
CA GLY D 26 -71.39 28.02 5.83
C GLY D 26 -71.03 27.82 4.38
N TYR D 27 -71.28 28.83 3.58
CA TYR D 27 -70.76 28.92 2.23
C TYR D 27 -69.90 30.16 2.17
N THR D 28 -69.33 30.44 1.02
CA THR D 28 -68.54 31.64 0.83
C THR D 28 -69.27 32.63 -0.05
N LEU D 29 -68.93 33.90 0.12
CA LEU D 29 -69.65 34.98 -0.54
C LEU D 29 -69.43 34.99 -2.04
N THR D 30 -68.42 34.30 -2.53
CA THR D 30 -68.18 34.24 -3.95
C THR D 30 -68.88 33.07 -4.62
N GLU D 31 -69.94 32.53 -4.02
CA GLU D 31 -70.76 31.61 -4.78
C GLU D 31 -72.24 31.78 -4.48
N LEU D 32 -72.60 32.83 -3.76
CA LEU D 32 -73.98 33.19 -3.54
C LEU D 32 -74.24 34.52 -4.21
N SER D 33 -75.49 34.78 -4.52
CA SER D 33 -75.91 36.04 -5.09
C SER D 33 -76.86 36.70 -4.11
N MET D 34 -76.50 37.89 -3.64
CA MET D 34 -77.29 38.58 -2.63
C MET D 34 -78.40 39.39 -3.27
N HIS D 35 -79.56 39.36 -2.65
CA HIS D 35 -80.64 40.24 -2.95
C HIS D 35 -81.10 40.89 -1.66
N TRP D 36 -81.40 42.18 -1.74
CA TRP D 36 -81.90 42.89 -0.58
C TRP D 36 -83.38 43.10 -0.78
N VAL D 37 -84.16 42.93 0.27
CA VAL D 37 -85.60 43.08 0.16
C VAL D 37 -86.08 43.89 1.34
N ARG D 38 -86.77 44.99 1.07
CA ARG D 38 -87.31 45.80 2.15
C ARG D 38 -88.60 45.20 2.68
N GLN D 39 -88.98 45.63 3.86
CA GLN D 39 -90.27 45.31 4.44
C GLN D 39 -90.76 46.62 5.00
N ALA D 40 -91.45 47.41 4.19
CA ALA D 40 -92.13 48.57 4.73
C ALA D 40 -93.22 48.09 5.67
N PRO D 41 -93.35 48.67 6.85
CA PRO D 41 -94.02 47.97 7.95
C PRO D 41 -95.52 47.88 7.75
N GLY D 42 -96.07 46.72 8.12
CA GLY D 42 -97.45 46.41 7.87
C GLY D 42 -97.81 46.33 6.41
N LYS D 43 -96.83 46.05 5.55
CA LYS D 43 -97.07 46.01 4.11
C LYS D 43 -96.34 44.81 3.55
N GLY D 44 -96.23 44.77 2.23
CA GLY D 44 -95.69 43.61 1.54
C GLY D 44 -94.19 43.63 1.47
N LEU D 45 -93.65 42.93 0.49
CA LEU D 45 -92.22 42.85 0.29
C LEU D 45 -91.89 43.56 -1.00
N GLU D 46 -90.77 44.25 -0.98
CA GLU D 46 -90.34 45.10 -2.08
C GLU D 46 -88.91 44.75 -2.43
N TRP D 47 -88.60 44.73 -3.70
CA TRP D 47 -87.30 44.30 -4.15
C TRP D 47 -86.44 45.50 -4.48
N MET D 48 -85.16 45.42 -4.16
CA MET D 48 -84.18 46.34 -4.68
C MET D 48 -82.82 45.67 -4.70
N GLY D 49 -81.96 46.11 -5.58
CA GLY D 49 -80.63 45.54 -5.60
C GLY D 49 -80.55 44.20 -6.28
N GLY D 50 -80.18 43.18 -5.56
CA GLY D 50 -80.09 41.89 -6.18
C GLY D 50 -78.84 41.71 -7.01
N PHE D 51 -78.82 40.62 -7.77
CA PHE D 51 -77.67 40.28 -8.59
C PHE D 51 -78.09 39.32 -9.69
N ASP D 52 -77.59 39.57 -10.90
CA ASP D 52 -77.91 38.72 -12.03
C ASP D 52 -76.81 37.68 -12.23
N PRO D 53 -77.16 36.36 -11.96
CA PRO D 53 -76.07 35.40 -12.18
C PRO D 53 -75.51 35.52 -13.58
N GLU D 54 -76.28 36.17 -14.45
CA GLU D 54 -75.87 36.40 -15.83
C GLU D 54 -75.38 37.83 -15.98
N ASP D 55 -74.26 38.01 -16.66
CA ASP D 55 -73.70 39.34 -16.85
C ASP D 55 -73.02 39.79 -15.57
N GLY D 56 -73.14 38.97 -14.52
CA GLY D 56 -72.54 39.27 -13.23
C GLY D 56 -72.90 40.61 -12.64
N GLU D 57 -73.40 41.53 -13.48
CA GLU D 57 -73.79 42.85 -13.02
C GLU D 57 -74.71 42.78 -11.80
N THR D 58 -74.95 43.94 -11.18
CA THR D 58 -75.81 44.01 -10.00
C THR D 58 -76.94 45.01 -10.23
N MET D 59 -78.02 44.54 -10.84
CA MET D 59 -79.17 45.38 -11.13
C MET D 59 -79.57 46.26 -9.95
N TYR D 60 -80.26 47.36 -10.24
CA TYR D 60 -80.72 48.28 -9.22
C TYR D 60 -82.18 48.66 -9.43
N ALA D 61 -83.03 48.35 -8.45
CA ALA D 61 -84.45 48.65 -8.54
C ALA D 61 -84.68 50.07 -9.03
N GLN D 62 -85.36 50.20 -10.16
CA GLN D 62 -85.65 51.51 -10.74
C GLN D 62 -86.13 52.49 -9.68
N LYS D 63 -86.91 51.98 -8.72
CA LYS D 63 -87.44 52.82 -7.64
C LYS D 63 -86.31 53.42 -6.81
N PHE D 64 -85.20 52.68 -6.70
CA PHE D 64 -84.06 53.15 -5.92
C PHE D 64 -82.82 53.24 -6.80
N GLN D 65 -82.92 53.88 -7.96
CA GLN D 65 -81.81 53.87 -8.89
C GLN D 65 -81.14 55.25 -8.91
N GLY D 66 -79.82 55.25 -8.76
CA GLY D 66 -79.12 56.48 -8.48
C GLY D 66 -79.25 56.91 -7.04
N ARG D 67 -79.76 56.04 -6.19
CA ARG D 67 -80.00 56.35 -4.80
C ARG D 67 -79.38 55.33 -3.87
N VAL D 68 -79.08 54.13 -4.36
CA VAL D 68 -78.50 53.07 -3.55
C VAL D 68 -77.32 52.48 -4.31
N THR D 69 -76.32 52.01 -3.58
CA THR D 69 -75.23 51.24 -4.15
C THR D 69 -75.00 50.01 -3.29
N MET D 70 -74.32 49.01 -3.86
CA MET D 70 -74.07 47.77 -3.16
C MET D 70 -72.67 47.27 -3.47
N THR D 71 -71.91 46.97 -2.43
CA THR D 71 -70.53 46.52 -2.55
C THR D 71 -70.33 45.27 -1.71
N GLU D 72 -69.27 44.53 -2.01
CA GLU D 72 -69.05 43.21 -1.44
C GLU D 72 -67.62 43.10 -0.93
N ASP D 73 -67.46 42.95 0.38
CA ASP D 73 -66.16 42.63 0.97
C ASP D 73 -66.04 41.11 1.03
N THR D 74 -65.38 40.53 0.02
CA THR D 74 -65.29 39.08 -0.04
C THR D 74 -64.25 38.51 0.92
N SER D 75 -63.49 39.36 1.61
CA SER D 75 -62.45 38.86 2.49
C SER D 75 -63.02 38.48 3.85
N THR D 76 -63.87 39.33 4.41
CA THR D 76 -64.48 39.08 5.70
C THR D 76 -65.88 38.48 5.58
N ASP D 77 -66.32 38.20 4.35
CA ASP D 77 -67.61 37.59 4.03
C ASP D 77 -68.77 38.44 4.54
N THR D 78 -68.81 39.68 4.08
CA THR D 78 -69.94 40.55 4.35
C THR D 78 -70.29 41.30 3.08
N ALA D 79 -71.58 41.59 2.90
CA ALA D 79 -72.05 42.43 1.82
C ALA D 79 -72.68 43.68 2.38
N TYR D 80 -72.50 44.79 1.69
CA TYR D 80 -72.90 46.09 2.18
C TYR D 80 -73.84 46.74 1.18
N MET D 81 -74.72 47.60 1.69
CA MET D 81 -75.73 48.27 0.86
C MET D 81 -75.94 49.68 1.41
N GLU D 82 -75.68 50.68 0.57
CA GLU D 82 -75.64 52.06 1.03
C GLU D 82 -76.79 52.84 0.42
N LEU D 83 -77.79 53.17 1.23
CA LEU D 83 -78.89 54.00 0.80
C LEU D 83 -78.61 55.43 1.21
N SER D 84 -78.82 56.37 0.29
CA SER D 84 -78.45 57.77 0.49
C SER D 84 -79.64 58.68 0.31
N SER D 85 -79.53 59.86 0.92
CA SER D 85 -80.56 60.91 0.96
C SER D 85 -81.92 60.34 1.39
N LEU D 86 -81.94 59.87 2.62
CA LEU D 86 -83.09 59.10 3.09
C LEU D 86 -84.27 60.02 3.31
N ARG D 87 -85.34 59.78 2.57
CA ARG D 87 -86.57 60.54 2.73
C ARG D 87 -87.32 60.02 3.96
N SER D 88 -88.54 60.49 4.16
CA SER D 88 -89.25 60.13 5.37
C SER D 88 -89.85 58.73 5.28
N GLU D 89 -90.14 58.28 4.07
CA GLU D 89 -90.82 57.00 3.88
C GLU D 89 -89.87 55.87 3.56
N ASP D 90 -88.83 55.69 4.38
CA ASP D 90 -87.91 54.59 4.22
C ASP D 90 -87.72 53.78 5.48
N THR D 91 -88.55 53.98 6.49
CA THR D 91 -88.46 53.14 7.66
C THR D 91 -88.94 51.74 7.33
N ALA D 92 -88.05 50.76 7.42
CA ALA D 92 -88.38 49.42 7.00
C ALA D 92 -87.39 48.45 7.62
N VAL D 93 -87.75 47.18 7.62
CA VAL D 93 -86.83 46.10 7.93
C VAL D 93 -86.19 45.67 6.63
N TYR D 94 -84.88 45.43 6.66
CA TYR D 94 -84.14 45.25 5.42
C TYR D 94 -83.54 43.86 5.41
N TYR D 95 -84.12 42.96 4.62
CA TYR D 95 -83.75 41.56 4.65
C TYR D 95 -82.61 41.31 3.71
N CYS D 96 -81.76 40.36 4.09
CA CYS D 96 -80.59 39.99 3.30
C CYS D 96 -80.84 38.58 2.78
N ALA D 97 -81.43 38.51 1.59
CA ALA D 97 -81.81 37.20 1.09
C ALA D 97 -80.78 36.70 0.09
N THR D 98 -80.61 35.39 0.01
CA THR D 98 -79.65 34.84 -0.92
C THR D 98 -80.03 33.47 -1.45
N SER D 99 -79.26 32.99 -2.42
CA SER D 99 -79.47 31.68 -2.99
C SER D 99 -78.12 31.13 -3.40
N THR D 100 -78.08 30.12 -4.24
CA THR D 100 -76.78 29.69 -4.78
C THR D 100 -76.83 30.00 -6.27
N ALA D 101 -75.76 30.58 -6.78
CA ALA D 101 -75.69 31.11 -8.13
C ALA D 101 -75.94 30.07 -9.22
N VAL D 102 -75.51 28.85 -9.02
CA VAL D 102 -75.77 27.78 -9.97
C VAL D 102 -76.41 26.61 -9.26
N ALA D 103 -76.65 25.54 -10.01
CA ALA D 103 -77.23 24.33 -9.45
C ALA D 103 -76.55 23.11 -10.01
N GLY D 104 -76.08 22.23 -9.13
CA GLY D 104 -75.63 20.93 -9.55
C GLY D 104 -74.22 20.53 -9.15
N THR D 105 -73.46 20.09 -10.15
CA THR D 105 -72.18 19.42 -10.09
C THR D 105 -71.21 20.24 -10.93
N PRO D 106 -69.94 19.85 -11.06
CA PRO D 106 -69.13 20.43 -12.14
C PRO D 106 -69.54 20.02 -13.55
N ASP D 107 -70.60 19.25 -13.72
CA ASP D 107 -71.00 18.73 -15.03
C ASP D 107 -72.26 19.42 -15.53
N LEU D 108 -73.18 19.81 -14.65
CA LEU D 108 -74.45 20.36 -15.08
C LEU D 108 -74.64 21.77 -14.54
N PHE D 109 -74.97 22.70 -15.44
CA PHE D 109 -75.08 24.10 -15.08
C PHE D 109 -76.49 24.60 -15.26
N ASP D 110 -77.10 25.00 -14.16
CA ASP D 110 -78.37 25.71 -14.21
C ASP D 110 -78.14 27.01 -13.47
N TYR D 111 -78.13 28.13 -14.20
CA TYR D 111 -78.22 29.42 -13.54
C TYR D 111 -79.53 29.48 -12.78
N TYR D 112 -79.48 29.46 -11.46
CA TYR D 112 -80.66 29.33 -10.64
C TYR D 112 -80.99 30.69 -10.06
N TYR D 113 -82.27 31.04 -10.04
CA TYR D 113 -82.72 32.32 -9.54
C TYR D 113 -83.63 32.12 -8.34
N GLY D 114 -83.75 33.15 -7.53
CA GLY D 114 -84.65 33.11 -6.41
C GLY D 114 -83.96 33.48 -5.12
N MET D 115 -84.67 33.28 -4.02
CA MET D 115 -84.16 33.54 -2.68
C MET D 115 -84.29 32.26 -1.88
N ASP D 116 -83.27 31.91 -1.16
CA ASP D 116 -83.42 30.69 -0.39
C ASP D 116 -83.34 30.91 1.10
N VAL D 117 -82.34 31.61 1.59
CA VAL D 117 -82.13 31.78 3.02
C VAL D 117 -82.32 33.26 3.31
N TRP D 118 -83.05 33.58 4.36
CA TRP D 118 -83.37 34.97 4.66
C TRP D 118 -82.83 35.33 6.04
N GLY D 119 -82.00 36.36 6.08
CA GLY D 119 -81.22 36.63 7.27
C GLY D 119 -81.67 37.66 8.28
N GLN D 120 -82.84 37.46 8.88
CA GLN D 120 -83.18 37.97 10.21
C GLN D 120 -83.37 39.48 10.36
N GLY D 121 -83.00 40.27 9.36
CA GLY D 121 -83.36 41.67 9.31
C GLY D 121 -82.71 42.65 10.28
N THR D 122 -82.48 43.87 9.82
CA THR D 122 -82.14 45.00 10.67
C THR D 122 -83.26 46.02 10.54
N THR D 123 -83.38 46.94 11.48
CA THR D 123 -84.51 47.86 11.53
C THR D 123 -84.01 49.28 11.48
N VAL D 124 -83.91 49.88 10.30
CA VAL D 124 -83.55 51.27 10.23
C VAL D 124 -84.80 52.08 10.53
N THR D 125 -84.61 53.35 10.84
CA THR D 125 -85.72 54.27 11.06
C THR D 125 -85.22 55.67 10.75
N VAL D 126 -85.83 56.34 9.79
CA VAL D 126 -85.62 57.77 9.62
C VAL D 126 -86.61 58.45 10.53
N SER D 127 -86.22 59.61 11.03
CA SER D 127 -87.06 60.45 11.89
C SER D 127 -86.38 61.79 11.99
N SER D 128 -87.15 62.86 11.76
CA SER D 128 -86.62 64.21 11.83
C SER D 128 -86.51 64.69 13.27
N ALA D 129 -87.08 63.92 14.19
CA ALA D 129 -87.04 64.27 15.60
C ALA D 129 -85.82 63.67 16.29
N SER D 130 -85.82 63.68 17.61
CA SER D 130 -84.71 63.15 18.39
C SER D 130 -85.17 61.99 19.28
N THR D 131 -84.48 61.80 20.39
CA THR D 131 -84.82 60.73 21.33
C THR D 131 -85.45 61.29 22.60
N LYS D 132 -86.55 60.68 23.02
CA LYS D 132 -87.27 61.11 24.22
C LYS D 132 -87.40 59.97 25.23
N GLY D 133 -87.73 60.32 26.47
CA GLY D 133 -87.89 59.34 27.51
C GLY D 133 -89.29 58.76 27.52
N PRO D 134 -89.79 58.48 28.72
CA PRO D 134 -91.13 57.89 28.84
C PRO D 134 -92.22 58.93 29.05
N SER D 135 -93.44 58.49 28.80
CA SER D 135 -94.63 59.16 29.33
C SER D 135 -95.54 58.05 29.81
N VAL D 136 -95.31 57.58 31.03
CA VAL D 136 -96.02 56.41 31.55
C VAL D 136 -97.25 56.87 32.31
N PHE D 137 -98.39 56.30 31.95
CA PHE D 137 -99.66 56.58 32.61
C PHE D 137 -100.26 55.25 33.04
N PRO D 138 -100.11 54.88 34.31
CA PRO D 138 -100.54 53.54 34.76
C PRO D 138 -102.06 53.41 34.78
N LEU D 139 -102.58 52.63 33.82
CA LEU D 139 -104.02 52.43 33.67
C LEU D 139 -104.52 51.59 34.83
N ALA D 140 -105.09 52.27 35.81
CA ALA D 140 -105.53 51.63 37.04
C ALA D 140 -106.78 50.78 36.79
N PRO D 141 -106.84 49.61 37.41
CA PRO D 141 -108.00 48.72 37.25
C PRO D 141 -109.32 49.48 37.35
N SER D 142 -110.33 48.86 37.95
CA SER D 142 -111.63 49.49 38.10
C SER D 142 -112.55 48.64 38.99
N SER D 143 -113.83 48.99 39.01
CA SER D 143 -114.81 48.27 39.81
C SER D 143 -115.17 46.92 39.17
N LYS D 144 -115.62 46.97 37.92
CA LYS D 144 -116.00 45.77 37.19
C LYS D 144 -114.96 45.36 36.16
N SER D 145 -113.83 46.06 36.13
CA SER D 145 -112.73 45.66 35.28
C SER D 145 -112.21 44.39 35.95
N THR D 146 -112.13 44.43 37.29
CA THR D 146 -111.72 43.30 38.11
C THR D 146 -113.00 42.59 38.56
N SER D 147 -112.84 41.54 39.38
CA SER D 147 -113.91 40.70 39.95
C SER D 147 -114.77 40.10 38.84
N GLY D 148 -114.12 39.27 38.03
CA GLY D 148 -114.79 38.51 36.99
C GLY D 148 -114.07 37.19 36.78
N GLY D 149 -114.22 36.63 35.58
CA GLY D 149 -113.45 35.44 35.25
C GLY D 149 -111.98 35.75 35.09
N THR D 150 -111.66 36.82 34.37
CA THR D 150 -110.33 37.41 34.39
C THR D 150 -110.48 38.92 34.44
N ALA D 151 -109.46 39.57 34.99
CA ALA D 151 -109.48 41.02 35.16
C ALA D 151 -108.88 41.66 33.92
N ALA D 152 -108.52 42.94 34.02
CA ALA D 152 -107.72 43.62 33.02
C ALA D 152 -106.90 44.67 33.76
N LEU D 153 -105.68 44.94 33.27
CA LEU D 153 -104.77 45.85 33.94
C LEU D 153 -103.66 46.24 32.99
N GLY D 154 -103.32 47.52 32.97
CA GLY D 154 -102.34 47.97 32.00
C GLY D 154 -101.68 49.29 32.37
N CYS D 155 -100.83 49.74 31.45
CA CYS D 155 -100.19 51.04 31.51
C CYS D 155 -100.34 51.69 30.14
N LEU D 156 -100.28 53.02 30.10
CA LEU D 156 -100.46 53.76 28.86
C LEU D 156 -99.24 54.64 28.63
N VAL D 157 -98.62 54.51 27.47
CA VAL D 157 -97.40 55.23 27.12
C VAL D 157 -97.63 55.94 25.79
N LYS D 158 -97.44 57.26 25.76
CA LYS D 158 -97.64 58.04 24.55
C LYS D 158 -96.38 58.80 24.19
N ASP D 159 -96.45 59.54 23.05
CA ASP D 159 -95.53 60.54 22.51
C ASP D 159 -94.04 60.30 22.74
N TYR D 160 -93.55 59.12 22.39
CA TYR D 160 -92.14 58.82 22.60
C TYR D 160 -91.48 58.08 21.44
N PHE D 161 -90.17 58.25 21.31
CA PHE D 161 -89.41 57.59 20.26
C PHE D 161 -88.30 56.72 20.82
N PRO D 162 -88.50 56.26 22.12
CA PRO D 162 -87.41 55.42 22.65
C PRO D 162 -87.13 54.21 21.77
N GLU D 163 -87.95 54.01 20.75
CA GLU D 163 -87.79 52.88 19.84
C GLU D 163 -88.38 51.59 20.42
N PRO D 164 -87.52 50.79 21.15
CA PRO D 164 -88.13 49.58 21.70
C PRO D 164 -88.67 49.79 23.11
N VAL D 165 -88.72 48.74 23.92
CA VAL D 165 -89.21 48.86 25.29
C VAL D 165 -89.36 47.43 25.76
N THR D 166 -90.47 47.09 26.41
CA THR D 166 -90.64 45.72 26.85
C THR D 166 -92.01 45.40 27.38
N VAL D 167 -92.40 46.07 28.45
CA VAL D 167 -93.71 45.86 29.06
C VAL D 167 -93.63 44.80 30.16
N SER D 168 -93.78 43.55 29.79
CA SER D 168 -93.73 42.45 30.74
C SER D 168 -94.79 42.59 31.81
N TRP D 169 -94.92 43.81 32.35
CA TRP D 169 -95.90 44.09 33.40
C TRP D 169 -95.44 43.55 34.75
N ASN D 170 -94.19 43.09 34.80
CA ASN D 170 -93.63 42.54 36.03
C ASN D 170 -92.21 42.03 35.83
N SER D 171 -91.78 41.14 36.73
CA SER D 171 -90.45 40.56 36.66
C SER D 171 -90.50 39.09 36.26
N GLY D 172 -91.24 38.80 35.21
CA GLY D 172 -91.38 37.42 34.73
C GLY D 172 -92.40 36.63 35.54
N ALA D 173 -93.25 37.34 36.27
CA ALA D 173 -94.28 36.71 37.07
C ALA D 173 -95.62 36.66 36.35
N LEU D 174 -95.89 37.71 35.57
CA LEU D 174 -97.14 37.80 34.81
C LEU D 174 -96.92 37.42 33.35
N THR D 175 -97.86 36.67 32.79
CA THR D 175 -97.78 36.25 31.40
C THR D 175 -99.12 35.72 30.90
N SER D 176 -100.15 35.85 31.72
CA SER D 176 -101.48 35.39 31.36
C SER D 176 -102.32 36.55 30.87
N GLY D 177 -102.91 36.36 29.70
CA GLY D 177 -103.80 37.36 29.13
C GLY D 177 -103.28 38.76 29.07
N VAL D 178 -102.41 39.01 28.11
CA VAL D 178 -101.85 40.33 27.90
C VAL D 178 -101.92 40.49 26.40
N HIS D 179 -102.50 41.58 25.93
CA HIS D 179 -102.61 41.79 24.49
C HIS D 179 -101.84 43.04 24.11
N THR D 180 -100.90 42.89 23.19
CA THR D 180 -100.08 44.02 22.74
C THR D 180 -100.31 44.33 21.27
N PHE D 181 -99.98 45.56 20.88
CA PHE D 181 -100.13 46.00 19.50
C PHE D 181 -98.79 46.36 18.89
N PRO D 182 -98.81 46.92 17.68
CA PRO D 182 -97.56 47.31 17.00
C PRO D 182 -97.28 48.80 17.07
N ALA D 183 -97.38 49.39 18.27
CA ALA D 183 -97.11 50.81 18.43
C ALA D 183 -97.64 51.62 17.25
N VAL D 184 -96.98 52.73 16.94
CA VAL D 184 -97.41 53.58 15.83
C VAL D 184 -96.61 54.88 15.73
N LEU D 185 -96.76 55.58 14.61
CA LEU D 185 -96.10 56.84 14.35
C LEU D 185 -97.10 57.97 14.14
N GLN D 186 -97.48 58.62 15.24
CA GLN D 186 -98.44 59.71 15.19
C GLN D 186 -98.09 60.64 14.05
N SER D 187 -98.98 61.59 13.80
CA SER D 187 -98.77 62.54 12.71
C SER D 187 -97.61 63.49 13.02
N SER D 188 -97.36 63.74 14.31
CA SER D 188 -96.23 64.57 14.69
C SER D 188 -94.90 63.85 14.54
N GLY D 189 -94.91 62.53 14.42
CA GLY D 189 -93.70 61.75 14.38
C GLY D 189 -93.36 61.07 15.69
N LEU D 190 -94.33 60.79 16.53
CA LEU D 190 -94.11 60.14 17.81
C LEU D 190 -94.93 58.85 17.88
N TYR D 191 -94.63 58.04 18.89
CA TYR D 191 -95.31 56.77 19.07
C TYR D 191 -96.42 56.88 20.10
N SER D 192 -97.18 55.78 20.23
CA SER D 192 -98.29 55.75 21.18
C SER D 192 -98.74 54.30 21.35
N LEU D 193 -98.46 53.72 22.52
CA LEU D 193 -98.72 52.32 22.77
C LEU D 193 -99.69 52.15 23.94
N SER D 194 -100.46 51.07 23.89
CA SER D 194 -101.29 50.63 25.00
C SER D 194 -101.04 49.14 25.21
N SER D 195 -100.67 48.78 26.44
CA SER D 195 -100.42 47.40 26.81
C SER D 195 -101.26 47.12 28.05
N VAL D 196 -102.44 46.56 27.83
CA VAL D 196 -103.36 46.30 28.93
C VAL D 196 -103.56 44.80 29.04
N VAL D 197 -102.93 44.20 30.04
CA VAL D 197 -102.90 42.76 30.23
C VAL D 197 -104.17 42.35 30.98
N THR D 198 -104.93 41.44 30.40
CA THR D 198 -106.04 40.84 31.14
C THR D 198 -105.46 39.87 32.15
N VAL D 199 -105.26 40.37 33.37
CA VAL D 199 -104.69 39.61 34.48
C VAL D 199 -105.81 38.78 35.09
N PRO D 200 -105.52 37.82 35.97
CA PRO D 200 -106.60 37.21 36.75
C PRO D 200 -107.20 38.20 37.75
N SER D 201 -108.44 37.91 38.16
CA SER D 201 -109.15 38.78 39.09
C SER D 201 -108.86 38.44 40.54
N SER D 202 -108.48 37.19 40.83
CA SER D 202 -108.35 36.75 42.21
C SER D 202 -107.09 37.27 42.88
N SER D 203 -106.10 37.72 42.12
CA SER D 203 -104.82 38.11 42.70
C SER D 203 -104.79 39.57 43.14
N LEU D 204 -105.66 40.41 42.59
CA LEU D 204 -105.63 41.83 42.93
C LEU D 204 -106.31 42.05 44.28
N GLY D 205 -105.87 43.08 44.98
CA GLY D 205 -106.34 43.38 46.32
C GLY D 205 -105.36 42.91 47.38
N THR D 206 -104.65 41.82 47.09
CA THR D 206 -103.57 41.35 47.94
C THR D 206 -102.19 41.63 47.37
N GLN D 207 -102.07 41.82 46.06
CA GLN D 207 -100.78 42.08 45.43
C GLN D 207 -101.03 42.79 44.11
N THR D 208 -100.72 44.09 44.08
CA THR D 208 -100.87 44.88 42.86
C THR D 208 -99.74 44.60 41.88
N TYR D 209 -99.91 45.08 40.65
CA TYR D 209 -99.00 44.77 39.56
C TYR D 209 -98.33 46.04 39.04
N ILE D 210 -97.18 45.85 38.39
CA ILE D 210 -96.29 46.93 37.99
C ILE D 210 -95.90 46.74 36.52
N CYS D 211 -95.95 47.83 35.75
CA CYS D 211 -95.41 47.84 34.40
C CYS D 211 -93.95 48.31 34.43
N ASN D 212 -93.08 47.54 33.78
CA ASN D 212 -91.64 47.79 33.80
C ASN D 212 -91.28 48.48 32.49
N VAL D 213 -91.42 49.80 32.48
CA VAL D 213 -91.31 50.58 31.25
C VAL D 213 -89.85 50.97 31.07
N ASN D 214 -89.11 50.15 30.32
CA ASN D 214 -87.65 50.27 30.28
C ASN D 214 -87.23 50.70 28.89
N HIS D 215 -86.63 51.87 28.79
CA HIS D 215 -86.36 52.51 27.51
C HIS D 215 -84.86 52.54 27.29
N LYS D 216 -84.30 51.42 26.84
CA LYS D 216 -82.86 51.21 26.72
C LYS D 216 -82.07 52.22 25.89
N PRO D 217 -82.60 52.82 24.81
CA PRO D 217 -81.84 53.95 24.24
C PRO D 217 -81.98 55.22 25.04
N SER D 218 -83.15 55.49 25.63
CA SER D 218 -83.29 56.64 26.51
C SER D 218 -82.79 56.37 27.92
N ASN D 219 -82.57 55.10 28.27
CA ASN D 219 -82.06 54.65 29.57
C ASN D 219 -82.95 55.11 30.72
N THR D 220 -84.25 55.14 30.46
CA THR D 220 -85.24 55.50 31.47
C THR D 220 -85.95 54.21 31.85
N LYS D 221 -85.35 53.47 32.78
CA LYS D 221 -85.91 52.21 33.26
C LYS D 221 -86.85 52.56 34.40
N VAL D 222 -88.00 53.12 34.06
CA VAL D 222 -89.01 53.47 35.05
C VAL D 222 -89.92 52.26 35.24
N ASP D 223 -90.25 51.96 36.48
CA ASP D 223 -91.08 50.82 36.82
C ASP D 223 -92.21 51.32 37.71
N LYS D 224 -93.35 51.60 37.10
CA LYS D 224 -94.45 52.28 37.79
C LYS D 224 -95.45 51.28 38.35
N LYS D 225 -95.78 51.46 39.63
CA LYS D 225 -96.83 50.66 40.27
C LYS D 225 -98.18 51.10 39.75
N VAL D 226 -99.08 50.14 39.57
CA VAL D 226 -100.42 50.43 39.08
C VAL D 226 -101.48 50.02 40.10
N GLU D 227 -101.60 50.79 41.17
CA GLU D 227 -102.57 50.51 42.22
C GLU D 227 -104.00 50.51 41.67
N PRO D 228 -104.75 49.38 41.97
CA PRO D 228 -106.13 49.41 41.43
C PRO D 228 -106.86 50.68 41.82
N LYS D 229 -107.65 51.22 40.90
CA LYS D 229 -108.42 52.43 41.15
C LYS D 229 -109.92 52.17 41.08
N GLU E 1 -93.09 44.98 -16.31
CA GLU E 1 -92.68 43.84 -15.50
C GLU E 1 -93.88 43.08 -14.98
N ILE E 2 -93.67 41.81 -14.62
CA ILE E 2 -94.74 40.99 -14.09
C ILE E 2 -95.46 41.71 -12.97
N VAL E 3 -96.60 41.19 -12.54
CA VAL E 3 -97.39 41.79 -11.48
C VAL E 3 -98.55 40.84 -11.34
N MET E 4 -98.34 39.73 -10.64
CA MET E 4 -99.40 38.75 -10.42
C MET E 4 -100.39 39.22 -9.34
N THR E 5 -100.92 38.29 -8.57
CA THR E 5 -101.87 38.62 -7.52
C THR E 5 -101.98 37.47 -6.49
N GLN E 6 -103.20 37.15 -6.08
CA GLN E 6 -103.44 36.09 -5.11
C GLN E 6 -104.86 35.56 -5.27
N SER E 7 -105.48 35.15 -4.16
CA SER E 7 -106.84 34.62 -4.27
C SER E 7 -107.72 34.80 -3.04
N PRO E 8 -107.30 34.26 -1.90
CA PRO E 8 -108.10 34.34 -0.68
C PRO E 8 -107.74 35.48 0.27
N LEU E 9 -106.56 36.07 0.08
CA LEU E 9 -106.12 37.17 0.94
C LEU E 9 -106.43 36.83 2.40
N SER E 10 -106.62 35.56 2.69
CA SER E 10 -106.93 35.09 4.03
C SER E 10 -107.22 33.58 4.03
N SER E 11 -108.50 33.22 4.13
CA SER E 11 -108.90 31.82 4.13
C SER E 11 -108.65 31.12 5.46
N PRO E 12 -109.21 31.73 6.57
CA PRO E 12 -108.96 31.01 7.84
C PRO E 12 -109.42 29.56 7.74
N VAL E 13 -108.47 28.66 7.51
CA VAL E 13 -108.79 27.24 7.38
C VAL E 13 -109.16 26.56 8.70
N THR E 14 -109.50 25.28 8.59
CA THR E 14 -109.87 24.46 9.73
C THR E 14 -108.69 23.61 10.14
N LEU E 15 -108.84 22.88 11.23
CA LEU E 15 -107.82 21.90 11.57
C LEU E 15 -107.95 20.69 10.66
N GLY E 16 -106.83 19.98 10.50
CA GLY E 16 -106.83 18.65 9.91
C GLY E 16 -107.26 18.51 8.46
N GLN E 17 -107.60 19.60 7.80
CA GLN E 17 -108.14 19.53 6.46
C GLN E 17 -107.19 20.23 5.51
N PRO E 18 -107.24 19.91 4.22
CA PRO E 18 -106.37 20.59 3.26
C PRO E 18 -106.81 22.02 3.00
N ALA E 19 -105.96 22.75 2.30
CA ALA E 19 -106.20 24.15 1.98
C ALA E 19 -105.57 24.47 0.63
N SER E 20 -106.03 25.57 0.03
CA SER E 20 -105.64 25.88 -1.33
C SER E 20 -105.41 27.38 -1.47
N ILE E 21 -104.19 27.75 -1.81
CA ILE E 21 -103.82 29.12 -2.14
C ILE E 21 -103.63 29.17 -3.64
N SER E 22 -104.14 30.21 -4.27
CA SER E 22 -104.13 30.29 -5.72
C SER E 22 -103.38 31.54 -6.16
N CYS E 23 -102.30 31.35 -6.90
CA CYS E 23 -101.52 32.46 -7.42
C CYS E 23 -102.03 32.78 -8.83
N ARG E 24 -101.48 33.83 -9.43
CA ARG E 24 -101.88 34.26 -10.77
C ARG E 24 -100.75 35.10 -11.31
N SER E 25 -100.83 35.42 -12.60
CA SER E 25 -99.79 36.26 -13.17
C SER E 25 -100.36 37.32 -14.10
N SER E 26 -99.47 38.04 -14.77
CA SER E 26 -99.86 38.90 -15.88
C SER E 26 -98.85 38.82 -17.01
N GLN E 27 -98.09 37.74 -17.06
CA GLN E 27 -97.16 37.46 -18.15
C GLN E 27 -97.14 35.96 -18.34
N SER E 28 -96.15 35.47 -19.05
CA SER E 28 -95.84 34.05 -19.03
C SER E 28 -94.52 33.92 -18.30
N LEU E 29 -94.53 33.18 -17.19
CA LEU E 29 -93.38 33.10 -16.32
C LEU E 29 -92.40 32.02 -16.73
N VAL E 30 -92.60 31.40 -17.87
CA VAL E 30 -91.64 30.42 -18.33
C VAL E 30 -90.39 31.16 -18.79
N HIS E 31 -89.38 31.16 -17.93
CA HIS E 31 -88.10 31.75 -18.27
C HIS E 31 -87.46 30.92 -19.36
N SER E 32 -86.65 31.59 -20.18
CA SER E 32 -85.89 30.89 -21.22
C SER E 32 -85.00 29.83 -20.59
N ASP E 33 -84.77 28.77 -21.39
CA ASP E 33 -84.49 27.41 -20.94
C ASP E 33 -85.65 26.85 -20.11
N GLY E 34 -86.87 27.31 -20.40
CA GLY E 34 -88.08 26.56 -20.18
C GLY E 34 -88.54 26.18 -18.80
N ASN E 35 -87.76 26.47 -17.77
CA ASN E 35 -88.16 26.18 -16.40
C ASN E 35 -88.74 27.43 -15.78
N THR E 36 -89.98 27.35 -15.34
CA THR E 36 -90.56 28.52 -14.73
C THR E 36 -90.07 28.64 -13.30
N TYR E 37 -90.12 29.85 -12.76
CA TYR E 37 -89.56 30.13 -11.45
C TYR E 37 -90.63 30.67 -10.54
N LEU E 38 -91.20 29.81 -9.71
CA LEU E 38 -92.04 30.22 -8.61
C LEU E 38 -91.39 29.79 -7.31
N SER E 39 -91.82 30.42 -6.23
CA SER E 39 -91.45 29.96 -4.91
C SER E 39 -92.59 30.34 -3.99
N TRP E 40 -92.64 29.72 -2.83
CA TRP E 40 -93.76 29.94 -1.95
C TRP E 40 -93.26 30.23 -0.55
N LEU E 41 -92.91 31.48 -0.29
CA LEU E 41 -92.28 31.85 0.97
C LEU E 41 -93.29 31.80 2.09
N GLN E 42 -92.91 31.26 3.23
CA GLN E 42 -93.76 31.31 4.41
C GLN E 42 -93.12 32.21 5.44
N GLN E 43 -93.84 33.24 5.88
CA GLN E 43 -93.31 34.17 6.88
C GLN E 43 -94.18 34.15 8.12
N ARG E 44 -93.59 33.76 9.24
CA ARG E 44 -94.25 33.86 10.53
C ARG E 44 -94.33 35.32 10.97
N PRO E 45 -95.20 35.65 11.93
CA PRO E 45 -95.20 37.02 12.46
C PRO E 45 -93.93 37.30 13.25
N GLY E 46 -93.23 38.35 12.85
CA GLY E 46 -92.03 38.74 13.55
C GLY E 46 -90.81 37.89 13.26
N GLN E 47 -90.77 37.22 12.12
CA GLN E 47 -89.68 36.34 11.75
C GLN E 47 -89.40 36.54 10.28
N PRO E 48 -88.25 36.12 9.79
CA PRO E 48 -88.00 36.19 8.36
C PRO E 48 -88.79 35.14 7.62
N PRO E 49 -89.07 35.33 6.34
CA PRO E 49 -89.77 34.31 5.56
C PRO E 49 -88.82 33.18 5.22
N ARG E 50 -89.25 31.93 5.40
CA ARG E 50 -88.26 30.86 5.34
C ARG E 50 -88.00 30.42 3.91
N LEU E 51 -88.80 29.46 3.43
CA LEU E 51 -88.95 28.95 2.06
C LEU E 51 -89.84 27.72 2.16
N LEU E 52 -90.48 27.35 1.06
CA LEU E 52 -91.28 26.15 0.89
C LEU E 52 -91.01 25.79 -0.56
N ILE E 53 -92.04 25.33 -1.26
CA ILE E 53 -91.92 24.77 -2.60
C ILE E 53 -91.40 25.84 -3.54
N TYR E 54 -90.12 25.73 -3.87
CA TYR E 54 -89.49 26.63 -4.81
C TYR E 54 -89.62 25.99 -6.19
N LYS E 55 -89.18 26.68 -7.22
CA LYS E 55 -89.24 26.19 -8.60
C LYS E 55 -90.48 25.36 -8.93
N ILE E 56 -91.65 26.00 -8.90
CA ILE E 56 -92.92 25.36 -9.23
C ILE E 56 -93.29 24.16 -8.34
N SER E 57 -92.86 22.96 -8.72
CA SER E 57 -93.18 21.77 -7.94
C SER E 57 -91.90 21.08 -7.47
N ASN E 58 -91.50 21.35 -6.24
CA ASN E 58 -90.37 20.73 -5.60
C ASN E 58 -90.63 20.72 -4.11
N ARG E 59 -89.58 20.61 -3.32
CA ARG E 59 -89.69 20.81 -1.88
C ARG E 59 -88.33 21.24 -1.38
N PHE E 60 -88.31 22.08 -0.35
CA PHE E 60 -87.03 22.52 0.17
C PHE E 60 -86.60 21.61 1.31
N SER E 61 -85.35 21.77 1.73
CA SER E 61 -84.75 20.87 2.70
C SER E 61 -85.32 21.13 4.09
N GLY E 62 -85.88 20.10 4.69
CA GLY E 62 -86.50 20.24 5.98
C GLY E 62 -87.96 20.63 5.95
N VAL E 63 -88.54 20.80 4.79
CA VAL E 63 -89.98 21.05 4.71
C VAL E 63 -90.72 19.76 5.00
N PRO E 64 -91.65 19.76 5.95
CA PRO E 64 -92.13 18.49 6.52
C PRO E 64 -93.10 17.67 5.67
N ASP E 65 -93.19 17.96 4.36
CA ASP E 65 -93.93 17.15 3.39
C ASP E 65 -95.43 17.05 3.74
N ARG E 66 -96.08 18.20 3.68
CA ARG E 66 -97.52 18.25 3.56
C ARG E 66 -97.90 19.17 2.43
N PHE E 67 -96.92 19.77 1.77
CA PHE E 67 -97.13 20.87 0.85
C PHE E 67 -97.03 20.37 -0.58
N SER E 68 -97.82 20.96 -1.47
CA SER E 68 -97.88 20.47 -2.83
C SER E 68 -98.06 21.63 -3.78
N GLY E 69 -97.21 21.70 -4.81
CA GLY E 69 -97.35 22.68 -5.85
C GLY E 69 -98.03 22.10 -7.07
N SER E 70 -98.66 22.96 -7.87
CA SER E 70 -99.40 22.53 -9.05
C SER E 70 -99.31 23.64 -10.09
N GLY E 71 -100.18 23.60 -11.08
CA GLY E 71 -100.28 24.67 -12.04
C GLY E 71 -99.17 24.63 -13.06
N ALA E 72 -99.25 25.57 -14.01
CA ALA E 72 -98.25 25.83 -15.03
C ALA E 72 -98.62 27.10 -15.78
N GLY E 73 -97.65 27.68 -16.46
CA GLY E 73 -97.88 28.73 -17.44
C GLY E 73 -98.22 30.09 -16.88
N THR E 74 -99.42 30.25 -16.36
CA THR E 74 -99.83 31.49 -15.71
C THR E 74 -100.59 31.28 -14.41
N ASP E 75 -101.35 30.20 -14.27
CA ASP E 75 -101.97 29.85 -13.00
C ASP E 75 -101.04 28.91 -12.24
N PHE E 76 -101.03 29.07 -10.92
CA PHE E 76 -100.22 28.25 -10.03
C PHE E 76 -101.03 28.05 -8.77
N THR E 77 -100.64 27.07 -7.97
CA THR E 77 -101.41 26.75 -6.77
C THR E 77 -100.53 26.02 -5.79
N LEU E 78 -100.48 26.50 -4.55
CA LEU E 78 -99.98 25.72 -3.45
C LEU E 78 -101.15 25.04 -2.76
N LYS E 79 -100.92 23.86 -2.23
CA LYS E 79 -101.97 23.13 -1.55
C LYS E 79 -101.36 22.42 -0.36
N ILE E 80 -101.77 22.78 0.80
CA ILE E 80 -101.37 22.02 1.97
C ILE E 80 -102.41 20.92 2.12
N SER E 81 -102.03 19.81 2.75
CA SER E 81 -102.98 18.76 3.09
C SER E 81 -102.90 18.50 4.57
N ARG E 82 -104.08 18.35 5.20
CA ARG E 82 -104.31 18.12 6.64
C ARG E 82 -103.43 19.03 7.51
N VAL E 83 -103.77 20.32 7.49
CA VAL E 83 -102.99 21.33 8.20
C VAL E 83 -103.15 21.16 9.71
N GLU E 84 -102.31 21.85 10.46
CA GLU E 84 -102.34 21.81 11.90
C GLU E 84 -101.84 23.16 12.40
N ALA E 85 -101.41 23.22 13.65
CA ALA E 85 -100.64 24.38 14.10
C ALA E 85 -99.29 24.43 13.41
N GLU E 86 -98.49 25.45 13.75
CA GLU E 86 -97.17 25.73 13.19
C GLU E 86 -97.22 26.05 11.69
N ASP E 87 -98.41 26.18 11.11
CA ASP E 87 -98.59 26.67 9.74
C ASP E 87 -99.57 27.82 9.84
N VAL E 88 -99.06 28.98 10.21
CA VAL E 88 -99.86 30.19 10.31
C VAL E 88 -98.95 31.37 10.06
N GLY E 89 -99.29 32.18 9.08
CA GLY E 89 -98.36 33.21 8.69
C GLY E 89 -98.84 33.86 7.42
N VAL E 90 -97.91 34.27 6.59
CA VAL E 90 -98.24 34.80 5.29
C VAL E 90 -97.46 34.04 4.23
N TYR E 91 -98.10 33.81 3.08
CA TYR E 91 -97.55 32.97 2.02
C TYR E 91 -97.39 33.82 0.77
N TYR E 92 -96.22 34.37 0.58
CA TYR E 92 -95.97 35.12 -0.64
C TYR E 92 -95.60 34.15 -1.74
N CYS E 93 -95.84 34.56 -2.97
CA CYS E 93 -95.51 33.74 -4.12
C CYS E 93 -94.66 34.56 -5.06
N THR E 94 -93.37 34.59 -4.80
CA THR E 94 -92.50 35.39 -5.62
C THR E 94 -92.27 34.75 -6.97
N GLN E 95 -92.18 35.59 -7.97
CA GLN E 95 -91.65 35.18 -9.24
C GLN E 95 -90.16 35.45 -9.21
N ALA E 96 -89.45 35.02 -10.25
CA ALA E 96 -88.01 35.23 -10.32
C ALA E 96 -87.52 35.42 -11.74
N THR E 97 -88.37 35.99 -12.60
CA THR E 97 -88.01 36.23 -13.99
C THR E 97 -88.19 37.70 -14.36
N GLN E 98 -87.36 38.17 -15.29
CA GLN E 98 -87.43 39.55 -15.74
C GLN E 98 -86.81 40.49 -14.72
N PHE E 99 -85.59 40.16 -14.29
CA PHE E 99 -84.84 40.95 -13.31
C PHE E 99 -85.68 41.62 -12.22
N PRO E 100 -86.21 42.88 -12.54
CA PRO E 100 -87.00 43.48 -11.45
C PRO E 100 -88.09 42.55 -10.91
N TYR E 101 -87.70 41.66 -10.00
CA TYR E 101 -88.62 40.72 -9.40
C TYR E 101 -89.83 41.41 -8.83
N THR E 102 -90.73 40.63 -8.26
CA THR E 102 -91.94 41.15 -7.66
C THR E 102 -92.56 40.06 -6.82
N PHE E 103 -93.18 40.43 -5.71
CA PHE E 103 -93.78 39.44 -4.82
C PHE E 103 -95.30 39.45 -4.89
N GLY E 104 -95.90 38.38 -4.40
CA GLY E 104 -97.35 38.24 -4.41
C GLY E 104 -98.04 39.30 -3.59
N GLN E 105 -99.30 39.58 -3.91
CA GLN E 105 -100.08 40.58 -3.20
C GLN E 105 -100.25 40.21 -1.74
N GLY E 106 -99.57 39.16 -1.31
CA GLY E 106 -99.65 38.69 0.07
C GLY E 106 -100.89 37.86 0.32
N THR E 107 -100.78 36.94 1.28
CA THR E 107 -101.89 36.07 1.62
C THR E 107 -101.69 35.43 3.01
N LYS E 108 -102.48 35.88 3.97
CA LYS E 108 -102.38 35.37 5.32
C LYS E 108 -103.37 34.22 5.50
N VAL E 109 -102.98 33.22 6.29
CA VAL E 109 -103.87 32.16 6.72
C VAL E 109 -103.81 32.09 8.23
N ASP E 110 -104.76 31.40 8.82
CA ASP E 110 -104.83 31.19 10.25
C ASP E 110 -105.81 30.05 10.53
N ILE E 111 -106.20 29.94 11.79
CA ILE E 111 -107.14 28.89 12.20
C ILE E 111 -108.58 29.32 11.96
N LYS E 112 -109.44 28.35 11.66
CA LYS E 112 -110.85 28.63 11.40
C LYS E 112 -111.64 28.64 12.70
N ARG E 113 -111.63 29.78 13.38
CA ARG E 113 -112.35 29.94 14.64
C ARG E 113 -113.77 30.47 14.41
N THR E 114 -114.72 29.95 15.17
CA THR E 114 -116.11 30.37 15.04
C THR E 114 -116.29 31.82 15.48
N VAL E 115 -117.33 32.47 14.97
CA VAL E 115 -117.61 33.85 15.31
C VAL E 115 -118.07 33.98 16.77
N ALA E 116 -117.11 33.95 17.69
CA ALA E 116 -117.41 34.06 19.10
C ALA E 116 -117.72 35.49 19.49
N ALA E 117 -118.16 35.69 20.73
CA ALA E 117 -118.51 37.01 21.23
C ALA E 117 -117.26 37.72 21.75
N PRO E 118 -117.13 39.03 21.52
CA PRO E 118 -116.01 39.76 22.11
C PRO E 118 -116.25 40.08 23.58
N SER E 119 -115.19 40.54 24.24
CA SER E 119 -115.27 40.97 25.63
C SER E 119 -114.70 42.38 25.73
N VAL E 120 -115.31 43.20 26.58
CA VAL E 120 -115.09 44.65 26.59
C VAL E 120 -114.53 45.06 27.93
N PHE E 121 -113.39 45.75 27.91
CA PHE E 121 -112.81 46.41 29.08
C PHE E 121 -112.44 47.84 28.69
N ILE E 122 -112.70 48.77 29.61
CA ILE E 122 -112.40 50.17 29.40
C ILE E 122 -111.52 50.63 30.55
N PHE E 123 -110.71 51.64 30.29
CA PHE E 123 -109.80 52.20 31.28
C PHE E 123 -109.71 53.71 31.07
N PRO E 124 -109.71 54.48 32.16
CA PRO E 124 -109.65 55.95 32.09
C PRO E 124 -108.22 56.49 32.19
N PRO E 125 -108.01 57.81 32.28
CA PRO E 125 -106.62 58.26 32.36
C PRO E 125 -106.16 58.36 33.81
N SER E 126 -105.01 57.77 34.11
CA SER E 126 -104.48 57.79 35.47
C SER E 126 -104.47 59.21 36.02
N ASP E 127 -104.14 59.31 37.31
CA ASP E 127 -104.19 60.60 38.00
C ASP E 127 -103.06 61.51 37.55
N GLU E 128 -101.90 60.94 37.21
CA GLU E 128 -100.83 61.75 36.60
C GLU E 128 -101.01 61.90 35.10
N GLN E 129 -101.96 61.19 34.49
CA GLN E 129 -102.38 61.51 33.13
C GLN E 129 -103.38 62.66 33.11
N LEU E 130 -104.02 62.95 34.25
CA LEU E 130 -104.95 64.07 34.32
C LEU E 130 -104.24 65.42 34.22
N LYS E 131 -102.98 65.48 34.63
CA LYS E 131 -102.18 66.70 34.55
C LYS E 131 -101.06 66.60 33.52
N SER E 132 -101.15 65.65 32.59
CA SER E 132 -100.06 65.42 31.65
C SER E 132 -100.06 66.41 30.50
N GLY E 133 -101.14 67.14 30.29
CA GLY E 133 -101.31 67.97 29.11
C GLY E 133 -102.01 67.29 27.95
N THR E 134 -102.04 65.95 27.94
CA THR E 134 -102.78 65.18 26.95
C THR E 134 -103.02 63.80 27.52
N ALA E 135 -104.28 63.44 27.73
CA ALA E 135 -104.67 62.14 28.25
C ALA E 135 -105.12 61.24 27.11
N SER E 136 -105.65 60.07 27.49
CA SER E 136 -106.15 59.09 26.53
C SER E 136 -107.07 58.11 27.23
N VAL E 137 -107.92 57.47 26.44
CA VAL E 137 -108.76 56.37 26.89
C VAL E 137 -108.61 55.22 25.89
N VAL E 138 -108.56 54.00 26.42
CA VAL E 138 -108.36 52.81 25.62
C VAL E 138 -109.67 52.03 25.55
N CYS E 139 -109.79 51.18 24.54
CA CYS E 139 -110.97 50.36 24.33
C CYS E 139 -110.44 48.94 24.21
N LEU E 140 -110.33 48.27 25.34
CA LEU E 140 -109.78 46.92 25.37
C LEU E 140 -110.89 45.94 24.97
N LEU E 141 -111.06 45.77 23.67
CA LEU E 141 -111.91 44.72 23.14
C LEU E 141 -111.05 43.48 22.99
N ASN E 142 -111.57 42.34 23.41
CA ASN E 142 -110.84 41.07 23.32
C ASN E 142 -111.58 40.04 22.48
N ASN E 143 -110.84 39.35 21.61
CA ASN E 143 -111.43 38.33 20.75
C ASN E 143 -112.27 38.94 19.64
N PHE E 144 -111.74 38.93 18.42
CA PHE E 144 -112.45 39.48 17.26
C PHE E 144 -111.60 39.38 15.99
N TYR E 145 -112.16 39.84 14.88
CA TYR E 145 -111.45 39.80 13.60
C TYR E 145 -111.20 41.21 13.08
N PRO E 146 -110.05 41.41 12.43
CA PRO E 146 -109.72 42.73 11.89
C PRO E 146 -110.11 42.86 10.41
N ARG E 147 -111.37 43.16 10.13
CA ARG E 147 -111.82 43.30 8.75
C ARG E 147 -113.34 43.38 8.67
N GLU E 148 -114.02 42.53 9.44
CA GLU E 148 -115.47 42.51 9.45
C GLU E 148 -116.02 42.94 10.81
N ALA E 149 -115.12 43.27 11.73
CA ALA E 149 -115.51 43.71 13.06
C ALA E 149 -115.86 45.19 13.08
N LYS E 150 -115.87 45.77 14.27
CA LYS E 150 -116.19 47.18 14.42
C LYS E 150 -116.02 47.58 15.87
N VAL E 151 -115.13 48.55 16.07
CA VAL E 151 -114.85 49.07 17.40
C VAL E 151 -115.30 50.52 17.45
N GLN E 152 -116.17 50.84 18.41
CA GLN E 152 -116.65 52.21 18.51
C GLN E 152 -116.43 52.82 19.87
N TRP E 153 -115.93 54.06 19.89
CA TRP E 153 -115.66 54.77 21.14
C TRP E 153 -116.84 55.64 21.55
N LYS E 154 -117.24 55.52 22.82
CA LYS E 154 -118.36 56.30 23.35
C LYS E 154 -117.91 57.21 24.48
N VAL E 155 -117.03 58.17 24.17
CA VAL E 155 -116.53 59.10 25.15
C VAL E 155 -117.65 59.65 26.03
N ASP E 156 -118.01 58.90 27.07
CA ASP E 156 -119.07 59.31 27.98
C ASP E 156 -120.43 59.26 27.28
N ASN E 157 -120.55 58.39 26.29
CA ASN E 157 -121.81 58.24 25.54
C ASN E 157 -122.09 59.46 24.66
N ALA E 158 -121.70 59.36 23.40
CA ALA E 158 -121.92 60.46 22.45
C ALA E 158 -121.25 60.17 21.10
N LEU E 159 -120.99 58.89 20.83
CA LEU E 159 -120.35 58.49 19.58
C LEU E 159 -119.46 59.62 19.08
N GLN E 160 -118.16 59.51 19.35
CA GLN E 160 -117.17 60.48 18.90
C GLN E 160 -116.08 59.74 18.15
N SER E 161 -116.09 59.85 16.82
CA SER E 161 -115.16 59.13 15.98
C SER E 161 -114.43 60.11 15.08
N GLY E 162 -113.38 59.61 14.41
CA GLY E 162 -112.58 60.42 13.51
C GLY E 162 -111.26 60.89 14.08
N ASN E 163 -111.02 60.72 15.37
CA ASN E 163 -109.79 61.15 16.01
C ASN E 163 -109.03 59.97 16.61
N SER E 164 -109.14 58.79 16.01
CA SER E 164 -108.67 57.57 16.63
C SER E 164 -107.71 56.82 15.72
N GLN E 165 -106.75 56.14 16.35
CA GLN E 165 -105.85 55.23 15.67
C GLN E 165 -105.97 53.86 16.31
N GLU E 166 -105.88 52.82 15.49
CA GLU E 166 -106.22 51.47 15.89
C GLU E 166 -104.99 50.58 15.87
N SER E 167 -104.89 49.72 16.89
CA SER E 167 -103.82 48.74 17.06
C SER E 167 -104.49 47.44 17.47
N VAL E 168 -104.32 46.39 16.68
CA VAL E 168 -104.95 45.11 16.97
C VAL E 168 -103.84 44.08 17.14
N THR E 169 -104.00 43.18 18.10
CA THR E 169 -102.98 42.16 18.32
C THR E 169 -103.13 41.05 17.30
N GLU E 170 -102.36 39.99 17.47
CA GLU E 170 -102.41 38.83 16.61
C GLU E 170 -103.44 37.84 17.16
N GLN E 171 -103.39 36.61 16.67
CA GLN E 171 -104.26 35.55 17.18
C GLN E 171 -103.50 34.82 18.29
N ASP E 172 -104.21 34.34 19.30
CA ASP E 172 -103.56 33.64 20.41
C ASP E 172 -103.36 32.18 20.07
N SER E 173 -102.46 31.50 20.79
CA SER E 173 -102.23 30.09 20.48
C SER E 173 -103.15 29.18 21.26
N LYS E 174 -103.41 29.50 22.53
CA LYS E 174 -104.38 28.74 23.30
C LYS E 174 -105.80 29.03 22.85
N ASP E 175 -106.05 30.20 22.30
CA ASP E 175 -107.41 30.59 21.95
C ASP E 175 -107.56 31.01 20.50
N SER E 176 -106.48 31.41 19.83
CA SER E 176 -106.47 31.95 18.46
C SER E 176 -107.50 33.05 18.29
N THR E 177 -107.44 34.04 19.18
CA THR E 177 -108.36 35.17 19.13
C THR E 177 -107.75 36.34 18.38
N TYR E 178 -108.21 37.55 18.69
CA TYR E 178 -107.70 38.76 18.04
C TYR E 178 -108.02 40.00 18.86
N SER E 179 -107.04 40.46 19.64
CA SER E 179 -107.21 41.65 20.47
C SER E 179 -107.46 42.89 19.61
N LEU E 180 -108.12 43.88 20.20
CA LEU E 180 -108.42 45.12 19.48
C LEU E 180 -108.33 46.33 20.42
N SER E 181 -107.61 47.35 19.97
CA SER E 181 -107.44 48.57 20.75
C SER E 181 -107.66 49.78 19.85
N SER E 182 -107.99 50.90 20.48
CA SER E 182 -108.24 52.15 19.78
C SER E 182 -107.77 53.29 20.67
N THR E 183 -107.25 54.35 20.05
CA THR E 183 -106.63 55.45 20.79
C THR E 183 -107.40 56.73 20.50
N LEU E 184 -108.37 57.04 21.36
CA LEU E 184 -109.05 58.33 21.31
C LEU E 184 -108.07 59.45 21.70
N THR E 185 -107.96 60.45 20.84
CA THR E 185 -107.05 61.57 21.06
C THR E 185 -107.84 62.88 21.02
N LEU E 186 -107.98 63.51 22.19
CA LEU E 186 -108.59 64.83 22.30
C LEU E 186 -107.72 65.68 23.22
N SER E 187 -108.14 66.93 23.41
CA SER E 187 -107.37 67.89 24.18
C SER E 187 -107.47 67.59 25.68
N LYS E 188 -106.61 68.27 26.44
CA LYS E 188 -106.64 68.18 27.90
C LYS E 188 -107.90 68.85 28.46
N ALA E 189 -108.40 69.89 27.78
CA ALA E 189 -109.59 70.58 28.24
C ALA E 189 -110.84 69.72 28.10
N ASP E 190 -110.83 68.75 27.19
CA ASP E 190 -112.02 67.94 26.97
C ASP E 190 -112.07 66.72 27.87
N TYR E 191 -110.91 66.20 28.28
CA TYR E 191 -110.83 64.91 28.95
C TYR E 191 -111.17 64.94 30.44
N GLU E 192 -111.17 66.13 31.05
CA GLU E 192 -111.48 66.27 32.46
C GLU E 192 -112.98 66.38 32.69
N LYS E 193 -113.65 67.14 31.82
CA LYS E 193 -115.09 67.33 31.93
C LYS E 193 -115.85 66.04 31.60
N HIS E 194 -115.96 65.17 32.59
CA HIS E 194 -116.66 63.89 32.41
C HIS E 194 -116.45 62.98 33.61
N LYS E 195 -116.94 61.74 33.50
CA LYS E 195 -116.81 60.77 34.57
C LYS E 195 -117.17 59.36 34.09
N VAL E 196 -118.45 59.13 33.87
CA VAL E 196 -118.93 57.84 33.41
C VAL E 196 -118.40 57.51 32.02
N TYR E 197 -117.14 57.07 31.96
CA TYR E 197 -116.51 56.72 30.70
C TYR E 197 -116.89 55.31 30.26
N ALA E 198 -117.22 55.17 28.98
CA ALA E 198 -117.60 53.88 28.44
C ALA E 198 -117.20 53.68 27.00
N CYS E 199 -116.94 52.41 26.68
CA CYS E 199 -116.56 51.98 25.34
C CYS E 199 -117.60 50.96 24.88
N GLU E 200 -118.32 51.29 23.81
CA GLU E 200 -119.37 50.41 23.30
C GLU E 200 -118.94 49.77 21.98
N VAL E 201 -118.88 48.45 21.94
CA VAL E 201 -118.45 47.76 20.73
C VAL E 201 -119.57 47.00 20.00
N THR E 202 -119.59 47.16 18.68
CA THR E 202 -120.57 46.50 17.84
C THR E 202 -119.74 45.67 16.87
N HIS E 203 -120.10 44.41 16.71
CA HIS E 203 -119.36 43.54 15.82
C HIS E 203 -120.23 42.37 15.38
N GLN E 204 -119.92 41.80 14.23
CA GLN E 204 -120.68 40.67 13.73
C GLN E 204 -120.81 39.49 14.71
N GLY E 205 -119.79 39.29 15.54
CA GLY E 205 -119.83 38.18 16.45
C GLY E 205 -120.68 38.36 17.68
N LEU E 206 -121.16 39.57 17.92
CA LEU E 206 -121.98 39.83 19.10
C LEU E 206 -123.45 40.05 18.76
N SER E 207 -124.34 39.42 19.52
CA SER E 207 -125.77 39.59 19.28
C SER E 207 -126.13 41.04 19.52
N SER E 208 -125.72 41.54 20.69
CA SER E 208 -125.97 42.92 21.04
C SER E 208 -124.62 43.55 21.30
N PRO E 209 -124.49 44.85 21.07
CA PRO E 209 -123.20 45.48 21.32
C PRO E 209 -122.85 45.40 22.80
N VAL E 210 -121.56 45.28 23.12
CA VAL E 210 -121.12 45.24 24.52
C VAL E 210 -121.29 46.61 25.17
N THR E 211 -120.60 46.85 26.28
CA THR E 211 -120.68 48.12 26.98
C THR E 211 -120.08 47.97 28.36
N LYS E 212 -118.75 48.08 28.43
CA LYS E 212 -117.98 47.97 29.67
C LYS E 212 -117.29 49.33 29.85
N SER E 213 -117.33 49.89 31.06
CA SER E 213 -116.72 51.19 31.34
C SER E 213 -116.05 51.28 32.72
N PHE E 214 -115.82 52.51 33.21
CA PHE E 214 -115.20 52.71 34.50
C PHE E 214 -115.56 54.11 34.98
N ASN E 215 -115.73 54.27 36.28
CA ASN E 215 -116.10 55.57 36.84
C ASN E 215 -114.82 56.25 37.24
N ARG E 216 -114.60 57.47 36.74
CA ARG E 216 -113.40 58.23 37.06
C ARG E 216 -113.10 58.19 38.54
N GLY E 217 -112.04 57.50 38.91
CA GLY E 217 -111.63 57.37 40.30
C GLY E 217 -112.33 56.24 41.01
N GLU E 218 -112.97 56.56 42.14
CA GLU E 218 -113.68 55.55 42.92
C GLU E 218 -112.77 54.38 43.29
N CYS E 219 -113.38 53.27 43.68
CA CYS E 219 -112.63 52.08 44.06
C CYS E 219 -112.59 51.07 42.92
N GLU F 1 34.70 -11.23 72.19
CA GLU F 1 33.84 -10.90 71.06
C GLU F 1 32.82 -9.85 71.47
N VAL F 2 32.67 -9.65 72.78
CA VAL F 2 31.76 -8.66 73.33
C VAL F 2 32.61 -7.61 74.02
N GLN F 3 32.17 -6.36 73.96
CA GLN F 3 32.78 -5.30 74.76
C GLN F 3 31.70 -4.54 75.48
N LEU F 4 31.94 -4.26 76.76
CA LEU F 4 31.03 -3.49 77.58
C LEU F 4 31.69 -2.17 77.89
N VAL F 5 30.91 -1.09 77.85
CA VAL F 5 31.43 0.25 78.09
C VAL F 5 30.72 0.81 79.32
N GLU F 6 31.49 1.43 80.19
CA GLU F 6 31.02 1.95 81.46
C GLU F 6 30.53 3.39 81.27
N SER F 7 30.35 4.13 82.37
CA SER F 7 29.69 5.43 82.32
C SER F 7 30.31 6.50 83.19
N GLY F 8 31.58 6.39 83.56
CA GLY F 8 32.21 7.46 84.32
C GLY F 8 31.76 7.53 85.77
N ALA F 9 32.43 8.37 86.54
CA ALA F 9 32.18 8.49 87.97
C ALA F 9 30.95 9.34 88.25
N GLU F 10 30.39 9.16 89.44
CA GLU F 10 29.24 9.95 89.87
C GLU F 10 29.24 10.22 91.36
N VAL F 11 29.65 11.40 91.79
CA VAL F 11 29.54 11.74 93.20
C VAL F 11 28.13 12.23 93.46
N LYS F 12 27.51 11.76 94.56
CA LYS F 12 26.14 12.15 94.85
C LYS F 12 25.93 12.60 96.28
N LYS F 13 24.67 12.88 96.66
CA LYS F 13 24.26 13.37 97.96
C LYS F 13 23.15 12.49 98.50
N PRO F 14 23.15 12.19 99.80
CA PRO F 14 22.23 11.19 100.34
C PRO F 14 20.77 11.59 100.27
N GLY F 15 19.96 10.69 99.75
CA GLY F 15 18.56 10.91 99.49
C GLY F 15 18.20 10.97 98.02
N ALA F 16 19.17 11.19 97.16
CA ALA F 16 18.92 11.37 95.73
C ALA F 16 18.76 10.01 95.04
N SER F 17 18.81 10.02 93.71
CA SER F 17 18.80 8.81 92.92
C SER F 17 19.95 8.86 91.94
N VAL F 18 20.36 7.68 91.45
CA VAL F 18 21.48 7.57 90.54
C VAL F 18 21.19 6.50 89.51
N LYS F 19 21.55 6.77 88.26
CA LYS F 19 21.30 5.84 87.16
C LYS F 19 22.61 5.58 86.44
N VAL F 20 22.97 4.30 86.30
CA VAL F 20 24.24 3.86 85.74
C VAL F 20 23.97 3.10 84.45
N SER F 21 24.81 3.33 83.44
CA SER F 21 24.56 2.84 82.09
C SER F 21 25.71 1.98 81.60
N CYS F 22 25.40 1.12 80.64
CA CYS F 22 26.36 0.11 80.19
C CYS F 22 26.10 -0.20 78.73
N LYS F 23 27.05 0.12 77.85
CA LYS F 23 26.86 -0.06 76.42
C LYS F 23 27.53 -1.34 75.97
N VAL F 24 26.76 -2.22 75.34
CA VAL F 24 27.30 -3.44 74.78
C VAL F 24 27.73 -3.17 73.35
N SER F 25 28.61 -4.02 72.82
CA SER F 25 29.11 -3.87 71.46
C SER F 25 29.75 -5.19 71.06
N GLY F 26 29.36 -5.71 69.91
CA GLY F 26 29.88 -6.98 69.46
C GLY F 26 28.76 -7.98 69.34
N TYR F 27 27.88 -8.00 70.32
CA TYR F 27 26.61 -8.67 70.26
C TYR F 27 25.54 -7.60 70.42
N THR F 28 24.28 -8.03 70.40
CA THR F 28 23.19 -7.11 70.60
C THR F 28 22.53 -7.36 71.95
N LEU F 29 21.90 -6.32 72.48
CA LEU F 29 21.36 -6.36 73.84
C LEU F 29 20.18 -7.29 73.96
N THR F 30 19.58 -7.69 72.86
CA THR F 30 18.48 -8.63 72.92
C THR F 30 18.91 -10.08 72.81
N GLU F 31 20.16 -10.39 73.13
CA GLU F 31 20.50 -11.79 73.30
C GLU F 31 21.46 -12.02 74.46
N LEU F 32 21.69 -10.99 75.25
CA LEU F 32 22.46 -11.14 76.48
C LEU F 32 21.55 -10.85 77.65
N SER F 33 21.92 -11.36 78.81
CA SER F 33 21.19 -11.11 80.03
C SER F 33 22.12 -10.37 80.98
N MET F 34 21.72 -9.17 81.38
CA MET F 34 22.58 -8.34 82.22
C MET F 34 22.39 -8.68 83.68
N HIS F 35 23.49 -8.68 84.40
CA HIS F 35 23.48 -8.74 85.84
C HIS F 35 24.35 -7.62 86.36
N TRP F 36 23.90 -6.98 87.41
CA TRP F 36 24.68 -5.91 88.03
C TRP F 36 25.28 -6.46 89.30
N VAL F 37 26.52 -6.14 89.57
CA VAL F 37 27.18 -6.65 90.77
C VAL F 37 27.92 -5.50 91.42
N ARG F 38 27.63 -5.25 92.68
CA ARG F 38 28.33 -4.21 93.40
C ARG F 38 29.68 -4.70 93.88
N GLN F 39 30.54 -3.74 94.21
CA GLN F 39 31.82 -4.02 94.86
C GLN F 39 31.90 -2.99 95.97
N ALA F 40 31.37 -3.30 97.13
CA ALA F 40 31.61 -2.45 98.27
C ALA F 40 33.09 -2.52 98.60
N PRO F 41 33.74 -1.39 98.85
CA PRO F 41 35.19 -1.32 98.70
C PRO F 41 35.93 -2.07 99.78
N GLY F 42 37.01 -2.73 99.38
CA GLY F 42 37.74 -3.62 100.27
C GLY F 42 36.95 -4.80 100.76
N LYS F 43 35.93 -5.21 100.01
CA LYS F 43 35.07 -6.30 100.43
C LYS F 43 34.79 -7.18 99.22
N GLY F 44 33.83 -8.07 99.37
CA GLY F 44 33.55 -9.07 98.35
C GLY F 44 32.65 -8.56 97.25
N LEU F 45 31.98 -9.48 96.59
CA LEU F 45 31.07 -9.14 95.53
C LEU F 45 29.67 -9.44 95.97
N GLU F 46 28.74 -8.59 95.58
CA GLU F 46 27.37 -8.65 96.01
C GLU F 46 26.48 -8.59 94.79
N TRP F 47 25.41 -9.35 94.79
CA TRP F 47 24.56 -9.47 93.63
C TRP F 47 23.32 -8.63 93.81
N MET F 48 22.87 -7.98 92.74
CA MET F 48 21.54 -7.40 92.70
C MET F 48 21.07 -7.33 91.27
N GLY F 49 19.78 -7.35 91.07
CA GLY F 49 19.28 -7.24 89.73
C GLY F 49 19.34 -8.52 88.94
N GLY F 50 20.09 -8.52 87.86
CA GLY F 50 20.18 -9.72 87.09
C GLY F 50 18.97 -9.95 86.20
N PHE F 51 18.92 -11.14 85.63
CA PHE F 51 17.85 -11.50 84.72
C PHE F 51 17.73 -13.01 84.62
N ASP F 52 16.50 -13.51 84.63
CA ASP F 52 16.26 -14.93 84.55
C ASP F 52 15.96 -15.32 83.09
N PRO F 53 16.92 -16.09 82.46
CA PRO F 53 16.59 -16.44 81.07
C PRO F 53 15.23 -17.12 81.00
N GLU F 54 14.76 -17.58 82.16
CA GLU F 54 13.47 -18.24 82.25
C GLU F 54 12.47 -17.27 82.84
N ASP F 55 11.28 -17.21 82.25
CA ASP F 55 10.24 -16.30 82.71
C ASP F 55 10.56 -14.88 82.25
N GLY F 56 11.72 -14.72 81.62
CA GLY F 56 12.16 -13.43 81.12
C GLY F 56 12.20 -12.32 82.15
N GLU F 57 11.48 -12.50 83.25
CA GLU F 57 11.43 -11.49 84.31
C GLU F 57 12.83 -11.04 84.72
N THR F 58 12.90 -9.98 85.52
CA THR F 58 14.17 -9.45 85.99
C THR F 58 14.20 -9.39 87.51
N MET F 59 14.57 -10.50 88.14
CA MET F 59 14.64 -10.59 89.59
C MET F 59 15.31 -9.37 90.22
N TYR F 60 15.01 -9.14 91.49
CA TYR F 60 15.57 -8.02 92.23
C TYR F 60 16.07 -8.47 93.61
N ALA F 61 17.36 -8.31 93.84
CA ALA F 61 17.97 -8.69 95.12
C ALA F 61 17.12 -8.22 96.29
N GLN F 62 16.66 -9.16 97.10
CA GLN F 62 15.83 -8.85 98.25
C GLN F 62 16.42 -7.68 99.04
N LYS F 63 17.74 -7.62 99.12
CA LYS F 63 18.43 -6.57 99.84
C LYS F 63 18.11 -5.20 99.23
N PHE F 64 17.91 -5.18 97.92
CA PHE F 64 17.60 -3.93 97.21
C PHE F 64 16.24 -4.03 96.52
N GLN F 65 15.22 -4.46 97.22
CA GLN F 65 13.93 -4.69 96.57
C GLN F 65 12.95 -3.59 96.96
N GLY F 66 12.31 -3.01 95.95
CA GLY F 66 11.58 -1.78 96.15
C GLY F 66 12.47 -0.57 96.27
N ARG F 67 13.74 -0.72 95.92
CA ARG F 67 14.72 0.33 96.03
C ARG F 67 15.48 0.56 94.74
N VAL F 68 15.49 -0.42 93.84
CA VAL F 68 16.20 -0.31 92.58
C VAL F 68 15.28 -0.77 91.47
N THR F 69 15.43 -0.19 90.29
CA THR F 69 14.76 -0.67 89.09
C THR F 69 15.78 -0.77 87.96
N MET F 70 15.44 -1.54 86.94
CA MET F 70 16.35 -1.74 85.81
C MET F 70 15.57 -1.76 84.51
N THR F 71 16.01 -0.95 83.55
CA THR F 71 15.35 -0.81 82.26
C THR F 71 16.38 -0.95 81.16
N GLU F 72 15.90 -1.23 79.95
CA GLU F 72 16.77 -1.58 78.83
C GLU F 72 16.37 -0.78 77.60
N ASP F 73 17.27 0.08 77.13
CA ASP F 73 17.09 0.76 75.85
C ASP F 73 17.74 -0.10 74.78
N THR F 74 16.93 -0.92 74.11
CA THR F 74 17.47 -1.84 73.12
C THR F 74 17.81 -1.16 71.81
N SER F 75 17.51 0.12 71.66
CA SER F 75 17.77 0.80 70.39
C SER F 75 19.20 1.29 70.31
N THR F 76 19.70 1.90 71.39
CA THR F 76 21.06 2.39 71.44
C THR F 76 22.01 1.43 72.11
N ASP F 77 21.52 0.25 72.49
CA ASP F 77 22.28 -0.83 73.12
C ASP F 77 22.92 -0.37 74.44
N THR F 78 22.07 0.08 75.35
CA THR F 78 22.51 0.38 76.70
C THR F 78 21.47 -0.15 77.69
N ALA F 79 21.95 -0.56 78.86
CA ALA F 79 21.07 -0.95 79.95
C ALA F 79 21.27 0.00 81.11
N TYR F 80 20.18 0.28 81.82
CA TYR F 80 20.19 1.29 82.87
C TYR F 80 19.73 0.67 84.16
N MET F 81 20.19 1.23 85.28
CA MET F 81 19.88 0.72 86.61
C MET F 81 19.75 1.90 87.56
N GLU F 82 18.58 2.05 88.18
CA GLU F 82 18.26 3.25 88.94
C GLU F 82 18.14 2.90 90.41
N LEU F 83 19.13 3.29 91.21
CA LEU F 83 19.07 3.12 92.65
C LEU F 83 18.57 4.40 93.29
N SER F 84 17.62 4.28 94.22
CA SER F 84 16.94 5.43 94.78
C SER F 84 17.08 5.44 96.29
N SER F 85 16.92 6.64 96.85
CA SER F 85 17.05 6.94 98.28
C SER F 85 18.36 6.39 98.86
N LEU F 86 19.46 6.92 98.33
CA LEU F 86 20.77 6.35 98.61
C LEU F 86 21.18 6.63 100.04
N ARG F 87 21.36 5.59 100.82
CA ARG F 87 21.82 5.73 102.19
C ARG F 87 23.33 5.97 102.19
N SER F 88 23.95 5.95 103.36
CA SER F 88 25.36 6.29 103.43
C SER F 88 26.23 5.14 102.99
N GLU F 89 25.75 3.91 103.14
CA GLU F 89 26.56 2.73 102.88
C GLU F 89 26.31 2.15 101.49
N ASP F 90 26.38 2.98 100.45
CA ASP F 90 26.23 2.53 99.09
C ASP F 90 27.37 2.96 98.20
N THR F 91 28.46 3.46 98.75
CA THR F 91 29.61 3.77 97.92
C THR F 91 30.26 2.49 97.46
N ALA F 92 30.26 2.27 96.14
CA ALA F 92 30.75 1.01 95.61
C ALA F 92 31.05 1.20 94.14
N VAL F 93 31.81 0.27 93.59
CA VAL F 93 32.00 0.14 92.15
C VAL F 93 30.91 -0.78 91.64
N TYR F 94 30.31 -0.45 90.51
CA TYR F 94 29.10 -1.14 90.08
C TYR F 94 29.38 -1.80 88.74
N TYR F 95 29.54 -3.12 88.75
CA TYR F 95 29.98 -3.84 87.58
C TYR F 95 28.78 -4.23 86.73
N CYS F 96 29.00 -4.25 85.42
CA CYS F 96 27.97 -4.59 84.46
C CYS F 96 28.34 -5.93 83.85
N ALA F 97 27.88 -7.00 84.46
CA ALA F 97 28.31 -8.31 84.00
C ALA F 97 27.26 -8.92 83.11
N THR F 98 27.69 -9.74 82.15
CA THR F 98 26.74 -10.38 81.26
C THR F 98 27.19 -11.74 80.76
N SER F 99 26.29 -12.42 80.07
CA SER F 99 26.59 -13.71 79.49
C SER F 99 25.79 -13.84 78.21
N THR F 100 25.61 -15.04 77.69
CA THR F 100 24.72 -15.20 76.55
C THR F 100 23.55 -16.06 77.07
N ALA F 101 22.33 -15.64 76.72
CA ALA F 101 21.12 -16.22 77.27
C ALA F 101 20.95 -17.71 77.00
N VAL F 102 21.39 -18.17 75.86
CA VAL F 102 21.33 -19.60 75.55
C VAL F 102 22.71 -20.09 75.15
N ALA F 103 22.80 -21.35 74.77
CA ALA F 103 24.05 -21.94 74.34
C ALA F 103 23.80 -22.84 73.14
N GLY F 104 24.55 -22.63 72.07
CA GLY F 104 24.57 -23.56 70.98
C GLY F 104 24.24 -23.01 69.60
N THR F 105 23.32 -23.70 68.94
CA THR F 105 22.95 -23.60 67.54
C THR F 105 21.45 -23.31 67.50
N PRO F 106 20.82 -23.18 66.34
CA PRO F 106 19.35 -23.25 66.31
C PRO F 106 18.77 -24.64 66.60
N ASP F 107 19.59 -25.64 66.94
CA ASP F 107 19.12 -27.00 67.15
C ASP F 107 19.16 -27.38 68.62
N LEU F 108 20.12 -26.86 69.39
CA LEU F 108 20.28 -27.28 70.77
C LEU F 108 20.15 -26.10 71.73
N PHE F 109 19.29 -26.25 72.72
CA PHE F 109 18.98 -25.16 73.65
C PHE F 109 19.43 -25.49 75.05
N ASP F 110 20.37 -24.70 75.54
CA ASP F 110 20.72 -24.76 76.95
C ASP F 110 20.54 -23.34 77.49
N TYR F 111 19.54 -23.14 78.33
CA TYR F 111 19.47 -21.91 79.09
C TYR F 111 20.71 -21.83 79.97
N TYR F 112 21.62 -20.93 79.66
CA TYR F 112 22.91 -20.88 80.31
C TYR F 112 22.90 -19.75 81.32
N TYR F 113 23.49 -19.99 82.49
CA TYR F 113 23.51 -19.00 83.55
C TYR F 113 24.95 -18.64 83.88
N GLY F 114 25.13 -17.47 84.47
CA GLY F 114 26.44 -17.07 84.91
C GLY F 114 26.80 -15.70 84.39
N MET F 115 28.06 -15.32 84.59
CA MET F 115 28.60 -14.06 84.11
C MET F 115 29.79 -14.35 83.24
N ASP F 116 29.89 -13.70 82.13
CA ASP F 116 31.05 -14.00 81.31
C ASP F 116 31.96 -12.81 81.10
N VAL F 117 31.43 -11.66 80.72
CA VAL F 117 32.24 -10.51 80.41
C VAL F 117 31.89 -9.45 81.44
N TRP F 118 32.90 -8.79 81.98
CA TRP F 118 32.68 -7.83 83.06
C TRP F 118 33.18 -6.47 82.63
N GLY F 119 32.30 -5.48 82.67
CA GLY F 119 32.59 -4.21 82.03
C GLY F 119 33.09 -3.03 82.84
N GLN F 120 34.25 -3.17 83.47
CA GLN F 120 35.15 -2.06 83.80
C GLN F 120 34.69 -1.09 84.88
N GLY F 121 33.43 -1.14 85.28
CA GLY F 121 32.99 -0.42 86.47
C GLY F 121 32.86 1.09 86.43
N THR F 122 31.88 1.62 87.14
CA THR F 122 31.78 3.04 87.44
C THR F 122 31.88 3.18 88.95
N THR F 123 32.19 4.37 89.44
CA THR F 123 32.44 4.55 90.87
C THR F 123 31.51 5.61 91.43
N VAL F 124 30.37 5.20 91.95
CA VAL F 124 29.49 6.16 92.60
C VAL F 124 30.04 6.41 93.99
N THR F 125 29.59 7.50 94.59
CA THR F 125 29.95 7.82 95.97
C THR F 125 28.85 8.67 96.55
N VAL F 126 28.22 8.20 97.62
CA VAL F 126 27.35 9.06 98.41
C VAL F 126 28.24 9.76 99.40
N SER F 127 27.86 10.97 99.77
CA SER F 127 28.56 11.77 100.76
C SER F 127 27.66 12.93 101.11
N SER F 128 27.46 13.16 102.40
CA SER F 128 26.61 14.26 102.86
C SER F 128 27.35 15.59 102.82
N ALA F 129 28.66 15.53 102.58
CA ALA F 129 29.48 16.72 102.50
C ALA F 129 29.54 17.27 101.08
N SER F 130 30.47 18.19 100.85
CA SER F 130 30.64 18.79 99.52
C SER F 130 32.02 18.50 98.96
N THR F 131 32.51 19.41 98.11
CA THR F 131 33.82 19.26 97.50
C THR F 131 34.82 20.25 98.09
N LYS F 132 36.00 19.75 98.44
CA LYS F 132 37.05 20.58 99.03
C LYS F 132 38.33 20.50 98.21
N GLY F 133 39.23 21.45 98.44
CA GLY F 133 40.49 21.49 97.74
C GLY F 133 41.54 20.62 98.40
N PRO F 134 42.78 21.09 98.38
CA PRO F 134 43.87 20.32 98.96
C PRO F 134 44.16 20.70 100.41
N SER F 135 44.88 19.81 101.08
CA SER F 135 45.61 20.15 102.29
C SER F 135 46.96 19.45 102.17
N VAL F 136 47.88 20.08 101.46
CA VAL F 136 49.16 19.45 101.14
C VAL F 136 50.18 19.80 102.22
N PHE F 137 50.81 18.77 102.77
CA PHE F 137 51.86 18.94 103.77
C PHE F 137 53.08 18.18 103.28
N PRO F 138 54.07 18.88 102.70
CA PRO F 138 55.21 18.19 102.07
C PRO F 138 56.13 17.56 103.11
N LEU F 139 56.09 16.22 103.18
CA LEU F 139 56.87 15.46 104.15
C LEU F 139 58.34 15.55 103.77
N ALA F 140 59.05 16.44 104.46
CA ALA F 140 60.43 16.72 104.11
C ALA F 140 61.33 15.56 104.57
N PRO F 141 62.32 15.23 103.74
CA PRO F 141 63.25 14.13 104.07
C PRO F 141 63.71 14.19 105.51
N SER F 142 64.98 13.85 105.74
CA SER F 142 65.54 13.86 107.09
C SER F 142 67.04 13.60 107.06
N SER F 143 67.62 13.37 108.24
CA SER F 143 69.04 13.10 108.35
C SER F 143 69.38 11.69 107.88
N LYS F 144 68.74 10.70 108.50
CA LYS F 144 68.98 9.31 108.13
C LYS F 144 67.86 8.72 107.30
N SER F 145 66.90 9.55 106.90
CA SER F 145 65.85 9.12 105.99
C SER F 145 66.61 8.97 104.66
N THR F 146 67.48 9.94 104.38
CA THR F 146 68.32 9.95 103.20
C THR F 146 69.67 9.34 103.60
N SER F 147 70.62 9.31 102.66
CA SER F 147 71.98 8.78 102.81
C SER F 147 71.95 7.31 103.27
N GLY F 148 71.39 6.49 102.41
CA GLY F 148 71.35 5.05 102.61
C GLY F 148 71.40 4.34 101.29
N GLY F 149 70.89 3.11 101.25
CA GLY F 149 70.75 2.41 99.98
C GLY F 149 69.68 3.04 99.11
N THR F 150 68.53 3.34 99.70
CA THR F 150 67.53 4.21 99.09
C THR F 150 66.99 5.14 100.15
N ALA F 151 66.53 6.30 99.72
CA ALA F 151 66.00 7.32 100.61
C ALA F 151 64.51 7.09 100.82
N ALA F 152 63.82 8.09 101.35
CA ALA F 152 62.37 8.14 101.38
C ALA F 152 61.97 9.60 101.30
N LEU F 153 60.83 9.87 100.67
CA LEU F 153 60.39 11.24 100.45
C LEU F 153 58.93 11.24 100.05
N GLY F 154 58.15 12.16 100.62
CA GLY F 154 56.73 12.14 100.36
C GLY F 154 56.04 13.46 100.64
N CYS F 155 54.72 13.43 100.47
CA CYS F 155 53.83 14.52 100.81
C CYS F 155 52.67 13.93 101.60
N LEU F 156 52.02 14.75 102.41
CA LEU F 156 50.93 14.30 103.26
C LEU F 156 49.69 15.15 102.97
N VAL F 157 48.58 14.49 102.63
CA VAL F 157 47.34 15.16 102.26
C VAL F 157 46.22 14.60 103.12
N LYS F 158 45.51 15.48 103.84
CA LYS F 158 44.43 15.07 104.72
C LYS F 158 43.13 15.76 104.34
N ASP F 159 42.06 15.42 105.07
CA ASP F 159 40.71 16.00 105.13
C ASP F 159 40.15 16.57 103.82
N TYR F 160 40.15 15.76 102.77
CA TYR F 160 39.64 16.24 101.49
C TYR F 160 38.80 15.22 100.75
N PHE F 161 37.90 15.72 99.90
CA PHE F 161 37.01 14.86 99.11
C PHE F 161 37.18 15.11 97.62
N PRO F 162 38.41 15.63 97.24
CA PRO F 162 38.54 15.88 95.79
C PRO F 162 38.31 14.62 94.96
N GLU F 163 38.13 13.48 95.64
CA GLU F 163 37.91 12.20 94.97
C GLU F 163 39.22 11.59 94.47
N PRO F 164 39.60 11.91 93.17
CA PRO F 164 40.86 11.29 92.75
C PRO F 164 42.06 12.20 93.03
N VAL F 165 43.11 12.07 92.23
CA VAL F 165 44.30 12.90 92.42
C VAL F 165 45.35 12.27 91.52
N THR F 166 46.56 12.09 92.02
CA THR F 166 47.58 11.48 91.18
C THR F 166 48.85 11.14 91.90
N VAL F 167 49.53 12.16 92.42
CA VAL F 167 50.78 11.96 93.13
C VAL F 167 51.98 12.08 92.20
N SER F 168 52.35 10.97 91.57
CA SER F 168 53.48 10.96 90.65
C SER F 168 54.77 11.40 91.33
N TRP F 169 54.68 12.48 92.10
CA TRP F 169 55.83 13.02 92.81
C TRP F 169 56.76 13.78 91.87
N ASN F 170 56.31 13.97 90.63
CA ASN F 170 57.10 14.70 89.64
C ASN F 170 56.40 14.75 88.29
N SER F 171 57.18 14.97 87.23
CA SER F 171 56.63 15.05 85.89
C SER F 171 57.04 13.84 85.06
N GLY F 172 56.84 12.65 85.61
CA GLY F 172 57.19 11.42 84.93
C GLY F 172 58.67 11.09 85.03
N ALA F 173 59.35 11.72 85.98
CA ALA F 173 60.78 11.51 86.18
C ALA F 173 61.02 10.48 87.29
N LEU F 174 60.17 10.51 88.31
CA LEU F 174 60.30 9.58 89.43
C LEU F 174 59.31 8.43 89.31
N THR F 175 59.78 7.23 89.64
CA THR F 175 58.94 6.04 89.57
C THR F 175 59.57 4.87 90.32
N SER F 176 60.67 5.14 91.02
CA SER F 176 61.36 4.12 91.78
C SER F 176 60.96 4.19 93.24
N GLY F 177 60.56 3.06 93.78
CA GLY F 177 60.22 2.96 95.18
C GLY F 177 59.26 4.00 95.71
N VAL F 178 57.99 3.81 95.40
CA VAL F 178 56.95 4.69 95.87
C VAL F 178 55.87 3.75 96.31
N HIS F 179 55.37 3.90 97.52
CA HIS F 179 54.34 3.01 98.02
C HIS F 179 53.09 3.80 98.32
N THR F 180 51.98 3.42 97.69
CA THR F 180 50.72 4.12 97.89
C THR F 180 49.67 3.23 98.54
N PHE F 181 48.67 3.85 99.15
CA PHE F 181 47.59 3.13 99.82
C PHE F 181 46.25 3.43 99.15
N PRO F 182 45.17 2.94 99.74
CA PRO F 182 43.82 3.17 99.20
C PRO F 182 43.06 4.27 99.94
N ALA F 183 43.70 5.42 100.16
CA ALA F 183 43.03 6.52 100.85
C ALA F 183 42.13 6.02 101.98
N VAL F 184 41.06 6.75 102.27
CA VAL F 184 40.13 6.37 103.33
C VAL F 184 39.05 7.41 103.58
N LEU F 185 38.05 7.02 104.36
CA LEU F 185 36.93 7.88 104.72
C LEU F 185 36.86 8.07 106.23
N GLN F 186 37.55 9.10 106.73
CA GLN F 186 37.57 9.39 108.15
C GLN F 186 36.16 9.33 108.69
N SER F 187 36.05 9.43 110.02
CA SER F 187 34.75 9.35 110.67
C SER F 187 33.91 10.58 110.37
N SER F 188 34.55 11.72 110.09
CA SER F 188 33.83 12.92 109.70
C SER F 188 33.30 12.86 108.28
N GLY F 189 33.80 11.94 107.47
CA GLY F 189 33.45 11.86 106.08
C GLY F 189 34.48 12.46 105.14
N LEU F 190 35.74 12.50 105.53
CA LEU F 190 36.79 13.05 104.70
C LEU F 190 37.87 12.00 104.47
N TYR F 191 38.78 12.29 103.55
CA TYR F 191 39.84 11.37 103.20
C TYR F 191 41.14 11.72 103.90
N SER F 192 42.13 10.86 103.74
CA SER F 192 43.44 11.08 104.36
C SER F 192 44.45 10.12 103.73
N LEU F 193 45.37 10.66 102.94
CA LEU F 193 46.31 9.85 102.18
C LEU F 193 47.75 10.20 102.58
N SER F 194 48.62 9.20 102.48
CA SER F 194 50.06 9.38 102.60
C SER F 194 50.72 8.68 101.42
N SER F 195 51.53 9.44 100.68
CA SER F 195 52.26 8.92 99.54
C SER F 195 53.72 9.29 99.76
N VAL F 196 54.48 8.35 100.32
CA VAL F 196 55.89 8.59 100.63
C VAL F 196 56.74 7.66 99.79
N VAL F 197 57.35 8.21 98.75
CA VAL F 197 58.11 7.44 97.77
C VAL F 197 59.51 7.24 98.30
N THR F 198 59.94 5.98 98.40
CA THR F 198 61.34 5.70 98.70
C THR F 198 62.15 6.01 97.45
N VAL F 199 62.68 7.24 97.40
CA VAL F 199 63.47 7.72 96.29
C VAL F 199 64.89 7.21 96.47
N PRO F 200 65.78 7.32 95.48
CA PRO F 200 67.20 7.08 95.74
C PRO F 200 67.80 8.16 96.63
N SER F 201 68.90 7.81 97.29
CA SER F 201 69.57 8.73 98.20
C SER F 201 70.58 9.62 97.50
N SER F 202 71.12 9.17 96.36
CA SER F 202 72.21 9.89 95.72
C SER F 202 71.76 11.13 94.98
N SER F 203 70.47 11.26 94.68
CA SER F 203 69.99 12.38 93.88
C SER F 203 69.63 13.61 94.70
N LEU F 204 69.35 13.44 95.99
CA LEU F 204 68.96 14.57 96.82
C LEU F 204 70.19 15.39 97.20
N GLY F 205 69.99 16.68 97.41
CA GLY F 205 71.06 17.62 97.70
C GLY F 205 71.45 18.40 96.47
N THR F 206 71.34 17.79 95.30
CA THR F 206 71.54 18.47 94.03
C THR F 206 70.25 18.76 93.30
N GLN F 207 69.18 18.02 93.56
CA GLN F 207 67.90 18.22 92.89
C GLN F 207 66.80 17.68 93.78
N THR F 208 66.02 18.58 94.39
CA THR F 208 64.92 18.19 95.24
C THR F 208 63.71 17.75 94.40
N TYR F 209 62.74 17.14 95.07
CA TYR F 209 61.60 16.55 94.40
C TYR F 209 60.29 17.23 94.81
N ILE F 210 59.28 17.08 93.95
CA ILE F 210 58.02 17.81 94.06
C ILE F 210 56.86 16.83 93.92
N CYS F 211 55.87 16.97 94.80
CA CYS F 211 54.61 16.24 94.66
C CYS F 211 53.61 17.09 93.87
N ASN F 212 53.01 16.49 92.85
CA ASN F 212 52.10 17.18 91.94
C ASN F 212 50.68 16.85 92.36
N VAL F 213 50.16 17.62 93.32
CA VAL F 213 48.90 17.31 93.97
C VAL F 213 47.78 17.96 93.16
N ASN F 214 47.20 17.21 92.23
CA ASN F 214 46.32 17.78 91.23
C ASN F 214 44.91 17.26 91.45
N HIS F 215 43.99 18.14 91.77
CA HIS F 215 42.66 17.76 92.21
C HIS F 215 41.65 18.18 91.16
N LYS F 216 41.52 17.38 90.12
CA LYS F 216 40.73 17.69 88.93
C LYS F 216 39.26 18.05 89.15
N PRO F 217 38.52 17.48 90.13
CA PRO F 217 37.20 18.09 90.40
C PRO F 217 37.28 19.39 91.17
N SER F 218 38.23 19.53 92.09
CA SER F 218 38.42 20.79 92.78
C SER F 218 39.25 21.79 91.96
N ASN F 219 39.93 21.30 90.90
CA ASN F 219 40.76 22.11 90.00
C ASN F 219 41.86 22.86 90.75
N THR F 220 42.40 22.22 91.78
CA THR F 220 43.49 22.77 92.56
C THR F 220 44.73 21.97 92.19
N LYS F 221 45.36 22.36 91.10
CA LYS F 221 46.57 21.69 90.61
C LYS F 221 47.75 22.34 91.31
N VAL F 222 47.90 22.04 92.59
CA VAL F 222 49.01 22.57 93.38
C VAL F 222 50.18 21.60 93.26
N ASP F 223 51.37 22.15 93.08
CA ASP F 223 52.58 21.36 92.89
C ASP F 223 53.60 21.88 93.89
N LYS F 224 53.69 21.22 95.04
CA LYS F 224 54.49 21.71 96.15
C LYS F 224 55.88 21.11 96.15
N LYS F 225 56.89 21.97 96.28
CA LYS F 225 58.26 21.52 96.43
C LYS F 225 58.48 20.95 97.82
N VAL F 226 59.27 19.89 97.90
CA VAL F 226 59.56 19.24 99.18
C VAL F 226 61.04 19.29 99.50
N GLU F 227 61.52 20.47 99.89
CA GLU F 227 62.92 20.66 100.23
C GLU F 227 63.33 19.75 101.39
N PRO F 228 64.47 18.98 101.17
CA PRO F 228 64.83 18.12 102.32
C PRO F 228 64.96 18.91 103.60
N LYS F 229 64.51 18.33 104.72
CA LYS F 229 64.59 18.99 106.01
C LYS F 229 65.48 18.23 106.98
N GLU G 1 18.95 -19.51 100.65
CA GLU G 1 19.79 -19.52 99.46
C GLU G 1 21.18 -20.08 99.77
N ILE G 2 21.86 -20.55 98.74
CA ILE G 2 23.20 -21.10 98.91
C ILE G 2 24.07 -20.13 99.70
N VAL G 3 25.24 -20.58 100.12
CA VAL G 3 26.17 -19.77 100.89
C VAL G 3 27.32 -20.69 101.13
N MET G 4 28.19 -20.84 100.14
CA MET G 4 29.37 -21.69 100.25
C MET G 4 30.45 -21.02 101.09
N THR G 5 31.72 -21.27 100.74
CA THR G 5 32.84 -20.69 101.46
C THR G 5 34.12 -20.75 100.62
N GLN G 6 35.24 -21.11 101.24
CA GLN G 6 36.52 -21.19 100.55
C GLN G 6 37.43 -22.16 101.30
N SER G 7 38.74 -21.90 101.29
CA SER G 7 39.65 -22.80 101.98
C SER G 7 40.94 -22.17 102.52
N PRO G 8 41.73 -21.57 101.65
CA PRO G 8 43.01 -20.96 102.07
C PRO G 8 42.96 -19.47 102.35
N LEU G 9 41.93 -18.79 101.88
CA LEU G 9 41.79 -17.36 102.09
C LEU G 9 43.14 -16.68 101.84
N SER G 10 44.01 -17.36 101.11
CA SER G 10 45.34 -16.83 100.79
C SER G 10 46.16 -17.89 100.04
N SER G 11 47.10 -18.51 100.73
CA SER G 11 47.95 -19.55 100.13
C SER G 11 49.05 -18.98 99.25
N PRO G 12 49.88 -18.04 99.85
CA PRO G 12 50.94 -17.53 98.97
C PRO G 12 51.77 -18.67 98.39
N VAL G 13 51.49 -19.05 97.15
CA VAL G 13 52.19 -20.15 96.51
C VAL G 13 53.62 -19.81 96.10
N THR G 14 54.30 -20.81 95.56
CA THR G 14 55.67 -20.69 95.09
C THR G 14 55.68 -20.49 93.59
N LEU G 15 56.85 -20.25 93.02
CA LEU G 15 56.95 -20.28 91.58
C LEU G 15 56.91 -21.70 91.06
N GLY G 16 56.50 -21.85 89.81
CA GLY G 16 56.66 -23.09 89.06
C GLY G 16 55.96 -24.33 89.57
N GLN G 17 55.20 -24.22 90.65
CA GLN G 17 54.59 -25.38 91.26
C GLN G 17 53.08 -25.25 91.19
N PRO G 18 52.34 -26.35 91.26
CA PRO G 18 50.88 -26.26 91.22
C PRO G 18 50.32 -25.71 92.52
N ALA G 19 49.02 -25.42 92.48
CA ALA G 19 48.31 -24.84 93.61
C ALA G 19 46.88 -25.34 93.62
N SER G 20 46.23 -25.23 94.77
CA SER G 20 44.90 -25.82 94.94
C SER G 20 44.03 -24.89 95.74
N ILE G 21 42.95 -24.44 95.14
CA ILE G 21 41.90 -23.67 95.81
C ILE G 21 40.72 -24.60 95.98
N SER G 22 40.10 -24.58 97.15
CA SER G 22 39.03 -25.51 97.46
C SER G 22 37.77 -24.75 97.79
N CYS G 23 36.73 -24.98 97.00
CA CYS G 23 35.43 -24.36 97.23
C CYS G 23 34.59 -25.32 98.08
N ARG G 24 33.41 -24.87 98.46
CA ARG G 24 32.49 -25.66 99.28
C ARG G 24 31.10 -25.10 99.09
N SER G 25 30.10 -25.80 99.58
CA SER G 25 28.75 -25.28 99.47
C SER G 25 27.94 -25.46 100.74
N SER G 26 26.65 -25.15 100.67
CA SER G 26 25.72 -25.50 101.72
C SER G 26 24.40 -25.97 101.12
N GLN G 27 24.41 -26.40 99.87
CA GLN G 27 23.25 -26.98 99.21
C GLN G 27 23.77 -28.05 98.27
N SER G 28 22.93 -28.48 97.34
CA SER G 28 23.40 -29.25 96.21
C SER G 28 23.24 -28.34 95.00
N LEU G 29 24.35 -28.04 94.34
CA LEU G 29 24.35 -27.08 93.26
C LEU G 29 23.99 -27.67 91.92
N VAL G 30 23.57 -28.93 91.88
CA VAL G 30 23.15 -29.51 90.62
C VAL G 30 21.80 -28.89 90.25
N HIS G 31 21.85 -27.93 89.35
CA HIS G 31 20.64 -27.33 88.84
C HIS G 31 19.88 -28.36 88.03
N SER G 32 18.55 -28.21 88.01
CA SER G 32 17.71 -29.08 87.20
C SER G 32 18.12 -29.00 85.73
N ASP G 33 17.89 -30.11 85.03
CA ASP G 33 18.67 -30.56 83.86
C ASP G 33 20.15 -30.77 84.21
N GLY G 34 20.41 -31.12 85.47
CA GLY G 34 21.57 -31.90 85.85
C GLY G 34 22.97 -31.34 85.68
N ASN G 35 23.13 -30.17 85.11
CA ASN G 35 24.44 -29.56 84.95
C ASN G 35 24.65 -28.57 86.07
N THR G 36 25.68 -28.77 86.87
CA THR G 36 25.91 -27.83 87.94
C THR G 36 26.60 -26.59 87.37
N TYR G 37 26.47 -25.49 88.08
CA TYR G 37 26.96 -24.20 87.59
C TYR G 37 27.96 -23.63 88.57
N LEU G 38 29.23 -23.81 88.28
CA LEU G 38 30.30 -23.11 88.97
C LEU G 38 31.03 -22.24 87.97
N SER G 39 31.75 -21.27 88.48
CA SER G 39 32.68 -20.51 87.67
C SER G 39 33.80 -20.06 88.58
N TRP G 40 34.90 -19.67 88.00
CA TRP G 40 36.06 -19.33 88.82
C TRP G 40 36.64 -18.01 88.36
N LEU G 41 36.07 -16.92 88.85
CA LEU G 41 36.44 -15.59 88.38
C LEU G 41 37.81 -15.22 88.89
N GLN G 42 38.64 -14.63 88.05
CA GLN G 42 39.93 -14.12 88.50
C GLN G 42 39.88 -12.61 88.40
N GLN G 43 40.14 -11.91 89.51
CA GLN G 43 40.13 -10.46 89.53
C GLN G 43 41.51 -9.94 89.92
N ARG G 44 42.14 -9.20 89.03
CA ARG G 44 43.37 -8.50 89.34
C ARG G 44 43.08 -7.31 90.25
N PRO G 45 44.09 -6.76 90.93
CA PRO G 45 43.86 -5.53 91.72
C PRO G 45 43.58 -4.35 90.81
N GLY G 46 42.44 -3.70 91.02
CA GLY G 46 42.09 -2.54 90.24
C GLY G 46 41.58 -2.82 88.85
N GLN G 47 41.06 -4.01 88.60
CA GLN G 47 40.58 -4.41 87.29
C GLN G 47 39.30 -5.21 87.50
N PRO G 48 38.51 -5.39 86.45
CA PRO G 48 37.32 -6.22 86.58
C PRO G 48 37.71 -7.68 86.65
N PRO G 49 36.88 -8.54 87.22
CA PRO G 49 37.17 -9.98 87.23
C PRO G 49 36.91 -10.57 85.86
N ARG G 50 37.83 -11.38 85.34
CA ARG G 50 37.70 -11.74 83.93
C ARG G 50 36.75 -12.90 83.72
N LEU G 51 37.28 -14.13 83.79
CA LEU G 51 36.62 -15.45 83.84
C LEU G 51 37.73 -16.48 83.69
N LEU G 52 37.49 -17.69 84.13
CA LEU G 52 38.34 -18.86 84.01
C LEU G 52 37.33 -19.98 83.85
N ILE G 53 37.62 -21.12 84.44
CA ILE G 53 36.86 -22.35 84.25
C ILE G 53 35.43 -22.14 84.73
N TYR G 54 34.54 -21.96 83.76
CA TYR G 54 33.13 -21.82 84.04
C TYR G 54 32.52 -23.21 83.99
N LYS G 55 31.23 -23.32 84.31
CA LYS G 55 30.52 -24.60 84.29
C LYS G 55 31.35 -25.81 84.75
N ILE G 56 31.73 -25.81 86.02
CA ILE G 56 32.50 -26.90 86.61
C ILE G 56 33.85 -27.18 85.96
N SER G 57 33.88 -28.03 84.94
CA SER G 57 35.14 -28.37 84.27
C SER G 57 35.06 -28.02 82.79
N ASN G 58 35.58 -26.85 82.44
CA ASN G 58 35.66 -26.38 81.07
C ASN G 58 36.87 -25.45 80.98
N ARG G 59 36.88 -24.59 79.98
CA ARG G 59 37.87 -23.53 79.93
C ARG G 59 37.27 -22.42 79.08
N PHE G 60 37.61 -21.18 79.42
CA PHE G 60 37.07 -20.07 78.65
C PHE G 60 38.04 -19.70 77.54
N SER G 61 37.56 -18.86 76.63
CA SER G 61 38.30 -18.53 75.41
C SER G 61 39.48 -17.63 75.74
N GLY G 62 40.67 -18.07 75.39
CA GLY G 62 41.86 -17.31 75.70
C GLY G 62 42.48 -17.63 77.04
N VAL G 63 41.91 -18.54 77.80
CA VAL G 63 42.55 -18.96 79.05
C VAL G 63 43.74 -19.84 78.72
N PRO G 64 44.93 -19.53 79.22
CA PRO G 64 46.15 -20.12 78.67
C PRO G 64 46.46 -21.57 79.03
N ASP G 65 45.47 -22.32 79.52
CA ASP G 65 45.56 -23.77 79.73
C ASP G 65 46.67 -24.13 80.72
N ARG G 66 46.49 -23.70 81.95
CA ARG G 66 47.18 -24.27 83.07
C ARG G 66 46.20 -24.61 84.17
N PHE G 67 44.93 -24.34 83.95
CA PHE G 67 43.91 -24.36 84.97
C PHE G 67 43.06 -25.61 84.86
N SER G 68 42.63 -26.13 85.98
CA SER G 68 41.92 -27.40 85.97
C SER G 68 40.83 -27.40 87.04
N GLY G 69 39.62 -27.74 86.64
CA GLY G 69 38.53 -27.89 87.57
C GLY G 69 38.31 -29.35 87.93
N SER G 70 37.72 -29.58 89.09
CA SER G 70 37.49 -30.93 89.59
C SER G 70 36.22 -30.92 90.42
N GLY G 71 36.02 -31.95 91.24
CA GLY G 71 34.94 -31.96 92.19
C GLY G 71 33.62 -32.28 91.53
N ALA G 72 32.59 -32.38 92.37
CA ALA G 72 31.18 -32.55 91.99
C ALA G 72 30.31 -32.40 93.22
N GLY G 73 29.03 -32.14 92.99
CA GLY G 73 28.02 -32.24 94.01
C GLY G 73 27.99 -31.12 95.04
N THR G 74 28.96 -31.11 95.94
CA THR G 74 29.09 -30.04 96.91
C THR G 74 30.53 -29.56 97.10
N ASP G 75 31.53 -30.42 96.95
CA ASP G 75 32.91 -29.99 96.95
C ASP G 75 33.35 -29.72 95.51
N PHE G 76 34.20 -28.71 95.35
CA PHE G 76 34.73 -28.31 94.06
C PHE G 76 36.16 -27.88 94.29
N THR G 77 36.94 -27.79 93.22
CA THR G 77 38.35 -27.46 93.37
C THR G 77 38.88 -26.92 92.06
N LEU G 78 39.51 -25.75 92.11
CA LEU G 78 40.34 -25.30 91.02
C LEU G 78 41.77 -25.69 91.33
N LYS G 79 42.54 -25.98 90.29
CA LYS G 79 43.93 -26.35 90.48
C LYS G 79 44.74 -25.76 89.35
N ILE G 80 45.62 -24.89 89.66
CA ILE G 80 46.56 -24.42 88.66
C ILE G 80 47.73 -25.38 88.69
N SER G 81 48.44 -25.51 87.59
CA SER G 81 49.67 -26.28 87.56
C SER G 81 50.80 -25.40 87.05
N ARG G 82 51.96 -25.51 87.72
CA ARG G 82 53.19 -24.74 87.48
C ARG G 82 52.92 -23.25 87.25
N VAL G 83 52.53 -22.57 88.32
CA VAL G 83 52.15 -21.16 88.24
C VAL G 83 53.37 -20.29 87.97
N GLU G 84 53.12 -19.04 87.65
CA GLU G 84 54.17 -18.09 87.37
C GLU G 84 53.64 -16.72 87.77
N ALA G 85 54.25 -15.66 87.26
CA ALA G 85 53.63 -14.34 87.34
C ALA G 85 52.36 -14.29 86.50
N GLU G 86 51.71 -13.12 86.51
CA GLU G 86 50.45 -12.83 85.80
C GLU G 86 49.28 -13.69 86.32
N ASP G 87 49.48 -14.45 87.40
CA ASP G 87 48.42 -15.14 88.11
C ASP G 87 48.52 -14.71 89.55
N VAL G 88 47.99 -13.54 89.85
CA VAL G 88 47.97 -13.01 91.20
C VAL G 88 46.76 -12.10 91.33
N GLY G 89 45.91 -12.38 92.28
CA GLY G 89 44.65 -11.68 92.32
C GLY G 89 43.74 -12.32 93.34
N VAL G 90 42.45 -12.29 93.06
CA VAL G 90 41.49 -12.97 93.90
C VAL G 90 40.64 -13.88 93.04
N TYR G 91 40.31 -15.05 93.57
CA TYR G 91 39.62 -16.11 92.84
C TYR G 91 38.28 -16.38 93.48
N TYR G 92 37.24 -15.72 93.00
CA TYR G 92 35.93 -16.00 93.53
C TYR G 92 35.37 -17.23 92.84
N CYS G 93 34.46 -17.91 93.52
CA CYS G 93 33.83 -19.08 92.95
C CYS G 93 32.34 -18.90 93.02
N THR G 94 31.79 -18.23 92.04
CA THR G 94 30.37 -17.97 92.06
C THR G 94 29.59 -19.21 91.73
N GLN G 95 28.46 -19.35 92.39
CA GLN G 95 27.44 -20.28 91.97
C GLN G 95 26.51 -19.54 91.02
N ALA G 96 25.57 -20.27 90.42
CA ALA G 96 24.63 -19.65 89.50
C ALA G 96 23.27 -20.32 89.53
N THR G 97 22.90 -20.87 90.69
CA THR G 97 21.61 -21.54 90.83
C THR G 97 20.80 -20.95 91.98
N GLN G 98 19.48 -20.98 91.84
CA GLN G 98 18.59 -20.44 92.86
C GLN G 98 18.55 -18.92 92.81
N PHE G 99 18.31 -18.39 91.61
CA PHE G 99 18.24 -16.95 91.38
C PHE G 99 19.18 -16.09 92.23
N PRO G 100 18.70 -15.72 93.47
CA PRO G 100 19.64 -14.88 94.25
C PRO G 100 21.02 -15.49 94.36
N TYR G 101 21.84 -15.28 93.33
CA TYR G 101 23.19 -15.80 93.29
C TYR G 101 23.97 -15.40 94.54
N THR G 102 25.21 -15.85 94.60
CA THR G 102 26.08 -15.55 95.73
C THR G 102 27.50 -15.89 95.32
N PHE G 103 28.46 -15.12 95.81
CA PHE G 103 29.85 -15.36 95.46
C PHE G 103 30.65 -15.95 96.61
N GLY G 104 31.81 -16.51 96.27
CA GLY G 104 32.67 -17.13 97.26
C GLY G 104 33.16 -16.15 98.31
N GLN G 105 33.51 -16.67 99.48
CA GLN G 105 34.00 -15.83 100.56
C GLN G 105 35.29 -15.12 100.19
N GLY G 106 35.68 -15.25 98.92
CA GLY G 106 36.90 -14.62 98.42
C GLY G 106 38.14 -15.43 98.76
N THR G 107 39.15 -15.31 97.91
CA THR G 107 40.41 -16.03 98.11
C THR G 107 41.54 -15.41 97.31
N LYS G 108 42.46 -14.74 97.99
CA LYS G 108 43.59 -14.10 97.34
C LYS G 108 44.76 -15.06 97.31
N VAL G 109 45.54 -15.01 96.23
CA VAL G 109 46.81 -15.71 96.14
C VAL G 109 47.86 -14.69 95.75
N ASP G 110 49.12 -15.07 95.90
CA ASP G 110 50.26 -14.25 95.56
C ASP G 110 51.50 -15.12 95.50
N ILE G 111 52.65 -14.48 95.48
CA ILE G 111 53.92 -15.20 95.43
C ILE G 111 54.38 -15.62 96.83
N LYS G 112 55.06 -16.75 96.90
CA LYS G 112 55.56 -17.28 98.17
C LYS G 112 56.90 -16.67 98.52
N ARG G 113 56.87 -15.47 99.13
CA ARG G 113 58.08 -14.78 99.52
C ARG G 113 58.48 -15.13 100.96
N THR G 114 59.77 -15.29 101.19
CA THR G 114 60.27 -15.61 102.52
C THR G 114 60.05 -14.46 103.49
N VAL G 115 59.98 -14.79 104.78
CA VAL G 115 59.77 -13.78 105.82
C VAL G 115 60.99 -12.88 105.96
N ALA G 116 61.11 -11.91 105.06
CA ALA G 116 62.23 -10.98 105.08
C ALA G 116 62.04 -9.93 106.17
N ALA G 117 63.07 -9.12 106.39
CA ALA G 117 63.03 -8.07 107.39
C ALA G 117 62.38 -6.81 106.82
N PRO G 118 61.58 -6.10 107.60
CA PRO G 118 61.03 -4.82 107.13
C PRO G 118 62.07 -3.70 107.24
N SER G 119 61.73 -2.57 106.63
CA SER G 119 62.56 -1.38 106.69
C SER G 119 61.69 -0.22 107.15
N VAL G 120 62.27 0.66 107.97
CA VAL G 120 61.52 1.64 108.74
C VAL G 120 61.96 3.04 108.33
N PHE G 121 61.00 3.88 107.93
CA PHE G 121 61.21 5.30 107.70
C PHE G 121 60.10 6.07 108.41
N ILE G 122 60.49 7.18 109.02
CA ILE G 122 59.56 8.04 109.75
C ILE G 122 59.66 9.43 109.17
N PHE G 123 58.57 10.19 109.25
CA PHE G 123 58.53 11.55 108.76
C PHE G 123 57.66 12.40 109.70
N PRO G 124 58.09 13.63 109.98
CA PRO G 124 57.35 14.53 110.90
C PRO G 124 56.38 15.45 110.17
N PRO G 125 55.76 16.42 110.84
CA PRO G 125 54.83 17.27 110.07
C PRO G 125 55.55 18.50 109.52
N SER G 126 55.38 18.76 108.23
CA SER G 126 56.02 19.89 107.59
C SER G 126 55.78 21.17 108.39
N ASP G 127 56.46 22.24 107.96
CA ASP G 127 56.40 23.50 108.69
C ASP G 127 55.05 24.18 108.53
N GLU G 128 54.41 24.02 107.37
CA GLU G 128 53.04 24.49 107.20
C GLU G 128 52.01 23.50 107.72
N GLN G 129 52.43 22.28 108.07
CA GLN G 129 51.57 21.39 108.85
C GLN G 129 51.60 21.74 110.33
N LEU G 130 52.63 22.47 110.79
CA LEU G 130 52.71 22.88 112.17
C LEU G 130 51.65 23.91 112.53
N LYS G 131 51.20 24.70 111.55
CA LYS G 131 50.17 25.70 111.76
C LYS G 131 48.87 25.35 111.05
N SER G 132 48.68 24.08 110.70
CA SER G 132 47.51 23.69 109.91
C SER G 132 46.26 23.51 110.75
N GLY G 133 46.39 23.43 112.08
CA GLY G 133 45.31 23.09 112.95
C GLY G 133 45.17 21.61 113.25
N THR G 134 45.77 20.75 112.42
CA THR G 134 45.83 19.31 112.66
C THR G 134 46.98 18.74 111.85
N ALA G 135 47.98 18.21 112.53
CA ALA G 135 49.14 17.61 111.87
C ALA G 135 49.00 16.09 111.85
N SER G 136 50.07 15.42 111.44
CA SER G 136 50.10 13.97 111.35
C SER G 136 51.54 13.49 111.28
N VAL G 137 51.74 12.24 111.65
CA VAL G 137 53.01 11.54 111.49
C VAL G 137 52.74 10.19 110.82
N VAL G 138 53.62 9.81 109.91
CA VAL G 138 53.47 8.58 109.14
C VAL G 138 54.50 7.56 109.63
N CYS G 139 54.23 6.29 109.36
CA CYS G 139 55.10 5.19 109.76
C CYS G 139 55.34 4.43 108.47
N LEU G 140 56.39 4.82 107.75
CA LEU G 140 56.69 4.19 106.46
C LEU G 140 57.47 2.90 106.75
N LEU G 141 56.72 1.83 107.01
CA LEU G 141 57.28 0.50 107.07
C LEU G 141 57.25 -0.07 105.66
N ASN G 142 58.34 -0.69 105.23
CA ASN G 142 58.42 -1.27 103.90
C ASN G 142 58.70 -2.77 103.94
N ASN G 143 57.98 -3.53 103.12
CA ASN G 143 58.15 -4.98 103.06
C ASN G 143 57.57 -5.67 104.30
N PHE G 144 56.43 -6.32 104.11
CA PHE G 144 55.78 -7.03 105.21
C PHE G 144 54.45 -7.65 104.75
N TYR G 145 53.78 -8.33 105.67
CA TYR G 145 52.50 -8.97 105.37
C TYR G 145 51.36 -8.35 106.18
N PRO G 146 50.19 -8.25 105.58
CA PRO G 146 49.04 -7.68 106.28
C PRO G 146 48.16 -8.74 106.93
N ARG G 147 48.55 -9.21 108.11
CA ARG G 147 47.75 -10.23 108.80
C ARG G 147 48.51 -10.80 109.99
N GLU G 148 49.81 -11.05 109.81
CA GLU G 148 50.63 -11.60 110.87
C GLU G 148 51.70 -10.59 111.30
N ALA G 149 51.70 -9.43 110.68
CA ALA G 149 52.66 -8.38 110.99
C ALA G 149 52.21 -7.57 112.20
N LYS G 150 52.80 -6.38 112.36
CA LYS G 150 52.47 -5.51 113.47
C LYS G 150 53.20 -4.20 113.32
N VAL G 151 52.43 -3.13 113.25
CA VAL G 151 52.97 -1.79 113.12
C VAL G 151 52.63 -1.02 114.38
N GLN G 152 53.63 -0.47 115.05
CA GLN G 152 53.37 0.28 116.26
C GLN G 152 53.93 1.69 116.23
N TRP G 153 53.13 2.65 116.65
CA TRP G 153 53.54 4.05 116.67
C TRP G 153 54.11 4.45 118.03
N LYS G 154 55.25 5.11 118.02
CA LYS G 154 55.91 5.55 119.25
C LYS G 154 56.06 7.06 119.28
N VAL G 155 54.93 7.76 119.30
CA VAL G 155 54.93 9.22 119.33
C VAL G 155 55.92 9.75 120.36
N ASP G 156 57.19 9.86 119.95
CA ASP G 156 58.23 10.35 120.84
C ASP G 156 58.53 9.35 121.94
N ASN G 157 58.29 8.07 121.67
CA ASN G 157 58.53 7.02 122.64
C ASN G 157 57.53 7.06 123.80
N ALA G 158 56.46 6.28 123.69
CA ALA G 158 55.43 6.24 124.72
C ALA G 158 54.25 5.38 124.29
N LEU G 159 54.47 4.49 123.34
CA LEU G 159 53.41 3.60 122.84
C LEU G 159 52.07 4.31 123.00
N GLN G 160 51.57 4.88 121.91
CA GLN G 160 50.28 5.56 121.88
C GLN G 160 49.47 4.97 120.73
N SER G 161 48.50 4.12 121.06
CA SER G 161 47.70 3.44 120.06
C SER G 161 46.23 3.71 120.32
N GLY G 162 45.40 3.32 119.35
CA GLY G 162 43.97 3.51 119.44
C GLY G 162 43.41 4.67 118.65
N ASN G 163 44.27 5.54 118.11
CA ASN G 163 43.85 6.70 117.36
C ASN G 163 44.36 6.66 115.92
N SER G 164 44.52 5.46 115.37
CA SER G 164 45.23 5.29 114.12
C SER G 164 44.39 4.56 113.10
N GLN G 165 44.59 4.90 111.82
CA GLN G 165 44.01 4.20 110.70
C GLN G 165 45.14 3.73 109.79
N GLU G 166 44.97 2.54 109.22
CA GLU G 166 46.04 1.85 108.52
C GLU G 166 45.73 1.74 107.03
N SER G 167 46.78 1.92 106.23
CA SER G 167 46.72 1.82 104.78
C SER G 167 47.96 1.04 104.35
N VAL G 168 47.78 -0.10 103.71
CA VAL G 168 48.90 -0.93 103.29
C VAL G 168 48.85 -1.06 101.78
N THR G 169 50.01 -1.03 101.14
CA THR G 169 50.05 -1.14 99.69
C THR G 169 49.91 -2.60 99.28
N GLU G 170 50.07 -2.85 98.00
CA GLU G 170 50.00 -4.20 97.45
C GLU G 170 51.40 -4.81 97.48
N GLN G 171 51.57 -5.90 96.75
CA GLN G 171 52.87 -6.54 96.62
C GLN G 171 53.55 -5.95 95.37
N ASP G 172 54.87 -5.83 95.40
CA ASP G 172 55.60 -5.27 94.27
C ASP G 172 55.89 -6.35 93.24
N SER G 173 56.19 -5.96 92.00
CA SER G 173 56.47 -6.96 90.99
C SER G 173 57.93 -7.34 90.94
N LYS G 174 58.83 -6.37 91.11
CA LYS G 174 60.25 -6.67 91.19
C LYS G 174 60.61 -7.32 92.52
N ASP G 175 59.84 -7.04 93.57
CA ASP G 175 60.17 -7.55 94.88
C ASP G 175 59.05 -8.33 95.54
N SER G 176 57.80 -8.14 95.11
CA SER G 176 56.61 -8.74 95.71
C SER G 176 56.56 -8.54 97.22
N THR G 177 56.73 -7.28 97.65
CA THR G 177 56.71 -6.94 99.06
C THR G 177 55.31 -6.49 99.49
N TYR G 178 55.25 -5.70 100.56
CA TYR G 178 53.99 -5.19 101.07
C TYR G 178 54.19 -3.97 101.96
N SER G 179 53.98 -2.79 101.38
CA SER G 179 54.15 -1.54 102.11
C SER G 179 53.13 -1.43 103.25
N LEU G 180 53.47 -0.65 104.27
CA LEU G 180 52.60 -0.47 105.42
C LEU G 180 52.66 0.95 105.95
N SER G 181 51.49 1.56 106.15
CA SER G 181 51.41 2.92 106.66
C SER G 181 50.37 2.97 107.76
N SER G 182 50.50 4.00 108.61
CA SER G 182 49.59 4.20 109.73
C SER G 182 49.45 5.70 109.94
N THR G 183 48.26 6.14 110.35
CA THR G 183 47.95 7.56 110.46
C THR G 183 47.62 7.89 111.91
N LEU G 184 48.62 8.31 112.67
CA LEU G 184 48.39 8.84 114.00
C LEU G 184 47.62 10.16 113.92
N THR G 185 46.52 10.25 114.65
CA THR G 185 45.67 11.44 114.64
C THR G 185 45.51 11.94 116.08
N LEU G 186 46.13 13.08 116.36
CA LEU G 186 45.97 13.76 117.64
C LEU G 186 45.75 15.25 117.37
N SER G 187 45.56 16.02 118.44
CA SER G 187 45.25 17.42 118.33
C SER G 187 46.48 18.23 117.94
N LYS G 188 46.24 19.50 117.59
CA LYS G 188 47.33 20.43 117.28
C LYS G 188 48.13 20.78 118.54
N ALA G 189 47.47 20.78 119.70
CA ALA G 189 48.15 21.09 120.95
C ALA G 189 49.14 20.00 121.35
N ASP G 190 48.92 18.77 120.90
CA ASP G 190 49.78 17.67 121.32
C ASP G 190 50.98 17.49 120.39
N TYR G 191 50.85 17.89 119.13
CA TYR G 191 51.85 17.57 118.11
C TYR G 191 53.07 18.48 118.10
N GLU G 192 52.97 19.64 118.74
CA GLU G 192 54.07 20.59 118.80
C GLU G 192 55.03 20.25 119.94
N LYS G 193 54.46 19.90 121.09
CA LYS G 193 55.25 19.57 122.26
C LYS G 193 56.01 18.25 122.07
N HIS G 194 57.16 18.34 121.41
CA HIS G 194 57.98 17.16 121.15
C HIS G 194 59.11 17.48 120.17
N LYS G 195 59.85 16.45 119.76
CA LYS G 195 60.96 16.62 118.84
C LYS G 195 61.44 15.28 118.30
N VAL G 196 62.11 14.51 119.15
CA VAL G 196 62.63 13.20 118.77
C VAL G 196 61.50 12.24 118.42
N TYR G 197 60.95 12.40 117.21
CA TYR G 197 59.85 11.54 116.76
C TYR G 197 60.38 10.21 116.22
N ALA G 198 59.74 9.12 116.62
CA ALA G 198 60.13 7.80 116.18
C ALA G 198 58.99 6.83 116.01
N CYS G 199 59.19 5.91 115.06
CA CYS G 199 58.22 4.87 114.77
C CYS G 199 58.93 3.53 114.97
N GLU G 200 58.43 2.73 115.91
CA GLU G 200 59.04 1.44 116.23
C GLU G 200 58.17 0.29 115.76
N VAL G 201 58.69 -0.54 114.87
CA VAL G 201 57.91 -1.65 114.33
C VAL G 201 58.35 -3.04 114.81
N THR G 202 57.36 -3.85 115.19
CA THR G 202 57.60 -5.21 115.64
C THR G 202 56.83 -6.08 114.69
N HIS G 203 57.48 -7.11 114.17
CA HIS G 203 56.82 -8.01 113.23
C HIS G 203 57.52 -9.36 113.20
N GLN G 204 56.78 -10.39 112.83
CA GLN G 204 57.35 -11.73 112.77
C GLN G 204 58.63 -11.84 111.92
N GLY G 205 58.74 -11.02 110.88
CA GLY G 205 59.90 -11.11 110.02
C GLY G 205 61.16 -10.46 110.55
N LEU G 206 61.05 -9.71 111.63
CA LEU G 206 62.23 -9.04 112.19
C LEU G 206 62.71 -9.68 113.49
N SER G 207 64.02 -9.87 113.61
CA SER G 207 64.57 -10.46 114.82
C SER G 207 64.31 -9.51 115.96
N SER G 208 64.67 -8.25 115.76
CA SER G 208 64.45 -7.23 116.77
C SER G 208 63.60 -6.17 116.11
N PRO G 209 62.79 -5.46 116.91
CA PRO G 209 61.97 -4.42 116.30
C PRO G 209 62.85 -3.33 115.71
N VAL G 210 62.41 -2.71 114.61
CA VAL G 210 63.17 -1.62 114.00
C VAL G 210 63.10 -0.35 114.87
N THR G 211 63.40 0.81 114.30
CA THR G 211 63.37 2.06 115.06
C THR G 211 64.08 3.13 114.24
N LYS G 212 63.34 3.73 113.31
CA LYS G 212 63.82 4.79 112.44
C LYS G 212 62.97 6.03 112.77
N SER G 213 63.60 7.19 112.92
CA SER G 213 62.87 8.43 113.25
C SER G 213 63.43 9.68 112.55
N PHE G 214 63.10 10.86 113.07
CA PHE G 214 63.57 12.11 112.49
C PHE G 214 63.49 13.18 113.57
N ASN G 215 64.44 14.11 113.56
CA ASN G 215 64.46 15.18 114.55
C ASN G 215 63.72 16.35 113.96
N ARG G 216 62.72 16.85 114.68
CA ARG G 216 61.92 17.99 114.21
C ARG G 216 62.82 19.10 113.68
N GLY G 217 62.80 19.30 112.37
CA GLY G 217 63.59 20.33 111.73
C GLY G 217 64.99 19.85 111.40
N GLU G 218 66.00 20.58 111.85
CA GLU G 218 67.39 20.22 111.60
C GLU G 218 67.65 20.08 110.11
N CYS G 219 68.76 19.43 109.77
CA CYS G 219 69.13 19.22 108.37
C CYS G 219 68.75 17.81 107.91
N GLU H 1 45.27 51.57 -45.01
CA GLU H 1 44.63 50.79 -43.96
C GLU H 1 45.00 51.33 -42.60
N VAL H 2 46.03 52.18 -42.56
CA VAL H 2 46.48 52.83 -41.34
C VAL H 2 46.21 54.31 -41.49
N GLN H 3 45.86 54.96 -40.38
CA GLN H 3 45.78 56.41 -40.35
C GLN H 3 46.56 56.94 -39.16
N LEU H 4 47.34 57.98 -39.39
CA LEU H 4 48.09 58.64 -38.33
C LEU H 4 47.49 60.01 -38.11
N VAL H 5 47.40 60.42 -36.85
CA VAL H 5 46.81 61.70 -36.49
C VAL H 5 47.86 62.53 -35.79
N GLU H 6 47.96 63.79 -36.16
CA GLU H 6 48.97 64.71 -35.68
C GLU H 6 48.47 65.39 -34.41
N SER H 7 49.11 66.48 -34.00
CA SER H 7 48.85 67.08 -32.69
C SER H 7 48.82 68.60 -32.68
N GLY H 8 48.58 69.26 -33.79
CA GLY H 8 48.45 70.71 -33.78
C GLY H 8 49.78 71.44 -33.60
N ALA H 9 49.73 72.75 -33.75
CA ALA H 9 50.93 73.58 -33.70
C ALA H 9 51.38 73.82 -32.27
N GLU H 10 52.66 74.19 -32.12
CA GLU H 10 53.20 74.51 -30.81
C GLU H 10 54.27 75.58 -30.88
N VAL H 11 53.95 76.83 -30.57
CA VAL H 11 54.97 77.86 -30.49
C VAL H 11 55.64 77.77 -29.14
N LYS H 12 56.97 77.85 -29.08
CA LYS H 12 57.67 77.72 -27.81
C LYS H 12 58.73 78.80 -27.61
N LYS H 13 59.49 78.70 -26.51
CA LYS H 13 60.51 79.65 -26.10
C LYS H 13 61.81 78.90 -25.82
N PRO H 14 62.95 79.46 -26.21
CA PRO H 14 64.22 78.71 -26.17
C PRO H 14 64.66 78.36 -24.76
N GLY H 15 64.99 77.08 -24.59
CA GLY H 15 65.34 76.52 -23.31
C GLY H 15 64.33 75.54 -22.76
N ALA H 16 63.10 75.58 -23.26
CA ALA H 16 62.02 74.75 -22.74
C ALA H 16 62.09 73.34 -23.31
N SER H 17 61.02 72.57 -23.14
CA SER H 17 60.89 71.26 -23.73
C SER H 17 59.56 71.17 -24.47
N VAL H 18 59.46 70.25 -25.41
CA VAL H 18 58.26 70.10 -26.22
C VAL H 18 58.02 68.61 -26.47
N LYS H 19 56.75 68.20 -26.41
CA LYS H 19 56.38 66.82 -26.58
C LYS H 19 55.31 66.74 -27.67
N VAL H 20 55.55 65.91 -28.68
CA VAL H 20 54.70 65.80 -29.86
C VAL H 20 54.11 64.39 -29.90
N SER H 21 52.84 64.30 -30.27
CA SER H 21 52.09 63.05 -30.16
C SER H 21 51.51 62.63 -31.50
N CYS H 22 51.24 61.34 -31.62
CA CYS H 22 50.86 60.77 -32.92
C CYS H 22 49.94 59.59 -32.66
N LYS H 23 48.69 59.67 -33.09
CA LYS H 23 47.72 58.62 -32.83
C LYS H 23 47.56 57.73 -34.04
N VAL H 24 47.78 56.45 -33.87
CA VAL H 24 47.58 55.48 -34.93
C VAL H 24 46.14 54.99 -34.88
N SER H 25 45.65 54.46 -36.00
CA SER H 25 44.29 53.96 -36.10
C SER H 25 44.21 53.07 -37.34
N GLY H 26 43.70 51.86 -37.16
CA GLY H 26 43.62 50.93 -38.26
C GLY H 26 44.44 49.71 -37.95
N TYR H 27 45.62 49.92 -37.42
CA TYR H 27 46.43 48.90 -36.80
C TYR H 27 46.62 49.29 -35.35
N THR H 28 47.35 48.47 -34.62
CA THR H 28 47.66 48.79 -33.24
C THR H 28 49.12 49.13 -33.08
N LEU H 29 49.41 49.92 -32.04
CA LEU H 29 50.75 50.48 -31.85
C LEU H 29 51.78 49.42 -31.50
N THR H 30 51.33 48.24 -31.10
CA THR H 30 52.27 47.17 -30.79
C THR H 30 52.56 46.28 -31.98
N GLU H 31 52.38 46.76 -33.20
CA GLU H 31 52.92 46.03 -34.34
C GLU H 31 53.47 46.95 -35.40
N LEU H 32 53.58 48.23 -35.10
CA LEU H 32 54.25 49.18 -35.98
C LEU H 32 55.49 49.70 -35.27
N SER H 33 56.43 50.18 -36.04
CA SER H 33 57.65 50.78 -35.51
C SER H 33 57.66 52.23 -35.94
N MET H 34 57.69 53.14 -34.98
CA MET H 34 57.62 54.55 -35.29
C MET H 34 58.99 55.11 -35.56
N HIS H 35 59.07 55.99 -36.55
CA HIS H 35 60.22 56.80 -36.80
C HIS H 35 59.77 58.24 -36.89
N TRP H 36 60.56 59.14 -36.32
CA TRP H 36 60.26 60.55 -36.39
C TRP H 36 61.21 61.16 -37.39
N VAL H 37 60.72 62.07 -38.22
CA VAL H 37 61.56 62.68 -39.22
C VAL H 37 61.27 64.18 -39.22
N ARG H 38 62.31 64.98 -39.04
CA ARG H 38 62.13 66.41 -39.08
C ARG H 38 62.08 66.91 -40.52
N GLN H 39 61.57 68.12 -40.67
CA GLN H 39 61.60 68.83 -41.94
C GLN H 39 62.02 70.24 -41.56
N ALA H 40 63.32 70.49 -41.52
CA ALA H 40 63.76 71.86 -41.37
C ALA H 40 63.36 72.62 -42.63
N PRO H 41 62.81 73.82 -42.51
CA PRO H 41 61.98 74.36 -43.58
C PRO H 41 62.80 74.79 -44.78
N GLY H 42 62.26 74.54 -45.96
CA GLY H 42 62.97 74.75 -47.21
C GLY H 42 64.20 73.89 -47.36
N LYS H 43 64.26 72.75 -46.69
CA LYS H 43 65.42 71.89 -46.72
C LYS H 43 64.95 70.45 -46.84
N GLY H 44 65.87 69.52 -46.63
CA GLY H 44 65.60 68.12 -46.86
C GLY H 44 64.93 67.45 -45.68
N LEU H 45 65.09 66.14 -45.59
CA LEU H 45 64.53 65.37 -44.50
C LEU H 45 65.66 64.85 -43.66
N GLU H 46 65.43 64.83 -42.36
CA GLU H 46 66.43 64.48 -41.38
C GLU H 46 65.84 63.44 -40.45
N TRP H 47 66.65 62.47 -40.08
CA TRP H 47 66.16 61.36 -39.28
C TRP H 47 66.55 61.55 -37.83
N MET H 48 65.65 61.17 -36.94
CA MET H 48 65.99 61.01 -35.53
C MET H 48 65.05 60.01 -34.90
N GLY H 49 65.51 59.35 -33.86
CA GLY H 49 64.62 58.44 -33.19
C GLY H 49 64.48 57.10 -33.88
N GLY H 50 63.30 56.77 -34.31
CA GLY H 50 63.13 55.51 -34.98
C GLY H 50 63.07 54.34 -34.01
N PHE H 51 63.13 53.15 -34.60
CA PHE H 51 63.04 51.92 -33.83
C PHE H 51 63.62 50.76 -34.63
N ASP H 52 64.40 49.93 -33.95
CA ASP H 52 65.03 48.79 -34.60
C ASP H 52 64.17 47.54 -34.37
N PRO H 53 63.54 47.03 -35.49
CA PRO H 53 62.73 45.82 -35.23
C PRO H 53 63.58 44.75 -34.55
N GLU H 54 64.89 44.91 -34.64
CA GLU H 54 65.84 43.98 -34.03
C GLU H 54 66.36 44.60 -32.74
N ASP H 55 66.42 43.80 -31.68
CA ASP H 55 66.90 44.29 -30.40
C ASP H 55 65.82 45.13 -29.73
N GLY H 56 64.71 45.35 -30.45
CA GLY H 56 63.60 46.12 -29.96
C GLY H 56 63.95 47.52 -29.47
N GLU H 57 65.22 47.75 -29.19
CA GLU H 57 65.67 49.05 -28.72
C GLU H 57 65.17 50.19 -29.62
N THR H 58 65.35 51.42 -29.15
CA THR H 58 64.91 52.59 -29.91
C THR H 58 66.08 53.55 -30.13
N MET H 59 66.85 53.30 -31.19
CA MET H 59 68.00 54.12 -31.52
C MET H 59 67.70 55.62 -31.42
N TYR H 60 68.75 56.41 -31.23
CA TYR H 60 68.63 57.87 -31.13
C TYR H 60 69.67 58.57 -32.00
N ALA H 61 69.18 59.34 -32.96
CA ALA H 61 70.07 60.08 -33.86
C ALA H 61 71.20 60.76 -33.09
N GLN H 62 72.43 60.39 -33.42
CA GLN H 62 73.59 60.96 -32.76
C GLN H 62 73.48 62.47 -32.65
N LYS H 63 72.91 63.10 -33.67
CA LYS H 63 72.73 64.55 -33.68
C LYS H 63 71.84 65.01 -32.53
N PHE H 64 70.90 64.16 -32.15
CA PHE H 64 69.98 64.48 -31.06
C PHE H 64 70.09 63.45 -29.93
N GLN H 65 71.29 63.15 -29.49
CA GLN H 65 71.45 62.07 -28.52
C GLN H 65 71.77 62.66 -27.16
N GLY H 66 71.04 62.21 -26.15
CA GLY H 66 71.05 62.88 -24.87
C GLY H 66 70.23 64.14 -24.87
N ARG H 67 69.43 64.36 -25.90
CA ARG H 67 68.65 65.56 -26.06
C ARG H 67 67.19 65.26 -26.33
N VAL H 68 66.87 64.05 -26.77
CA VAL H 68 65.49 63.67 -27.08
C VAL H 68 65.24 62.31 -26.45
N THR H 69 63.99 62.08 -26.04
CA THR H 69 63.54 60.76 -25.62
C THR H 69 62.22 60.45 -26.31
N MET H 70 61.88 59.16 -26.34
CA MET H 70 60.65 58.72 -27.00
C MET H 70 60.00 57.62 -26.19
N THR H 71 58.71 57.79 -25.91
CA THR H 71 57.94 56.85 -25.11
C THR H 71 56.64 56.54 -25.84
N GLU H 72 56.02 55.42 -25.43
CA GLU H 72 54.88 54.87 -26.16
C GLU H 72 53.77 54.53 -25.18
N ASP H 73 52.64 55.22 -25.30
CA ASP H 73 51.44 54.86 -24.56
C ASP H 73 50.64 53.90 -25.42
N THR H 74 50.81 52.60 -25.16
CA THR H 74 50.15 51.60 -25.97
C THR H 74 48.68 51.43 -25.64
N SER H 75 48.18 52.10 -24.61
CA SER H 75 46.80 51.93 -24.21
C SER H 75 45.87 52.81 -25.04
N THR H 76 46.25 54.07 -25.24
CA THR H 76 45.46 55.00 -26.02
C THR H 76 45.94 55.12 -27.46
N ASP H 77 46.95 54.32 -27.83
CA ASP H 77 47.53 54.26 -29.17
C ASP H 77 48.10 55.61 -29.61
N THR H 78 49.02 56.13 -28.80
CA THR H 78 49.76 57.32 -29.17
C THR H 78 51.22 57.11 -28.83
N ALA H 79 52.10 57.71 -29.63
CA ALA H 79 53.52 57.73 -29.34
C ALA H 79 53.98 59.17 -29.12
N TYR H 80 54.91 59.33 -28.19
CA TYR H 80 55.33 60.65 -27.76
C TYR H 80 56.83 60.81 -27.96
N MET H 81 57.26 62.05 -28.18
CA MET H 81 58.67 62.35 -28.44
C MET H 81 59.01 63.68 -27.78
N GLU H 82 59.97 63.67 -26.87
CA GLU H 82 60.24 64.83 -26.02
C GLU H 82 61.59 65.40 -26.36
N LEU H 83 61.61 66.56 -27.01
CA LEU H 83 62.85 67.27 -27.31
C LEU H 83 63.07 68.32 -26.24
N SER H 84 64.28 68.40 -25.71
CA SER H 84 64.58 69.26 -24.57
C SER H 84 65.71 70.22 -24.91
N SER H 85 65.73 71.33 -24.17
CA SER H 85 66.68 72.44 -24.30
C SER H 85 66.76 72.92 -25.75
N LEU H 86 65.63 73.43 -26.22
CA LEU H 86 65.47 73.73 -27.63
C LEU H 86 66.29 74.95 -28.00
N ARG H 87 67.24 74.75 -28.90
CA ARG H 87 68.06 75.85 -29.39
C ARG H 87 67.27 76.64 -30.43
N SER H 88 67.91 77.57 -31.11
CA SER H 88 67.18 78.43 -32.02
C SER H 88 66.90 77.73 -33.35
N GLU H 89 67.74 76.77 -33.71
CA GLU H 89 67.63 76.12 -35.01
C GLU H 89 66.88 74.80 -34.94
N ASP H 90 65.70 74.79 -34.34
CA ASP H 90 64.87 73.60 -34.30
C ASP H 90 63.47 73.84 -34.80
N THR H 91 63.20 74.96 -35.44
CA THR H 91 61.89 75.16 -36.03
C THR H 91 61.73 74.25 -37.25
N ALA H 92 60.80 73.32 -37.16
CA ALA H 92 60.65 72.33 -38.21
C ALA H 92 59.27 71.71 -38.11
N VAL H 93 58.86 71.05 -39.19
CA VAL H 93 57.69 70.18 -39.20
C VAL H 93 58.16 68.80 -38.81
N TYR H 94 57.41 68.12 -37.95
CA TYR H 94 57.90 66.89 -37.34
C TYR H 94 56.99 65.74 -37.75
N TYR H 95 57.45 64.91 -38.66
CA TYR H 95 56.62 63.88 -39.25
C TYR H 95 56.66 62.63 -38.43
N CYS H 96 55.53 61.92 -38.39
CA CYS H 96 55.39 60.69 -37.64
C CYS H 96 55.26 59.57 -38.64
N ALA H 97 56.40 58.99 -39.01
CA ALA H 97 56.36 57.99 -40.06
C ALA H 97 56.39 56.60 -39.47
N THR H 98 55.76 55.64 -40.14
CA THR H 98 55.76 54.29 -39.64
C THR H 98 55.70 53.23 -40.72
N SER H 99 55.84 51.98 -40.32
CA SER H 99 55.77 50.85 -41.23
C SER H 99 55.19 49.69 -40.48
N THR H 100 55.33 48.47 -40.97
CA THR H 100 54.92 47.31 -40.18
C THR H 100 56.20 46.56 -39.86
N ALA H 101 56.34 46.15 -38.60
CA ALA H 101 57.56 45.57 -38.07
C ALA H 101 58.03 44.32 -38.79
N VAL H 102 57.10 43.48 -39.23
CA VAL H 102 57.46 42.29 -39.99
C VAL H 102 56.70 42.28 -41.30
N ALA H 103 56.88 41.21 -42.07
CA ALA H 103 56.19 41.06 -43.33
C ALA H 103 55.73 39.62 -43.50
N GLY H 104 54.45 39.45 -43.79
CA GLY H 104 53.94 38.16 -44.19
C GLY H 104 52.80 37.59 -43.40
N THR H 105 52.97 36.34 -42.98
CA THR H 105 52.01 35.42 -42.41
C THR H 105 52.54 34.99 -41.05
N PRO H 106 51.86 34.14 -40.30
CA PRO H 106 52.55 33.46 -39.18
C PRO H 106 53.60 32.45 -39.60
N ASP H 107 53.90 32.28 -40.88
CA ASP H 107 54.84 31.28 -41.36
C ASP H 107 56.13 31.90 -41.85
N LEU H 108 56.09 33.10 -42.42
CA LEU H 108 57.27 33.70 -43.01
C LEU H 108 57.61 35.03 -42.34
N PHE H 109 58.86 35.17 -41.91
CA PHE H 109 59.28 36.34 -41.16
C PHE H 109 60.32 37.12 -41.93
N ASP H 110 59.96 38.36 -42.28
CA ASP H 110 60.94 39.29 -42.80
C ASP H 110 60.87 40.51 -41.90
N TYR H 111 61.92 40.75 -41.12
CA TYR H 111 62.05 42.03 -40.45
C TYR H 111 62.15 43.11 -41.52
N TYR H 112 61.11 43.92 -41.64
CA TYR H 112 61.01 44.87 -42.73
C TYR H 112 61.36 46.25 -42.21
N TYR H 113 62.11 47.01 -42.99
CA TYR H 113 62.54 48.34 -42.59
C TYR H 113 61.99 49.38 -43.56
N GLY H 114 61.90 50.61 -43.10
CA GLY H 114 61.47 51.69 -43.95
C GLY H 114 60.35 52.48 -43.33
N MET H 115 59.78 53.36 -44.13
CA MET H 115 58.65 54.17 -43.73
C MET H 115 57.52 53.95 -44.71
N ASP H 116 56.34 53.78 -44.23
CA ASP H 116 55.27 53.56 -45.19
C ASP H 116 54.20 54.64 -45.17
N VAL H 117 53.69 54.99 -44.01
CA VAL H 117 52.60 55.94 -43.91
C VAL H 117 53.14 57.15 -43.16
N TRP H 118 52.85 58.34 -43.65
CA TRP H 118 53.41 59.54 -43.08
C TRP H 118 52.29 60.45 -42.59
N GLY H 119 52.32 60.79 -41.31
CA GLY H 119 51.18 61.41 -40.67
C GLY H 119 51.11 62.91 -40.50
N GLN H 120 51.13 63.66 -41.59
CA GLN H 120 50.53 64.99 -41.69
C GLN H 120 51.20 66.12 -40.91
N GLY H 121 52.12 65.82 -40.02
CA GLY H 121 52.97 66.84 -39.42
C GLY H 121 52.38 67.81 -38.42
N THR H 122 53.18 68.19 -37.44
CA THR H 122 52.91 69.32 -36.56
C THR H 122 54.01 70.35 -36.78
N THR H 123 53.76 71.60 -36.40
CA THR H 123 54.70 72.68 -36.70
C THR H 123 55.14 73.35 -35.43
N VAL H 124 56.25 72.91 -34.85
CA VAL H 124 56.77 73.60 -33.69
C VAL H 124 57.51 74.83 -34.19
N THR H 125 57.76 75.76 -33.27
CA THR H 125 58.55 76.95 -33.58
C THR H 125 59.18 77.43 -32.30
N VAL H 126 60.51 77.48 -32.24
CA VAL H 126 61.18 78.19 -31.17
C VAL H 126 61.28 79.63 -31.62
N SER H 127 61.26 80.54 -30.65
CA SER H 127 61.40 81.96 -30.88
C SER H 127 61.61 82.60 -29.53
N SER H 128 62.63 83.44 -29.43
CA SER H 128 62.95 84.12 -28.18
C SER H 128 62.03 85.33 -27.96
N ALA H 129 61.26 85.68 -28.99
CA ALA H 129 60.34 86.81 -28.91
C ALA H 129 58.97 86.36 -28.42
N SER H 130 57.99 87.24 -28.56
CA SER H 130 56.63 86.94 -28.13
C SER H 130 55.65 86.98 -29.31
N THR H 131 54.39 87.30 -29.01
CA THR H 131 53.37 87.37 -30.05
C THR H 131 52.98 88.82 -30.34
N LYS H 132 52.91 89.15 -31.62
CA LYS H 132 52.55 90.51 -32.03
C LYS H 132 51.34 90.50 -32.97
N GLY H 133 50.72 91.66 -33.15
CA GLY H 133 49.58 91.78 -34.00
C GLY H 133 49.96 92.01 -35.44
N PRO H 134 49.19 92.82 -36.15
CA PRO H 134 49.46 93.08 -37.55
C PRO H 134 50.31 94.33 -37.78
N SER H 135 50.88 94.40 -38.97
CA SER H 135 51.35 95.65 -39.53
C SER H 135 50.92 95.65 -41.00
N VAL H 136 49.68 96.04 -41.25
CA VAL H 136 49.10 95.94 -42.57
C VAL H 136 49.33 97.23 -43.33
N PHE H 137 49.89 97.10 -44.54
CA PHE H 137 50.13 98.25 -45.41
C PHE H 137 49.48 97.92 -46.75
N PRO H 138 48.29 98.47 -47.02
CA PRO H 138 47.55 98.08 -48.23
C PRO H 138 48.20 98.63 -49.49
N LEU H 139 48.81 97.74 -50.27
CA LEU H 139 49.52 98.10 -51.49
C LEU H 139 48.51 98.54 -52.54
N ALA H 140 48.36 99.85 -52.67
CA ALA H 140 47.35 100.41 -53.54
C ALA H 140 47.75 100.24 -55.01
N PRO H 141 46.79 99.93 -55.87
CA PRO H 141 47.05 99.74 -57.30
C PRO H 141 47.96 100.82 -57.85
N SER H 142 47.70 101.25 -59.08
CA SER H 142 48.50 102.29 -59.73
C SER H 142 47.89 102.70 -61.06
N SER H 143 48.65 103.47 -61.83
CA SER H 143 48.19 103.93 -63.13
C SER H 143 48.22 102.82 -64.17
N LYS H 144 49.41 102.23 -64.36
CA LYS H 144 49.58 101.15 -65.31
C LYS H 144 49.67 99.78 -64.65
N SER H 145 49.46 99.73 -63.34
CA SER H 145 49.40 98.47 -62.63
C SER H 145 48.06 97.88 -63.10
N THR H 146 47.04 98.75 -63.17
CA THR H 146 45.72 98.40 -63.65
C THR H 146 45.66 98.77 -65.14
N SER H 147 44.49 98.58 -65.76
CA SER H 147 44.20 98.85 -67.17
C SER H 147 45.16 98.10 -68.09
N GLY H 148 45.08 96.79 -68.01
CA GLY H 148 45.84 95.90 -68.88
C GLY H 148 45.05 94.64 -69.12
N GLY H 149 45.76 93.56 -69.45
CA GLY H 149 45.10 92.26 -69.56
C GLY H 149 44.66 91.74 -68.21
N THR H 150 45.53 91.83 -67.21
CA THR H 150 45.15 91.65 -65.82
C THR H 150 45.87 92.71 -64.99
N ALA H 151 45.27 93.07 -63.87
CA ALA H 151 45.80 94.09 -63.00
C ALA H 151 46.76 93.45 -61.99
N ALA H 152 47.08 94.17 -60.92
CA ALA H 152 47.76 93.63 -59.77
C ALA H 152 47.30 94.43 -58.57
N LEU H 153 47.20 93.78 -57.40
CA LEU H 153 46.68 94.42 -56.21
C LEU H 153 47.04 93.58 -54.99
N GLY H 154 47.48 94.25 -53.92
CA GLY H 154 47.93 93.49 -52.77
C GLY H 154 47.94 94.29 -51.49
N CYS H 155 48.43 93.63 -50.45
CA CYS H 155 48.68 94.23 -49.15
C CYS H 155 50.07 93.81 -48.70
N LEU H 156 50.67 94.61 -47.82
CA LEU H 156 52.03 94.34 -47.36
C LEU H 156 52.03 94.25 -45.83
N VAL H 157 52.54 93.14 -45.30
CA VAL H 157 52.54 92.88 -43.87
C VAL H 157 53.97 92.55 -43.46
N LYS H 158 54.51 93.29 -42.49
CA LYS H 158 55.87 93.08 -42.02
C LYS H 158 55.88 92.81 -40.52
N ASP H 159 57.10 92.57 -39.99
CA ASP H 159 57.52 92.45 -38.60
C ASP H 159 56.53 91.85 -37.61
N TYR H 160 56.02 90.66 -37.93
CA TYR H 160 55.05 90.01 -37.05
C TYR H 160 55.27 88.53 -36.87
N PHE H 161 54.81 88.00 -35.73
CA PHE H 161 54.94 86.58 -35.44
C PHE H 161 53.58 85.94 -35.18
N PRO H 162 52.50 86.58 -35.78
CA PRO H 162 51.20 85.94 -35.51
C PRO H 162 51.17 84.47 -35.95
N GLU H 163 52.24 84.02 -36.60
CA GLU H 163 52.32 82.64 -37.08
C GLU H 163 51.58 82.45 -38.40
N PRO H 164 50.26 82.07 -38.31
CA PRO H 164 49.58 81.90 -39.61
C PRO H 164 48.88 83.19 -40.05
N VAL H 165 47.82 83.06 -40.83
CA VAL H 165 47.09 84.24 -41.29
C VAL H 165 46.15 83.69 -42.36
N THR H 166 46.04 84.35 -43.51
CA THR H 166 45.16 83.84 -44.54
C THR H 166 45.28 84.56 -45.86
N VAL H 167 44.97 85.86 -45.87
CA VAL H 167 45.04 86.65 -47.09
C VAL H 167 43.70 86.67 -47.80
N SER H 168 43.47 85.68 -48.66
CA SER H 168 42.23 85.59 -49.42
C SER H 168 42.00 86.83 -50.27
N TRP H 169 42.22 88.00 -49.68
CA TRP H 169 42.03 89.26 -50.39
C TRP H 169 40.56 89.60 -50.52
N ASN H 170 39.70 88.83 -49.84
CA ASN H 170 38.27 89.06 -49.89
C ASN H 170 37.49 88.01 -49.09
N SER H 171 36.22 87.85 -49.41
CA SER H 171 35.37 86.89 -48.73
C SER H 171 35.01 85.72 -49.65
N GLY H 172 36.02 85.15 -50.28
CA GLY H 172 35.82 84.03 -51.18
C GLY H 172 35.34 84.47 -52.55
N ALA H 173 35.53 85.75 -52.86
CA ALA H 173 35.12 86.30 -54.15
C ALA H 173 36.29 86.35 -55.12
N LEU H 174 37.48 86.63 -54.60
CA LEU H 174 38.69 86.71 -55.42
C LEU H 174 39.51 85.43 -55.32
N THR H 175 40.04 84.98 -56.44
CA THR H 175 40.85 83.76 -56.48
C THR H 175 41.63 83.66 -57.79
N SER H 176 41.56 84.71 -58.60
CA SER H 176 42.25 84.74 -59.88
C SER H 176 43.56 85.49 -59.75
N GLY H 177 44.64 84.85 -60.19
CA GLY H 177 45.95 85.49 -60.20
C GLY H 177 46.39 86.13 -58.90
N VAL H 178 46.80 85.29 -57.97
CA VAL H 178 47.28 85.75 -56.69
C VAL H 178 48.52 84.92 -56.47
N HIS H 179 49.64 85.54 -56.19
CA HIS H 179 50.87 84.80 -55.98
C HIS H 179 51.36 85.01 -54.57
N THR H 180 51.53 83.92 -53.83
CA THR H 180 51.99 84.00 -52.44
C THR H 180 53.35 83.35 -52.25
N PHE H 181 54.04 83.74 -51.18
CA PHE H 181 55.36 83.18 -50.87
C PHE H 181 55.33 82.45 -49.53
N PRO H 182 56.49 82.02 -49.06
CA PRO H 182 56.59 81.31 -47.78
C PRO H 182 57.08 82.20 -46.63
N ALA H 183 56.50 83.39 -46.49
CA ALA H 183 56.90 84.29 -45.41
C ALA H 183 58.41 84.24 -45.18
N VAL H 184 58.84 84.48 -43.94
CA VAL H 184 60.26 84.46 -43.61
C VAL H 184 60.54 84.90 -42.17
N LEU H 185 61.78 84.68 -41.73
CA LEU H 185 62.23 85.03 -40.39
C LEU H 185 63.38 86.03 -40.46
N GLN H 186 63.04 87.31 -40.46
CA GLN H 186 64.03 88.37 -40.52
C GLN H 186 65.14 88.08 -39.54
N SER H 187 66.20 88.89 -39.61
CA SER H 187 67.34 88.68 -38.72
C SER H 187 66.99 89.02 -37.27
N SER H 188 66.01 89.90 -37.06
CA SER H 188 65.56 90.21 -35.72
C SER H 188 64.71 89.10 -35.12
N GLY H 189 64.21 88.19 -35.93
CA GLY H 189 63.30 87.17 -35.49
C GLY H 189 61.84 87.45 -35.79
N LEU H 190 61.56 88.23 -36.83
CA LEU H 190 60.19 88.55 -37.21
C LEU H 190 59.94 88.12 -38.65
N TYR H 191 58.67 88.14 -39.04
CA TYR H 191 58.28 87.74 -40.37
C TYR H 191 58.10 88.93 -41.29
N SER H 192 57.86 88.64 -42.56
CA SER H 192 57.65 89.70 -43.56
C SER H 192 57.08 89.07 -44.83
N LEU H 193 55.81 89.35 -45.11
CA LEU H 193 55.11 88.74 -46.22
C LEU H 193 54.62 89.79 -47.20
N SER H 194 54.53 89.39 -48.46
CA SER H 194 53.89 90.19 -49.51
C SER H 194 52.94 89.27 -50.26
N SER H 195 51.68 89.69 -50.35
CA SER H 195 50.64 88.95 -51.05
C SER H 195 50.00 89.93 -52.02
N VAL H 196 50.46 89.93 -53.26
CA VAL H 196 49.97 90.85 -54.26
C VAL H 196 49.28 90.05 -55.36
N VAL H 197 47.96 90.07 -55.36
CA VAL H 197 47.15 89.26 -56.26
C VAL H 197 47.00 90.01 -57.58
N THR H 198 47.39 89.37 -58.68
CA THR H 198 47.10 89.93 -59.99
C THR H 198 45.62 89.74 -60.25
N VAL H 199 44.84 90.78 -59.92
CA VAL H 199 43.39 90.77 -60.09
C VAL H 199 43.09 91.10 -61.54
N PRO H 200 41.85 90.95 -62.02
CA PRO H 200 41.50 91.53 -63.33
C PRO H 200 41.48 93.04 -63.29
N SER H 201 41.65 93.64 -64.48
CA SER H 201 41.69 95.10 -64.59
C SER H 201 40.31 95.71 -64.75
N SER H 202 39.35 94.94 -65.26
CA SER H 202 38.04 95.51 -65.60
C SER H 202 37.17 95.76 -64.37
N SER H 203 37.46 95.13 -63.24
CA SER H 203 36.60 95.24 -62.07
C SER H 203 36.93 96.43 -61.19
N LEU H 204 38.14 96.96 -61.27
CA LEU H 204 38.51 98.08 -60.41
C LEU H 204 37.93 99.38 -60.95
N GLY H 205 37.66 100.31 -60.05
CA GLY H 205 37.01 101.57 -60.39
C GLY H 205 35.54 101.56 -60.03
N THR H 206 34.91 100.38 -60.13
CA THR H 206 33.55 100.19 -59.69
C THR H 206 33.44 99.43 -58.38
N GLN H 207 34.45 98.64 -58.03
CA GLN H 207 34.42 97.86 -56.78
C GLN H 207 35.87 97.56 -56.38
N THR H 208 36.33 98.22 -55.33
CA THR H 208 37.68 98.00 -54.82
C THR H 208 37.74 96.71 -54.01
N TYR H 209 38.97 96.29 -53.70
CA TYR H 209 39.21 95.01 -53.06
C TYR H 209 39.86 95.19 -51.69
N ILE H 210 39.70 94.17 -50.85
CA ILE H 210 40.06 94.22 -49.44
C ILE H 210 40.90 92.99 -49.08
N CYS H 211 41.99 93.19 -48.36
CA CYS H 211 42.75 92.09 -47.78
C CYS H 211 42.24 91.81 -46.36
N ASN H 212 41.97 90.54 -46.09
CA ASN H 212 41.38 90.11 -44.83
C ASN H 212 42.50 89.54 -43.96
N VAL H 213 43.18 90.44 -43.25
CA VAL H 213 44.40 90.08 -42.54
C VAL H 213 44.02 89.60 -41.14
N ASN H 214 43.85 88.29 -40.99
CA ASN H 214 43.24 87.73 -39.79
C ASN H 214 44.28 86.92 -39.04
N HIS H 215 44.60 87.35 -37.83
CA HIS H 215 45.72 86.81 -37.08
C HIS H 215 45.18 86.06 -35.87
N LYS H 216 44.73 84.84 -36.08
CA LYS H 216 44.03 84.02 -35.09
C LYS H 216 44.75 83.80 -33.75
N PRO H 217 46.09 83.68 -33.66
CA PRO H 217 46.67 83.72 -32.31
C PRO H 217 46.71 85.12 -31.71
N SER H 218 46.94 86.14 -32.52
CA SER H 218 46.88 87.52 -32.02
C SER H 218 45.47 88.05 -31.95
N ASN H 219 44.52 87.37 -32.62
CA ASN H 219 43.09 87.73 -32.65
C ASN H 219 42.87 89.15 -33.19
N THR H 220 43.70 89.54 -34.14
CA THR H 220 43.58 90.84 -34.80
C THR H 220 43.05 90.56 -36.20
N LYS H 221 41.73 90.44 -36.30
CA LYS H 221 41.06 90.18 -37.57
C LYS H 221 40.80 91.53 -38.21
N VAL H 222 41.86 92.15 -38.72
CA VAL H 222 41.77 93.44 -39.40
C VAL H 222 41.53 93.17 -40.87
N ASP H 223 40.61 93.93 -41.46
CA ASP H 223 40.23 93.77 -42.85
C ASP H 223 40.34 95.14 -43.50
N LYS H 224 41.47 95.40 -44.15
CA LYS H 224 41.78 96.73 -44.65
C LYS H 224 41.38 96.87 -46.12
N LYS H 225 40.67 97.96 -46.41
CA LYS H 225 40.33 98.30 -47.78
C LYS H 225 41.57 98.81 -48.50
N VAL H 226 41.70 98.45 -49.77
CA VAL H 226 42.84 98.88 -50.58
C VAL H 226 42.38 99.71 -51.77
N GLU H 227 42.00 100.96 -51.50
CA GLU H 227 41.55 101.86 -52.54
C GLU H 227 42.63 102.08 -53.60
N PRO H 228 42.25 101.89 -54.91
CA PRO H 228 43.33 102.11 -55.89
C PRO H 228 43.98 103.49 -55.73
N LYS H 229 45.29 103.55 -55.89
CA LYS H 229 46.01 104.82 -55.75
C LYS H 229 46.67 105.22 -57.07
N GLU I 1 78.36 56.26 -41.95
CA GLU I 1 77.03 55.89 -42.43
C GLU I 1 76.87 56.26 -43.89
N ILE I 2 75.92 55.60 -44.56
CA ILE I 2 75.67 55.87 -45.97
C ILE I 2 75.50 57.37 -46.20
N VAL I 3 75.48 57.77 -47.46
CA VAL I 3 75.33 59.18 -47.82
C VAL I 3 75.36 59.15 -49.32
N MET I 4 74.22 58.82 -49.93
CA MET I 4 74.12 58.77 -51.39
C MET I 4 74.01 60.18 -51.98
N THR I 5 73.25 60.31 -53.06
CA THR I 5 73.07 61.60 -53.72
C THR I 5 71.83 61.59 -54.62
N GLN I 6 71.96 62.16 -55.83
CA GLN I 6 70.86 62.21 -56.77
C GLN I 6 71.42 62.37 -58.18
N SER I 7 70.70 63.08 -59.05
CA SER I 7 71.19 63.23 -60.42
C SER I 7 70.77 64.52 -61.13
N PRO I 8 69.47 64.74 -61.27
CA PRO I 8 68.97 65.93 -61.98
C PRO I 8 68.61 67.12 -61.10
N LEU I 9 68.45 66.88 -59.80
CA LEU I 9 68.09 67.95 -58.88
C LEU I 9 67.01 68.82 -59.49
N SER I 10 66.30 68.27 -60.47
CA SER I 10 65.22 68.99 -61.15
C SER I 10 64.68 68.15 -62.31
N SER I 11 65.04 68.52 -63.54
CA SER I 11 64.60 67.79 -64.72
C SER I 11 63.17 68.11 -65.12
N PRO I 12 62.87 69.46 -65.30
CA PRO I 12 61.47 69.71 -65.70
C PRO I 12 61.11 68.92 -66.94
N VAL I 13 60.41 67.81 -66.75
CA VAL I 13 60.02 66.96 -67.86
C VAL I 13 58.90 67.53 -68.72
N THR I 14 58.57 66.80 -69.78
CA THR I 14 57.52 67.17 -70.71
C THR I 14 56.24 66.41 -70.36
N LEU I 15 55.17 66.72 -71.06
CA LEU I 15 53.98 65.90 -70.92
C LEU I 15 54.17 64.59 -71.67
N GLY I 16 53.43 63.57 -71.23
CA GLY I 16 53.27 62.33 -71.99
C GLY I 16 54.49 61.48 -72.25
N GLN I 17 55.65 61.89 -71.75
CA GLN I 17 56.87 61.19 -72.06
C GLN I 17 57.47 60.62 -70.79
N PRO I 18 58.31 59.60 -70.87
CA PRO I 18 58.91 59.05 -69.66
C PRO I 18 59.97 59.97 -69.09
N ALA I 19 60.43 59.61 -67.89
CA ALA I 19 61.42 60.40 -67.16
C ALA I 19 62.28 59.46 -66.33
N SER I 20 63.44 59.95 -65.93
CA SER I 20 64.42 59.11 -65.28
C SER I 20 65.10 59.87 -64.15
N ILE I 21 64.92 59.39 -62.93
CA ILE I 21 65.63 59.89 -61.75
C ILE I 21 66.69 58.86 -61.41
N SER I 22 67.89 59.33 -61.08
CA SER I 22 69.01 58.42 -60.85
C SER I 22 69.54 58.62 -59.45
N CYS I 23 69.49 57.56 -58.64
CA CYS I 23 70.01 57.61 -57.29
C CYS I 23 71.47 57.11 -57.33
N ARG I 24 72.13 57.16 -56.18
CA ARG I 24 73.51 56.72 -56.06
C ARG I 24 73.77 56.42 -54.60
N SER I 25 74.91 55.83 -54.32
CA SER I 25 75.24 55.56 -52.92
C SER I 25 76.68 55.85 -52.59
N SER I 26 77.10 55.51 -51.38
CA SER I 26 78.51 55.51 -51.02
C SER I 26 78.82 54.29 -50.16
N GLN I 27 78.01 53.25 -50.24
CA GLN I 27 78.25 51.99 -49.57
C GLN I 27 77.70 50.89 -50.47
N SER I 28 77.53 49.72 -49.92
CA SER I 28 76.73 48.69 -50.57
C SER I 28 75.49 48.54 -49.72
N LEU I 29 74.33 48.80 -50.32
CA LEU I 29 73.08 48.84 -49.57
C LEU I 29 72.43 47.48 -49.44
N VAL I 30 73.10 46.41 -49.85
CA VAL I 30 72.52 45.10 -49.66
C VAL I 30 72.62 44.75 -48.18
N HIS I 31 71.49 44.91 -47.50
CA HIS I 31 71.40 44.52 -46.11
C HIS I 31 71.53 43.03 -46.01
N SER I 32 72.07 42.57 -44.87
CA SER I 32 72.16 41.13 -44.59
C SER I 32 70.79 40.50 -44.65
N ASP I 33 70.78 39.21 -45.02
CA ASP I 33 69.68 38.53 -45.71
C ASP I 33 69.37 39.20 -47.06
N GLY I 34 70.38 39.80 -47.67
CA GLY I 34 70.45 39.96 -49.11
C GLY I 34 69.46 40.82 -49.86
N ASN I 35 68.45 41.35 -49.18
CA ASN I 35 67.48 42.23 -49.83
C ASN I 35 67.87 43.67 -49.58
N THR I 36 68.10 44.42 -50.65
CA THR I 36 68.46 45.81 -50.42
C THR I 36 67.20 46.60 -50.14
N TYR I 37 67.37 47.74 -49.49
CA TYR I 37 66.24 48.54 -49.02
C TYR I 37 66.32 49.93 -49.63
N LEU I 38 65.58 50.15 -50.70
CA LEU I 38 65.34 51.48 -51.21
C LEU I 38 63.87 51.78 -51.12
N SER I 39 63.55 53.07 -51.20
CA SER I 39 62.18 53.48 -51.34
C SER I 39 62.20 54.79 -52.09
N TRP I 40 61.07 55.18 -52.65
CA TRP I 40 61.04 56.36 -53.49
C TRP I 40 59.88 57.25 -53.08
N LEU I 41 60.09 58.07 -52.05
CA LEU I 41 59.01 58.86 -51.48
C LEU I 41 58.64 59.98 -52.42
N GLN I 42 57.35 60.23 -52.59
CA GLN I 42 56.91 61.37 -53.37
C GLN I 42 56.23 62.35 -52.42
N GLN I 43 56.72 63.59 -52.38
CA GLN I 43 56.14 64.61 -51.51
C GLN I 43 55.61 65.76 -52.35
N ARG I 44 54.32 66.01 -52.26
CA ARG I 44 53.72 67.18 -52.86
C ARG I 44 54.09 68.43 -52.06
N PRO I 45 53.94 69.63 -52.63
CA PRO I 45 54.17 70.84 -51.84
C PRO I 45 53.10 71.02 -50.78
N GLY I 46 53.54 71.12 -49.53
CA GLY I 46 52.61 71.33 -48.44
C GLY I 46 51.87 70.10 -47.99
N GLN I 47 52.39 68.91 -48.24
CA GLN I 47 51.74 67.66 -47.90
C GLN I 47 52.80 66.71 -47.41
N PRO I 48 52.43 65.64 -46.72
CA PRO I 48 53.41 64.65 -46.32
C PRO I 48 53.87 63.84 -47.51
N PRO I 49 55.05 63.23 -47.44
CA PRO I 49 55.50 62.36 -48.53
C PRO I 49 54.78 61.03 -48.46
N ARG I 50 54.28 60.55 -49.60
CA ARG I 50 53.37 59.41 -49.48
C ARG I 50 54.11 58.09 -49.40
N LEU I 51 54.41 57.49 -50.56
CA LEU I 51 55.28 56.34 -50.84
C LEU I 51 55.07 55.99 -52.31
N LEU I 52 56.03 55.31 -52.91
CA LEU I 52 56.00 54.77 -54.25
C LEU I 52 56.80 53.50 -54.11
N ILE I 53 57.60 53.16 -55.11
CA ILE I 53 58.29 51.89 -55.20
C ILE I 53 59.24 51.74 -54.03
N TYR I 54 58.82 50.92 -53.08
CA TYR I 54 59.64 50.62 -51.92
C TYR I 54 60.44 49.37 -52.26
N LYS I 55 61.32 48.96 -51.36
CA LYS I 55 62.15 47.77 -51.56
C LYS I 55 62.62 47.54 -53.00
N ILE I 56 63.45 48.44 -53.50
CA ILE I 56 64.01 48.35 -54.85
C ILE I 56 62.97 48.33 -55.99
N SER I 57 62.50 47.13 -56.35
CA SER I 57 61.52 47.03 -57.44
C SER I 57 60.25 46.36 -56.94
N ASN I 58 59.27 47.17 -56.60
CA ASN I 58 57.96 46.72 -56.17
C ASN I 58 56.95 47.81 -56.56
N ARG I 59 55.81 47.82 -55.91
CA ARG I 59 54.88 48.92 -56.04
C ARG I 59 54.04 48.95 -54.78
N PHE I 60 53.65 50.14 -54.35
CA PHE I 60 52.85 50.24 -53.15
C PHE I 60 51.36 50.23 -53.51
N SER I 61 50.53 50.07 -52.50
CA SER I 61 49.10 49.89 -52.70
C SER I 61 48.45 51.19 -53.14
N GLY I 62 47.80 51.17 -54.29
CA GLY I 62 47.19 52.36 -54.82
C GLY I 62 48.09 53.19 -55.70
N VAL I 63 49.32 52.77 -55.91
CA VAL I 63 50.19 53.47 -56.86
C VAL I 63 49.73 53.17 -58.28
N PRO I 64 49.46 54.17 -59.10
CA PRO I 64 48.69 53.93 -60.33
C PRO I 64 49.42 53.25 -61.49
N ASP I 65 50.57 52.62 -61.23
CA ASP I 65 51.29 51.78 -62.21
C ASP I 65 51.70 52.57 -63.45
N ARG I 66 52.57 53.54 -63.24
CA ARG I 66 53.37 54.09 -64.30
C ARG I 66 54.83 54.09 -63.90
N PHE I 67 55.13 53.63 -62.70
CA PHE I 67 56.42 53.81 -62.07
C PHE I 67 57.22 52.52 -62.13
N SER I 68 58.53 52.65 -62.27
CA SER I 68 59.36 51.47 -62.48
C SER I 68 60.69 51.67 -61.78
N GLY I 69 61.08 50.69 -60.96
CA GLY I 69 62.38 50.69 -60.34
C GLY I 69 63.36 49.81 -61.10
N SER I 70 64.64 50.10 -60.95
CA SER I 70 65.68 49.36 -61.65
C SER I 70 66.92 49.35 -60.76
N GLY I 71 68.07 49.05 -61.36
CA GLY I 71 69.32 49.15 -60.65
C GLY I 71 69.54 47.99 -59.70
N ALA I 72 70.73 48.00 -59.08
CA ALA I 72 71.13 47.08 -58.01
C ALA I 72 72.45 47.56 -57.43
N GLY I 73 72.75 47.08 -56.23
CA GLY I 73 74.08 47.21 -55.65
C GLY I 73 74.45 48.57 -55.12
N THR I 74 74.71 49.51 -56.02
CA THR I 74 74.98 50.89 -55.63
C THR I 74 74.27 51.92 -56.50
N ASP I 75 74.04 51.64 -57.77
CA ASP I 75 73.22 52.51 -58.62
C ASP I 75 71.78 52.02 -58.57
N PHE I 76 70.85 52.97 -58.62
CA PHE I 76 69.43 52.70 -58.60
C PHE I 76 68.78 53.73 -59.50
N THR I 77 67.54 53.46 -59.90
CA THR I 77 66.87 54.36 -60.83
C THR I 77 65.37 54.18 -60.72
N LEU I 78 64.65 55.27 -60.54
CA LEU I 78 63.22 55.29 -60.76
C LEU I 78 62.97 55.78 -62.16
N LYS I 79 61.91 55.27 -62.78
CA LYS I 79 61.57 55.70 -64.13
C LYS I 79 60.07 55.77 -64.24
N ILE I 80 59.55 56.92 -64.46
CA ILE I 80 58.13 57.05 -64.76
C ILE I 80 58.02 56.87 -66.26
N SER I 81 56.86 56.42 -66.73
CA SER I 81 56.59 56.36 -68.16
C SER I 81 55.31 57.13 -68.44
N ARG I 82 55.34 57.93 -69.51
CA ARG I 82 54.27 58.82 -69.99
C ARG I 82 53.61 59.61 -68.85
N VAL I 83 54.37 60.56 -68.31
CA VAL I 83 53.92 61.33 -67.16
C VAL I 83 52.79 62.28 -67.56
N GLU I 84 52.14 62.85 -66.56
CA GLU I 84 51.06 63.78 -66.79
C GLU I 84 51.07 64.75 -65.61
N ALA I 85 49.94 65.44 -65.37
CA ALA I 85 49.76 66.14 -64.12
C ALA I 85 49.66 65.16 -62.96
N GLU I 86 49.50 65.71 -61.75
CA GLU I 86 49.41 64.96 -60.48
C GLU I 86 50.70 64.21 -60.15
N ASP I 87 51.77 64.41 -60.93
CA ASP I 87 53.10 63.91 -60.60
C ASP I 87 54.02 65.11 -60.65
N VAL I 88 54.03 65.87 -59.58
CA VAL I 88 54.89 67.03 -59.46
C VAL I 88 55.18 67.25 -57.99
N GLY I 89 56.44 67.27 -57.64
CA GLY I 89 56.77 67.27 -56.23
C GLY I 89 58.25 67.05 -56.05
N VAL I 90 58.61 66.38 -54.97
CA VAL I 90 59.99 66.02 -54.75
C VAL I 90 60.07 64.53 -54.50
N TYR I 91 61.12 63.89 -55.01
CA TYR I 91 61.28 62.45 -54.98
C TYR I 91 62.52 62.09 -54.19
N TYR I 92 62.35 61.84 -52.91
CA TYR I 92 63.48 61.41 -52.12
C TYR I 92 63.69 59.93 -52.31
N CYS I 93 64.91 59.49 -52.10
CA CYS I 93 65.25 58.08 -52.22
C CYS I 93 65.92 57.63 -50.94
N THR I 94 65.12 57.30 -49.96
CA THR I 94 65.68 56.91 -48.69
C THR I 94 66.28 55.52 -48.76
N GLN I 95 67.39 55.37 -48.05
CA GLN I 95 67.90 54.05 -47.75
C GLN I 95 67.27 53.62 -46.43
N ALA I 96 67.53 52.38 -46.03
CA ALA I 96 66.98 51.87 -44.78
C ALA I 96 67.91 50.87 -44.12
N THR I 97 69.21 51.03 -44.32
CA THR I 97 70.18 50.12 -43.73
C THR I 97 71.23 50.88 -42.92
N GLN I 98 71.74 50.24 -41.87
CA GLN I 98 72.74 50.85 -41.01
C GLN I 98 72.11 51.85 -40.07
N PHE I 99 71.06 51.41 -39.38
CA PHE I 99 70.32 52.24 -38.42
C PHE I 99 70.21 53.73 -38.77
N PRO I 100 71.27 54.54 -38.37
CA PRO I 100 71.12 55.96 -38.73
C PRO I 100 70.81 56.17 -40.20
N TYR I 101 69.53 56.04 -40.56
CA TYR I 101 69.09 56.20 -41.93
C TYR I 101 69.55 57.53 -42.50
N THR I 102 69.21 57.78 -43.76
CA THR I 102 69.58 59.00 -44.44
C THR I 102 68.73 59.11 -45.69
N PHE I 103 68.38 60.33 -46.06
CA PHE I 103 67.56 60.52 -47.25
C PHE I 103 68.33 61.11 -48.41
N GLY I 104 67.76 61.01 -49.61
CA GLY I 104 68.39 61.51 -50.81
C GLY I 104 68.60 63.01 -50.77
N GLN I 105 69.57 63.50 -51.54
CA GLN I 105 69.87 64.91 -51.59
C GLN I 105 68.68 65.72 -52.13
N GLY I 106 67.56 65.03 -52.31
CA GLY I 106 66.35 65.67 -52.82
C GLY I 106 66.37 65.82 -54.32
N THR I 107 65.18 65.82 -54.93
CA THR I 107 65.06 65.95 -56.37
C THR I 107 63.65 66.36 -56.76
N LYS I 108 63.50 67.60 -57.20
CA LYS I 108 62.21 68.13 -57.62
C LYS I 108 62.02 67.92 -59.10
N VAL I 109 60.79 67.63 -59.51
CA VAL I 109 60.41 67.61 -60.92
C VAL I 109 59.22 68.52 -61.08
N ASP I 110 58.91 68.87 -62.33
CA ASP I 110 57.77 69.70 -62.67
C ASP I 110 57.51 69.56 -64.17
N ILE I 111 56.71 70.47 -64.69
CA ILE I 111 56.36 70.46 -66.11
C ILE I 111 57.43 71.18 -66.93
N LYS I 112 57.63 70.71 -68.16
CA LYS I 112 58.62 71.31 -69.05
C LYS I 112 58.04 72.50 -69.80
N ARG I 113 58.03 73.67 -69.16
CA ARG I 113 57.52 74.88 -69.77
C ARG I 113 58.60 75.65 -70.50
N THR I 114 58.26 76.21 -71.66
CA THR I 114 59.21 76.97 -72.45
C THR I 114 59.62 78.26 -71.74
N VAL I 115 60.81 78.76 -72.09
CA VAL I 115 61.31 79.98 -71.48
C VAL I 115 60.50 81.20 -71.92
N ALA I 116 59.34 81.38 -71.30
CA ALA I 116 58.47 82.50 -71.63
C ALA I 116 58.99 83.80 -71.02
N ALA I 117 58.36 84.91 -71.38
CA ALA I 117 58.75 86.22 -70.88
C ALA I 117 58.09 86.49 -69.53
N PRO I 118 58.78 87.12 -68.59
CA PRO I 118 58.16 87.50 -67.33
C PRO I 118 57.31 88.77 -67.50
N SER I 119 56.52 89.05 -66.46
CA SER I 119 55.71 90.26 -66.41
C SER I 119 56.00 90.98 -65.11
N VAL I 120 56.03 92.31 -65.17
CA VAL I 120 56.58 93.14 -64.10
C VAL I 120 55.49 94.04 -63.55
N PHE I 121 55.28 94.00 -62.24
CA PHE I 121 54.43 94.94 -61.52
C PHE I 121 55.19 95.44 -60.30
N ILE I 122 55.06 96.73 -60.03
CA ILE I 122 55.71 97.37 -58.90
C ILE I 122 54.64 98.04 -58.07
N PHE I 123 54.90 98.17 -56.77
CA PHE I 123 53.99 98.80 -55.84
C PHE I 123 54.78 99.58 -54.80
N PRO I 124 54.31 100.79 -54.45
CA PRO I 124 55.01 101.64 -53.47
C PRO I 124 54.51 101.46 -52.04
N PRO I 125 54.94 102.27 -51.07
CA PRO I 125 54.41 102.04 -49.72
C PRO I 125 53.15 102.85 -49.47
N SER I 126 52.10 102.20 -48.98
CA SER I 126 50.84 102.86 -48.71
C SER I 126 51.07 104.12 -47.88
N ASP I 127 49.99 104.91 -47.72
CA ASP I 127 50.09 106.18 -47.03
C ASP I 127 50.30 106.00 -45.53
N GLU I 128 49.75 104.94 -44.95
CA GLU I 128 50.05 104.61 -43.57
C GLU I 128 51.34 103.80 -43.42
N GLN I 129 51.92 103.35 -44.53
CA GLN I 129 53.29 102.84 -44.51
C GLN I 129 54.31 103.96 -44.55
N LEU I 130 53.90 105.15 -44.99
CA LEU I 130 54.79 106.30 -45.03
C LEU I 130 55.15 106.80 -43.63
N LYS I 131 54.27 106.58 -42.66
CA LYS I 131 54.50 106.98 -41.28
C LYS I 131 54.69 105.78 -40.36
N SER I 132 55.00 104.61 -40.91
CA SER I 132 55.07 103.39 -40.10
C SER I 132 56.39 103.26 -39.35
N GLY I 133 57.40 104.05 -39.72
CA GLY I 133 58.74 103.88 -39.19
C GLY I 133 59.62 102.99 -40.02
N THR I 134 59.04 102.13 -40.87
CA THR I 134 59.79 101.31 -41.82
C THR I 134 58.84 100.90 -42.94
N ALA I 135 59.14 101.34 -44.15
CA ALA I 135 58.32 101.01 -45.32
C ALA I 135 58.99 99.89 -46.10
N SER I 136 58.43 99.61 -47.29
CA SER I 136 58.94 98.57 -48.16
C SER I 136 58.40 98.79 -49.57
N VAL I 137 59.12 98.22 -50.54
CA VAL I 137 58.68 98.15 -51.92
C VAL I 137 58.83 96.71 -52.41
N VAL I 138 57.85 96.27 -53.19
CA VAL I 138 57.81 94.90 -53.70
C VAL I 138 58.13 94.90 -55.18
N CYS I 139 58.57 93.76 -55.69
CA CYS I 139 58.91 93.58 -57.09
C CYS I 139 58.10 92.39 -57.54
N LEU I 140 56.89 92.66 -58.01
CA LEU I 140 55.99 91.58 -58.43
C LEU I 140 56.37 91.17 -59.85
N LEU I 141 57.35 90.28 -59.94
CA LEU I 141 57.68 89.62 -61.20
C LEU I 141 56.82 88.38 -61.29
N ASN I 142 56.22 88.15 -62.45
CA ASN I 142 55.37 86.98 -62.66
C ASN I 142 55.88 86.08 -63.78
N ASN I 143 55.86 84.77 -63.53
CA ASN I 143 56.32 83.81 -64.53
C ASN I 143 57.85 83.82 -64.67
N PHE I 144 58.49 82.79 -64.13
CA PHE I 144 59.94 82.68 -64.20
C PHE I 144 60.44 81.45 -63.46
N TYR I 145 61.75 81.24 -63.48
CA TYR I 145 62.36 80.09 -62.81
C TYR I 145 63.27 80.53 -61.67
N PRO I 146 63.30 79.77 -60.59
CA PRO I 146 64.16 80.11 -59.45
C PRO I 146 65.51 79.40 -59.49
N ARG I 147 66.46 79.94 -60.27
CA ARG I 147 67.77 79.31 -60.36
C ARG I 147 68.60 79.93 -61.47
N GLU I 148 67.96 80.18 -62.61
CA GLU I 148 68.64 80.77 -63.76
C GLU I 148 68.08 82.16 -64.06
N ALA I 149 67.12 82.60 -63.27
CA ALA I 149 66.50 83.90 -63.45
C ALA I 149 67.33 85.00 -62.80
N LYS I 150 66.71 86.15 -62.58
CA LYS I 150 67.38 87.28 -61.97
C LYS I 150 66.41 88.40 -61.75
N VAL I 151 66.27 88.79 -60.49
CA VAL I 151 65.37 89.86 -60.10
C VAL I 151 66.22 91.00 -59.56
N GLN I 152 66.07 92.19 -60.13
CA GLN I 152 66.84 93.33 -59.66
C GLN I 152 65.99 94.51 -59.26
N TRP I 153 66.30 95.10 -58.11
CA TRP I 153 65.56 96.25 -57.60
C TRP I 153 66.22 97.57 -58.02
N LYS I 154 65.41 98.49 -58.54
CA LYS I 154 65.91 99.78 -58.99
C LYS I 154 65.25 100.92 -58.20
N VAL I 155 65.51 100.95 -56.90
CA VAL I 155 64.94 101.98 -56.04
C VAL I 155 65.08 103.36 -56.66
N ASP I 156 64.13 103.71 -57.52
CA ASP I 156 64.15 105.01 -58.19
C ASP I 156 65.29 105.10 -59.20
N ASN I 157 65.70 103.94 -59.72
CA ASN I 157 66.78 103.88 -60.69
C ASN I 157 68.14 104.20 -60.06
N ALA I 158 68.86 103.15 -59.66
CA ALA I 158 70.17 103.31 -59.05
C ALA I 158 70.73 101.98 -58.56
N LEU I 159 70.23 100.88 -59.12
CA LEU I 159 70.68 99.54 -58.73
C LEU I 159 71.14 99.58 -57.28
N GLN I 160 70.27 99.13 -56.37
CA GLN I 160 70.57 99.05 -54.95
C GLN I 160 70.27 97.63 -54.49
N SER I 161 71.32 96.84 -54.29
CA SER I 161 71.19 95.45 -53.91
C SER I 161 71.96 95.18 -52.62
N GLY I 162 71.72 94.00 -52.05
CA GLY I 162 72.39 93.60 -50.83
C GLY I 162 71.55 93.71 -49.57
N ASN I 163 70.38 94.34 -49.65
CA ASN I 163 69.50 94.54 -48.50
C ASN I 163 68.15 93.86 -48.70
N SER I 164 68.12 92.76 -49.47
CA SER I 164 66.87 92.19 -49.94
C SER I 164 66.75 90.74 -49.55
N GLN I 165 65.52 90.31 -49.30
CA GLN I 165 65.18 88.91 -49.09
C GLN I 165 64.13 88.51 -50.12
N GLU I 166 64.22 87.27 -50.61
CA GLU I 166 63.47 86.82 -51.76
C GLU I 166 62.48 85.74 -51.36
N SER I 167 61.29 85.82 -51.94
CA SER I 167 60.21 84.87 -51.72
C SER I 167 59.61 84.58 -53.11
N VAL I 168 59.64 83.32 -53.55
CA VAL I 168 59.14 82.96 -54.86
C VAL I 168 58.01 81.95 -54.66
N THR I 169 56.96 82.08 -55.45
CA THR I 169 55.85 81.16 -55.33
C THR I 169 56.18 79.84 -56.02
N GLU I 170 55.19 78.97 -56.10
CA GLU I 170 55.34 77.69 -56.77
C GLU I 170 54.96 77.85 -58.24
N GLN I 171 54.74 76.72 -58.91
CA GLN I 171 54.30 76.74 -60.30
C GLN I 171 52.77 76.68 -60.29
N ASP I 172 52.12 77.33 -61.26
CA ASP I 172 50.67 77.35 -61.33
C ASP I 172 50.15 76.11 -62.05
N SER I 173 48.88 75.77 -61.85
CA SER I 173 48.35 74.59 -62.51
C SER I 173 47.80 74.90 -63.88
N LYS I 174 47.12 76.03 -64.04
CA LYS I 174 46.66 76.45 -65.35
C LYS I 174 47.80 76.93 -66.22
N ASP I 175 48.88 77.43 -65.61
CA ASP I 175 49.97 77.99 -66.38
C ASP I 175 51.31 77.38 -66.07
N SER I 176 51.49 76.75 -64.90
CA SER I 176 52.75 76.20 -64.41
C SER I 176 53.88 77.22 -64.49
N THR I 177 53.63 78.41 -63.93
CA THR I 177 54.62 79.47 -63.94
C THR I 177 55.43 79.48 -62.64
N TYR I 178 55.97 80.63 -62.28
CA TYR I 178 56.76 80.77 -61.07
C TYR I 178 56.87 82.22 -60.64
N SER I 179 56.03 82.62 -59.68
CA SER I 179 56.03 83.98 -59.17
C SER I 179 57.36 84.32 -58.49
N LEU I 180 57.68 85.60 -58.45
CA LEU I 180 58.93 86.05 -57.82
C LEU I 180 58.74 87.38 -57.10
N SER I 181 59.21 87.45 -55.86
CA SER I 181 59.09 88.66 -55.07
C SER I 181 60.42 88.92 -54.38
N SER I 182 60.62 90.19 -54.00
CA SER I 182 61.83 90.62 -53.34
C SER I 182 61.45 91.73 -52.36
N THR I 183 62.15 91.78 -51.24
CA THR I 183 61.82 92.71 -50.15
C THR I 183 62.98 93.67 -49.92
N LEU I 184 62.95 94.82 -50.58
CA LEU I 184 63.90 95.88 -50.29
C LEU I 184 63.64 96.43 -48.88
N THR I 185 64.70 96.47 -48.07
CA THR I 185 64.61 96.95 -46.69
C THR I 185 65.61 98.08 -46.48
N LEU I 186 65.10 99.30 -46.33
CA LEU I 186 65.90 100.47 -46.00
C LEU I 186 65.18 101.24 -44.90
N SER I 187 65.81 102.34 -44.47
CA SER I 187 65.30 103.13 -43.36
C SER I 187 64.09 103.95 -43.80
N LYS I 188 63.42 104.53 -42.79
CA LYS I 188 62.30 105.43 -43.05
C LYS I 188 62.78 106.74 -43.66
N ALA I 189 64.00 107.17 -43.32
CA ALA I 189 64.55 108.40 -43.86
C ALA I 189 64.86 108.29 -45.35
N ASP I 190 65.09 107.07 -45.85
CA ASP I 190 65.47 106.91 -47.24
C ASP I 190 64.25 106.73 -48.16
N TYR I 191 63.16 106.20 -47.62
CA TYR I 191 62.02 105.78 -48.44
C TYR I 191 61.08 106.91 -48.85
N GLU I 192 61.18 108.06 -48.18
CA GLU I 192 60.32 109.20 -48.50
C GLU I 192 60.92 110.04 -49.62
N LYS I 193 62.24 110.24 -49.56
CA LYS I 193 62.93 111.02 -50.57
C LYS I 193 62.95 110.31 -51.92
N HIS I 194 61.87 110.44 -52.67
CA HIS I 194 61.76 109.81 -53.98
C HIS I 194 60.34 109.92 -54.53
N LYS I 195 60.09 109.27 -55.66
CA LYS I 195 58.78 109.29 -56.30
C LYS I 195 58.67 108.24 -57.39
N VAL I 196 59.35 108.48 -58.51
CA VAL I 196 59.33 107.55 -59.63
C VAL I 196 59.96 106.22 -59.26
N TYR I 197 59.21 105.39 -58.55
CA TYR I 197 59.70 104.08 -58.13
C TYR I 197 59.56 103.05 -59.25
N ALA I 198 60.61 102.27 -59.46
CA ALA I 198 60.61 101.25 -60.49
C ALA I 198 61.40 100.01 -60.15
N CYS I 199 60.94 98.90 -60.70
CA CYS I 199 61.57 97.59 -60.52
C CYS I 199 61.95 97.09 -61.90
N GLU I 200 63.24 96.89 -62.13
CA GLU I 200 63.73 96.43 -63.44
C GLU I 200 64.22 94.99 -63.35
N VAL I 201 63.62 94.10 -64.13
CA VAL I 201 64.00 92.69 -64.09
C VAL I 201 64.74 92.19 -65.33
N THR I 202 65.82 91.45 -65.10
CA THR I 202 66.62 90.89 -66.18
C THR I 202 66.57 89.39 -65.94
N HIS I 203 66.28 88.63 -66.98
CA HIS I 203 66.19 87.18 -66.85
C HIS I 203 66.40 86.52 -68.20
N GLN I 204 66.87 85.28 -68.19
CA GLN I 204 67.09 84.55 -69.43
C GLN I 204 65.88 84.49 -70.37
N GLY I 205 64.68 84.49 -69.80
CA GLY I 205 63.49 84.39 -70.62
C GLY I 205 63.07 85.67 -71.31
N LEU I 206 63.68 86.79 -70.96
CA LEU I 206 63.30 88.06 -71.57
C LEU I 206 64.36 88.58 -72.53
N SER I 207 63.92 89.07 -73.70
CA SER I 207 64.88 89.60 -74.67
C SER I 207 65.51 90.82 -74.07
N SER I 208 64.68 91.73 -73.57
CA SER I 208 65.16 92.95 -72.95
C SER I 208 64.61 92.94 -71.55
N PRO I 209 65.33 93.58 -70.61
CA PRO I 209 64.80 93.60 -69.24
C PRO I 209 63.49 94.37 -69.19
N VAL I 210 62.58 93.97 -68.31
CA VAL I 210 61.30 94.67 -68.16
C VAL I 210 61.51 96.04 -67.50
N THR I 211 60.44 96.62 -66.95
CA THR I 211 60.56 97.93 -66.30
C THR I 211 59.16 98.47 -66.08
N LYS I 212 58.52 98.04 -65.00
CA LYS I 212 57.18 98.46 -64.61
C LYS I 212 57.33 99.15 -63.26
N SER I 213 56.69 100.32 -63.07
CA SER I 213 56.79 101.07 -61.82
C SER I 213 55.48 101.76 -61.41
N PHE I 214 55.56 102.75 -60.52
CA PHE I 214 54.38 103.46 -60.06
C PHE I 214 54.84 104.81 -59.52
N ASN I 215 54.02 105.84 -59.70
CA ASN I 215 54.37 107.18 -59.24
C ASN I 215 53.76 107.34 -57.87
N ARG I 216 54.59 107.70 -56.90
CA ARG I 216 54.13 107.88 -55.53
C ARG I 216 52.84 108.71 -55.48
N GLY I 217 51.75 108.06 -55.14
CA GLY I 217 50.45 108.73 -55.06
C GLY I 217 49.74 108.76 -56.39
N GLU I 218 49.34 109.96 -56.82
CA GLU I 218 48.64 110.12 -58.08
C GLU I 218 47.40 109.24 -58.15
N CYS I 219 46.88 109.05 -59.36
CA CYS I 219 45.70 108.22 -59.56
C CYS I 219 46.07 106.82 -60.03
#